data_3CFK
#
_entry.id   3CFK
#
_cell.length_a   81.069
_cell.length_b   106.299
_cell.length_c   116.109
_cell.angle_alpha   89.89
_cell.angle_beta   90.04
_cell.angle_gamma   89.48
#
_symmetry.space_group_name_H-M   'P 1'
#
loop_
_entity.id
_entity.type
_entity.pdbx_description
1 polymer 'CATALYTIC ANTIBODY FAB 34E4 LIGHT CHAIN,Uncharacterized protein'
2 polymer 'CATALYTIC ANTIBODY FAB 34E4 HEAVY CHAIN,Uncharacterized protein'
3 non-polymer 'CADMIUM ION'
4 non-polymer GLYCEROL
5 non-polymer 2-[3-(2-HYDROXY-1,1-DIHYDROXYMETHYL-ETHYLAMINO)-PROPYLAMINO]-2-HYDROXYMETHYL-PROPANE-1,3-DIOL
6 water water
#
loop_
_entity_poly.entity_id
_entity_poly.type
_entity_poly.pdbx_seq_one_letter_code
_entity_poly.pdbx_strand_id
1 'polypeptide(L)'
;ELVVTQESALTTSPGETVTLTCRSSSGAVTTSNYATWVQEKPDHLFTGLIGGTNKRAPGVPARFSGSLIGDRAALTITGA
QTEDEAIYFCALWNSNHLVFGGGTKLEIKRTVAAPSVFIFPPSDEQLKSGTASVVCLLNNFYPREAKVQWKVDNALQSGN
SQESVTEQDSKDSTYSLSSTLTLSKADYEKHKVYACEVTHQGLSSPVTKSFNRGEC
;
L,A,C,E,G,J,M,O
2 'polypeptide(L)'
;EVKLLESGGGLAQPGGSLKLSCAASGFDFRRYWMTWVRQAPGKGLEWIGEINPDSRTINYMPSLKDKFIISRDNAKNSLY
LQLSRLRSEDSALYYCVRLDFDVYNHYYVLDYWGQGTSVTVSSASTKGPSVFPLAPSSKSTSGGTAALGCLVKDYFPEPV
TVSWNSGALTSGVHTFPAVLQSSGLYSLSSVVTVPSSSLGTQTYICNVNHKPSNTKVDKKVEPKSCD
;
H,B,D,F,I,K,N,P
#
# COMPACT_ATOMS: atom_id res chain seq x y z
N GLU A 1 -6.50 4.02 -38.92
CA GLU A 1 -7.14 4.90 -37.90
C GLU A 1 -8.63 4.94 -38.19
N LEU A 2 -9.40 4.23 -37.34
CA LEU A 2 -10.85 4.11 -37.51
C LEU A 2 -11.59 5.38 -37.11
N VAL A 3 -12.38 5.92 -38.02
CA VAL A 3 -13.18 7.11 -37.72
C VAL A 3 -14.67 6.76 -37.76
N VAL A 4 -15.32 6.98 -36.64
CA VAL A 4 -16.76 6.74 -36.54
C VAL A 4 -17.47 8.07 -36.72
N THR A 5 -18.48 8.09 -37.59
CA THR A 5 -19.17 9.34 -37.92
C THR A 5 -20.67 9.24 -37.70
N GLN A 6 -21.22 10.31 -37.14
CA GLN A 6 -22.63 10.42 -36.83
C GLN A 6 -23.16 11.74 -37.37
N GLU A 7 -24.46 11.82 -37.60
CA GLU A 7 -25.08 13.11 -37.90
C GLU A 7 -24.79 14.10 -36.74
N SER A 8 -24.50 15.35 -37.08
CA SER A 8 -24.26 16.40 -36.09
C SER A 8 -25.47 16.70 -35.21
N ALA A 9 -26.63 16.89 -35.85
CA ALA A 9 -27.84 17.31 -35.16
C ALA A 9 -29.09 16.79 -35.88
N LEU A 10 -30.09 16.42 -35.10
CA LEU A 10 -31.39 16.05 -35.63
C LEU A 10 -32.50 16.70 -34.83
N THR A 11 -33.62 16.99 -35.49
CA THR A 11 -34.77 17.57 -34.85
C THR A 11 -35.93 16.62 -35.05
N THR A 12 -36.73 16.42 -34.01
CA THR A 12 -37.91 15.59 -34.11
C THR A 12 -38.99 16.14 -33.18
N SER A 13 -40.26 15.88 -33.52
CA SER A 13 -41.39 16.32 -32.69
C SER A 13 -41.72 15.25 -31.67
N PRO A 14 -42.36 15.64 -30.56
CA PRO A 14 -42.78 14.61 -29.62
C PRO A 14 -43.72 13.59 -30.29
N GLY A 15 -43.54 12.31 -29.95
CA GLY A 15 -44.37 11.26 -30.49
C GLY A 15 -43.85 10.70 -31.81
N GLU A 16 -42.95 11.41 -32.47
CA GLU A 16 -42.39 11.02 -33.76
C GLU A 16 -41.28 10.01 -33.57
N THR A 17 -40.97 9.28 -34.63
CA THR A 17 -39.88 8.30 -34.61
C THR A 17 -38.64 8.99 -35.16
N VAL A 18 -37.50 8.79 -34.54
CA VAL A 18 -36.27 9.36 -35.03
C VAL A 18 -35.19 8.28 -34.99
N THR A 19 -34.32 8.29 -36.02
CA THR A 19 -33.26 7.28 -36.17
C THR A 19 -31.86 7.92 -36.26
N LEU A 20 -31.01 7.59 -35.32
CA LEU A 20 -29.65 8.09 -35.32
C LEU A 20 -28.75 7.02 -35.96
N THR A 21 -27.83 7.41 -36.84
CA THR A 21 -26.92 6.43 -37.42
C THR A 21 -25.44 6.66 -37.06
N CYS A 22 -24.66 5.63 -37.36
CA CYS A 22 -23.29 5.53 -36.92
C CYS A 22 -22.52 4.74 -37.96
N ARG A 23 -21.62 5.38 -38.68
CA ARG A 23 -20.89 4.71 -39.73
C ARG A 23 -19.40 4.68 -39.48
N SER A 24 -18.71 3.81 -40.23
CA SER A 24 -17.30 3.56 -40.02
C SER A 24 -16.55 3.80 -41.30
N SER A 25 -15.27 4.16 -41.18
CA SER A 25 -14.41 4.38 -42.35
C SER A 25 -13.66 3.11 -42.76
N SER A 26 -13.76 2.05 -41.97
CA SER A 26 -13.15 0.75 -42.31
C SER A 26 -14.02 -0.05 -43.27
N GLY A 27 -15.28 0.36 -43.44
CA GLY A 27 -16.25 -0.39 -44.21
C GLY A 27 -17.49 -0.60 -43.38
N ALA A 28 -18.30 -1.57 -43.74
CA ALA A 28 -19.58 -1.83 -43.09
C ALA A 28 -19.45 -2.05 -41.58
N VAL A 29 -20.36 -1.43 -40.82
CA VAL A 29 -20.46 -1.74 -39.40
C VAL A 29 -21.13 -3.09 -39.31
N THR A 30 -20.51 -4.01 -38.57
CA THR A 30 -20.99 -5.36 -38.48
C THR A 30 -21.21 -5.72 -37.02
N THR A 31 -21.91 -6.81 -36.79
CA THR A 31 -22.08 -7.43 -35.47
C THR A 31 -20.79 -7.56 -34.66
N SER A 32 -19.67 -7.81 -35.34
CA SER A 32 -18.36 -7.93 -34.69
C SER A 32 -17.84 -6.63 -34.08
N ASN A 33 -18.46 -5.51 -34.44
CA ASN A 33 -18.15 -4.21 -33.86
C ASN A 33 -18.83 -3.96 -32.52
N TYR A 34 -19.79 -4.81 -32.15
CA TYR A 34 -20.48 -4.66 -30.86
C TYR A 34 -20.89 -3.21 -30.55
N ALA A 35 -21.65 -2.61 -31.46
CA ALA A 35 -22.06 -1.19 -31.34
C ALA A 35 -22.75 -0.91 -30.01
N THR A 36 -22.31 0.16 -29.36
CA THR A 36 -22.87 0.62 -28.09
C THR A 36 -23.34 2.04 -28.28
N TRP A 37 -24.39 2.41 -27.56
CA TRP A 37 -24.84 3.79 -27.55
C TRP A 37 -24.85 4.34 -26.16
N VAL A 38 -24.38 5.57 -26.00
CA VAL A 38 -24.41 6.27 -24.74
C VAL A 38 -25.19 7.57 -24.88
N GLN A 39 -25.99 7.91 -23.89
CA GLN A 39 -26.72 9.17 -23.90
C GLN A 39 -26.06 10.13 -22.93
N GLU A 40 -25.83 11.37 -23.37
CA GLU A 40 -25.33 12.42 -22.47
C GLU A 40 -26.36 13.53 -22.29
N LYS A 41 -26.69 13.83 -21.04
CA LYS A 41 -27.59 14.92 -20.67
C LYS A 41 -26.84 15.98 -19.87
N PRO A 42 -27.37 17.22 -19.78
CA PRO A 42 -26.69 18.33 -19.12
C PRO A 42 -26.23 18.00 -17.72
N ASP A 43 -25.17 18.68 -17.25
CA ASP A 43 -24.34 18.29 -16.08
C ASP A 43 -23.55 17.00 -16.40
N HIS A 44 -23.32 16.72 -17.68
CA HIS A 44 -22.55 15.53 -18.10
C HIS A 44 -23.08 14.27 -17.41
N LEU A 45 -24.35 13.97 -17.60
CA LEU A 45 -24.94 12.79 -17.03
C LEU A 45 -25.09 11.79 -18.15
N PHE A 46 -24.32 10.71 -18.02
CA PHE A 46 -24.19 9.64 -19.01
C PHE A 46 -24.94 8.38 -18.63
N THR A 47 -25.56 7.77 -19.63
CA THR A 47 -26.37 6.58 -19.46
C THR A 47 -26.06 5.67 -20.63
N GLY A 48 -25.60 4.45 -20.33
CA GLY A 48 -25.44 3.43 -21.35
C GLY A 48 -26.82 2.98 -21.78
N LEU A 49 -27.11 3.04 -23.07
CA LEU A 49 -28.43 2.68 -23.58
C LEU A 49 -28.47 1.31 -24.22
N ILE A 50 -27.57 1.06 -25.18
CA ILE A 50 -27.61 -0.16 -25.99
C ILE A 50 -26.25 -0.81 -26.02
N GLY A 51 -26.22 -2.13 -25.85
CA GLY A 51 -25.00 -2.89 -26.05
C GLY A 51 -25.21 -3.98 -27.09
N GLY A 52 -24.10 -4.49 -27.65
CA GLY A 52 -24.13 -5.57 -28.62
C GLY A 52 -25.10 -5.30 -29.75
N THR A 53 -25.05 -4.09 -30.31
CA THR A 53 -25.88 -3.66 -31.42
C THR A 53 -27.35 -3.43 -31.07
N ASN A 54 -28.01 -4.43 -30.49
CA ASN A 54 -29.47 -4.40 -30.35
C ASN A 54 -30.02 -4.92 -29.03
N LYS A 55 -29.14 -4.98 -28.03
CA LYS A 55 -29.50 -5.34 -26.65
C LYS A 55 -29.65 -4.05 -25.86
N ARG A 56 -30.87 -3.81 -25.38
CA ARG A 56 -31.20 -2.68 -24.51
C ARG A 56 -30.73 -2.96 -23.06
N ALA A 57 -30.10 -1.97 -22.43
CA ALA A 57 -29.56 -2.13 -21.07
C ALA A 57 -30.67 -2.10 -20.02
N PRO A 58 -30.47 -2.81 -18.89
CA PRO A 58 -31.44 -2.80 -17.80
C PRO A 58 -31.84 -1.38 -17.43
N GLY A 59 -33.12 -1.16 -17.18
CA GLY A 59 -33.63 0.14 -16.78
C GLY A 59 -33.90 1.10 -17.92
N VAL A 60 -33.37 0.83 -19.10
CA VAL A 60 -33.54 1.73 -20.23
C VAL A 60 -34.94 1.56 -20.86
N PRO A 61 -35.62 2.68 -21.12
CA PRO A 61 -36.99 2.68 -21.65
C PRO A 61 -37.12 1.94 -22.96
N ALA A 62 -38.22 1.22 -23.14
CA ALA A 62 -38.44 0.38 -24.33
C ALA A 62 -38.42 1.17 -25.63
N ARG A 63 -38.89 2.41 -25.54
CA ARG A 63 -38.82 3.42 -26.57
C ARG A 63 -37.51 3.41 -27.38
N PHE A 64 -36.38 3.06 -26.76
CA PHE A 64 -35.06 3.00 -27.43
C PHE A 64 -34.76 1.60 -27.93
N SER A 65 -34.27 1.50 -29.15
CA SER A 65 -33.77 0.21 -29.66
C SER A 65 -32.67 0.42 -30.66
N GLY A 66 -31.86 -0.60 -30.84
CA GLY A 66 -30.69 -0.52 -31.72
C GLY A 66 -30.73 -1.58 -32.78
N SER A 67 -30.13 -1.30 -33.94
CA SER A 67 -30.10 -2.23 -35.05
C SER A 67 -29.03 -1.85 -36.06
N LEU A 68 -28.95 -2.59 -37.17
CA LEU A 68 -28.12 -2.24 -38.30
C LEU A 68 -29.03 -1.80 -39.46
N ILE A 69 -28.64 -0.75 -40.19
CA ILE A 69 -29.27 -0.37 -41.47
C ILE A 69 -28.18 -0.25 -42.52
N GLY A 70 -28.22 -1.16 -43.49
CA GLY A 70 -27.17 -1.26 -44.49
C GLY A 70 -25.79 -1.24 -43.87
N ASP A 71 -25.00 -0.22 -44.23
CA ASP A 71 -23.64 -0.02 -43.71
C ASP A 71 -23.53 0.26 -42.22
N ARG A 72 -24.57 0.83 -41.65
CA ARG A 72 -24.45 1.53 -40.36
C ARG A 72 -25.13 0.85 -39.17
N ALA A 73 -24.71 1.26 -37.98
CA ALA A 73 -25.42 0.98 -36.73
C ALA A 73 -26.41 2.10 -36.54
N ALA A 74 -27.53 1.80 -35.89
CA ALA A 74 -28.62 2.74 -35.73
C ALA A 74 -29.21 2.64 -34.35
N LEU A 75 -29.53 3.80 -33.76
CA LEU A 75 -30.37 3.91 -32.60
C LEU A 75 -31.68 4.52 -33.03
N THR A 76 -32.78 3.81 -32.79
CA THR A 76 -34.13 4.30 -33.06
C THR A 76 -34.79 4.73 -31.76
N ILE A 77 -35.45 5.88 -31.76
CA ILE A 77 -36.30 6.28 -30.64
C ILE A 77 -37.72 6.29 -31.18
N THR A 78 -38.56 5.42 -30.66
CA THR A 78 -39.95 5.30 -31.15
C THR A 78 -40.85 6.07 -30.23
N GLY A 79 -41.21 7.28 -30.67
CA GLY A 79 -42.09 8.11 -29.91
C GLY A 79 -41.26 8.97 -29.01
N ALA A 80 -40.42 9.80 -29.62
CA ALA A 80 -39.53 10.71 -28.87
C ALA A 80 -40.30 11.58 -27.87
N GLN A 81 -39.76 11.67 -26.66
CA GLN A 81 -40.29 12.51 -25.60
C GLN A 81 -39.36 13.72 -25.35
N THR A 82 -39.89 14.75 -24.68
CA THR A 82 -39.10 15.96 -24.40
C THR A 82 -37.83 15.63 -23.61
N GLU A 83 -37.92 14.64 -22.72
CA GLU A 83 -36.76 14.25 -21.92
C GLU A 83 -35.66 13.54 -22.73
N ASP A 84 -35.92 13.22 -24.00
CA ASP A 84 -34.92 12.62 -24.89
C ASP A 84 -33.95 13.64 -25.51
N GLU A 85 -34.12 14.92 -25.19
CA GLU A 85 -33.15 15.96 -25.56
C GLU A 85 -31.83 15.62 -24.91
N ALA A 86 -30.82 15.40 -25.75
CA ALA A 86 -29.54 14.92 -25.27
C ALA A 86 -28.55 14.85 -26.43
N ILE A 87 -27.31 14.55 -26.09
CA ILE A 87 -26.33 14.13 -27.11
C ILE A 87 -26.22 12.60 -27.05
N TYR A 88 -26.30 11.96 -28.21
CA TYR A 88 -26.16 10.52 -28.31
C TYR A 88 -24.86 10.18 -29.02
N PHE A 89 -24.04 9.35 -28.38
CA PHE A 89 -22.77 8.88 -28.92
C PHE A 89 -22.90 7.40 -29.22
N CYS A 90 -22.41 6.95 -30.39
CA CYS A 90 -22.22 5.51 -30.63
C CYS A 90 -20.72 5.22 -30.53
N ALA A 91 -20.38 3.97 -30.25
CA ALA A 91 -19.00 3.57 -30.10
C ALA A 91 -18.90 2.17 -30.67
N LEU A 92 -17.92 1.95 -31.54
CA LEU A 92 -17.71 0.65 -32.17
C LEU A 92 -16.52 -0.01 -31.53
N TRP A 93 -16.62 -1.30 -31.24
CA TRP A 93 -15.47 -2.08 -30.77
C TRP A 93 -14.69 -2.49 -31.99
N ASN A 94 -13.37 -2.54 -31.86
CA ASN A 94 -12.51 -2.85 -32.99
C ASN A 94 -11.17 -3.30 -32.47
N SER A 95 -10.72 -4.48 -32.91
CA SER A 95 -9.53 -5.09 -32.35
C SER A 95 -9.74 -5.11 -30.82
N ASN A 96 -8.86 -4.52 -30.03
CA ASN A 96 -9.06 -4.46 -28.58
C ASN A 96 -9.92 -3.27 -28.18
N HIS A 97 -9.71 -2.18 -28.91
CA HIS A 97 -9.96 -0.81 -28.47
C HIS A 97 -11.39 -0.41 -28.78
N LEU A 98 -11.86 0.65 -28.13
CA LEU A 98 -13.19 1.19 -28.40
C LEU A 98 -13.06 2.62 -28.92
N VAL A 99 -13.84 2.94 -29.95
CA VAL A 99 -13.73 4.23 -30.62
C VAL A 99 -15.09 4.89 -30.66
N PHE A 100 -15.18 6.08 -30.09
CA PHE A 100 -16.42 6.86 -30.05
C PHE A 100 -16.63 7.65 -31.34
N GLY A 101 -17.89 7.80 -31.71
CA GLY A 101 -18.29 8.76 -32.72
C GLY A 101 -18.33 10.16 -32.10
N GLY A 102 -18.57 11.16 -32.94
CA GLY A 102 -18.50 12.55 -32.53
C GLY A 102 -19.73 13.04 -31.81
N GLY A 103 -20.79 12.25 -31.84
CA GLY A 103 -22.00 12.57 -31.11
C GLY A 103 -23.04 13.26 -31.96
N THR A 104 -24.30 13.07 -31.59
CA THR A 104 -25.42 13.67 -32.29
C THR A 104 -26.33 14.39 -31.29
N LYS A 105 -26.47 15.70 -31.44
CA LYS A 105 -27.43 16.47 -30.66
C LYS A 105 -28.85 16.19 -31.14
N LEU A 106 -29.71 15.74 -30.24
CA LEU A 106 -31.14 15.56 -30.58
C LEU A 106 -31.97 16.71 -30.01
N GLU A 107 -32.55 17.52 -30.90
CA GLU A 107 -33.40 18.64 -30.53
C GLU A 107 -34.87 18.24 -30.67
N ILE A 108 -35.67 18.49 -29.62
CA ILE A 108 -37.09 18.25 -29.68
C ILE A 108 -37.81 19.51 -30.11
N LYS A 109 -38.61 19.36 -31.15
CA LYS A 109 -39.29 20.48 -31.75
C LYS A 109 -40.46 20.93 -30.90
N ARG A 110 -40.74 22.23 -30.93
CA ARG A 110 -41.90 22.81 -30.28
C ARG A 110 -42.29 24.08 -31.01
N THR A 111 -43.42 24.68 -30.63
CA THR A 111 -43.93 25.88 -31.31
C THR A 111 -42.96 27.04 -31.06
N VAL A 112 -42.88 27.98 -31.99
CA VAL A 112 -41.95 29.07 -31.83
C VAL A 112 -42.29 29.87 -30.55
N ALA A 113 -41.27 30.24 -29.79
CA ALA A 113 -41.42 31.04 -28.59
C ALA A 113 -40.46 32.22 -28.67
N ALA A 114 -40.99 33.42 -28.53
CA ALA A 114 -40.16 34.64 -28.49
C ALA A 114 -39.39 34.73 -27.17
N PRO A 115 -38.18 35.27 -27.22
CA PRO A 115 -37.47 35.49 -25.97
C PRO A 115 -38.03 36.67 -25.18
N SER A 116 -37.98 36.54 -23.86
CA SER A 116 -38.00 37.67 -22.98
C SER A 116 -36.58 38.23 -23.02
N VAL A 117 -36.48 39.56 -23.04
CA VAL A 117 -35.19 40.22 -23.10
C VAL A 117 -35.01 41.15 -21.90
N PHE A 118 -33.79 41.13 -21.34
CA PHE A 118 -33.40 41.95 -20.22
C PHE A 118 -32.00 42.50 -20.44
N ILE A 119 -31.77 43.72 -19.97
CA ILE A 119 -30.45 44.32 -20.01
C ILE A 119 -30.02 44.68 -18.58
N PHE A 120 -28.78 44.40 -18.23
CA PHE A 120 -28.27 44.74 -16.90
C PHE A 120 -27.08 45.70 -17.01
N PRO A 121 -27.17 46.88 -16.36
CA PRO A 121 -26.02 47.76 -16.33
C PRO A 121 -24.96 47.20 -15.38
N PRO A 122 -23.71 47.63 -15.54
CA PRO A 122 -22.67 47.16 -14.64
C PRO A 122 -22.94 47.57 -13.22
N SER A 123 -22.55 46.74 -12.27
CA SER A 123 -22.72 47.06 -10.87
C SER A 123 -21.73 48.15 -10.44
N ASP A 124 -22.11 48.93 -9.44
CA ASP A 124 -21.21 49.93 -8.89
C ASP A 124 -19.91 49.27 -8.39
N GLU A 125 -20.00 48.02 -7.95
CA GLU A 125 -18.82 47.27 -7.50
C GLU A 125 -17.80 46.95 -8.57
N GLN A 126 -18.27 46.60 -9.76
CA GLN A 126 -17.37 46.33 -10.88
C GLN A 126 -16.67 47.61 -11.31
N LEU A 127 -17.43 48.71 -11.37
CA LEU A 127 -16.91 50.00 -11.79
C LEU A 127 -15.75 50.46 -10.89
N LYS A 128 -15.81 50.12 -9.61
CA LYS A 128 -14.68 50.35 -8.71
C LYS A 128 -13.38 49.71 -9.21
N SER A 129 -13.47 48.56 -9.88
CA SER A 129 -12.29 47.80 -10.31
C SER A 129 -11.67 48.32 -11.62
N GLY A 130 -12.37 49.20 -12.33
CA GLY A 130 -11.83 49.78 -13.59
C GLY A 130 -12.47 49.29 -14.89
N THR A 131 -13.33 48.28 -14.83
CA THR A 131 -14.01 47.81 -16.05
C THR A 131 -15.52 47.79 -15.85
N ALA A 132 -16.22 47.61 -16.97
CA ALA A 132 -17.67 47.68 -16.99
C ALA A 132 -18.23 46.62 -17.94
N SER A 133 -19.03 45.70 -17.42
CA SER A 133 -19.67 44.66 -18.23
C SER A 133 -21.16 44.94 -18.30
N VAL A 134 -21.72 44.97 -19.49
CA VAL A 134 -23.14 45.12 -19.68
C VAL A 134 -23.65 43.76 -20.16
N VAL A 135 -24.65 43.20 -19.48
CA VAL A 135 -25.16 41.88 -19.83
C VAL A 135 -26.56 41.97 -20.42
N CYS A 136 -26.77 41.19 -21.47
CA CYS A 136 -28.09 41.07 -22.10
C CYS A 136 -28.59 39.61 -21.99
N LEU A 137 -29.82 39.42 -21.55
CA LEU A 137 -30.37 38.07 -21.43
C LEU A 137 -31.56 37.85 -22.37
N LEU A 138 -31.50 36.74 -23.10
CA LEU A 138 -32.59 36.25 -23.94
C LEU A 138 -33.04 34.96 -23.33
N ASN A 139 -34.27 34.97 -22.79
CA ASN A 139 -34.73 33.87 -22.00
C ASN A 139 -35.89 33.08 -22.63
N ASN A 140 -35.74 31.77 -22.68
CA ASN A 140 -36.78 30.81 -23.07
C ASN A 140 -37.34 31.01 -24.45
N PHE A 141 -36.48 30.92 -25.45
CA PHE A 141 -36.93 31.05 -26.84
C PHE A 141 -36.76 29.75 -27.66
N TYR A 142 -37.54 29.64 -28.75
CA TYR A 142 -37.37 28.58 -29.72
C TYR A 142 -37.87 29.11 -31.06
N PRO A 143 -37.17 28.82 -32.15
CA PRO A 143 -35.97 28.01 -32.23
C PRO A 143 -34.75 28.77 -31.78
N ARG A 144 -33.59 28.16 -31.96
CA ARG A 144 -32.38 28.64 -31.37
C ARG A 144 -31.78 29.88 -32.05
N GLU A 145 -31.96 30.01 -33.35
CA GLU A 145 -31.32 31.10 -34.08
C GLU A 145 -31.80 32.44 -33.55
N ALA A 146 -30.88 33.33 -33.25
CA ALA A 146 -31.18 34.59 -32.59
C ALA A 146 -30.03 35.55 -32.83
N LYS A 147 -30.33 36.77 -33.25
CA LYS A 147 -29.30 37.79 -33.42
C LYS A 147 -29.36 38.77 -32.28
N VAL A 148 -28.18 39.07 -31.73
CA VAL A 148 -28.03 40.11 -30.71
C VAL A 148 -27.10 41.15 -31.27
N GLN A 149 -27.52 42.41 -31.22
CA GLN A 149 -26.68 43.52 -31.63
C GLN A 149 -26.60 44.49 -30.49
N TRP A 150 -25.38 44.89 -30.16
CA TRP A 150 -25.13 45.89 -29.13
C TRP A 150 -24.95 47.26 -29.76
N LYS A 151 -25.53 48.27 -29.13
CA LYS A 151 -25.32 49.64 -29.57
C LYS A 151 -25.04 50.55 -28.40
N VAL A 152 -24.10 51.46 -28.60
CA VAL A 152 -23.74 52.44 -27.60
C VAL A 152 -23.90 53.83 -28.24
N ASP A 153 -24.75 54.65 -27.64
CA ASP A 153 -25.17 55.93 -28.20
C ASP A 153 -25.55 55.79 -29.66
N ASN A 154 -26.27 54.71 -29.96
CA ASN A 154 -26.78 54.38 -31.30
C ASN A 154 -25.75 53.84 -32.31
N ALA A 155 -24.50 53.65 -31.87
CA ALA A 155 -23.43 53.13 -32.74
C ALA A 155 -23.35 51.64 -32.58
N LEU A 156 -23.30 50.94 -33.70
CA LEU A 156 -23.26 49.50 -33.71
C LEU A 156 -21.93 49.01 -33.10
N GLN A 157 -21.97 48.11 -32.13
CA GLN A 157 -20.75 47.60 -31.54
C GLN A 157 -20.24 46.39 -32.32
N SER A 158 -18.92 46.20 -32.31
CA SER A 158 -18.27 45.12 -33.06
C SER A 158 -17.06 44.56 -32.30
N GLY A 159 -17.02 43.23 -32.18
CA GLY A 159 -15.90 42.49 -31.61
C GLY A 159 -15.48 42.80 -30.18
N ASN A 160 -16.41 43.27 -29.35
CA ASN A 160 -16.16 43.45 -27.92
C ASN A 160 -17.30 42.87 -27.07
N SER A 161 -17.93 41.83 -27.61
CA SER A 161 -18.97 41.12 -26.90
C SER A 161 -18.81 39.62 -27.07
N GLN A 162 -19.27 38.89 -26.06
CA GLN A 162 -19.25 37.44 -26.11
C GLN A 162 -20.59 36.89 -25.72
N GLU A 163 -20.82 35.64 -26.08
CA GLU A 163 -22.13 35.09 -26.14
C GLU A 163 -22.08 33.64 -25.74
N SER A 164 -23.19 33.16 -25.17
CA SER A 164 -23.24 31.83 -24.60
C SER A 164 -24.69 31.38 -24.56
N VAL A 165 -24.93 30.13 -24.95
CA VAL A 165 -26.29 29.61 -25.04
C VAL A 165 -26.41 28.31 -24.23
N THR A 166 -27.55 28.12 -23.59
CA THR A 166 -27.78 26.90 -22.80
C THR A 166 -28.16 25.74 -23.72
N GLU A 167 -28.14 24.53 -23.20
CA GLU A 167 -28.67 23.39 -23.94
C GLU A 167 -30.19 23.45 -23.89
N GLN A 168 -30.84 22.75 -24.78
CA GLN A 168 -32.29 22.81 -24.80
C GLN A 168 -32.83 22.34 -23.46
N ASP A 169 -33.75 23.11 -22.88
CA ASP A 169 -34.35 22.77 -21.61
C ASP A 169 -35.19 21.51 -21.76
N SER A 170 -35.03 20.57 -20.85
CA SER A 170 -35.66 19.27 -21.03
C SER A 170 -37.16 19.27 -20.82
N LYS A 171 -37.69 20.39 -20.33
CA LYS A 171 -39.08 20.49 -19.94
C LYS A 171 -39.89 21.34 -20.90
N ASP A 172 -39.51 22.60 -21.07
CA ASP A 172 -40.23 23.48 -21.99
C ASP A 172 -39.63 23.51 -23.39
N SER A 173 -38.50 22.82 -23.57
CA SER A 173 -37.79 22.68 -24.87
C SER A 173 -37.23 23.98 -25.43
N THR A 174 -36.98 24.94 -24.56
CA THR A 174 -36.49 26.26 -24.97
C THR A 174 -34.99 26.40 -24.75
N TYR A 175 -34.43 27.43 -25.37
CA TYR A 175 -33.06 27.85 -25.18
C TYR A 175 -33.04 29.21 -24.49
N SER A 176 -31.92 29.51 -23.85
CA SER A 176 -31.64 30.82 -23.30
C SER A 176 -30.22 31.24 -23.71
N LEU A 177 -30.03 32.55 -23.79
CA LEU A 177 -28.77 33.11 -24.29
C LEU A 177 -28.35 34.33 -23.45
N SER A 178 -27.06 34.41 -23.19
CA SER A 178 -26.49 35.47 -22.41
C SER A 178 -25.39 36.14 -23.26
N SER A 179 -25.40 37.46 -23.31
CA SER A 179 -24.37 38.21 -24.00
C SER A 179 -23.78 39.32 -23.13
N THR A 180 -22.45 39.43 -23.16
CA THR A 180 -21.73 40.45 -22.38
C THR A 180 -20.98 41.38 -23.27
N LEU A 181 -21.19 42.67 -23.05
CA LEU A 181 -20.43 43.71 -23.71
C LEU A 181 -19.43 44.23 -22.67
N THR A 182 -18.15 44.18 -23.00
CA THR A 182 -17.13 44.67 -22.09
C THR A 182 -16.50 45.92 -22.66
N LEU A 183 -16.48 46.98 -21.86
CA LEU A 183 -15.65 48.16 -22.12
C LEU A 183 -14.99 48.64 -20.82
N SER A 184 -14.02 49.52 -20.96
CA SER A 184 -13.36 50.09 -19.78
C SER A 184 -14.28 51.09 -19.08
N LYS A 185 -14.02 51.31 -17.81
CA LYS A 185 -14.79 52.28 -17.03
C LYS A 185 -14.75 53.67 -17.70
N ALA A 186 -13.56 54.11 -18.08
CA ALA A 186 -13.42 55.40 -18.74
C ALA A 186 -14.31 55.47 -19.99
N ASP A 187 -14.31 54.42 -20.82
CA ASP A 187 -15.14 54.44 -22.04
C ASP A 187 -16.63 54.36 -21.70
N TYR A 188 -16.96 53.61 -20.64
CA TYR A 188 -18.34 53.51 -20.18
C TYR A 188 -18.91 54.88 -19.72
N GLU A 189 -18.05 55.73 -19.16
CA GLU A 189 -18.48 57.04 -18.66
C GLU A 189 -18.67 58.07 -19.74
N LYS A 190 -18.22 57.77 -20.94
CA LYS A 190 -18.30 58.69 -22.07
C LYS A 190 -19.64 58.58 -22.84
N HIS A 191 -20.45 57.57 -22.53
CA HIS A 191 -21.64 57.30 -23.31
C HIS A 191 -22.85 57.18 -22.44
N LYS A 192 -24.00 57.60 -22.97
CA LYS A 192 -25.26 57.60 -22.22
C LYS A 192 -26.09 56.31 -22.43
N VAL A 193 -26.40 55.99 -23.67
CA VAL A 193 -27.41 54.99 -23.99
C VAL A 193 -26.79 53.65 -24.33
N TYR A 194 -27.13 52.62 -23.57
CA TYR A 194 -26.64 51.27 -23.82
C TYR A 194 -27.84 50.41 -24.19
N ALA A 195 -27.82 49.87 -25.41
CA ALA A 195 -28.92 49.07 -25.91
C ALA A 195 -28.50 47.65 -26.37
N CYS A 196 -29.43 46.74 -26.16
CA CYS A 196 -29.31 45.38 -26.60
C CYS A 196 -30.47 45.19 -27.58
N GLU A 197 -30.17 44.88 -28.85
CA GLU A 197 -31.24 44.68 -29.90
C GLU A 197 -31.33 43.22 -30.43
N VAL A 198 -32.53 42.66 -30.41
CA VAL A 198 -32.71 41.21 -30.58
C VAL A 198 -33.68 40.87 -31.70
N THR A 199 -33.21 40.12 -32.69
CA THR A 199 -34.08 39.58 -33.70
C THR A 199 -34.22 38.07 -33.49
N HIS A 200 -35.44 37.60 -33.67
CA HIS A 200 -35.78 36.19 -33.53
C HIS A 200 -37.07 35.98 -34.30
N GLN A 201 -37.23 34.77 -34.82
CA GLN A 201 -38.38 34.37 -35.63
C GLN A 201 -39.71 34.62 -34.92
N GLY A 202 -39.72 34.46 -33.62
CA GLY A 202 -40.93 34.66 -32.83
C GLY A 202 -41.31 36.12 -32.63
N LEU A 203 -40.41 37.03 -32.99
CA LEU A 203 -40.67 38.48 -32.94
C LEU A 203 -40.92 38.98 -34.35
N SER A 204 -42.01 39.73 -34.50
CA SER A 204 -42.40 40.28 -35.80
C SER A 204 -41.59 41.53 -36.15
N SER A 205 -40.87 42.06 -35.18
CA SER A 205 -39.91 43.13 -35.43
C SER A 205 -38.96 43.14 -34.22
N PRO A 206 -37.73 43.60 -34.41
CA PRO A 206 -36.75 43.43 -33.31
C PRO A 206 -37.14 44.15 -32.01
N VAL A 207 -36.81 43.56 -30.89
CA VAL A 207 -36.99 44.15 -29.58
C VAL A 207 -35.65 44.77 -29.13
N THR A 208 -35.72 45.98 -28.62
CA THR A 208 -34.57 46.66 -28.06
C THR A 208 -34.84 46.89 -26.58
N LYS A 209 -33.84 46.57 -25.75
CA LYS A 209 -33.87 46.95 -24.36
C LYS A 209 -32.69 47.84 -24.10
N SER A 210 -32.87 48.89 -23.33
CA SER A 210 -31.80 49.81 -23.10
C SER A 210 -31.91 50.47 -21.74
N PHE A 211 -30.84 51.11 -21.32
CA PHE A 211 -30.88 51.92 -20.14
C PHE A 211 -29.99 53.13 -20.40
N ASN A 212 -30.21 54.18 -19.61
CA ASN A 212 -29.36 55.37 -19.63
C ASN A 212 -28.41 55.39 -18.43
N ARG A 213 -27.11 55.41 -18.69
CA ARG A 213 -26.10 55.51 -17.63
C ARG A 213 -26.45 56.61 -16.64
N GLY A 214 -26.42 56.26 -15.36
CA GLY A 214 -26.73 57.22 -14.29
C GLY A 214 -28.18 57.68 -14.27
N GLU A 215 -29.11 56.78 -14.56
CA GLU A 215 -30.53 57.07 -14.46
C GLU A 215 -31.32 55.82 -14.04
N GLU B 1 -27.27 3.28 -4.08
CA GLU B 1 -26.96 3.69 -5.46
C GLU B 1 -25.58 3.23 -5.84
N VAL B 2 -25.32 3.14 -7.11
CA VAL B 2 -23.96 3.06 -7.60
C VAL B 2 -23.35 4.46 -7.47
N LYS B 3 -22.14 4.56 -6.93
CA LYS B 3 -21.43 5.83 -6.87
C LYS B 3 -20.04 5.65 -7.43
N LEU B 4 -19.59 6.61 -8.22
CA LEU B 4 -18.25 6.62 -8.77
C LEU B 4 -17.68 8.01 -8.58
N LEU B 5 -17.04 8.27 -7.43
CA LEU B 5 -16.45 9.58 -7.13
C LEU B 5 -15.00 9.75 -7.57
N GLU B 6 -14.78 10.57 -8.60
CA GLU B 6 -13.43 10.86 -9.06
C GLU B 6 -12.79 11.96 -8.21
N SER B 7 -11.45 11.95 -8.16
CA SER B 7 -10.67 13.10 -7.65
C SER B 7 -9.23 13.08 -8.14
N GLY B 8 -8.51 14.17 -7.87
CA GLY B 8 -7.11 14.30 -8.25
C GLY B 8 -6.86 15.31 -9.37
N GLY B 9 -7.91 15.85 -9.95
CA GLY B 9 -7.76 16.82 -11.04
C GLY B 9 -7.35 18.19 -10.57
N GLY B 10 -7.23 19.11 -11.52
CA GLY B 10 -6.92 20.50 -11.24
C GLY B 10 -5.92 21.01 -12.26
N LEU B 11 -5.16 22.03 -11.87
CA LEU B 11 -4.13 22.61 -12.73
C LEU B 11 -2.85 21.76 -12.68
N ALA B 12 -2.32 21.44 -13.86
CA ALA B 12 -1.02 20.80 -14.00
C ALA B 12 -0.20 21.55 -15.02
N GLN B 13 1.11 21.54 -14.83
CA GLN B 13 2.03 22.21 -15.73
C GLN B 13 2.40 21.29 -16.89
N PRO B 14 2.66 21.85 -18.08
CA PRO B 14 3.09 21.07 -19.24
C PRO B 14 4.34 20.26 -18.95
N GLY B 15 4.36 19.01 -19.38
CA GLY B 15 5.46 18.10 -19.09
C GLY B 15 5.25 17.31 -17.81
N GLY B 16 4.49 17.86 -16.87
CA GLY B 16 4.32 17.24 -15.56
C GLY B 16 3.38 16.05 -15.58
N SER B 17 3.33 15.34 -14.45
CA SER B 17 2.44 14.19 -14.29
C SER B 17 1.35 14.44 -13.23
N LEU B 18 0.37 13.54 -13.20
CA LEU B 18 -0.83 13.71 -12.38
C LEU B 18 -1.50 12.35 -12.18
N LYS B 19 -2.05 12.11 -10.98
CA LYS B 19 -2.67 10.82 -10.68
C LYS B 19 -4.13 11.06 -10.32
N LEU B 20 -5.01 10.57 -11.19
CA LEU B 20 -6.45 10.63 -10.91
C LEU B 20 -6.80 9.34 -10.19
N SER B 21 -7.86 9.42 -9.38
CA SER B 21 -8.36 8.26 -8.68
C SER B 21 -9.88 8.32 -8.61
N CYS B 22 -10.46 7.18 -8.32
CA CYS B 22 -11.90 7.00 -8.40
C CYS B 22 -12.33 5.93 -7.42
N ALA B 23 -13.22 6.31 -6.50
CA ALA B 23 -13.66 5.39 -5.47
C ALA B 23 -15.08 4.96 -5.81
N ALA B 24 -15.35 3.67 -5.67
CA ALA B 24 -16.62 3.07 -6.09
C ALA B 24 -17.36 2.48 -4.92
N SER B 25 -18.68 2.58 -4.94
CA SER B 25 -19.54 1.92 -3.98
C SER B 25 -20.86 1.53 -4.62
N GLY B 26 -21.63 0.68 -3.94
CA GLY B 26 -22.95 0.27 -4.38
C GLY B 26 -22.99 -0.90 -5.35
N PHE B 27 -21.84 -1.51 -5.63
CA PHE B 27 -21.79 -2.73 -6.43
C PHE B 27 -20.51 -3.52 -6.14
N ASP B 28 -20.47 -4.78 -6.56
CA ASP B 28 -19.32 -5.65 -6.28
C ASP B 28 -18.17 -5.32 -7.24
N PHE B 29 -17.46 -4.25 -6.92
CA PHE B 29 -16.35 -3.69 -7.71
C PHE B 29 -15.34 -4.75 -8.17
N ARG B 30 -15.02 -5.69 -7.29
CA ARG B 30 -14.15 -6.81 -7.61
C ARG B 30 -14.44 -7.53 -8.91
N ARG B 31 -15.71 -7.56 -9.30
CA ARG B 31 -16.16 -8.39 -10.41
C ARG B 31 -16.19 -7.66 -11.76
N TYR B 32 -16.07 -6.34 -11.75
CA TYR B 32 -16.36 -5.56 -12.93
C TYR B 32 -15.12 -4.99 -13.65
N TRP B 33 -15.16 -5.00 -14.98
CA TRP B 33 -14.18 -4.27 -15.78
C TRP B 33 -14.42 -2.79 -15.58
N MET B 34 -13.34 -2.03 -15.59
CA MET B 34 -13.44 -0.58 -15.40
C MET B 34 -12.76 0.17 -16.55
N THR B 35 -13.24 1.36 -16.85
CA THR B 35 -12.78 2.12 -18.00
C THR B 35 -12.57 3.58 -17.62
N TRP B 36 -11.64 4.24 -18.29
CA TRP B 36 -11.50 5.70 -18.25
C TRP B 36 -11.86 6.31 -19.60
N VAL B 37 -12.62 7.40 -19.57
CA VAL B 37 -13.00 8.12 -20.78
C VAL B 37 -12.78 9.59 -20.52
N ARG B 38 -12.46 10.35 -21.56
CA ARG B 38 -12.27 11.78 -21.37
C ARG B 38 -12.95 12.61 -22.45
N GLN B 39 -13.21 13.86 -22.12
CA GLN B 39 -13.89 14.79 -23.04
C GLN B 39 -13.27 16.18 -22.96
N ALA B 40 -12.52 16.56 -23.99
CA ALA B 40 -11.97 17.91 -24.08
C ALA B 40 -13.11 18.94 -24.24
N PRO B 41 -12.86 20.21 -23.86
CA PRO B 41 -13.92 21.24 -23.88
C PRO B 41 -14.57 21.43 -25.26
N GLY B 42 -15.91 21.32 -25.29
CA GLY B 42 -16.67 21.44 -26.54
C GLY B 42 -16.45 20.33 -27.58
N LYS B 43 -15.91 19.20 -27.15
CA LYS B 43 -15.55 18.13 -28.09
C LYS B 43 -16.18 16.82 -27.68
N GLY B 44 -15.90 15.77 -28.45
CA GLY B 44 -16.49 14.45 -28.24
C GLY B 44 -15.74 13.61 -27.23
N LEU B 45 -16.21 12.38 -27.06
CA LEU B 45 -15.66 11.44 -26.09
C LEU B 45 -14.46 10.75 -26.67
N GLU B 46 -13.51 10.42 -25.81
CA GLU B 46 -12.32 9.70 -26.22
C GLU B 46 -12.01 8.59 -25.21
N TRP B 47 -12.13 7.35 -25.65
CA TRP B 47 -11.79 6.21 -24.83
C TRP B 47 -10.29 6.19 -24.53
N ILE B 48 -9.94 6.08 -23.25
CA ILE B 48 -8.54 6.01 -22.84
C ILE B 48 -8.09 4.56 -22.69
N GLY B 49 -8.81 3.80 -21.88
CA GLY B 49 -8.47 2.38 -21.66
C GLY B 49 -9.40 1.69 -20.66
N GLU B 50 -9.10 0.42 -20.41
CA GLU B 50 -9.92 -0.44 -19.56
C GLU B 50 -9.03 -1.42 -18.80
N ILE B 51 -9.49 -1.82 -17.63
CA ILE B 51 -8.78 -2.82 -16.85
C ILE B 51 -9.78 -3.87 -16.38
N ASN B 52 -9.36 -5.14 -16.41
CA ASN B 52 -10.20 -6.24 -15.94
C ASN B 52 -10.06 -6.39 -14.42
N PRO B 53 -10.93 -7.20 -13.77
CA PRO B 53 -10.91 -7.37 -12.31
C PRO B 53 -9.55 -7.66 -11.68
N ASP B 54 -8.78 -8.59 -12.27
CA ASP B 54 -7.52 -9.01 -11.65
C ASP B 54 -6.27 -8.27 -12.18
N SER B 55 -6.50 -7.15 -12.89
CA SER B 55 -5.43 -6.23 -13.35
C SER B 55 -4.43 -6.90 -14.28
N ARG B 56 -4.91 -7.89 -15.02
CA ARG B 56 -4.05 -8.67 -15.90
C ARG B 56 -4.30 -8.37 -17.36
N THR B 57 -5.49 -7.90 -17.68
CA THR B 57 -5.78 -7.37 -19.00
C THR B 57 -6.02 -5.89 -18.82
N ILE B 58 -5.10 -5.10 -19.35
CA ILE B 58 -5.21 -3.67 -19.39
C ILE B 58 -5.03 -3.23 -20.84
N ASN B 59 -6.13 -2.87 -21.49
CA ASN B 59 -6.10 -2.39 -22.87
C ASN B 59 -6.15 -0.87 -22.93
N TYR B 60 -5.40 -0.32 -23.87
CA TYR B 60 -5.25 1.12 -24.02
C TYR B 60 -5.58 1.56 -25.43
N MET B 61 -5.92 2.84 -25.57
CA MET B 61 -5.97 3.50 -26.87
C MET B 61 -4.53 3.56 -27.37
N PRO B 62 -4.25 2.96 -28.54
CA PRO B 62 -2.85 2.80 -28.97
C PRO B 62 -2.20 4.14 -29.31
N SER B 63 -2.90 4.94 -30.12
CA SER B 63 -2.42 6.25 -30.57
C SER B 63 -2.05 7.23 -29.44
N LEU B 64 -2.22 6.83 -28.19
CA LEU B 64 -1.55 7.51 -27.08
C LEU B 64 -1.36 6.53 -25.89
N LYS B 65 -0.28 5.74 -25.97
CA LYS B 65 0.17 4.83 -24.91
C LYS B 65 1.57 5.31 -24.45
N ASP B 66 2.17 4.63 -23.46
CA ASP B 66 3.45 5.07 -22.84
C ASP B 66 3.30 6.46 -22.22
N LYS B 67 2.13 6.69 -21.61
CA LYS B 67 1.67 8.02 -21.22
C LYS B 67 0.58 7.93 -20.13
N PHE B 68 -0.44 7.11 -20.39
CA PHE B 68 -1.46 6.75 -19.39
C PHE B 68 -1.17 5.37 -18.80
N ILE B 69 -1.17 5.27 -17.47
CA ILE B 69 -1.10 3.98 -16.79
C ILE B 69 -2.41 3.83 -16.01
N ILE B 70 -3.16 2.77 -16.30
CA ILE B 70 -4.37 2.41 -15.54
C ILE B 70 -4.05 1.31 -14.56
N SER B 71 -4.51 1.47 -13.32
CA SER B 71 -4.44 0.42 -12.30
C SER B 71 -5.70 0.47 -11.43
N ARG B 72 -5.81 -0.54 -10.57
CA ARG B 72 -6.93 -0.64 -9.65
C ARG B 72 -6.47 -1.29 -8.37
N ASP B 73 -7.19 -0.99 -7.28
CA ASP B 73 -6.97 -1.63 -5.99
C ASP B 73 -8.32 -2.13 -5.47
N ASN B 74 -8.59 -3.42 -5.70
CA ASN B 74 -9.90 -3.99 -5.39
C ASN B 74 -10.26 -3.98 -3.90
N ALA B 75 -9.25 -3.96 -3.03
CA ALA B 75 -9.47 -3.88 -1.57
C ALA B 75 -9.98 -2.48 -1.15
N LYS B 76 -9.66 -1.46 -1.95
CA LYS B 76 -10.12 -0.10 -1.69
C LYS B 76 -11.23 0.31 -2.66
N ASN B 77 -11.78 -0.66 -3.39
CA ASN B 77 -12.77 -0.38 -4.43
C ASN B 77 -12.42 0.85 -5.27
N SER B 78 -11.18 0.92 -5.72
CA SER B 78 -10.66 2.12 -6.36
C SER B 78 -9.95 1.84 -7.67
N LEU B 79 -10.11 2.78 -8.59
CA LEU B 79 -9.52 2.75 -9.91
C LEU B 79 -8.59 3.97 -10.04
N TYR B 80 -7.47 3.81 -10.74
CA TYR B 80 -6.48 4.88 -10.86
C TYR B 80 -6.10 5.13 -12.31
N LEU B 81 -5.77 6.38 -12.61
CA LEU B 81 -5.25 6.76 -13.93
C LEU B 81 -4.07 7.69 -13.75
N GLN B 82 -2.90 7.23 -14.15
CA GLN B 82 -1.71 8.06 -14.08
C GLN B 82 -1.40 8.74 -15.41
N LEU B 83 -1.29 10.06 -15.39
CA LEU B 83 -1.01 10.86 -16.57
C LEU B 83 0.42 11.36 -16.47
N SER B 84 1.18 11.28 -17.56
CA SER B 84 2.52 11.86 -17.63
C SER B 84 2.71 12.57 -18.98
N ARG B 85 3.83 13.28 -19.11
CA ARG B 85 4.15 14.05 -20.32
C ARG B 85 2.94 14.91 -20.75
N LEU B 86 2.43 15.70 -19.82
CA LEU B 86 1.16 16.41 -20.05
C LEU B 86 1.28 17.57 -21.04
N ARG B 87 0.33 17.62 -21.98
CA ARG B 87 0.21 18.72 -22.92
C ARG B 87 -1.21 19.28 -22.87
N SER B 88 -1.41 20.46 -23.48
CA SER B 88 -2.70 21.13 -23.45
C SER B 88 -3.82 20.27 -24.06
N GLU B 89 -3.47 19.40 -25.01
CA GLU B 89 -4.42 18.46 -25.59
C GLU B 89 -4.99 17.49 -24.56
N ASP B 90 -4.28 17.28 -23.45
CA ASP B 90 -4.76 16.42 -22.35
C ASP B 90 -5.77 17.12 -21.42
N SER B 91 -5.95 18.43 -21.59
CA SER B 91 -6.96 19.17 -20.83
C SER B 91 -8.36 18.65 -21.18
N ALA B 92 -9.08 18.18 -20.18
CA ALA B 92 -10.37 17.54 -20.39
C ALA B 92 -11.07 17.21 -19.07
N LEU B 93 -12.30 16.77 -19.19
CA LEU B 93 -12.98 16.06 -18.11
C LEU B 93 -12.66 14.57 -18.23
N TYR B 94 -12.25 13.94 -17.13
CA TYR B 94 -11.92 12.52 -17.12
C TYR B 94 -12.98 11.75 -16.36
N TYR B 95 -13.58 10.78 -17.02
CA TYR B 95 -14.67 10.00 -16.42
C TYR B 95 -14.25 8.58 -16.08
N CYS B 96 -14.55 8.23 -14.85
CA CYS B 96 -14.55 6.88 -14.30
C CYS B 96 -15.81 6.17 -14.77
N VAL B 97 -15.67 5.07 -15.49
CA VAL B 97 -16.83 4.40 -16.09
C VAL B 97 -16.81 2.90 -15.86
N ARG B 98 -17.94 2.35 -15.42
CA ARG B 98 -18.07 0.91 -15.24
C ARG B 98 -18.53 0.23 -16.55
N LEU B 99 -17.85 -0.85 -16.91
CA LEU B 99 -18.15 -1.62 -18.12
C LEU B 99 -18.84 -2.92 -17.71
N ASP B 100 -20.09 -3.13 -18.14
CA ASP B 100 -20.78 -4.40 -17.88
C ASP B 100 -20.52 -5.33 -19.06
N PHE B 101 -19.95 -6.48 -18.76
CA PHE B 101 -19.52 -7.49 -19.73
C PHE B 101 -20.59 -8.58 -19.75
N ASP B 102 -20.73 -9.29 -20.86
CA ASP B 102 -21.70 -10.39 -20.94
C ASP B 102 -21.45 -11.22 -22.20
N VAL B 103 -20.52 -12.15 -22.09
CA VAL B 103 -20.04 -12.91 -23.24
C VAL B 103 -21.15 -13.76 -23.89
N TYR B 104 -22.07 -14.28 -23.09
CA TYR B 104 -23.18 -15.09 -23.60
C TYR B 104 -24.13 -14.29 -24.50
N ASN B 105 -24.52 -13.10 -24.01
CA ASN B 105 -25.42 -12.20 -24.75
C ASN B 105 -24.75 -11.43 -25.88
N HIS B 106 -23.42 -11.45 -25.93
CA HIS B 106 -22.64 -10.67 -26.91
C HIS B 106 -22.85 -9.21 -26.61
N TYR B 107 -22.46 -8.81 -25.40
CA TYR B 107 -22.92 -7.55 -24.84
C TYR B 107 -21.87 -6.87 -23.95
N TYR B 108 -21.57 -5.61 -24.29
CA TYR B 108 -20.59 -4.81 -23.57
C TYR B 108 -21.08 -3.36 -23.53
N VAL B 109 -21.48 -2.89 -22.35
CA VAL B 109 -22.06 -1.55 -22.22
C VAL B 109 -21.31 -0.76 -21.16
N LEU B 110 -21.11 0.52 -21.43
CA LEU B 110 -20.57 1.46 -20.45
C LEU B 110 -21.77 2.01 -19.71
N ASP B 111 -22.10 1.40 -18.57
CA ASP B 111 -23.40 1.67 -17.95
C ASP B 111 -23.43 2.73 -16.88
N TYR B 112 -22.49 2.73 -15.94
CA TYR B 112 -22.44 3.80 -14.94
C TYR B 112 -21.24 4.68 -15.14
N TRP B 113 -21.46 5.98 -15.08
CA TRP B 113 -20.40 6.96 -15.29
C TRP B 113 -20.30 7.86 -14.07
N GLY B 114 -19.08 8.15 -13.66
CA GLY B 114 -18.84 9.18 -12.67
C GLY B 114 -19.10 10.55 -13.23
N GLN B 115 -19.09 11.56 -12.37
CA GLN B 115 -19.31 12.94 -12.81
C GLN B 115 -18.11 13.56 -13.49
N GLY B 116 -16.93 13.02 -13.19
CA GLY B 116 -15.69 13.45 -13.85
C GLY B 116 -14.90 14.43 -13.00
N THR B 117 -13.60 14.44 -13.21
CA THR B 117 -12.74 15.42 -12.58
C THR B 117 -12.01 16.20 -13.67
N SER B 118 -11.95 17.52 -13.49
CA SER B 118 -11.39 18.41 -14.48
C SER B 118 -9.88 18.45 -14.37
N VAL B 119 -9.20 18.35 -15.52
CA VAL B 119 -7.76 18.53 -15.63
C VAL B 119 -7.48 19.65 -16.64
N THR B 120 -6.71 20.65 -16.22
CA THR B 120 -6.22 21.67 -17.14
C THR B 120 -4.70 21.68 -17.15
N VAL B 121 -4.12 21.62 -18.36
CA VAL B 121 -2.69 21.69 -18.53
C VAL B 121 -2.37 23.10 -19.02
N SER B 122 -1.65 23.86 -18.18
CA SER B 122 -1.29 25.25 -18.47
C SER B 122 -0.22 25.72 -17.48
N SER B 123 0.66 26.61 -17.93
CA SER B 123 1.63 27.23 -17.01
C SER B 123 1.11 28.55 -16.44
N ALA B 124 -0.06 28.96 -16.92
CA ALA B 124 -0.78 30.11 -16.34
C ALA B 124 -1.14 29.83 -14.88
N SER B 125 -1.23 30.88 -14.06
CA SER B 125 -1.51 30.69 -12.65
C SER B 125 -3.01 30.77 -12.39
N THR B 126 -3.39 30.26 -11.22
CA THR B 126 -4.78 30.27 -10.80
C THR B 126 -5.24 31.69 -10.54
N LYS B 127 -6.50 31.94 -10.81
CA LYS B 127 -7.09 33.22 -10.50
C LYS B 127 -8.53 33.05 -10.06
N GLY B 128 -8.83 33.57 -8.87
CA GLY B 128 -10.19 33.52 -8.36
C GLY B 128 -11.07 34.52 -9.08
N PRO B 129 -12.37 34.23 -9.15
CA PRO B 129 -13.30 35.14 -9.77
C PRO B 129 -13.76 36.30 -8.89
N SER B 130 -14.12 37.40 -9.52
CA SER B 130 -14.93 38.43 -8.91
C SER B 130 -16.39 38.10 -9.22
N VAL B 131 -17.27 38.36 -8.28
CA VAL B 131 -18.68 38.07 -8.44
C VAL B 131 -19.50 39.35 -8.39
N PHE B 132 -20.21 39.64 -9.45
CA PHE B 132 -20.96 40.88 -9.49
C PHE B 132 -22.43 40.62 -9.64
N PRO B 133 -23.25 41.39 -8.93
CA PRO B 133 -24.70 41.24 -9.07
C PRO B 133 -25.23 41.77 -10.41
N LEU B 134 -26.20 41.06 -10.96
CA LEU B 134 -27.04 41.58 -12.04
C LEU B 134 -28.40 41.90 -11.43
N ALA B 135 -28.54 43.13 -10.94
CA ALA B 135 -29.72 43.54 -10.20
C ALA B 135 -30.98 43.56 -11.03
N PRO B 136 -32.10 43.06 -10.47
CA PRO B 136 -33.39 43.17 -11.12
C PRO B 136 -34.02 44.50 -10.83
N SER B 137 -34.96 44.87 -11.68
CA SER B 137 -35.79 46.05 -11.48
C SER B 137 -37.26 45.72 -11.75
N SER B 138 -38.10 46.16 -10.81
CA SER B 138 -39.54 46.12 -10.96
C SER B 138 -39.98 46.70 -12.30
N LYS B 139 -39.21 47.70 -12.79
CA LYS B 139 -39.49 48.41 -14.04
C LYS B 139 -38.93 47.72 -15.31
N SER B 140 -38.15 46.68 -15.15
CA SER B 140 -37.54 46.00 -16.30
C SER B 140 -38.04 44.57 -16.43
N THR B 141 -39.35 44.41 -16.60
CA THR B 141 -39.94 43.07 -16.74
C THR B 141 -40.24 42.74 -18.19
N SER B 142 -40.18 41.47 -18.51
CA SER B 142 -40.40 40.97 -19.86
C SER B 142 -41.04 39.56 -19.80
N GLY B 143 -42.06 39.36 -20.62
CA GLY B 143 -42.82 38.12 -20.63
C GLY B 143 -43.34 37.72 -19.26
N GLY B 144 -43.87 38.69 -18.53
CA GLY B 144 -44.38 38.48 -17.19
C GLY B 144 -43.35 38.06 -16.15
N THR B 145 -42.08 38.29 -16.43
CA THR B 145 -41.03 37.88 -15.49
C THR B 145 -40.02 38.99 -15.21
N ALA B 146 -39.38 38.87 -14.05
CA ALA B 146 -38.24 39.68 -13.67
C ALA B 146 -37.00 38.80 -13.71
N ALA B 147 -35.89 39.34 -14.19
CA ALA B 147 -34.63 38.59 -14.24
C ALA B 147 -33.61 39.16 -13.26
N LEU B 148 -32.85 38.29 -12.61
CA LEU B 148 -31.72 38.72 -11.80
C LEU B 148 -30.61 37.68 -11.89
N GLY B 149 -29.38 38.07 -11.52
CA GLY B 149 -28.26 37.18 -11.72
C GLY B 149 -26.94 37.62 -11.13
N CYS B 150 -25.93 36.81 -11.43
CA CYS B 150 -24.54 37.02 -11.02
C CYS B 150 -23.61 36.88 -12.22
N LEU B 151 -22.71 37.85 -12.34
CA LEU B 151 -21.62 37.78 -13.31
C LEU B 151 -20.40 37.23 -12.57
N VAL B 152 -19.94 36.06 -12.96
CA VAL B 152 -18.77 35.45 -12.35
C VAL B 152 -17.64 35.69 -13.34
N LYS B 153 -16.75 36.61 -12.98
CA LYS B 153 -15.83 37.12 -13.95
C LYS B 153 -14.34 36.97 -13.58
N ASP B 154 -13.53 36.69 -14.62
CA ASP B 154 -12.06 36.71 -14.60
C ASP B 154 -11.44 35.62 -13.74
N TYR B 155 -11.74 34.37 -14.05
CA TYR B 155 -11.18 33.24 -13.29
C TYR B 155 -10.42 32.27 -14.17
N PHE B 156 -9.56 31.48 -13.53
CA PHE B 156 -8.79 30.46 -14.22
C PHE B 156 -8.27 29.45 -13.21
N PRO B 157 -8.36 28.15 -13.53
CA PRO B 157 -8.99 27.57 -14.72
C PRO B 157 -10.45 27.24 -14.45
N GLU B 158 -11.10 26.59 -15.39
CA GLU B 158 -12.42 25.99 -15.14
C GLU B 158 -12.26 24.90 -14.07
N PRO B 159 -13.35 24.50 -13.42
CA PRO B 159 -14.69 25.07 -13.43
C PRO B 159 -14.99 25.90 -12.19
N VAL B 160 -16.12 26.59 -12.22
CA VAL B 160 -16.76 27.17 -11.06
C VAL B 160 -18.09 26.45 -10.94
N THR B 161 -18.57 26.22 -9.73
CA THR B 161 -19.94 25.78 -9.52
C THR B 161 -20.73 26.97 -8.98
N VAL B 162 -21.94 27.11 -9.47
CA VAL B 162 -22.82 28.21 -9.05
C VAL B 162 -24.13 27.60 -8.61
N SER B 163 -24.69 28.07 -7.51
CA SER B 163 -26.05 27.72 -7.15
C SER B 163 -26.73 28.90 -6.49
N TRP B 164 -28.04 28.80 -6.29
CA TRP B 164 -28.83 29.88 -5.73
C TRP B 164 -29.51 29.46 -4.42
N ASN B 165 -29.28 30.24 -3.37
CA ASN B 165 -29.80 29.97 -2.04
C ASN B 165 -29.42 28.57 -1.58
N SER B 166 -28.12 28.29 -1.63
CA SER B 166 -27.57 27.00 -1.21
C SER B 166 -28.25 25.79 -1.85
N GLY B 167 -28.72 25.94 -3.08
CA GLY B 167 -29.34 24.84 -3.82
C GLY B 167 -30.84 24.76 -3.69
N ALA B 168 -31.41 25.55 -2.76
CA ALA B 168 -32.86 25.58 -2.55
C ALA B 168 -33.62 26.14 -3.76
N LEU B 169 -33.00 27.01 -4.54
CA LEU B 169 -33.67 27.64 -5.67
C LEU B 169 -33.19 27.05 -7.00
N THR B 170 -34.07 26.35 -7.71
CA THR B 170 -33.72 25.73 -8.99
C THR B 170 -34.63 26.12 -10.18
N SER B 171 -35.94 26.26 -9.95
CA SER B 171 -36.83 26.78 -10.99
C SER B 171 -36.40 28.15 -11.49
N GLY B 172 -36.37 28.29 -12.81
CA GLY B 172 -36.01 29.55 -13.44
C GLY B 172 -34.53 29.81 -13.58
N VAL B 173 -33.69 28.90 -13.08
CA VAL B 173 -32.23 29.10 -13.09
C VAL B 173 -31.60 28.69 -14.43
N HIS B 174 -30.72 29.53 -14.94
CA HIS B 174 -29.84 29.18 -16.05
C HIS B 174 -28.42 29.63 -15.74
N THR B 175 -27.53 28.67 -15.64
CA THR B 175 -26.13 28.97 -15.59
C THR B 175 -25.58 28.73 -16.98
N PHE B 176 -25.01 29.77 -17.59
CA PHE B 176 -24.55 29.69 -18.97
C PHE B 176 -23.15 29.10 -19.06
N PRO B 177 -22.84 28.44 -20.19
CA PRO B 177 -21.46 27.98 -20.43
C PRO B 177 -20.45 29.12 -20.27
N ALA B 178 -19.32 28.84 -19.64
CA ALA B 178 -18.27 29.85 -19.47
C ALA B 178 -17.73 30.21 -20.85
N VAL B 179 -17.26 31.45 -20.96
CA VAL B 179 -16.68 31.95 -22.18
C VAL B 179 -15.22 32.27 -21.87
N LEU B 180 -14.32 32.04 -22.84
CA LEU B 180 -12.91 32.38 -22.70
C LEU B 180 -12.61 33.75 -23.30
N GLN B 181 -12.20 34.69 -22.46
CA GLN B 181 -11.96 36.07 -22.91
C GLN B 181 -10.59 36.20 -23.54
N SER B 182 -10.37 37.30 -24.26
CA SER B 182 -9.09 37.52 -24.93
C SER B 182 -7.95 37.71 -23.93
N SER B 183 -8.28 38.02 -22.69
CA SER B 183 -7.29 38.09 -21.62
C SER B 183 -6.74 36.71 -21.24
N GLY B 184 -7.40 35.64 -21.66
CA GLY B 184 -7.02 34.29 -21.27
C GLY B 184 -7.73 33.80 -20.04
N LEU B 185 -8.63 34.63 -19.50
CA LEU B 185 -9.42 34.29 -18.31
C LEU B 185 -10.88 34.00 -18.69
N TYR B 186 -11.55 33.20 -17.87
CA TYR B 186 -12.91 32.79 -18.14
C TYR B 186 -13.92 33.69 -17.47
N SER B 187 -15.13 33.66 -18.00
CA SER B 187 -16.23 34.44 -17.49
C SER B 187 -17.56 33.75 -17.77
N LEU B 188 -18.47 33.81 -16.82
CA LEU B 188 -19.77 33.19 -16.97
C LEU B 188 -20.84 33.96 -16.23
N SER B 189 -22.09 33.77 -16.60
CA SER B 189 -23.17 34.40 -15.88
C SER B 189 -24.18 33.36 -15.50
N SER B 190 -24.88 33.60 -14.39
CA SER B 190 -25.95 32.72 -13.93
C SER B 190 -27.14 33.61 -13.66
N VAL B 191 -28.32 33.23 -14.12
CA VAL B 191 -29.49 34.08 -13.96
C VAL B 191 -30.66 33.31 -13.41
N VAL B 192 -31.57 34.05 -12.78
CA VAL B 192 -32.84 33.51 -12.28
C VAL B 192 -33.93 34.40 -12.83
N THR B 193 -34.99 33.80 -13.36
CA THR B 193 -36.19 34.55 -13.69
C THR B 193 -37.32 34.16 -12.77
N VAL B 194 -38.11 35.14 -12.38
CA VAL B 194 -39.21 34.93 -11.46
C VAL B 194 -40.41 35.70 -11.98
N PRO B 195 -41.64 35.24 -11.68
CA PRO B 195 -42.80 36.07 -12.00
C PRO B 195 -42.66 37.45 -11.35
N SER B 196 -42.95 38.50 -12.13
CA SER B 196 -42.74 39.87 -11.73
C SER B 196 -43.24 40.20 -10.31
N SER B 197 -44.50 39.85 -10.03
CA SER B 197 -45.12 40.16 -8.74
C SER B 197 -44.49 39.45 -7.53
N SER B 198 -43.63 38.48 -7.76
CA SER B 198 -42.97 37.78 -6.67
C SER B 198 -41.62 38.38 -6.31
N LEU B 199 -41.23 39.48 -6.95
CA LEU B 199 -39.84 39.97 -6.80
C LEU B 199 -39.42 40.26 -5.34
N GLY B 200 -40.15 41.10 -4.63
CA GLY B 200 -39.80 41.38 -3.24
C GLY B 200 -40.05 40.24 -2.26
N THR B 201 -40.57 39.13 -2.75
CA THR B 201 -41.09 38.05 -1.90
C THR B 201 -40.01 37.23 -1.22
N GLN B 202 -38.82 37.19 -1.78
CA GLN B 202 -37.74 36.41 -1.21
C GLN B 202 -36.34 36.93 -1.54
N THR B 203 -35.38 36.41 -0.78
CA THR B 203 -33.98 36.77 -0.91
C THR B 203 -33.30 35.89 -1.97
N TYR B 204 -32.42 36.48 -2.75
CA TYR B 204 -31.66 35.73 -3.74
C TYR B 204 -30.17 35.86 -3.49
N ILE B 205 -29.51 34.73 -3.25
CA ILE B 205 -28.08 34.72 -3.00
C ILE B 205 -27.45 33.71 -3.92
N CYS B 206 -26.52 34.14 -4.77
CA CYS B 206 -25.80 33.17 -5.61
C CYS B 206 -24.51 32.73 -4.90
N ASN B 207 -24.32 31.42 -4.84
CA ASN B 207 -23.19 30.82 -4.17
C ASN B 207 -22.23 30.39 -5.25
N VAL B 208 -21.00 30.88 -5.18
CA VAL B 208 -20.00 30.65 -6.22
C VAL B 208 -18.77 30.04 -5.60
N ASN B 209 -18.42 28.85 -6.04
CA ASN B 209 -17.21 28.15 -5.53
C ASN B 209 -16.24 27.95 -6.68
N HIS B 210 -14.95 28.19 -6.39
CA HIS B 210 -13.88 27.94 -7.36
C HIS B 210 -12.76 27.19 -6.68
N LYS B 211 -12.81 25.88 -6.75
CA LYS B 211 -11.89 25.04 -5.96
C LYS B 211 -10.40 25.29 -6.20
N PRO B 212 -9.98 25.47 -7.46
CA PRO B 212 -8.56 25.72 -7.75
C PRO B 212 -7.92 26.92 -7.02
N SER B 213 -8.72 27.94 -6.72
CA SER B 213 -8.22 29.12 -5.99
C SER B 213 -8.78 29.19 -4.59
N ASN B 214 -9.49 28.15 -4.16
CA ASN B 214 -10.14 28.12 -2.85
C ASN B 214 -11.05 29.33 -2.56
N THR B 215 -11.76 29.81 -3.57
CA THR B 215 -12.66 30.92 -3.44
C THR B 215 -14.06 30.39 -3.19
N LYS B 216 -14.68 30.80 -2.08
CA LYS B 216 -16.13 30.67 -1.90
C LYS B 216 -16.74 32.04 -1.69
N VAL B 217 -17.81 32.34 -2.42
CA VAL B 217 -18.50 33.62 -2.30
C VAL B 217 -20.00 33.45 -2.30
N ASP B 218 -20.66 34.10 -1.35
CA ASP B 218 -22.11 34.21 -1.34
C ASP B 218 -22.43 35.69 -1.62
N LYS B 219 -23.12 35.98 -2.71
CA LYS B 219 -23.46 37.35 -3.09
C LYS B 219 -24.97 37.56 -3.09
N LYS B 220 -25.46 38.45 -2.23
CA LYS B 220 -26.88 38.78 -2.22
C LYS B 220 -27.17 39.71 -3.38
N VAL B 221 -28.21 39.40 -4.15
CA VAL B 221 -28.63 40.22 -5.29
C VAL B 221 -29.90 40.96 -4.93
N GLU B 222 -29.73 42.20 -4.47
CA GLU B 222 -30.83 43.04 -4.06
C GLU B 222 -31.45 43.68 -5.32
N PRO B 223 -32.80 43.60 -5.44
CA PRO B 223 -33.50 44.46 -6.39
C PRO B 223 -33.09 45.90 -6.20
N LYS B 224 -32.89 46.61 -7.32
CA LYS B 224 -32.31 47.95 -7.30
C LYS B 224 -32.66 48.69 -8.58
N GLU C 1 -14.78 37.18 59.90
CA GLU C 1 -15.99 38.03 59.64
C GLU C 1 -15.61 39.51 59.62
N LEU C 2 -14.41 39.80 59.12
CA LEU C 2 -13.93 41.16 58.95
C LEU C 2 -14.62 41.86 57.76
N VAL C 3 -15.20 43.04 57.96
CA VAL C 3 -15.86 43.75 56.87
C VAL C 3 -15.08 45.02 56.52
N VAL C 4 -14.64 45.10 55.28
CA VAL C 4 -13.91 46.27 54.78
C VAL C 4 -14.88 47.18 54.04
N THR C 5 -14.91 48.46 54.37
CA THR C 5 -15.89 49.38 53.81
C THR C 5 -15.22 50.55 53.13
N GLN C 6 -15.75 50.93 51.98
CA GLN C 6 -15.25 52.04 51.16
C GLN C 6 -16.43 52.93 50.79
N GLU C 7 -16.16 54.17 50.40
CA GLU C 7 -17.20 55.02 49.84
C GLU C 7 -17.74 54.36 48.56
N SER C 8 -19.03 54.45 48.34
CA SER C 8 -19.65 53.91 47.14
C SER C 8 -19.16 54.59 45.88
N ALA C 9 -19.20 55.92 45.90
CA ALA C 9 -18.92 56.71 44.71
C ALA C 9 -18.32 58.06 45.10
N LEU C 10 -17.38 58.53 44.27
CA LEU C 10 -16.83 59.87 44.39
C LEU C 10 -16.75 60.54 43.01
N THR C 11 -16.87 61.86 43.00
CA THR C 11 -16.74 62.65 41.78
C THR C 11 -15.61 63.63 42.00
N THR C 12 -14.78 63.82 40.99
CA THR C 12 -13.70 64.78 41.04
C THR C 12 -13.46 65.37 39.65
N SER C 13 -12.94 66.59 39.59
CA SER C 13 -12.65 67.25 38.31
C SER C 13 -11.23 66.90 37.88
N PRO C 14 -10.95 67.01 36.56
CA PRO C 14 -9.57 66.78 36.14
C PRO C 14 -8.61 67.78 36.80
N GLY C 15 -7.43 67.33 37.17
CA GLY C 15 -6.46 68.14 37.86
C GLY C 15 -6.64 68.24 39.36
N GLU C 16 -7.82 67.85 39.88
CA GLU C 16 -8.11 67.90 41.32
C GLU C 16 -7.53 66.68 42.03
N THR C 17 -7.37 66.82 43.35
CA THR C 17 -6.86 65.72 44.18
C THR C 17 -8.07 65.05 44.78
N VAL C 18 -8.07 63.72 44.78
CA VAL C 18 -9.17 62.96 45.35
C VAL C 18 -8.59 61.85 46.22
N THR C 19 -9.27 61.54 47.32
CA THR C 19 -8.78 60.56 48.30
C THR C 19 -9.84 59.50 48.57
N LEU C 20 -9.51 58.26 48.26
CA LEU C 20 -10.39 57.13 48.53
C LEU C 20 -9.97 56.53 49.88
N THR C 21 -10.92 56.15 50.73
CA THR C 21 -10.57 55.51 52.00
C THR C 21 -11.11 54.08 52.13
N CYS C 22 -10.58 53.38 53.11
CA CYS C 22 -10.83 51.98 53.29
C CYS C 22 -10.78 51.70 54.79
N ARG C 23 -11.92 51.35 55.39
CA ARG C 23 -11.97 51.09 56.83
C ARG C 23 -12.35 49.66 57.18
N SER C 24 -12.11 49.30 58.43
CA SER C 24 -12.26 47.94 58.91
C SER C 24 -13.17 47.92 60.15
N SER C 25 -13.88 46.81 60.31
CA SER C 25 -14.78 46.61 61.44
C SER C 25 -14.09 45.98 62.65
N SER C 26 -12.84 45.57 62.48
CA SER C 26 -12.03 45.03 63.57
C SER C 26 -11.43 46.15 64.43
N GLY C 27 -11.39 47.35 63.88
CA GLY C 27 -10.71 48.47 64.51
C GLY C 27 -9.85 49.16 63.48
N ALA C 28 -8.85 49.88 63.94
CA ALA C 28 -7.95 50.65 63.09
C ALA C 28 -7.29 49.80 62.04
N VAL C 29 -7.22 50.29 60.82
CA VAL C 29 -6.38 49.70 59.78
C VAL C 29 -4.92 50.04 60.06
N THR C 30 -4.09 49.02 60.20
CA THR C 30 -2.71 49.20 60.57
C THR C 30 -1.77 48.68 59.49
N THR C 31 -0.51 49.03 59.60
CA THR C 31 0.57 48.48 58.77
C THR C 31 0.50 46.97 58.62
N SER C 32 0.13 46.29 59.71
CA SER C 32 0.04 44.82 59.72
C SER C 32 -1.04 44.25 58.78
N ASN C 33 -1.93 45.11 58.29
CA ASN C 33 -2.96 44.71 57.34
C ASN C 33 -2.47 44.72 55.89
N TYR C 34 -1.26 45.26 55.67
CA TYR C 34 -0.69 45.29 54.32
C TYR C 34 -1.73 45.69 53.23
N ALA C 35 -2.33 46.87 53.39
CA ALA C 35 -3.36 47.35 52.50
C ALA C 35 -2.90 47.38 51.03
N THR C 36 -3.74 46.84 50.15
CA THR C 36 -3.50 46.81 48.73
C THR C 36 -4.64 47.50 47.99
N TRP C 37 -4.35 48.13 46.89
CA TRP C 37 -5.40 48.72 46.08
C TRP C 37 -5.35 48.19 44.67
N VAL C 38 -6.53 47.84 44.15
CA VAL C 38 -6.66 47.34 42.80
C VAL C 38 -7.58 48.29 42.01
N GLN C 39 -7.23 48.58 40.77
CA GLN C 39 -8.09 49.38 39.90
C GLN C 39 -8.79 48.44 38.93
N GLU C 40 -10.09 48.65 38.73
CA GLU C 40 -10.85 47.93 37.71
C GLU C 40 -11.41 48.87 36.67
N LYS C 41 -11.09 48.60 35.41
CA LYS C 41 -11.60 49.37 34.27
C LYS C 41 -12.49 48.50 33.40
N PRO C 42 -13.37 49.13 32.57
CA PRO C 42 -14.27 48.42 31.68
C PRO C 42 -13.62 47.23 30.97
N ASP C 43 -14.42 46.21 30.73
CA ASP C 43 -13.93 44.96 30.18
C ASP C 43 -13.18 44.14 31.24
N HIS C 44 -13.44 44.40 32.53
CA HIS C 44 -12.80 43.65 33.64
C HIS C 44 -11.27 43.65 33.52
N LEU C 45 -10.69 44.84 33.43
CA LEU C 45 -9.25 44.95 33.32
C LEU C 45 -8.75 45.42 34.68
N PHE C 46 -7.94 44.59 35.33
CA PHE C 46 -7.49 44.91 36.70
C PHE C 46 -6.03 45.30 36.75
N THR C 47 -5.71 46.19 37.65
CA THR C 47 -4.35 46.65 37.79
C THR C 47 -4.11 46.82 39.26
N GLY C 48 -3.13 46.07 39.79
CA GLY C 48 -2.67 46.27 41.16
C GLY C 48 -1.94 47.60 41.21
N LEU C 49 -2.37 48.48 42.11
CA LEU C 49 -1.82 49.81 42.19
C LEU C 49 -0.85 50.00 43.37
N ILE C 50 -1.28 49.62 44.56
CA ILE C 50 -0.48 49.87 45.77
C ILE C 50 -0.39 48.59 46.56
N GLY C 51 0.76 48.30 47.13
CA GLY C 51 0.92 47.22 48.11
C GLY C 51 1.59 47.73 49.38
N GLY C 52 1.47 46.96 50.46
CA GLY C 52 2.07 47.33 51.73
C GLY C 52 1.72 48.74 52.20
N THR C 53 0.45 49.12 52.03
CA THR C 53 -0.04 50.45 52.44
C THR C 53 0.39 51.62 51.53
N ASN C 54 1.70 51.77 51.30
CA ASN C 54 2.24 52.96 50.65
C ASN C 54 3.37 52.72 49.64
N LYS C 55 3.47 51.47 49.18
CA LYS C 55 4.41 51.09 48.12
C LYS C 55 3.65 51.03 46.78
N ARG C 56 4.03 51.90 45.86
CA ARG C 56 3.48 51.93 44.52
C ARG C 56 4.08 50.79 43.66
N ALA C 57 3.24 50.07 42.91
CA ALA C 57 3.71 48.95 42.09
C ALA C 57 4.44 49.44 40.84
N PRO C 58 5.38 48.63 40.33
CA PRO C 58 6.08 48.95 39.08
C PRO C 58 5.12 49.31 37.95
N GLY C 59 5.46 50.34 37.20
CA GLY C 59 4.63 50.78 36.09
C GLY C 59 3.46 51.66 36.46
N VAL C 60 3.12 51.75 37.73
CA VAL C 60 1.97 52.56 38.15
C VAL C 60 2.34 54.04 38.22
N PRO C 61 1.50 54.93 37.63
CA PRO C 61 1.77 56.36 37.57
C PRO C 61 1.98 56.98 38.94
N ALA C 62 2.91 57.93 39.03
CA ALA C 62 3.30 58.58 40.29
C ALA C 62 2.13 59.30 40.96
N ARG C 63 1.26 59.82 40.12
CA ARG C 63 -0.04 60.38 40.49
C ARG C 63 -0.76 59.62 41.61
N PHE C 64 -0.61 58.29 41.68
CA PHE C 64 -1.23 57.46 42.73
C PHE C 64 -0.30 57.25 43.93
N SER C 65 -0.83 57.38 45.13
CA SER C 65 -0.08 57.02 46.34
C SER C 65 -1.00 56.53 47.44
N GLY C 66 -0.44 55.78 48.38
CA GLY C 66 -1.20 55.18 49.45
C GLY C 66 -0.66 55.57 50.81
N SER C 67 -1.54 55.63 51.80
CA SER C 67 -1.15 56.01 53.13
C SER C 67 -2.20 55.60 54.15
N LEU C 68 -1.98 55.97 55.42
CA LEU C 68 -3.01 55.83 56.45
C LEU C 68 -3.51 57.23 56.81
N ILE C 69 -4.83 57.38 56.97
CA ILE C 69 -5.41 58.60 57.53
C ILE C 69 -6.25 58.19 58.73
N GLY C 70 -5.81 58.53 59.93
CA GLY C 70 -6.42 58.04 61.18
C GLY C 70 -6.68 56.54 61.19
N ASP C 71 -7.95 56.16 61.29
CA ASP C 71 -8.37 54.76 61.29
C ASP C 71 -8.12 54.00 60.00
N ARG C 72 -8.04 54.72 58.88
CA ARG C 72 -8.22 54.11 57.56
C ARG C 72 -6.99 54.04 56.71
N ALA C 73 -7.04 53.18 55.71
CA ALA C 73 -6.10 53.19 54.59
C ALA C 73 -6.68 54.14 53.52
N ALA C 74 -5.79 54.77 52.76
CA ALA C 74 -6.18 55.78 51.80
C ALA C 74 -5.44 55.60 50.48
N LEU C 75 -6.15 55.78 49.38
CA LEU C 75 -5.52 55.96 48.06
C LEU C 75 -5.76 57.39 47.61
N THR C 76 -4.71 58.11 47.34
CA THR C 76 -4.81 59.48 46.87
C THR C 76 -4.44 59.54 45.41
N ILE C 77 -5.24 60.23 44.62
CA ILE C 77 -4.88 60.51 43.23
C ILE C 77 -4.62 62.00 43.13
N THR C 78 -3.38 62.40 42.86
CA THR C 78 -3.02 63.81 42.77
C THR C 78 -3.02 64.28 41.33
N GLY C 79 -4.05 65.01 40.92
CA GLY C 79 -4.16 65.52 39.58
C GLY C 79 -4.89 64.49 38.73
N ALA C 80 -6.12 64.18 39.13
CA ALA C 80 -6.90 63.15 38.47
C ALA C 80 -7.02 63.43 36.98
N GLN C 81 -6.83 62.35 36.19
CA GLN C 81 -6.99 62.37 34.74
C GLN C 81 -8.27 61.63 34.34
N THR C 82 -8.78 61.95 33.16
CA THR C 82 -10.00 61.30 32.66
C THR C 82 -9.87 59.77 32.60
N GLU C 83 -8.66 59.28 32.34
CA GLU C 83 -8.41 57.84 32.33
C GLU C 83 -8.45 57.18 33.72
N ASP C 84 -8.56 57.96 34.78
CA ASP C 84 -8.70 57.41 36.13
C ASP C 84 -10.13 56.97 36.47
N GLU C 85 -11.09 57.17 35.56
CA GLU C 85 -12.45 56.64 35.73
C GLU C 85 -12.41 55.13 35.85
N ALA C 86 -12.86 54.62 36.98
CA ALA C 86 -12.67 53.23 37.30
C ALA C 86 -13.38 52.92 38.60
N ILE C 87 -13.37 51.64 38.96
CA ILE C 87 -13.71 51.21 40.31
C ILE C 87 -12.41 50.86 41.01
N TYR C 88 -12.25 51.37 42.23
CA TYR C 88 -11.06 51.10 43.03
C TYR C 88 -11.44 50.25 44.25
N PHE C 89 -10.77 49.11 44.40
CA PHE C 89 -10.96 48.22 45.52
C PHE C 89 -9.73 48.28 46.43
N CYS C 90 -9.93 48.33 47.75
CA CYS C 90 -8.85 48.08 48.71
C CYS C 90 -9.10 46.68 49.26
N ALA C 91 -8.02 46.05 49.71
CA ALA C 91 -8.07 44.75 50.30
C ALA C 91 -7.15 44.74 51.50
N LEU C 92 -7.59 44.12 52.60
CA LEU C 92 -6.80 44.04 53.84
C LEU C 92 -6.48 42.62 54.15
N TRP C 93 -5.26 42.38 54.62
CA TRP C 93 -4.83 41.06 55.08
C TRP C 93 -5.23 40.90 56.52
N ASN C 94 -5.54 39.67 56.89
CA ASN C 94 -5.98 39.38 58.23
C ASN C 94 -5.67 37.91 58.54
N SER C 95 -4.76 37.69 59.49
CA SER C 95 -4.20 36.37 59.77
C SER C 95 -4.05 35.56 58.46
N ASN C 96 -4.78 34.45 58.34
CA ASN C 96 -4.72 33.62 57.13
C ASN C 96 -5.18 34.26 55.79
N HIS C 97 -5.90 35.40 55.80
CA HIS C 97 -6.78 35.78 54.67
C HIS C 97 -6.64 37.18 54.06
N LEU C 98 -7.28 37.37 52.90
CA LEU C 98 -7.43 38.70 52.27
C LEU C 98 -8.89 39.09 52.14
N VAL C 99 -9.22 40.30 52.52
CA VAL C 99 -10.61 40.74 52.47
C VAL C 99 -10.73 42.03 51.68
N PHE C 100 -11.50 41.97 50.60
CA PHE C 100 -11.77 43.14 49.74
C PHE C 100 -12.86 44.00 50.29
N GLY C 101 -12.71 45.31 50.10
CA GLY C 101 -13.78 46.29 50.29
C GLY C 101 -14.75 46.18 49.15
N GLY C 102 -15.87 46.90 49.25
CA GLY C 102 -16.96 46.84 48.28
C GLY C 102 -16.70 47.64 47.02
N GLY C 103 -15.68 48.48 47.04
CA GLY C 103 -15.29 49.23 45.86
C GLY C 103 -15.87 50.64 45.82
N THR C 104 -15.14 51.55 45.18
CA THR C 104 -15.53 52.92 45.02
C THR C 104 -15.48 53.34 43.55
N LYS C 105 -16.63 53.68 42.97
CA LYS C 105 -16.68 54.24 41.63
C LYS C 105 -16.16 55.68 41.62
N LEU C 106 -15.15 55.95 40.80
CA LEU C 106 -14.64 57.30 40.62
C LEU C 106 -15.15 57.90 39.31
N GLU C 107 -15.97 58.93 39.44
CA GLU C 107 -16.51 59.65 38.30
C GLU C 107 -15.69 60.93 38.05
N ILE C 108 -15.29 61.15 36.80
CA ILE C 108 -14.62 62.39 36.44
C ILE C 108 -15.63 63.38 35.91
N LYS C 109 -15.64 64.56 36.52
CA LYS C 109 -16.62 65.59 36.21
C LYS C 109 -16.31 66.25 34.87
N ARG C 110 -17.36 66.72 34.21
CA ARG C 110 -17.23 67.50 32.99
C ARG C 110 -18.43 68.42 32.82
N THR C 111 -18.40 69.25 31.80
CA THR C 111 -19.52 70.17 31.52
C THR C 111 -20.74 69.36 31.07
N VAL C 112 -21.94 69.85 31.36
CA VAL C 112 -23.16 69.09 31.00
C VAL C 112 -23.22 68.90 29.49
N ALA C 113 -23.56 67.69 29.07
CA ALA C 113 -23.69 67.34 27.66
C ALA C 113 -25.05 66.68 27.47
N ALA C 114 -25.84 67.24 26.56
CA ALA C 114 -27.14 66.68 26.21
C ALA C 114 -26.96 65.38 25.40
N PRO C 115 -27.86 64.43 25.59
CA PRO C 115 -27.82 63.23 24.75
C PRO C 115 -28.30 63.47 23.33
N SER C 116 -27.67 62.80 22.37
CA SER C 116 -28.31 62.54 21.09
C SER C 116 -29.29 61.39 21.29
N VAL C 117 -30.47 61.53 20.70
CA VAL C 117 -31.51 60.53 20.87
C VAL C 117 -31.92 59.91 19.54
N PHE C 118 -32.07 58.59 19.54
CA PHE C 118 -32.44 57.81 18.36
C PHE C 118 -33.44 56.76 18.76
N ILE C 119 -34.39 56.48 17.87
CA ILE C 119 -35.37 55.45 18.07
C ILE C 119 -35.23 54.47 16.89
N PHE C 120 -35.33 53.17 17.19
CA PHE C 120 -35.28 52.14 16.17
C PHE C 120 -36.53 51.28 16.18
N PRO C 121 -37.26 51.23 15.06
CA PRO C 121 -38.39 50.32 15.00
C PRO C 121 -37.91 48.87 14.93
N PRO C 122 -38.78 47.92 15.28
CA PRO C 122 -38.38 46.53 15.15
C PRO C 122 -38.07 46.16 13.71
N SER C 123 -37.12 45.26 13.54
CA SER C 123 -36.79 44.77 12.22
C SER C 123 -37.91 43.86 11.69
N ASP C 124 -38.06 43.80 10.36
CA ASP C 124 -38.99 42.87 9.74
C ASP C 124 -38.68 41.43 10.15
N GLU C 125 -37.41 41.14 10.42
CA GLU C 125 -36.98 39.80 10.84
C GLU C 125 -37.50 39.39 12.21
N GLN C 126 -37.50 40.31 13.16
CA GLN C 126 -38.00 40.02 14.48
C GLN C 126 -39.51 39.78 14.43
N LEU C 127 -40.19 40.61 13.65
CA LEU C 127 -41.64 40.52 13.51
C LEU C 127 -42.05 39.14 13.00
N LYS C 128 -41.25 38.54 12.12
CA LYS C 128 -41.48 37.16 11.69
C LYS C 128 -41.58 36.18 12.87
N SER C 129 -40.85 36.44 13.94
CA SER C 129 -40.78 35.51 15.06
C SER C 129 -41.96 35.64 16.02
N GLY C 130 -42.72 36.73 15.94
CA GLY C 130 -43.89 36.93 16.81
C GLY C 130 -43.77 38.03 17.86
N THR C 131 -42.60 38.62 18.02
CA THR C 131 -42.46 39.71 18.98
C THR C 131 -41.87 40.94 18.30
N ALA C 132 -41.94 42.07 18.99
CA ALA C 132 -41.47 43.33 18.47
C ALA C 132 -40.74 44.10 19.58
N SER C 133 -39.47 44.44 19.36
CA SER C 133 -38.70 45.27 20.29
C SER C 133 -38.45 46.62 19.66
N VAL C 134 -38.77 47.69 20.40
CA VAL C 134 -38.47 49.05 19.98
C VAL C 134 -37.34 49.57 20.84
N VAL C 135 -36.25 50.02 20.23
CA VAL C 135 -35.09 50.46 21.01
C VAL C 135 -34.92 51.97 20.94
N CYS C 136 -34.59 52.57 22.09
CA CYS C 136 -34.29 53.98 22.20
C CYS C 136 -32.86 54.19 22.71
N LEU C 137 -32.05 54.97 21.98
CA LEU C 137 -30.66 55.19 22.38
C LEU C 137 -30.42 56.64 22.81
N LEU C 138 -29.80 56.80 23.98
CA LEU C 138 -29.34 58.10 24.48
C LEU C 138 -27.84 58.08 24.48
N ASN C 139 -27.24 58.89 23.62
CA ASN C 139 -25.81 58.78 23.39
C ASN C 139 -25.00 59.99 23.88
N ASN C 140 -23.96 59.71 24.64
CA ASN C 140 -22.93 60.68 25.05
C ASN C 140 -23.43 61.87 25.86
N PHE C 141 -23.95 61.59 27.04
CA PHE C 141 -24.54 62.59 27.89
C PHE C 141 -23.86 62.60 29.24
N TYR C 142 -23.94 63.77 29.88
CA TYR C 142 -23.46 63.94 31.25
C TYR C 142 -24.26 65.11 31.84
N PRO C 143 -24.67 64.98 33.11
CA PRO C 143 -24.45 63.86 33.99
C PRO C 143 -25.33 62.65 33.64
N ARG C 144 -25.27 61.64 34.50
CA ARG C 144 -25.86 60.36 34.22
C ARG C 144 -27.37 60.30 34.35
N GLU C 145 -27.94 61.11 35.24
CA GLU C 145 -29.38 61.06 35.50
C GLU C 145 -30.16 61.45 34.22
N ALA C 146 -31.11 60.60 33.86
CA ALA C 146 -31.81 60.73 32.58
C ALA C 146 -33.13 59.97 32.70
N LYS C 147 -34.22 60.57 32.29
CA LYS C 147 -35.50 59.89 32.31
C LYS C 147 -35.86 59.52 30.88
N VAL C 148 -36.32 58.30 30.69
CA VAL C 148 -36.86 57.84 29.42
C VAL C 148 -38.30 57.41 29.61
N GLN C 149 -39.20 57.96 28.82
CA GLN C 149 -40.62 57.58 28.87
C GLN C 149 -41.05 57.09 27.50
N TRP C 150 -41.67 55.92 27.48
CA TRP C 150 -42.20 55.35 26.26
C TRP C 150 -43.68 55.66 26.15
N LYS C 151 -44.11 56.03 24.94
CA LYS C 151 -45.52 56.24 24.68
C LYS C 151 -45.94 55.55 23.38
N VAL C 152 -47.10 54.92 23.40
CA VAL C 152 -47.66 54.24 22.23
C VAL C 152 -49.06 54.82 21.96
N ASP C 153 -49.24 55.43 20.79
CA ASP C 153 -50.38 56.29 20.46
C ASP C 153 -50.69 57.31 21.57
N ASN C 154 -49.63 57.92 22.11
CA ASN C 154 -49.70 58.92 23.17
C ASN C 154 -50.08 58.42 24.59
N ALA C 155 -50.18 57.10 24.75
CA ALA C 155 -50.46 56.49 26.06
C ALA C 155 -49.15 56.12 26.74
N LEU C 156 -48.97 56.56 27.98
CA LEU C 156 -47.73 56.32 28.72
C LEU C 156 -47.58 54.83 29.02
N GLN C 157 -46.39 54.29 28.70
CA GLN C 157 -46.12 52.87 28.93
C GLN C 157 -45.55 52.64 30.32
N SER C 158 -45.86 51.47 30.88
CA SER C 158 -45.46 51.12 32.24
C SER C 158 -45.09 49.64 32.39
N GLY C 159 -43.92 49.39 32.97
CA GLY C 159 -43.45 48.04 33.29
C GLY C 159 -43.27 47.04 32.15
N ASN C 160 -43.03 47.53 30.94
CA ASN C 160 -42.73 46.64 29.79
C ASN C 160 -41.53 47.18 29.02
N SER C 161 -40.63 47.82 29.75
CA SER C 161 -39.38 48.30 29.18
C SER C 161 -38.23 48.02 30.11
N GLN C 162 -37.04 47.88 29.53
CA GLN C 162 -35.82 47.68 30.31
C GLN C 162 -34.74 48.58 29.79
N GLU C 163 -33.75 48.80 30.65
CA GLU C 163 -32.84 49.92 30.51
C GLU C 163 -31.47 49.51 30.98
N SER C 164 -30.46 50.12 30.35
CA SER C 164 -29.08 49.72 30.56
C SER C 164 -28.18 50.91 30.25
N VAL C 165 -27.17 51.14 31.06
CA VAL C 165 -26.32 52.32 30.90
C VAL C 165 -24.85 51.89 30.91
N THR C 166 -24.04 52.53 30.10
CA THR C 166 -22.62 52.19 30.02
C THR C 166 -21.87 52.81 31.20
N GLU C 167 -20.63 52.37 31.38
CA GLU C 167 -19.77 53.03 32.34
C GLU C 167 -19.27 54.33 31.72
N GLN C 168 -18.82 55.25 32.56
CA GLN C 168 -18.37 56.53 32.05
C GLN C 168 -17.24 56.29 31.04
N ASP C 169 -17.36 56.90 29.87
CA ASP C 169 -16.37 56.75 28.82
C ASP C 169 -15.08 57.37 29.30
N SER C 170 -13.95 56.68 29.10
CA SER C 170 -12.70 57.17 29.68
C SER C 170 -12.13 58.39 28.98
N LYS C 171 -12.68 58.75 27.82
CA LYS C 171 -12.14 59.81 26.98
C LYS C 171 -12.95 61.08 27.01
N ASP C 172 -14.23 60.98 26.65
CA ASP C 172 -15.12 62.15 26.69
C ASP C 172 -15.91 62.28 28.02
N SER C 173 -15.76 61.29 28.90
CA SER C 173 -16.39 61.28 30.23
C SER C 173 -17.92 61.22 30.19
N THR C 174 -18.47 60.71 29.10
CA THR C 174 -19.92 60.67 28.93
C THR C 174 -20.50 59.28 29.20
N TYR C 175 -21.81 59.22 29.37
CA TYR C 175 -22.54 58.00 29.51
C TYR C 175 -23.41 57.81 28.27
N SER C 176 -23.81 56.56 28.04
CA SER C 176 -24.80 56.24 27.04
C SER C 176 -25.80 55.27 27.64
N LEU C 177 -27.04 55.33 27.12
CA LEU C 177 -28.15 54.56 27.66
C LEU C 177 -28.99 53.93 26.54
N SER C 178 -29.42 52.70 26.78
CA SER C 178 -30.22 51.97 25.83
C SER C 178 -31.48 51.51 26.53
N SER C 179 -32.64 51.72 25.91
CA SER C 179 -33.90 51.24 26.47
C SER C 179 -34.66 50.42 25.43
N THR C 180 -35.26 49.32 25.86
CA THR C 180 -36.07 48.47 24.99
C THR C 180 -37.52 48.37 25.47
N LEU C 181 -38.45 48.66 24.58
CA LEU C 181 -39.84 48.41 24.83
C LEU C 181 -40.19 47.12 24.10
N THR C 182 -40.72 46.14 24.84
CA THR C 182 -41.13 44.87 24.26
C THR C 182 -42.65 44.73 24.29
N LEU C 183 -43.22 44.46 23.13
CA LEU C 183 -44.61 44.04 23.04
C LEU C 183 -44.73 42.93 22.01
N SER C 184 -45.87 42.25 22.00
CA SER C 184 -46.12 41.19 21.05
C SER C 184 -46.36 41.81 19.67
N LYS C 185 -46.13 41.01 18.63
CA LYS C 185 -46.41 41.43 17.26
C LYS C 185 -47.87 41.89 17.13
N ALA C 186 -48.81 41.09 17.63
CA ALA C 186 -50.24 41.44 17.53
C ALA C 186 -50.53 42.80 18.15
N ASP C 187 -49.95 43.07 19.33
CA ASP C 187 -50.13 44.38 19.99
C ASP C 187 -49.40 45.52 19.25
N TYR C 188 -48.24 45.20 18.68
CA TYR C 188 -47.50 46.16 17.86
C TYR C 188 -48.29 46.60 16.61
N GLU C 189 -49.08 45.69 16.04
CA GLU C 189 -49.85 45.99 14.83
C GLU C 189 -51.09 46.83 15.08
N LYS C 190 -51.47 46.97 16.35
CA LYS C 190 -52.67 47.69 16.73
C LYS C 190 -52.45 49.19 16.93
N HIS C 191 -51.21 49.65 16.91
CA HIS C 191 -50.90 51.04 17.21
C HIS C 191 -50.02 51.64 16.14
N LYS C 192 -50.15 52.94 15.95
CA LYS C 192 -49.43 53.66 14.90
C LYS C 192 -48.14 54.33 15.40
N VAL C 193 -48.25 55.14 16.44
CA VAL C 193 -47.16 56.03 16.86
C VAL C 193 -46.38 55.49 18.06
N TYR C 194 -45.08 55.32 17.87
CA TYR C 194 -44.20 54.84 18.91
C TYR C 194 -43.20 55.92 19.20
N ALA C 195 -43.21 56.40 20.44
CA ALA C 195 -42.35 57.52 20.85
C ALA C 195 -41.48 57.19 22.04
N CYS C 196 -40.27 57.74 22.00
CA CYS C 196 -39.31 57.67 23.07
C CYS C 196 -39.12 59.13 23.54
N GLU C 197 -39.46 59.44 24.80
CA GLU C 197 -39.36 60.83 25.34
C GLU C 197 -38.27 60.93 26.42
N VAL C 198 -37.39 61.92 26.30
CA VAL C 198 -36.18 61.98 27.10
C VAL C 198 -36.05 63.33 27.82
N THR C 199 -35.94 63.29 29.14
CA THR C 199 -35.56 64.48 29.90
C THR C 199 -34.14 64.29 30.46
N HIS C 200 -33.38 65.37 30.41
CA HIS C 200 -32.02 65.43 30.91
C HIS C 200 -31.70 66.91 31.20
N GLN C 201 -30.80 67.12 32.15
CA GLN C 201 -30.41 68.45 32.57
C GLN C 201 -29.86 69.32 31.44
N GLY C 202 -29.21 68.69 30.46
CA GLY C 202 -28.67 69.37 29.30
C GLY C 202 -29.71 69.80 28.28
N LEU C 203 -30.94 69.29 28.42
CA LEU C 203 -32.05 69.69 27.55
C LEU C 203 -32.95 70.66 28.30
N SER C 204 -33.28 71.76 27.64
CA SER C 204 -34.13 72.78 28.25
C SER C 204 -35.61 72.40 28.19
N SER C 205 -35.93 71.38 27.41
CA SER C 205 -37.26 70.80 27.43
C SER C 205 -37.12 69.44 26.81
N PRO C 206 -38.00 68.50 27.16
CA PRO C 206 -37.77 67.11 26.73
C PRO C 206 -37.76 66.92 25.20
N VAL C 207 -36.92 66.00 24.75
CA VAL C 207 -36.83 65.61 23.36
C VAL C 207 -37.61 64.31 23.14
N THR C 208 -38.45 64.32 22.11
CA THR C 208 -39.20 63.14 21.72
C THR C 208 -38.73 62.69 20.35
N LYS C 209 -38.46 61.40 20.21
CA LYS C 209 -38.22 60.81 18.90
C LYS C 209 -39.28 59.77 18.67
N SER C 210 -39.85 59.76 17.47
CA SER C 210 -40.92 58.81 17.19
C SER C 210 -40.90 58.32 15.74
N PHE C 211 -41.68 57.30 15.48
CA PHE C 211 -41.86 56.84 14.12
C PHE C 211 -43.27 56.34 14.01
N ASN C 212 -43.78 56.28 12.79
CA ASN C 212 -45.09 55.72 12.54
C ASN C 212 -44.96 54.34 11.94
N ARG C 213 -45.53 53.33 12.60
CA ARG C 213 -45.53 51.96 12.09
C ARG C 213 -45.95 51.93 10.62
N GLY C 214 -45.16 51.25 9.80
CA GLY C 214 -45.44 51.11 8.37
C GLY C 214 -45.32 52.39 7.58
N GLU C 215 -44.37 53.24 7.95
CA GLU C 215 -44.09 54.48 7.20
C GLU C 215 -42.60 54.80 7.24
N GLU D 1 4.75 39.10 26.84
CA GLU D 1 3.70 39.61 27.76
C GLU D 1 3.29 38.54 28.76
N VAL D 2 2.79 38.98 29.90
CA VAL D 2 2.25 38.04 30.85
C VAL D 2 0.91 37.64 30.27
N LYS D 3 0.63 36.34 30.28
CA LYS D 3 -0.67 35.87 29.89
C LYS D 3 -1.23 34.94 30.95
N LEU D 4 -2.50 35.14 31.26
CA LEU D 4 -3.19 34.25 32.19
C LEU D 4 -4.53 33.83 31.57
N LEU D 5 -4.53 32.76 30.78
CA LEU D 5 -5.74 32.30 30.09
C LEU D 5 -6.56 31.31 30.89
N GLU D 6 -7.72 31.73 31.39
CA GLU D 6 -8.63 30.85 32.11
C GLU D 6 -9.51 30.00 31.16
N SER D 7 -9.95 28.84 31.60
CA SER D 7 -10.99 28.09 30.91
C SER D 7 -11.66 27.10 31.84
N GLY D 8 -12.73 26.48 31.35
CA GLY D 8 -13.48 25.48 32.11
C GLY D 8 -14.83 25.97 32.64
N GLY D 9 -15.17 27.22 32.39
CA GLY D 9 -16.44 27.77 32.81
C GLY D 9 -17.59 27.40 31.90
N GLY D 10 -18.79 27.89 32.24
CA GLY D 10 -19.98 27.64 31.47
C GLY D 10 -21.13 27.37 32.39
N LEU D 11 -22.14 26.66 31.89
CA LEU D 11 -23.32 26.29 32.65
C LEU D 11 -23.04 25.07 33.52
N ALA D 12 -23.38 25.15 34.80
CA ALA D 12 -23.35 24.00 35.71
C ALA D 12 -24.67 23.89 36.43
N GLN D 13 -25.05 22.67 36.78
CA GLN D 13 -26.28 22.40 37.49
C GLN D 13 -26.04 22.54 39.00
N PRO D 14 -27.07 22.98 39.74
CA PRO D 14 -26.98 23.07 41.20
C PRO D 14 -26.62 21.73 41.83
N GLY D 15 -25.70 21.75 42.79
CA GLY D 15 -25.21 20.54 43.44
C GLY D 15 -23.97 19.96 42.76
N GLY D 16 -23.82 20.24 41.46
CA GLY D 16 -22.74 19.65 40.68
C GLY D 16 -21.40 20.28 40.95
N SER D 17 -20.35 19.70 40.37
CA SER D 17 -18.99 20.23 40.47
C SER D 17 -18.42 20.66 39.12
N LEU D 18 -17.30 21.37 39.17
CA LEU D 18 -16.71 22.02 37.99
C LEU D 18 -15.22 22.28 38.25
N LYS D 19 -14.38 22.14 37.24
CA LYS D 19 -12.95 22.37 37.39
C LYS D 19 -12.49 23.48 36.45
N LEU D 20 -12.10 24.62 37.04
CA LEU D 20 -11.55 25.72 36.26
C LEU D 20 -10.07 25.52 36.22
N SER D 21 -9.46 26.01 35.16
CA SER D 21 -8.03 25.93 35.00
C SER D 21 -7.52 27.20 34.35
N CYS D 22 -6.22 27.38 34.43
CA CYS D 22 -5.57 28.62 34.05
C CYS D 22 -4.16 28.34 33.62
N ALA D 23 -3.82 28.73 32.42
CA ALA D 23 -2.49 28.48 31.89
C ALA D 23 -1.76 29.82 31.84
N ALA D 24 -0.50 29.81 32.28
CA ALA D 24 0.30 31.01 32.42
C ALA D 24 1.54 30.97 31.52
N SER D 25 1.90 32.13 30.97
CA SER D 25 3.13 32.32 30.24
C SER D 25 3.69 33.72 30.46
N GLY D 26 4.94 33.91 30.06
CA GLY D 26 5.59 35.22 30.12
C GLY D 26 6.25 35.58 31.45
N PHE D 27 6.27 34.63 32.38
CA PHE D 27 6.98 34.81 33.65
C PHE D 27 7.32 33.46 34.28
N ASP D 28 8.24 33.46 35.24
CA ASP D 28 8.68 32.20 35.86
C ASP D 28 7.65 31.71 36.88
N PHE D 29 6.60 31.08 36.35
CA PHE D 29 5.43 30.61 37.12
C PHE D 29 5.79 29.82 38.38
N ARG D 30 6.84 29.00 38.28
CA ARG D 30 7.36 28.25 39.42
C ARG D 30 7.59 29.04 40.69
N ARG D 31 7.94 30.32 40.54
CA ARG D 31 8.41 31.11 41.67
C ARG D 31 7.31 31.88 42.37
N TYR D 32 6.14 31.96 41.77
CA TYR D 32 5.14 32.89 42.21
C TYR D 32 4.00 32.22 42.95
N TRP D 33 3.46 32.94 43.95
CA TRP D 33 2.18 32.60 44.57
C TRP D 33 1.07 32.91 43.58
N MET D 34 0.01 32.12 43.62
CA MET D 34 -1.11 32.31 42.71
C MET D 34 -2.40 32.39 43.49
N THR D 35 -3.37 33.11 42.97
CA THR D 35 -4.63 33.38 43.68
C THR D 35 -5.82 33.19 42.75
N TRP D 36 -6.97 32.84 43.32
CA TRP D 36 -8.26 32.90 42.61
C TRP D 36 -9.14 33.95 43.26
N VAL D 37 -9.82 34.74 42.43
CA VAL D 37 -10.74 35.75 42.89
C VAL D 37 -12.01 35.61 42.06
N ARG D 38 -13.15 35.97 42.61
CA ARG D 38 -14.38 35.95 41.85
C ARG D 38 -15.23 37.20 42.00
N GLN D 39 -16.11 37.42 41.04
CA GLN D 39 -16.99 38.57 41.06
C GLN D 39 -18.38 38.21 40.54
N ALA D 40 -19.35 38.11 41.45
CA ALA D 40 -20.75 37.89 41.04
C ALA D 40 -21.27 39.09 40.23
N PRO D 41 -22.33 38.86 39.42
CA PRO D 41 -22.85 39.92 38.53
C PRO D 41 -23.29 41.17 39.30
N GLY D 42 -22.77 42.32 38.88
CA GLY D 42 -23.07 43.61 39.51
C GLY D 42 -22.55 43.78 40.94
N LYS D 43 -21.61 42.94 41.38
CA LYS D 43 -21.15 42.94 42.77
C LYS D 43 -19.64 43.10 42.85
N GLY D 44 -19.13 43.11 44.08
CA GLY D 44 -17.72 43.35 44.33
C GLY D 44 -16.88 42.09 44.24
N LEU D 45 -15.59 42.25 44.52
CA LEU D 45 -14.63 41.15 44.43
C LEU D 45 -14.66 40.30 45.70
N GLU D 46 -14.40 39.01 45.52
CA GLU D 46 -14.36 38.08 46.63
C GLU D 46 -13.14 37.16 46.48
N TRP D 47 -12.19 37.31 47.39
CA TRP D 47 -11.02 36.45 47.45
C TRP D 47 -11.41 35.00 47.79
N ILE D 48 -10.97 34.06 46.98
CA ILE D 48 -11.26 32.65 47.20
C ILE D 48 -10.10 31.99 47.95
N GLY D 49 -8.89 32.10 47.41
CA GLY D 49 -7.73 31.51 48.05
C GLY D 49 -6.45 31.71 47.27
N GLU D 50 -5.36 31.15 47.79
CA GLU D 50 -4.01 31.32 47.23
C GLU D 50 -3.20 30.06 47.44
N ILE D 51 -2.26 29.83 46.55
CA ILE D 51 -1.35 28.71 46.68
C ILE D 51 0.09 29.18 46.44
N ASN D 52 1.00 28.68 47.25
CA ASN D 52 2.42 29.02 47.11
C ASN D 52 3.05 28.15 46.03
N PRO D 53 4.29 28.46 45.61
CA PRO D 53 4.98 27.68 44.57
C PRO D 53 4.98 26.14 44.73
N ASP D 54 5.31 25.64 45.93
CA ASP D 54 5.43 24.19 46.12
C ASP D 54 4.17 23.49 46.67
N SER D 55 3.03 24.19 46.66
CA SER D 55 1.71 23.62 46.94
C SER D 55 1.49 23.14 48.38
N ARG D 56 2.23 23.72 49.31
CA ARG D 56 2.22 23.28 50.70
C ARG D 56 1.51 24.24 51.61
N THR D 57 1.41 25.49 51.18
CA THR D 57 0.57 26.48 51.83
C THR D 57 -0.56 26.82 50.87
N ILE D 58 -1.77 26.42 51.23
CA ILE D 58 -2.95 26.73 50.46
C ILE D 58 -3.96 27.36 51.42
N ASN D 59 -4.12 28.68 51.35
CA ASN D 59 -5.03 29.40 52.24
C ASN D 59 -6.32 29.71 51.52
N TYR D 60 -7.42 29.58 52.23
CA TYR D 60 -8.75 29.76 51.66
C TYR D 60 -9.53 30.80 52.41
N MET D 61 -10.51 31.32 51.71
CA MET D 61 -11.63 32.02 52.31
C MET D 61 -12.37 31.08 53.30
N PRO D 62 -12.96 31.65 54.37
CA PRO D 62 -13.88 30.87 55.22
C PRO D 62 -15.07 30.26 54.47
N SER D 63 -15.26 28.94 54.63
CA SER D 63 -16.36 28.22 54.00
C SER D 63 -16.35 26.79 54.58
N LEU D 64 -17.01 25.83 53.94
CA LEU D 64 -16.97 24.44 54.40
C LEU D 64 -15.89 23.62 53.65
N LYS D 65 -15.60 22.41 54.16
CA LYS D 65 -14.52 21.55 53.61
C LYS D 65 -14.70 21.25 52.10
N ASP D 66 -13.60 21.29 51.36
CA ASP D 66 -13.60 20.94 49.94
C ASP D 66 -14.67 21.69 49.14
N LYS D 67 -15.11 22.86 49.62
CA LYS D 67 -15.98 23.70 48.83
C LYS D 67 -15.14 24.15 47.65
N PHE D 68 -13.94 24.59 47.96
CA PHE D 68 -12.99 24.93 46.94
C PHE D 68 -11.78 24.06 47.13
N ILE D 69 -11.23 23.57 46.04
CA ILE D 69 -9.89 23.00 46.09
C ILE D 69 -9.00 23.69 45.06
N ILE D 70 -7.94 24.35 45.55
CA ILE D 70 -6.95 24.98 44.68
C ILE D 70 -5.76 24.04 44.57
N SER D 71 -5.27 23.87 43.34
CA SER D 71 -4.02 23.17 43.08
C SER D 71 -3.28 23.83 41.91
N ARG D 72 -2.06 23.38 41.69
CA ARG D 72 -1.25 23.89 40.59
C ARG D 72 -0.37 22.76 40.08
N ASP D 73 0.03 22.89 38.83
CA ASP D 73 0.98 21.96 38.20
C ASP D 73 2.06 22.81 37.54
N ASN D 74 3.18 22.99 38.24
CA ASN D 74 4.26 23.88 37.80
C ASN D 74 4.92 23.47 36.48
N ALA D 75 4.88 22.17 36.16
CA ALA D 75 5.43 21.65 34.92
C ALA D 75 4.58 22.07 33.72
N LYS D 76 3.29 22.32 33.96
CA LYS D 76 2.36 22.81 32.91
C LYS D 76 2.04 24.30 33.04
N ASN D 77 2.79 25.00 33.87
CA ASN D 77 2.52 26.39 34.20
C ASN D 77 1.03 26.67 34.41
N SER D 78 0.37 25.81 35.19
CA SER D 78 -1.08 25.86 35.29
C SER D 78 -1.59 25.88 36.72
N LEU D 79 -2.70 26.58 36.89
CA LEU D 79 -3.37 26.71 38.17
C LEU D 79 -4.76 26.13 38.01
N TYR D 80 -5.29 25.52 39.07
CA TYR D 80 -6.60 24.87 39.01
C TYR D 80 -7.47 25.26 40.16
N LEU D 81 -8.78 25.31 39.91
CA LEU D 81 -9.78 25.56 40.96
C LEU D 81 -10.93 24.59 40.80
N GLN D 82 -11.09 23.71 41.77
CA GLN D 82 -12.20 22.77 41.75
C GLN D 82 -13.36 23.26 42.60
N LEU D 83 -14.55 23.35 41.98
CA LEU D 83 -15.78 23.80 42.62
C LEU D 83 -16.67 22.60 42.82
N SER D 84 -17.26 22.47 44.00
CA SER D 84 -18.26 21.43 44.24
C SER D 84 -19.44 22.01 45.02
N ARG D 85 -20.49 21.21 45.20
CA ARG D 85 -21.72 21.65 45.89
C ARG D 85 -22.20 23.02 45.38
N LEU D 86 -22.34 23.13 44.06
CA LEU D 86 -22.61 24.41 43.43
C LEU D 86 -24.03 24.94 43.69
N ARG D 87 -24.08 26.22 44.05
CA ARG D 87 -25.32 26.97 44.20
C ARG D 87 -25.27 28.25 43.35
N SER D 88 -26.42 28.89 43.21
CA SER D 88 -26.54 30.08 42.37
C SER D 88 -25.63 31.20 42.87
N GLU D 89 -25.37 31.24 44.17
CA GLU D 89 -24.43 32.21 44.74
C GLU D 89 -22.99 32.05 44.18
N ASP D 90 -22.67 30.86 43.67
CA ASP D 90 -21.36 30.63 43.06
C ASP D 90 -21.30 31.13 41.60
N SER D 91 -22.42 31.58 41.04
CA SER D 91 -22.41 32.18 39.72
C SER D 91 -21.62 33.47 39.74
N ALA D 92 -20.58 33.53 38.90
CA ALA D 92 -19.66 34.66 38.91
C ALA D 92 -18.61 34.55 37.78
N LEU D 93 -17.84 35.63 37.61
CA LEU D 93 -16.60 35.58 36.85
C LEU D 93 -15.47 35.15 37.79
N TYR D 94 -14.68 34.18 37.36
CA TYR D 94 -13.56 33.70 38.19
C TYR D 94 -12.25 34.14 37.56
N TYR D 95 -11.44 34.84 38.34
CA TYR D 95 -10.16 35.36 37.88
C TYR D 95 -8.97 34.63 38.48
N CYS D 96 -8.11 34.22 37.57
CA CYS D 96 -6.75 33.78 37.82
C CYS D 96 -5.87 34.99 38.06
N VAL D 97 -5.21 35.05 39.22
CA VAL D 97 -4.46 36.28 39.59
C VAL D 97 -3.11 35.97 40.17
N ARG D 98 -2.07 36.63 39.65
CA ARG D 98 -0.72 36.45 40.17
C ARG D 98 -0.48 37.38 41.36
N LEU D 99 0.09 36.80 42.42
CA LEU D 99 0.41 37.52 43.65
C LEU D 99 1.90 37.74 43.69
N ASP D 100 2.31 39.00 43.73
CA ASP D 100 3.71 39.38 43.86
C ASP D 100 4.07 39.65 45.33
N PHE D 101 4.99 38.83 45.85
CA PHE D 101 5.36 38.74 47.27
C PHE D 101 6.65 39.51 47.45
N ASP D 102 6.98 39.84 48.69
CA ASP D 102 8.23 40.54 48.97
C ASP D 102 8.33 40.84 50.46
N VAL D 103 8.87 39.87 51.20
CA VAL D 103 8.90 39.94 52.66
C VAL D 103 9.73 41.12 53.16
N TYR D 104 10.81 41.44 52.46
CA TYR D 104 11.70 42.55 52.85
C TYR D 104 11.00 43.91 52.79
N ASN D 105 10.30 44.16 51.68
CA ASN D 105 9.57 45.40 51.45
C ASN D 105 8.24 45.47 52.22
N HIS D 106 7.77 44.36 52.77
CA HIS D 106 6.45 44.27 53.42
C HIS D 106 5.36 44.51 52.37
N TYR D 107 5.38 43.71 51.32
CA TYR D 107 4.67 44.07 50.09
C TYR D 107 4.05 42.84 49.42
N TYR D 108 2.73 42.90 49.20
CA TYR D 108 1.96 41.82 48.59
C TYR D 108 0.93 42.45 47.66
N VAL D 109 1.10 42.29 46.35
CA VAL D 109 0.20 42.90 45.38
C VAL D 109 -0.38 41.85 44.43
N LEU D 110 -1.66 42.01 44.11
CA LEU D 110 -2.30 41.21 43.07
C LEU D 110 -2.07 41.96 41.78
N ASP D 111 -1.01 41.61 41.07
CA ASP D 111 -0.53 42.46 39.96
C ASP D 111 -1.05 42.10 38.57
N TYR D 112 -1.06 40.82 38.19
CA TYR D 112 -1.62 40.45 36.88
C TYR D 112 -2.87 39.62 37.06
N TRP D 113 -3.90 39.99 36.32
CA TRP D 113 -5.19 39.34 36.39
C TRP D 113 -5.56 38.77 35.04
N GLY D 114 -6.08 37.56 35.03
CA GLY D 114 -6.66 37.01 33.81
C GLY D 114 -7.97 37.69 33.45
N GLN D 115 -8.50 37.40 32.26
CA GLN D 115 -9.76 38.01 31.85
C GLN D 115 -10.98 37.40 32.54
N GLY D 116 -10.83 36.18 33.02
CA GLY D 116 -11.88 35.50 33.77
C GLY D 116 -12.66 34.54 32.92
N THR D 117 -13.20 33.50 33.55
CA THR D 117 -14.10 32.59 32.86
C THR D 117 -15.46 32.62 33.59
N SER D 118 -16.55 32.64 32.82
CA SER D 118 -17.86 32.77 33.42
C SER D 118 -18.40 31.42 33.86
N VAL D 119 -18.99 31.38 35.06
CA VAL D 119 -19.67 30.22 35.59
C VAL D 119 -21.08 30.64 35.96
N THR D 120 -22.07 29.92 35.42
CA THR D 120 -23.47 30.10 35.82
C THR D 120 -24.01 28.80 36.40
N VAL D 121 -24.61 28.88 37.58
CA VAL D 121 -25.24 27.72 38.20
C VAL D 121 -26.75 27.85 38.01
N SER D 122 -27.33 26.94 37.23
CA SER D 122 -28.76 26.98 36.90
C SER D 122 -29.19 25.64 36.26
N SER D 123 -30.42 25.22 36.51
CA SER D 123 -30.95 24.02 35.83
C SER D 123 -31.69 24.38 34.53
N ALA D 124 -31.64 25.65 34.16
CA ALA D 124 -32.10 26.14 32.85
C ALA D 124 -31.16 25.73 31.73
N SER D 125 -31.70 25.56 30.53
CA SER D 125 -30.90 25.10 29.41
C SER D 125 -30.37 26.27 28.64
N THR D 126 -29.34 25.98 27.85
CA THR D 126 -28.69 26.97 27.01
C THR D 126 -29.66 27.45 25.93
N LYS D 127 -29.53 28.71 25.57
CA LYS D 127 -30.31 29.24 24.46
C LYS D 127 -29.51 30.25 23.69
N GLY D 128 -29.36 30.02 22.39
CA GLY D 128 -28.64 30.92 21.53
C GLY D 128 -29.46 32.16 21.27
N PRO D 129 -28.80 33.29 20.99
CA PRO D 129 -29.49 34.55 20.71
C PRO D 129 -29.96 34.68 19.28
N SER D 130 -31.03 35.43 19.09
CA SER D 130 -31.37 35.99 17.78
C SER D 130 -30.68 37.34 17.67
N VAL D 131 -30.21 37.68 16.49
CA VAL D 131 -29.52 38.95 16.29
C VAL D 131 -30.32 39.78 15.31
N PHE D 132 -30.75 40.96 15.72
CA PHE D 132 -31.56 41.81 14.86
C PHE D 132 -30.87 43.14 14.58
N PRO D 133 -30.96 43.61 13.33
CA PRO D 133 -30.38 44.89 13.01
C PRO D 133 -31.16 46.06 13.62
N LEU D 134 -30.45 47.08 14.04
CA LEU D 134 -31.01 48.38 14.34
C LEU D 134 -30.59 49.32 13.22
N ALA D 135 -31.39 49.38 12.16
CA ALA D 135 -31.02 50.10 10.93
C ALA D 135 -30.91 51.58 11.13
N PRO D 136 -29.88 52.21 10.54
CA PRO D 136 -29.79 53.67 10.51
C PRO D 136 -30.60 54.29 9.42
N SER D 137 -30.91 55.56 9.59
CA SER D 137 -31.54 56.34 8.52
C SER D 137 -30.83 57.66 8.37
N SER D 138 -30.57 58.01 7.11
CA SER D 138 -30.08 59.34 6.73
C SER D 138 -30.98 60.46 7.30
N LYS D 139 -32.26 60.14 7.51
CA LYS D 139 -33.26 61.08 8.02
C LYS D 139 -33.35 61.12 9.55
N SER D 140 -32.67 60.22 10.24
CA SER D 140 -32.74 60.13 11.71
C SER D 140 -31.38 60.43 12.35
N THR D 141 -30.85 61.62 12.09
CA THR D 141 -29.56 62.02 12.66
C THR D 141 -29.75 62.94 13.85
N SER D 142 -28.83 62.85 14.79
CA SER D 142 -28.85 63.65 16.00
C SER D 142 -27.39 63.98 16.42
N GLY D 143 -27.18 65.24 16.82
CA GLY D 143 -25.85 65.73 17.20
C GLY D 143 -24.80 65.49 16.14
N GLY D 144 -25.17 65.70 14.87
CA GLY D 144 -24.29 65.48 13.73
C GLY D 144 -23.90 64.03 13.48
N THR D 145 -24.63 63.09 14.06
CA THR D 145 -24.28 61.69 13.91
C THR D 145 -25.47 60.82 13.47
N ALA D 146 -25.16 59.69 12.86
CA ALA D 146 -26.12 58.63 12.57
C ALA D 146 -25.79 57.45 13.48
N ALA D 147 -26.82 56.76 13.96
CA ALA D 147 -26.64 55.62 14.85
C ALA D 147 -27.13 54.34 14.20
N LEU D 148 -26.40 53.26 14.40
CA LEU D 148 -26.85 51.95 13.95
C LEU D 148 -26.41 50.89 14.94
N GLY D 149 -27.01 49.72 14.88
CA GLY D 149 -26.70 48.70 15.87
C GLY D 149 -27.26 47.32 15.66
N CYS D 150 -27.07 46.49 16.68
CA CYS D 150 -27.58 45.13 16.75
C CYS D 150 -28.26 44.87 18.07
N LEU D 151 -29.46 44.30 18.00
CA LEU D 151 -30.17 43.81 19.16
C LEU D 151 -29.82 42.33 19.28
N VAL D 152 -29.11 41.96 20.35
CA VAL D 152 -28.79 40.56 20.59
C VAL D 152 -29.73 40.03 21.66
N LYS D 153 -30.72 39.26 21.23
CA LYS D 153 -31.87 38.98 22.08
C LYS D 153 -32.15 37.48 22.43
N ASP D 154 -32.60 37.26 23.66
CA ASP D 154 -33.11 36.00 24.17
C ASP D 154 -32.07 34.87 24.25
N TYR D 155 -31.01 35.12 25.01
CA TYR D 155 -29.95 34.14 25.19
C TYR D 155 -29.76 33.76 26.65
N PHE D 156 -29.13 32.61 26.85
CA PHE D 156 -28.79 32.12 28.17
C PHE D 156 -27.72 31.06 28.06
N PRO D 157 -26.70 31.10 28.93
CA PRO D 157 -26.43 32.14 29.93
C PRO D 157 -25.56 33.21 29.35
N GLU D 158 -25.14 34.15 30.19
CA GLU D 158 -24.07 35.08 29.84
C GLU D 158 -22.76 34.29 29.64
N PRO D 159 -21.79 34.85 28.92
CA PRO D 159 -21.84 36.10 28.16
C PRO D 159 -22.02 35.89 26.65
N VAL D 160 -22.18 37.00 25.94
CA VAL D 160 -21.99 37.08 24.50
C VAL D 160 -20.88 38.08 24.28
N THR D 161 -20.02 37.85 23.29
CA THR D 161 -19.08 38.86 22.84
C THR D 161 -19.62 39.48 21.54
N VAL D 162 -19.50 40.79 21.43
CA VAL D 162 -19.96 41.50 20.25
C VAL D 162 -18.84 42.38 19.74
N SER D 163 -18.61 42.36 18.43
CA SER D 163 -17.68 43.31 17.82
C SER D 163 -18.21 43.77 16.47
N TRP D 164 -17.54 44.75 15.90
CA TRP D 164 -17.95 45.31 14.63
C TRP D 164 -16.85 45.20 13.58
N ASN D 165 -17.20 44.60 12.44
CA ASN D 165 -16.28 44.40 11.33
C ASN D 165 -15.04 43.65 11.82
N SER D 166 -15.28 42.53 12.48
CA SER D 166 -14.21 41.68 13.00
C SER D 166 -13.20 42.46 13.86
N GLY D 167 -13.66 43.45 14.59
CA GLY D 167 -12.78 44.18 15.51
C GLY D 167 -12.09 45.38 14.90
N ALA D 168 -12.21 45.55 13.58
CA ALA D 168 -11.63 46.69 12.88
C ALA D 168 -12.33 48.00 13.26
N LEU D 169 -13.59 47.94 13.70
CA LEU D 169 -14.34 49.16 14.00
C LEU D 169 -14.55 49.32 15.50
N THR D 170 -13.90 50.33 16.09
CA THR D 170 -13.98 50.55 17.54
C THR D 170 -14.46 51.94 17.96
N SER D 171 -14.01 52.99 17.27
CA SER D 171 -14.56 54.34 17.48
C SER D 171 -16.07 54.39 17.35
N GLY D 172 -16.71 55.04 18.32
CA GLY D 172 -18.18 55.19 18.30
C GLY D 172 -18.97 53.99 18.77
N VAL D 173 -18.29 52.90 19.16
CA VAL D 173 -18.97 51.68 19.57
C VAL D 173 -19.35 51.70 21.06
N HIS D 174 -20.60 51.34 21.37
CA HIS D 174 -21.03 51.07 22.73
C HIS D 174 -21.79 49.75 22.80
N THR D 175 -21.23 48.79 23.52
CA THR D 175 -21.95 47.57 23.83
C THR D 175 -22.47 47.69 25.24
N PHE D 176 -23.79 47.60 25.37
CA PHE D 176 -24.47 47.88 26.62
C PHE D 176 -24.52 46.66 27.53
N PRO D 177 -24.49 46.89 28.85
CA PRO D 177 -24.66 45.75 29.76
C PRO D 177 -25.93 44.94 29.39
N ALA D 178 -25.82 43.62 29.45
CA ALA D 178 -26.97 42.77 29.20
C ALA D 178 -27.99 43.04 30.28
N VAL D 179 -29.26 42.87 29.92
CA VAL D 179 -30.40 42.99 30.83
C VAL D 179 -31.07 41.61 30.94
N LEU D 180 -31.55 41.27 32.13
CA LEU D 180 -32.27 40.01 32.34
C LEU D 180 -33.78 40.22 32.24
N GLN D 181 -34.41 39.59 31.26
CA GLN D 181 -35.82 39.78 30.98
C GLN D 181 -36.66 38.92 31.92
N SER D 182 -37.95 39.25 32.02
CA SER D 182 -38.86 38.50 32.88
C SER D 182 -39.05 37.05 32.41
N SER D 183 -38.72 36.78 31.15
CA SER D 183 -38.70 35.42 30.62
C SER D 183 -37.58 34.57 31.23
N GLY D 184 -36.60 35.21 31.87
CA GLY D 184 -35.42 34.51 32.38
C GLY D 184 -34.28 34.49 31.37
N LEU D 185 -34.49 35.10 30.21
CA LEU D 185 -33.46 35.16 29.18
C LEU D 185 -32.81 36.56 29.15
N TYR D 186 -31.55 36.61 28.69
CA TYR D 186 -30.83 37.87 28.56
C TYR D 186 -31.01 38.53 27.20
N SER D 187 -30.77 39.83 27.20
CA SER D 187 -30.83 40.63 26.00
C SER D 187 -29.90 41.82 26.12
N LEU D 188 -29.26 42.18 25.01
CA LEU D 188 -28.32 43.29 24.99
C LEU D 188 -28.31 43.99 23.62
N SER D 189 -27.90 45.25 23.58
CA SER D 189 -27.76 45.92 22.31
C SER D 189 -26.35 46.47 22.18
N SER D 190 -25.88 46.56 20.94
CA SER D 190 -24.58 47.16 20.62
C SER D 190 -24.83 48.19 19.52
N VAL D 191 -24.31 49.40 19.71
CA VAL D 191 -24.53 50.46 18.75
C VAL D 191 -23.23 51.10 18.27
N VAL D 192 -23.29 51.66 17.07
CA VAL D 192 -22.19 52.44 16.50
C VAL D 192 -22.79 53.79 16.09
N THR D 193 -22.09 54.87 16.44
CA THR D 193 -22.43 56.17 15.88
C THR D 193 -21.34 56.59 14.94
N VAL D 194 -21.74 57.23 13.86
CA VAL D 194 -20.83 57.72 12.84
C VAL D 194 -21.28 59.11 12.42
N PRO D 195 -20.34 59.96 11.98
CA PRO D 195 -20.75 61.24 11.41
C PRO D 195 -21.70 61.01 10.25
N SER D 196 -22.80 61.76 10.25
CA SER D 196 -23.89 61.59 9.30
C SER D 196 -23.44 61.41 7.87
N SER D 197 -22.59 62.32 7.38
CA SER D 197 -22.15 62.29 5.98
C SER D 197 -21.30 61.08 5.59
N SER D 198 -20.86 60.30 6.57
CA SER D 198 -20.08 59.10 6.29
C SER D 198 -20.91 57.84 6.19
N LEU D 199 -22.24 57.95 6.27
CA LEU D 199 -23.10 56.75 6.41
C LEU D 199 -22.92 55.73 5.29
N GLY D 200 -23.11 56.16 4.04
CA GLY D 200 -22.93 55.23 2.91
C GLY D 200 -21.49 54.79 2.63
N THR D 201 -20.55 55.33 3.39
CA THR D 201 -19.12 55.21 3.10
C THR D 201 -18.55 53.82 3.36
N GLN D 202 -19.16 53.06 4.25
CA GLN D 202 -18.64 51.74 4.58
C GLN D 202 -19.69 50.77 5.07
N THR D 203 -19.29 49.51 5.08
CA THR D 203 -20.15 48.40 5.50
C THR D 203 -20.04 48.23 7.00
N TYR D 204 -21.15 47.90 7.65
CA TYR D 204 -21.16 47.63 9.08
C TYR D 204 -21.68 46.24 9.34
N ILE D 205 -20.85 45.40 9.94
CA ILE D 205 -21.25 44.04 10.29
C ILE D 205 -21.00 43.85 11.77
N CYS D 206 -22.02 43.48 12.52
CA CYS D 206 -21.77 43.11 13.90
C CYS D 206 -21.56 41.61 14.00
N ASN D 207 -20.51 41.23 14.73
CA ASN D 207 -20.13 39.83 14.91
C ASN D 207 -20.48 39.45 16.32
N VAL D 208 -21.36 38.44 16.44
CA VAL D 208 -21.92 38.02 17.72
C VAL D 208 -21.58 36.55 17.96
N ASN D 209 -20.86 36.28 19.05
CA ASN D 209 -20.52 34.91 19.43
C ASN D 209 -21.13 34.60 20.78
N HIS D 210 -21.69 33.41 20.91
CA HIS D 210 -22.22 32.92 22.18
C HIS D 210 -21.73 31.49 22.37
N LYS D 211 -20.61 31.36 23.08
CA LYS D 211 -19.92 30.09 23.25
C LYS D 211 -20.78 28.95 23.83
N PRO D 212 -21.54 29.22 24.89
CA PRO D 212 -22.35 28.15 25.50
C PRO D 212 -23.30 27.43 24.54
N SER D 213 -23.79 28.13 23.52
CA SER D 213 -24.69 27.52 22.52
C SER D 213 -24.02 27.35 21.17
N ASN D 214 -22.71 27.58 21.11
CA ASN D 214 -21.95 27.51 19.86
C ASN D 214 -22.55 28.33 18.70
N THR D 215 -23.08 29.50 19.02
CA THR D 215 -23.69 30.40 18.04
C THR D 215 -22.67 31.45 17.59
N LYS D 216 -22.35 31.48 16.30
CA LYS D 216 -21.63 32.60 15.69
C LYS D 216 -22.46 33.22 14.59
N VAL D 217 -22.64 34.52 14.65
CA VAL D 217 -23.45 35.23 13.66
C VAL D 217 -22.81 36.54 13.24
N ASP D 218 -22.76 36.75 11.93
CA ASP D 218 -22.31 38.00 11.34
C ASP D 218 -23.53 38.63 10.65
N LYS D 219 -23.99 39.77 11.17
CA LYS D 219 -25.19 40.44 10.64
C LYS D 219 -24.84 41.77 10.00
N LYS D 220 -25.09 41.90 8.70
CA LYS D 220 -24.87 43.18 8.02
C LYS D 220 -26.01 44.13 8.36
N VAL D 221 -25.67 45.36 8.75
CA VAL D 221 -26.66 46.37 9.11
C VAL D 221 -26.72 47.42 8.02
N GLU D 222 -27.73 47.33 7.15
CA GLU D 222 -27.95 48.24 6.02
C GLU D 222 -28.76 49.47 6.43
N PRO D 223 -28.28 50.68 6.08
CA PRO D 223 -29.17 51.84 6.06
C PRO D 223 -30.53 51.53 5.45
N LYS D 224 -31.60 51.87 6.16
CA LYS D 224 -32.97 51.72 5.65
C LYS D 224 -33.93 52.77 6.25
N GLU E 1 4.91 6.83 27.10
CA GLU E 1 5.79 6.28 28.18
C GLU E 1 7.26 6.75 27.96
N LEU E 2 8.15 6.32 28.84
CA LEU E 2 9.58 6.63 28.76
C LEU E 2 10.14 6.35 27.36
N VAL E 3 10.83 7.33 26.78
CA VAL E 3 11.48 7.19 25.47
C VAL E 3 13.00 7.38 25.60
N VAL E 4 13.76 6.36 25.19
CA VAL E 4 15.22 6.41 25.25
C VAL E 4 15.74 6.79 23.88
N THR E 5 16.59 7.82 23.80
CA THR E 5 17.08 8.35 22.53
C THR E 5 18.60 8.28 22.42
N GLN E 6 19.06 7.87 21.24
CA GLN E 6 20.49 7.76 20.91
C GLN E 6 20.74 8.50 19.61
N GLU E 7 21.99 8.87 19.36
CA GLU E 7 22.37 9.38 18.05
C GLU E 7 22.08 8.29 17.00
N SER E 8 21.60 8.70 15.83
CA SER E 8 21.31 7.77 14.72
C SER E 8 22.55 7.09 14.18
N ALA E 9 23.60 7.89 13.93
CA ALA E 9 24.81 7.42 13.29
C ALA E 9 26.01 8.23 13.72
N LEU E 10 27.15 7.56 13.83
CA LEU E 10 28.42 8.20 14.09
C LEU E 10 29.52 7.58 13.22
N THR E 11 30.50 8.40 12.88
CA THR E 11 31.63 7.96 12.08
C THR E 11 32.90 8.22 12.88
N THR E 12 33.82 7.27 12.87
CA THR E 12 35.10 7.42 13.55
C THR E 12 36.18 6.72 12.77
N SER E 13 37.42 7.17 12.93
CA SER E 13 38.56 6.53 12.27
C SER E 13 39.15 5.45 13.17
N PRO E 14 39.86 4.48 12.58
CA PRO E 14 40.53 3.49 13.44
C PRO E 14 41.54 4.14 14.38
N GLY E 15 41.59 3.67 15.61
CA GLY E 15 42.45 4.27 16.63
C GLY E 15 41.87 5.48 17.36
N GLU E 16 40.79 6.07 16.85
CA GLU E 16 40.14 7.23 17.46
C GLU E 16 39.22 6.80 18.59
N THR E 17 38.91 7.73 19.48
CA THR E 17 37.96 7.49 20.57
C THR E 17 36.61 8.00 20.13
N VAL E 18 35.56 7.22 20.38
CA VAL E 18 34.21 7.61 20.02
C VAL E 18 33.32 7.36 21.23
N THR E 19 32.34 8.24 21.42
CA THR E 19 31.43 8.16 22.56
C THR E 19 29.98 8.13 22.08
N LEU E 20 29.28 7.05 22.41
CA LEU E 20 27.85 6.94 22.12
C LEU E 20 27.08 7.39 23.36
N THR E 21 25.99 8.16 23.19
CA THR E 21 25.17 8.54 24.36
C THR E 21 23.76 8.01 24.29
N CYS E 22 23.08 8.10 25.42
CA CYS E 22 21.77 7.49 25.63
C CYS E 22 21.04 8.40 26.61
N ARG E 23 19.94 9.01 26.18
CA ARG E 23 19.20 9.91 27.04
C ARG E 23 17.75 9.50 27.23
N SER E 24 17.13 10.07 28.25
CA SER E 24 15.80 9.67 28.69
C SER E 24 14.86 10.87 28.75
N SER E 25 13.58 10.63 28.50
CA SER E 25 12.57 11.68 28.50
C SER E 25 11.95 11.89 29.89
N SER E 26 12.29 11.02 30.84
CA SER E 26 11.85 11.16 32.23
C SER E 26 12.70 12.16 32.99
N GLY E 27 13.88 12.46 32.47
CA GLY E 27 14.86 13.27 33.17
C GLY E 27 16.20 12.58 33.12
N ALA E 28 17.10 12.97 34.02
CA ALA E 28 18.45 12.46 34.04
C ALA E 28 18.50 10.93 34.10
N VAL E 29 19.38 10.35 33.32
CA VAL E 29 19.70 8.94 33.45
C VAL E 29 20.54 8.81 34.71
N THR E 30 20.14 7.93 35.60
CA THR E 30 20.82 7.74 36.86
C THR E 30 21.24 6.30 37.04
N THR E 31 22.14 6.07 37.98
CA THR E 31 22.53 4.74 38.43
C THR E 31 21.36 3.76 38.61
N SER E 32 20.23 4.29 39.08
CA SER E 32 19.03 3.47 39.31
C SER E 32 18.41 2.92 38.03
N ASN E 33 18.84 3.45 36.88
CA ASN E 33 18.38 2.95 35.59
C ASN E 33 19.14 1.72 35.12
N TYR E 34 20.26 1.40 35.77
CA TYR E 34 21.08 0.23 35.43
C TYR E 34 21.32 0.09 33.90
N ALA E 35 21.87 1.14 33.30
CA ALA E 35 22.09 1.20 31.85
C ALA E 35 22.84 -0.02 31.33
N THR E 36 22.32 -0.59 30.25
CA THR E 36 22.96 -1.73 29.58
C THR E 36 23.21 -1.38 28.12
N TRP E 37 24.29 -1.91 27.56
CA TRP E 37 24.55 -1.71 26.16
C TRP E 37 24.67 -3.05 25.46
N VAL E 38 24.05 -3.15 24.30
CA VAL E 38 24.12 -4.35 23.48
C VAL E 38 24.71 -3.96 22.12
N GLN E 39 25.56 -4.82 21.56
CA GLN E 39 26.07 -4.62 20.22
C GLN E 39 25.40 -5.58 19.27
N GLU E 40 24.98 -5.06 18.11
CA GLU E 40 24.44 -5.91 17.06
C GLU E 40 25.29 -5.86 15.82
N LYS E 41 25.70 -7.04 15.35
CA LYS E 41 26.49 -7.19 14.14
C LYS E 41 25.69 -7.94 13.11
N PRO E 42 26.04 -7.78 11.81
CA PRO E 42 25.40 -8.47 10.69
C PRO E 42 25.11 -9.94 10.96
N ASP E 43 24.02 -10.44 10.38
CA ASP E 43 23.45 -11.75 10.70
C ASP E 43 22.74 -11.75 12.08
N HIS E 44 22.37 -10.56 12.59
CA HIS E 44 21.67 -10.43 13.87
C HIS E 44 22.45 -11.13 15.00
N LEU E 45 23.68 -10.73 15.20
CA LEU E 45 24.49 -11.34 16.23
C LEU E 45 24.62 -10.33 17.31
N PHE E 46 24.09 -10.66 18.49
CA PHE E 46 24.03 -9.71 19.59
C PHE E 46 25.03 -10.02 20.69
N THR E 47 25.57 -9.00 21.33
CA THR E 47 26.55 -9.19 22.39
C THR E 47 26.27 -8.15 23.44
N GLY E 48 26.02 -8.61 24.67
CA GLY E 48 25.90 -7.72 25.81
C GLY E 48 27.27 -7.17 26.15
N LEU E 49 27.39 -5.85 26.23
CA LEU E 49 28.69 -5.24 26.42
C LEU E 49 28.89 -4.71 27.82
N ILE E 50 27.93 -3.92 28.29
CA ILE E 50 28.05 -3.22 29.57
C ILE E 50 26.78 -3.47 30.36
N GLY E 51 26.95 -3.68 31.66
CA GLY E 51 25.83 -3.68 32.60
C GLY E 51 26.07 -2.72 33.76
N GLY E 52 24.99 -2.38 34.47
CA GLY E 52 25.09 -1.50 35.62
C GLY E 52 25.85 -0.22 35.36
N THR E 53 25.61 0.41 34.21
CA THR E 53 26.25 1.66 33.82
C THR E 53 27.71 1.51 33.38
N ASN E 54 28.57 0.93 34.23
CA ASN E 54 30.02 0.95 33.99
C ASN E 54 30.77 -0.36 34.29
N LYS E 55 30.02 -1.45 34.34
CA LYS E 55 30.57 -2.79 34.51
C LYS E 55 30.64 -3.48 33.14
N ARG E 56 31.84 -3.78 32.70
CA ARG E 56 32.08 -4.50 31.44
C ARG E 56 31.81 -6.00 31.63
N ALA E 57 31.11 -6.62 30.69
CA ALA E 57 30.74 -8.03 30.80
C ALA E 57 31.95 -8.91 30.51
N PRO E 58 31.99 -10.11 31.12
CA PRO E 58 33.04 -11.09 30.83
C PRO E 58 33.27 -11.28 29.33
N GLY E 59 34.53 -11.37 28.92
CA GLY E 59 34.88 -11.60 27.52
C GLY E 59 34.87 -10.34 26.67
N VAL E 60 34.32 -9.25 27.16
CA VAL E 60 34.22 -8.04 26.37
C VAL E 60 35.54 -7.27 26.40
N PRO E 61 36.04 -6.84 25.23
CA PRO E 61 37.33 -6.15 25.11
C PRO E 61 37.42 -4.89 25.97
N ALA E 62 38.60 -4.65 26.55
CA ALA E 62 38.85 -3.54 27.47
C ALA E 62 38.60 -2.17 26.82
N ARG E 63 38.88 -2.11 25.54
CA ARG E 63 38.54 -1.01 24.66
C ARG E 63 37.13 -0.36 24.90
N PHE E 64 36.16 -1.16 25.35
CA PHE E 64 34.80 -0.65 25.67
C PHE E 64 34.66 -0.27 27.13
N SER E 65 34.02 0.84 27.43
CA SER E 65 33.67 1.18 28.80
C SER E 65 32.43 2.05 28.84
N GLY E 66 31.76 2.05 29.99
CA GLY E 66 30.51 2.80 30.16
C GLY E 66 30.60 3.78 31.31
N SER E 67 29.82 4.85 31.21
CA SER E 67 29.83 5.85 32.26
C SER E 67 28.61 6.74 32.14
N LEU E 68 28.54 7.75 32.99
CA LEU E 68 27.55 8.82 32.87
C LEU E 68 28.23 10.09 32.43
N ILE E 69 27.56 10.85 31.57
CA ILE E 69 28.02 12.17 31.18
C ILE E 69 26.84 13.10 31.30
N GLY E 70 26.88 13.98 32.29
CA GLY E 70 25.74 14.86 32.65
C GLY E 70 24.43 14.10 32.77
N ASP E 71 23.48 14.44 31.89
CA ASP E 71 22.18 13.77 31.81
C ASP E 71 22.23 12.30 31.41
N ARG E 72 23.23 11.93 30.62
CA ARG E 72 23.16 10.71 29.80
C ARG E 72 24.03 9.54 30.27
N ALA E 73 23.69 8.35 29.77
CA ALA E 73 24.57 7.20 29.84
C ALA E 73 25.43 7.21 28.59
N ALA E 74 26.65 6.72 28.71
CA ALA E 74 27.61 6.78 27.59
C ALA E 74 28.35 5.45 27.43
N LEU E 75 28.56 5.07 26.17
CA LEU E 75 29.49 4.00 25.82
C LEU E 75 30.65 4.63 25.11
N THR E 76 31.85 4.43 25.63
CA THR E 76 33.06 4.91 25.01
C THR E 76 33.80 3.74 24.40
N ILE E 77 34.29 3.93 23.18
CA ILE E 77 35.21 2.99 22.55
C ILE E 77 36.53 3.72 22.45
N THR E 78 37.55 3.24 23.14
CA THR E 78 38.88 3.86 23.10
C THR E 78 39.79 3.15 22.12
N GLY E 79 39.97 3.75 20.94
CA GLY E 79 40.83 3.18 19.90
C GLY E 79 39.99 2.24 19.08
N ALA E 80 38.97 2.79 18.43
CA ALA E 80 38.05 2.01 17.62
C ALA E 80 38.77 1.16 16.58
N GLN E 81 38.36 -0.09 16.46
CA GLN E 81 38.86 -1.04 15.48
C GLN E 81 37.79 -1.26 14.37
N THR E 82 38.20 -1.71 13.20
CA THR E 82 37.26 -1.97 12.09
C THR E 82 36.13 -2.95 12.48
N GLU E 83 36.46 -3.90 13.34
CA GLU E 83 35.48 -4.86 13.80
C GLU E 83 34.39 -4.27 14.71
N ASP E 84 34.56 -3.01 15.13
CA ASP E 84 33.54 -2.32 15.93
C ASP E 84 32.37 -1.77 15.12
N GLU E 85 32.40 -1.94 13.80
CA GLU E 85 31.26 -1.58 12.94
C GLU E 85 30.07 -2.40 13.36
N ALA E 86 29.01 -1.72 13.79
CA ALA E 86 27.87 -2.40 14.40
C ALA E 86 26.80 -1.38 14.74
N ILE E 87 25.65 -1.88 15.19
CA ILE E 87 24.62 -1.05 15.80
C ILE E 87 24.71 -1.25 17.32
N TYR E 88 24.74 -0.15 18.06
CA TYR E 88 24.82 -0.20 19.50
C TYR E 88 23.52 0.34 20.11
N PHE E 89 22.90 -0.48 20.95
CA PHE E 89 21.67 -0.16 21.61
C PHE E 89 22.01 0.02 23.09
N CYS E 90 21.44 1.06 23.72
CA CYS E 90 21.38 1.16 25.18
C CYS E 90 19.97 0.82 25.59
N ALA E 91 19.84 0.37 26.85
CA ALA E 91 18.55 0.04 27.42
C ALA E 91 18.53 0.51 28.86
N LEU E 92 17.39 1.06 29.29
CA LEU E 92 17.23 1.54 30.65
C LEU E 92 16.12 0.78 31.37
N TRP E 93 16.32 0.49 32.66
CA TRP E 93 15.25 -0.10 33.49
C TRP E 93 14.38 1.00 34.08
N ASN E 94 13.08 0.89 33.89
CA ASN E 94 12.16 1.83 34.52
C ASN E 94 10.95 1.17 35.16
N SER E 95 11.00 1.03 36.49
CA SER E 95 9.93 0.41 37.23
C SER E 95 9.65 -0.97 36.63
N ASN E 96 10.66 -1.84 36.65
CA ASN E 96 10.51 -3.24 36.24
C ASN E 96 10.03 -3.49 34.80
N HIS E 97 10.46 -2.63 33.88
CA HIS E 97 10.43 -2.93 32.45
C HIS E 97 11.56 -2.21 31.71
N LEU E 98 12.30 -2.98 30.91
CA LEU E 98 13.48 -2.53 30.16
C LEU E 98 13.06 -1.84 28.86
N VAL E 99 13.63 -0.67 28.59
CA VAL E 99 13.28 0.12 27.41
C VAL E 99 14.53 0.38 26.60
N PHE E 100 14.52 -0.08 25.33
CA PHE E 100 15.64 0.09 24.41
C PHE E 100 15.60 1.43 23.72
N GLY E 101 16.78 1.98 23.46
CA GLY E 101 16.92 3.12 22.57
C GLY E 101 16.82 2.64 21.14
N GLY E 102 16.83 3.57 20.20
CA GLY E 102 16.62 3.27 18.78
C GLY E 102 17.86 2.72 18.08
N GLY E 103 19.00 2.80 18.74
CA GLY E 103 20.22 2.29 18.18
C GLY E 103 21.06 3.37 17.49
N THR E 104 22.37 3.14 17.48
CA THR E 104 23.34 3.97 16.81
C THR E 104 24.23 3.12 15.89
N LYS E 105 24.18 3.42 14.58
CA LYS E 105 25.12 2.85 13.63
C LYS E 105 26.50 3.48 13.78
N LEU E 106 27.52 2.65 14.00
CA LEU E 106 28.88 3.12 14.05
C LEU E 106 29.61 2.75 12.76
N GLU E 107 29.98 3.75 11.98
CA GLU E 107 30.72 3.59 10.72
C GLU E 107 32.21 3.84 10.97
N ILE E 108 33.05 2.94 10.53
CA ILE E 108 34.50 3.16 10.59
C ILE E 108 34.95 3.79 9.28
N LYS E 109 35.67 4.89 9.40
CA LYS E 109 36.13 5.67 8.26
C LYS E 109 37.30 4.99 7.57
N ARG E 110 37.39 5.19 6.24
CA ARG E 110 38.52 4.74 5.43
C ARG E 110 38.69 5.64 4.18
N THR E 111 39.75 5.43 3.42
CA THR E 111 40.00 6.25 2.21
C THR E 111 38.93 5.99 1.17
N VAL E 112 38.59 6.98 0.36
CA VAL E 112 37.50 6.79 -0.61
C VAL E 112 37.86 5.63 -1.56
N ALA E 113 36.88 4.80 -1.86
CA ALA E 113 37.05 3.68 -2.78
C ALA E 113 35.93 3.74 -3.81
N ALA E 114 36.30 3.78 -5.08
CA ALA E 114 35.31 3.75 -6.18
C ALA E 114 34.70 2.34 -6.35
N PRO E 115 33.40 2.28 -6.68
CA PRO E 115 32.80 0.98 -6.91
C PRO E 115 33.25 0.37 -8.22
N SER E 116 33.41 -0.95 -8.23
CA SER E 116 33.37 -1.73 -9.45
C SER E 116 31.89 -1.83 -9.80
N VAL E 117 31.56 -1.71 -11.07
CA VAL E 117 30.19 -1.75 -11.54
C VAL E 117 29.99 -2.87 -12.57
N PHE E 118 28.87 -3.58 -12.42
CA PHE E 118 28.51 -4.69 -13.29
C PHE E 118 27.02 -4.60 -13.59
N ILE E 119 26.64 -5.00 -14.80
CA ILE E 119 25.25 -5.05 -15.20
C ILE E 119 24.95 -6.48 -15.65
N PHE E 120 23.81 -7.01 -15.25
CA PHE E 120 23.42 -8.37 -15.66
C PHE E 120 22.10 -8.33 -16.45
N PRO E 121 22.11 -8.87 -17.67
CA PRO E 121 20.85 -8.97 -18.39
C PRO E 121 19.98 -10.06 -17.76
N PRO E 122 18.66 -10.03 -17.99
CA PRO E 122 17.83 -11.11 -17.49
C PRO E 122 18.19 -12.45 -18.10
N SER E 123 18.05 -13.51 -17.33
CA SER E 123 18.32 -14.86 -17.81
C SER E 123 17.25 -15.29 -18.80
N ASP E 124 17.62 -16.18 -19.70
CA ASP E 124 16.64 -16.76 -20.61
C ASP E 124 15.51 -17.47 -19.84
N GLU E 125 15.85 -17.98 -18.65
CA GLU E 125 14.86 -18.66 -17.80
C GLU E 125 13.78 -17.75 -17.24
N GLN E 126 14.16 -16.55 -16.84
CA GLN E 126 13.20 -15.58 -16.34
C GLN E 126 12.28 -15.14 -17.46
N LEU E 127 12.85 -14.92 -18.64
CA LEU E 127 12.08 -14.46 -19.79
C LEU E 127 10.97 -15.46 -20.15
N LYS E 128 11.22 -16.74 -19.98
CA LYS E 128 10.17 -17.76 -20.13
C LYS E 128 8.95 -17.51 -19.25
N SER E 129 9.15 -16.91 -18.08
CA SER E 129 8.05 -16.71 -17.14
C SER E 129 7.20 -15.46 -17.44
N GLY E 130 7.67 -14.57 -18.30
CA GLY E 130 6.91 -13.36 -18.66
C GLY E 130 7.43 -12.04 -18.08
N THR E 131 8.46 -12.08 -17.26
CA THR E 131 9.05 -10.82 -16.78
C THR E 131 10.55 -10.81 -17.02
N ALA E 132 11.15 -9.64 -16.81
CA ALA E 132 12.56 -9.42 -17.05
C ALA E 132 13.12 -8.51 -15.95
N SER E 133 14.14 -8.98 -15.24
CA SER E 133 14.84 -8.19 -14.25
C SER E 133 16.27 -7.91 -14.74
N VAL E 134 16.67 -6.65 -14.70
CA VAL E 134 18.05 -6.27 -15.03
C VAL E 134 18.70 -5.86 -13.73
N VAL E 135 19.86 -6.43 -13.41
CA VAL E 135 20.49 -6.13 -12.14
C VAL E 135 21.78 -5.37 -12.36
N CYS E 136 21.98 -4.35 -11.53
CA CYS E 136 23.21 -3.56 -11.52
C CYS E 136 23.90 -3.71 -10.17
N LEU E 137 25.18 -4.00 -10.14
CA LEU E 137 25.92 -4.19 -8.89
C LEU E 137 27.01 -3.14 -8.78
N LEU E 138 27.07 -2.52 -7.60
CA LEU E 138 28.14 -1.60 -7.21
C LEU E 138 28.86 -2.26 -6.06
N ASN E 139 30.12 -2.61 -6.28
CA ASN E 139 30.83 -3.42 -5.32
C ASN E 139 32.01 -2.72 -4.65
N ASN E 140 32.04 -2.79 -3.32
CA ASN E 140 33.18 -2.37 -2.50
C ASN E 140 33.57 -0.91 -2.64
N PHE E 141 32.62 -0.04 -2.31
CA PHE E 141 32.84 1.40 -2.34
C PHE E 141 32.73 2.04 -0.97
N TYR E 142 33.34 3.24 -0.85
CA TYR E 142 33.25 4.10 0.32
C TYR E 142 33.52 5.52 -0.14
N PRO E 143 32.75 6.50 0.34
CA PRO E 143 31.69 6.37 1.31
C PRO E 143 30.40 5.82 0.67
N ARG E 144 29.36 5.78 1.45
CA ARG E 144 28.16 5.09 1.09
C ARG E 144 27.30 5.79 0.04
N GLU E 145 27.35 7.11 0.01
CA GLU E 145 26.50 7.84 -0.91
C GLU E 145 26.85 7.52 -2.36
N ALA E 146 25.83 7.19 -3.14
CA ALA E 146 26.02 6.68 -4.48
C ALA E 146 24.69 6.89 -5.23
N LYS E 147 24.76 7.38 -6.46
CA LYS E 147 23.57 7.52 -7.30
C LYS E 147 23.61 6.49 -8.40
N VAL E 148 22.49 5.83 -8.61
CA VAL E 148 22.32 4.89 -9.71
C VAL E 148 21.17 5.40 -10.56
N GLN E 149 21.42 5.53 -11.86
CA GLN E 149 20.40 5.93 -12.80
C GLN E 149 20.31 4.85 -13.85
N TRP E 150 19.09 4.41 -14.12
CA TRP E 150 18.81 3.46 -15.17
C TRP E 150 18.35 4.21 -16.43
N LYS E 151 18.84 3.77 -17.59
CA LYS E 151 18.37 4.29 -18.85
C LYS E 151 18.09 3.19 -19.84
N VAL E 152 16.96 3.29 -20.53
CA VAL E 152 16.60 2.34 -21.57
C VAL E 152 16.43 3.06 -22.90
N ASP E 153 17.19 2.58 -23.88
CA ASP E 153 17.37 3.29 -25.14
C ASP E 153 17.60 4.79 -24.87
N ASN E 154 18.44 5.08 -23.88
CA ASN E 154 18.82 6.46 -23.51
C ASN E 154 17.74 7.27 -22.76
N ALA E 155 16.60 6.66 -22.44
CA ALA E 155 15.56 7.33 -21.66
C ALA E 155 15.76 7.02 -20.17
N LEU E 156 15.75 8.07 -19.36
CA LEU E 156 15.95 7.91 -17.92
C LEU E 156 14.72 7.20 -17.34
N GLN E 157 14.96 6.16 -16.54
CA GLN E 157 13.88 5.39 -15.94
C GLN E 157 13.48 5.96 -14.59
N SER E 158 12.20 5.82 -14.25
CA SER E 158 11.66 6.38 -13.02
C SER E 158 10.65 5.45 -12.36
N GLY E 159 10.84 5.20 -11.07
CA GLY E 159 9.92 4.43 -10.23
C GLY E 159 9.60 2.98 -10.62
N ASN E 160 10.53 2.32 -11.30
CA ASN E 160 10.39 0.89 -11.59
C ASN E 160 11.67 0.16 -11.27
N SER E 161 12.40 0.69 -10.29
CA SER E 161 13.62 0.05 -9.80
C SER E 161 13.66 0.05 -8.28
N GLN E 162 14.34 -0.94 -7.73
CA GLN E 162 14.55 -1.04 -6.30
C GLN E 162 16.00 -1.33 -5.98
N GLU E 163 16.37 -1.03 -4.74
CA GLU E 163 17.76 -0.82 -4.37
C GLU E 163 17.99 -1.36 -2.97
N SER E 164 19.19 -1.82 -2.70
CA SER E 164 19.49 -2.47 -1.48
C SER E 164 20.98 -2.35 -1.24
N VAL E 165 21.39 -2.05 -0.03
CA VAL E 165 22.79 -1.84 0.29
C VAL E 165 23.21 -2.72 1.48
N THR E 166 24.45 -3.23 1.46
CA THR E 166 24.91 -4.07 2.55
C THR E 166 25.36 -3.22 3.72
N GLU E 167 25.55 -3.84 4.87
CA GLU E 167 26.17 -3.14 5.99
C GLU E 167 27.66 -3.01 5.74
N GLN E 168 28.32 -2.11 6.43
CA GLN E 168 29.73 -1.90 6.17
C GLN E 168 30.48 -3.20 6.42
N ASP E 169 31.30 -3.59 5.47
CA ASP E 169 32.08 -4.83 5.59
C ASP E 169 33.07 -4.67 6.74
N SER E 170 33.18 -5.68 7.59
CA SER E 170 33.96 -5.53 8.80
C SER E 170 35.47 -5.54 8.58
N LYS E 171 35.88 -5.87 7.35
CA LYS E 171 37.29 -6.07 7.00
C LYS E 171 37.84 -4.94 6.17
N ASP E 172 37.26 -4.72 5.00
CA ASP E 172 37.71 -3.65 4.12
C ASP E 172 36.92 -2.34 4.33
N SER E 173 35.92 -2.36 5.20
CA SER E 173 35.10 -1.17 5.55
C SER E 173 34.28 -0.58 4.39
N THR E 174 34.03 -1.41 3.38
CA THR E 174 33.31 -0.95 2.18
C THR E 174 31.84 -1.35 2.20
N TYR E 175 31.08 -0.71 1.34
CA TYR E 175 29.68 -1.03 1.12
C TYR E 175 29.52 -1.61 -0.26
N SER E 176 28.44 -2.35 -0.47
CA SER E 176 28.04 -2.82 -1.78
C SER E 176 26.56 -2.52 -1.97
N LEU E 177 26.14 -2.35 -3.22
CA LEU E 177 24.76 -1.99 -3.54
C LEU E 177 24.25 -2.78 -4.72
N SER E 178 23.00 -3.18 -4.68
CA SER E 178 22.38 -3.93 -5.75
C SER E 178 21.12 -3.18 -6.15
N SER E 179 20.93 -3.00 -7.45
CA SER E 179 19.71 -2.37 -7.96
C SER E 179 19.07 -3.24 -9.04
N THR E 180 17.73 -3.33 -9.01
CA THR E 180 16.97 -4.14 -9.98
C THR E 180 15.98 -3.30 -10.72
N LEU E 181 16.02 -3.38 -12.04
CA LEU E 181 15.03 -2.73 -12.88
C LEU E 181 14.10 -3.84 -13.33
N THR E 182 12.80 -3.66 -13.09
CA THR E 182 11.82 -4.65 -13.51
C THR E 182 10.94 -4.07 -14.60
N LEU E 183 10.85 -4.79 -15.72
CA LEU E 183 9.84 -4.52 -16.74
C LEU E 183 9.32 -5.83 -17.27
N SER E 184 8.19 -5.77 -17.99
CA SER E 184 7.56 -6.95 -18.54
C SER E 184 8.39 -7.44 -19.70
N LYS E 185 8.26 -8.72 -20.03
CA LYS E 185 8.95 -9.29 -21.17
C LYS E 185 8.63 -8.49 -22.44
N ALA E 186 7.35 -8.24 -22.70
CA ALA E 186 6.94 -7.50 -23.90
C ALA E 186 7.64 -6.15 -23.99
N ASP E 187 7.71 -5.42 -22.87
CA ASP E 187 8.40 -4.12 -22.85
C ASP E 187 9.91 -4.28 -23.00
N TYR E 188 10.46 -5.33 -22.42
CA TYR E 188 11.88 -5.62 -22.57
C TYR E 188 12.26 -5.90 -24.02
N GLU E 189 11.37 -6.51 -24.80
CA GLU E 189 11.65 -6.83 -26.22
C GLU E 189 11.57 -5.64 -27.16
N LYS E 190 11.07 -4.51 -26.66
CA LYS E 190 10.89 -3.32 -27.49
C LYS E 190 12.08 -2.39 -27.47
N HIS E 191 13.08 -2.69 -26.66
CA HIS E 191 14.21 -1.79 -26.49
C HIS E 191 15.51 -2.52 -26.60
N LYS E 192 16.55 -1.85 -27.09
CA LYS E 192 17.86 -2.45 -27.35
C LYS E 192 18.82 -2.25 -26.20
N VAL E 193 19.03 -1.00 -25.79
CA VAL E 193 20.15 -0.63 -24.91
C VAL E 193 19.71 -0.45 -23.48
N TYR E 194 20.29 -1.23 -22.59
CA TYR E 194 19.99 -1.17 -21.16
C TYR E 194 21.26 -0.74 -20.43
N ALA E 195 21.17 0.41 -19.76
CA ALA E 195 22.33 0.97 -19.10
C ALA E 195 22.09 1.23 -17.60
N CYS E 196 23.15 1.04 -16.85
CA CYS E 196 23.19 1.34 -15.45
C CYS E 196 24.21 2.49 -15.28
N GLU E 197 23.85 3.66 -14.80
CA GLU E 197 24.81 4.81 -14.70
C GLU E 197 25.07 5.19 -13.26
N VAL E 198 26.34 5.30 -12.87
CA VAL E 198 26.71 5.36 -11.45
C VAL E 198 27.59 6.57 -11.11
N THR E 199 27.14 7.43 -10.20
CA THR E 199 27.99 8.52 -9.70
C THR E 199 28.36 8.24 -8.26
N HIS E 200 29.62 8.50 -7.93
CA HIS E 200 30.15 8.27 -6.61
C HIS E 200 31.35 9.20 -6.49
N GLN E 201 31.65 9.60 -5.25
CA GLN E 201 32.75 10.52 -4.97
C GLN E 201 34.10 10.01 -5.47
N GLY E 202 34.30 8.70 -5.46
CA GLY E 202 35.53 8.10 -5.92
C GLY E 202 35.72 8.07 -7.43
N LEU E 203 34.66 8.37 -8.17
CA LEU E 203 34.71 8.48 -9.63
C LEU E 203 34.72 9.93 -10.00
N SER E 204 35.66 10.29 -10.89
CA SER E 204 35.80 11.66 -11.37
C SER E 204 34.79 12.00 -12.46
N SER E 205 34.09 11.01 -12.95
CA SER E 205 32.96 11.24 -13.84
C SER E 205 32.17 9.94 -13.84
N PRO E 206 30.86 10.00 -14.08
CA PRO E 206 30.06 8.79 -13.90
C PRO E 206 30.46 7.61 -14.80
N VAL E 207 30.36 6.41 -14.28
CA VAL E 207 30.59 5.21 -15.04
C VAL E 207 29.24 4.65 -15.50
N THR E 208 29.17 4.27 -16.76
CA THR E 208 28.00 3.60 -17.31
C THR E 208 28.39 2.18 -17.72
N LYS E 209 27.58 1.22 -17.35
CA LYS E 209 27.70 -0.13 -17.88
C LYS E 209 26.42 -0.45 -18.59
N SER E 210 26.53 -1.09 -19.75
CA SER E 210 25.37 -1.39 -20.55
C SER E 210 25.52 -2.67 -21.30
N PHE E 211 24.41 -3.15 -21.86
CA PHE E 211 24.46 -4.25 -22.79
C PHE E 211 23.37 -4.01 -23.81
N ASN E 212 23.49 -4.68 -24.95
CA ASN E 212 22.48 -4.66 -26.00
C ASN E 212 21.71 -5.98 -26.01
N ARG E 213 20.40 -5.87 -25.83
CA ARG E 213 19.51 -7.04 -25.89
C ARG E 213 19.80 -7.88 -27.13
N GLY E 214 19.96 -9.17 -26.91
CA GLY E 214 20.24 -10.10 -28.00
C GLY E 214 21.58 -9.90 -28.68
N GLU E 215 22.62 -9.58 -27.89
CA GLU E 215 23.98 -9.48 -28.38
C GLU E 215 24.98 -9.89 -27.30
N GLU F 1 29.59 -24.72 23.89
CA GLU F 1 29.05 -23.39 23.51
C GLU F 1 27.69 -23.21 24.18
N VAL F 2 27.40 -21.98 24.58
CA VAL F 2 26.06 -21.62 24.91
C VAL F 2 25.30 -21.69 23.58
N LYS F 3 24.18 -22.39 23.60
CA LYS F 3 23.32 -22.47 22.45
C LYS F 3 21.92 -22.08 22.86
N LEU F 4 21.28 -21.27 22.03
CA LEU F 4 19.89 -20.86 22.23
C LEU F 4 19.15 -21.05 20.91
N LEU F 5 18.59 -22.23 20.67
CA LEU F 5 17.89 -22.52 19.43
C LEU F 5 16.40 -22.24 19.51
N GLU F 6 15.94 -21.18 18.82
CA GLU F 6 14.50 -20.87 18.74
C GLU F 6 13.80 -21.67 17.65
N SER F 7 12.50 -21.90 17.82
CA SER F 7 11.65 -22.45 16.76
C SER F 7 10.18 -22.12 17.01
N GLY F 8 9.34 -22.44 16.02
CA GLY F 8 7.90 -22.22 16.12
C GLY F 8 7.40 -21.07 15.27
N GLY F 9 8.29 -20.34 14.62
CA GLY F 9 7.90 -19.21 13.80
C GLY F 9 7.42 -19.64 12.44
N GLY F 10 7.05 -18.64 11.63
CA GLY F 10 6.53 -18.88 10.30
C GLY F 10 5.34 -17.97 10.03
N LEU F 11 4.48 -18.38 9.10
CA LEU F 11 3.29 -17.62 8.73
C LEU F 11 2.14 -17.84 9.74
N ALA F 12 1.55 -16.76 10.23
CA ALA F 12 0.33 -16.84 11.03
C ALA F 12 -0.70 -15.88 10.47
N GLN F 13 -1.97 -16.23 10.65
CA GLN F 13 -3.07 -15.40 10.18
C GLN F 13 -3.43 -14.37 11.24
N PRO F 14 -3.89 -13.19 10.80
CA PRO F 14 -4.33 -12.13 11.73
C PRO F 14 -5.41 -12.64 12.68
N GLY F 15 -5.30 -12.29 13.96
CA GLY F 15 -6.22 -12.78 14.97
C GLY F 15 -5.80 -14.08 15.62
N GLY F 16 -4.99 -14.88 14.90
CA GLY F 16 -4.58 -16.19 15.39
C GLY F 16 -3.47 -16.13 16.41
N SER F 17 -3.20 -17.28 17.03
CA SER F 17 -2.15 -17.40 18.03
C SER F 17 -1.01 -18.31 17.57
N LEU F 18 0.09 -18.30 18.33
CA LEU F 18 1.35 -18.96 17.93
C LEU F 18 2.20 -19.17 19.17
N LYS F 19 2.90 -20.30 19.23
CA LYS F 19 3.74 -20.62 20.38
C LYS F 19 5.18 -20.78 19.94
N LEU F 20 6.04 -19.83 20.33
CA LEU F 20 7.47 -19.94 20.06
C LEU F 20 8.10 -20.69 21.20
N SER F 21 9.19 -21.38 20.91
CA SER F 21 9.92 -22.06 21.97
C SER F 21 11.40 -21.94 21.72
N CYS F 22 12.19 -22.24 22.75
CA CYS F 22 13.61 -21.99 22.73
C CYS F 22 14.30 -22.98 23.62
N ALA F 23 15.23 -23.75 23.08
CA ALA F 23 15.93 -24.78 23.82
C ALA F 23 17.36 -24.29 24.09
N ALA F 24 17.81 -24.47 25.33
CA ALA F 24 19.10 -23.96 25.77
C ALA F 24 20.02 -25.09 26.14
N SER F 25 21.31 -24.91 25.88
CA SER F 25 22.34 -25.81 26.35
C SER F 25 23.63 -25.02 26.59
N GLY F 26 24.58 -25.67 27.26
CA GLY F 26 25.89 -25.10 27.55
C GLY F 26 25.98 -24.24 28.79
N PHE F 27 24.91 -24.14 29.56
CA PHE F 27 24.96 -23.44 30.84
C PHE F 27 23.86 -23.95 31.76
N ASP F 28 23.94 -23.62 33.04
CA ASP F 28 22.96 -24.09 34.04
C ASP F 28 21.67 -23.28 33.97
N PHE F 29 20.86 -23.58 32.97
CA PHE F 29 19.60 -22.89 32.64
C PHE F 29 18.70 -22.63 33.86
N ARG F 30 18.64 -23.59 34.75
CA ARG F 30 17.89 -23.45 35.99
C ARG F 30 18.16 -22.18 36.78
N ARG F 31 19.38 -21.64 36.68
CA ARG F 31 19.81 -20.56 37.54
C ARG F 31 19.58 -19.21 36.91
N TYR F 32 19.21 -19.22 35.64
CA TYR F 32 19.18 -18.01 34.86
C TYR F 32 17.80 -17.47 34.61
N TRP F 33 17.68 -16.17 34.74
CA TRP F 33 16.52 -15.44 34.25
C TRP F 33 16.58 -15.48 32.74
N MET F 34 15.42 -15.50 32.11
CA MET F 34 15.33 -15.58 30.65
C MET F 34 14.46 -14.44 30.14
N THR F 35 14.73 -14.00 28.92
CA THR F 35 14.04 -12.85 28.34
C THR F 35 13.63 -13.17 26.91
N TRP F 36 12.56 -12.55 26.46
CA TRP F 36 12.27 -12.47 25.03
C TRP F 36 12.41 -11.03 24.54
N VAL F 37 12.96 -10.88 23.34
CA VAL F 37 13.10 -9.55 22.70
C VAL F 37 12.72 -9.72 21.24
N ARG F 38 12.16 -8.66 20.65
CA ARG F 38 11.81 -8.72 19.24
C ARG F 38 12.25 -7.49 18.46
N GLN F 39 12.39 -7.67 17.15
CA GLN F 39 12.82 -6.62 16.24
C GLN F 39 12.03 -6.67 14.96
N ALA F 40 11.11 -5.73 14.77
CA ALA F 40 10.39 -5.58 13.50
C ALA F 40 11.37 -5.21 12.36
N PRO F 41 11.00 -5.49 11.11
CA PRO F 41 11.89 -5.24 9.97
C PRO F 41 12.35 -3.77 9.85
N GLY F 42 13.68 -3.58 9.77
CA GLY F 42 14.30 -2.25 9.68
C GLY F 42 14.15 -1.37 10.92
N LYS F 43 13.77 -1.95 12.05
CA LYS F 43 13.45 -1.17 13.25
C LYS F 43 14.29 -1.62 14.41
N GLY F 44 14.07 -0.98 15.55
CA GLY F 44 14.84 -1.24 16.77
C GLY F 44 14.34 -2.39 17.61
N LEU F 45 15.00 -2.62 18.73
CA LEU F 45 14.70 -3.73 19.62
C LEU F 45 13.56 -3.37 20.54
N GLU F 46 12.75 -4.36 20.87
CA GLU F 46 11.62 -4.16 21.76
C GLU F 46 11.61 -5.29 22.79
N TRP F 47 11.81 -4.93 24.05
CA TRP F 47 11.73 -5.87 25.16
C TRP F 47 10.28 -6.33 25.34
N ILE F 48 10.09 -7.66 25.36
CA ILE F 48 8.77 -8.26 25.54
C ILE F 48 8.54 -8.61 27.02
N GLY F 49 9.45 -9.38 27.59
CA GLY F 49 9.32 -9.78 28.98
C GLY F 49 10.42 -10.71 29.49
N GLU F 50 10.31 -11.11 30.75
CA GLU F 50 11.34 -11.91 31.40
C GLU F 50 10.72 -12.85 32.40
N ILE F 51 11.36 -13.99 32.62
CA ILE F 51 10.88 -14.93 33.60
C ILE F 51 12.07 -15.34 34.48
N ASN F 52 11.82 -15.49 35.77
CA ASN F 52 12.86 -15.96 36.70
C ASN F 52 12.92 -17.48 36.67
N PRO F 53 13.94 -18.07 37.31
CA PRO F 53 14.09 -19.53 37.37
C PRO F 53 12.83 -20.34 37.76
N ASP F 54 12.15 -19.95 38.84
CA ASP F 54 11.00 -20.74 39.32
C ASP F 54 9.62 -20.23 38.85
N SER F 55 9.60 -19.25 37.95
CA SER F 55 8.36 -18.74 37.31
C SER F 55 7.39 -17.89 38.15
N ARG F 56 7.89 -17.07 39.09
CA ARG F 56 7.05 -16.23 39.98
C ARG F 56 7.11 -14.75 39.68
N THR F 57 8.22 -14.34 39.07
CA THR F 57 8.33 -13.02 38.53
C THR F 57 8.34 -13.18 37.02
N ILE F 58 7.27 -12.69 36.39
CA ILE F 58 7.16 -12.64 34.94
C ILE F 58 6.81 -11.20 34.56
N ASN F 59 7.80 -10.47 34.04
CA ASN F 59 7.58 -9.09 33.61
C ASN F 59 7.38 -9.01 32.12
N TYR F 60 6.50 -8.11 31.71
CA TYR F 60 6.11 -7.94 30.32
C TYR F 60 6.26 -6.46 30.01
N MET F 61 6.38 -6.03 28.77
CA MET F 61 6.18 -4.62 28.51
C MET F 61 4.67 -4.33 28.80
N PRO F 62 4.35 -3.31 29.62
CA PRO F 62 2.93 -3.08 29.90
C PRO F 62 2.03 -3.22 28.67
N SER F 63 2.46 -2.61 27.57
CA SER F 63 1.76 -2.68 26.27
C SER F 63 1.36 -4.11 25.86
N LEU F 64 2.29 -5.06 25.95
CA LEU F 64 2.09 -6.41 25.42
C LEU F 64 1.66 -7.41 26.49
N LYS F 65 1.33 -6.93 27.68
CA LYS F 65 1.01 -7.79 28.80
C LYS F 65 -0.07 -8.81 28.40
N ASP F 66 -1.23 -8.31 27.97
CA ASP F 66 -2.43 -9.16 27.75
C ASP F 66 -2.53 -9.67 26.30
N LYS F 67 -1.58 -10.52 25.93
CA LYS F 67 -1.33 -10.84 24.52
C LYS F 67 -0.22 -11.87 24.38
N PHE F 68 0.77 -11.75 25.26
CA PHE F 68 1.92 -12.60 25.28
C PHE F 68 1.94 -13.32 26.62
N ILE F 69 2.19 -14.62 26.61
CA ILE F 69 2.40 -15.41 27.82
C ILE F 69 3.80 -16.04 27.75
N ILE F 70 4.63 -15.75 28.75
CA ILE F 70 5.96 -16.37 28.85
C ILE F 70 5.89 -17.50 29.86
N SER F 71 6.51 -18.62 29.53
CA SER F 71 6.67 -19.72 30.47
C SER F 71 7.99 -20.40 30.20
N ARG F 72 8.37 -21.32 31.08
CA ARG F 72 9.61 -22.08 30.93
C ARG F 72 9.41 -23.46 31.53
N ASP F 73 10.18 -24.42 31.04
CA ASP F 73 10.17 -25.78 31.56
C ASP F 73 11.63 -26.16 31.85
N ASN F 74 12.05 -26.01 33.09
CA ASN F 74 13.46 -26.21 33.46
C ASN F 74 13.98 -27.63 33.22
N ALA F 75 13.09 -28.60 33.26
CA ALA F 75 13.48 -30.00 33.02
C ALA F 75 13.80 -30.26 31.55
N LYS F 76 13.27 -29.42 30.67
CA LYS F 76 13.58 -29.48 29.23
C LYS F 76 14.50 -28.35 28.77
N ASN F 77 15.10 -27.64 29.73
CA ASN F 77 15.91 -26.47 29.45
C ASN F 77 15.29 -25.60 28.36
N SER F 78 14.00 -25.30 28.50
CA SER F 78 13.27 -24.64 27.44
C SER F 78 12.45 -23.46 27.93
N LEU F 79 12.40 -22.44 27.08
CA LEU F 79 11.65 -21.22 27.32
C LEU F 79 10.56 -21.12 26.23
N TYR F 80 9.38 -20.60 26.58
CA TYR F 80 8.26 -20.51 25.67
C TYR F 80 7.69 -19.11 25.59
N LEU F 81 7.14 -18.74 24.44
CA LEU F 81 6.44 -17.48 24.29
C LEU F 81 5.16 -17.72 23.50
N GLN F 82 4.02 -17.51 24.13
CA GLN F 82 2.74 -17.68 23.45
C GLN F 82 2.15 -16.37 22.96
N LEU F 83 1.91 -16.28 21.66
CA LEU F 83 1.37 -15.07 21.02
C LEU F 83 -0.08 -15.31 20.71
N SER F 84 -0.94 -14.34 21.01
CA SER F 84 -2.35 -14.39 20.60
C SER F 84 -2.81 -13.03 20.04
N ARG F 85 -4.03 -13.00 19.50
CA ARG F 85 -4.58 -11.77 18.91
C ARG F 85 -3.59 -11.10 17.95
N LEU F 86 -3.05 -11.89 17.02
CA LEU F 86 -1.95 -11.45 16.18
C LEU F 86 -2.34 -10.39 15.13
N ARG F 87 -1.53 -9.33 15.08
CA ARG F 87 -1.64 -8.28 14.07
C ARG F 87 -0.30 -8.12 13.33
N SER F 88 -0.34 -7.38 12.23
CA SER F 88 0.83 -7.18 11.37
C SER F 88 1.95 -6.51 12.16
N GLU F 89 1.61 -5.67 13.13
CA GLU F 89 2.62 -5.07 14.03
C GLU F 89 3.42 -6.09 14.83
N ASP F 90 2.89 -7.30 14.99
CA ASP F 90 3.60 -8.38 15.67
C ASP F 90 4.61 -9.12 14.75
N SER F 91 4.60 -8.81 13.46
CA SER F 91 5.58 -9.38 12.54
C SER F 91 6.95 -8.90 12.95
N ALA F 92 7.85 -9.84 13.24
CA ALA F 92 9.19 -9.52 13.72
C ALA F 92 10.09 -10.75 13.84
N LEU F 93 11.37 -10.51 14.09
CA LEU F 93 12.27 -11.54 14.57
C LEU F 93 12.16 -11.62 16.08
N TYR F 94 11.97 -12.80 16.62
CA TYR F 94 11.84 -12.96 18.07
C TYR F 94 13.07 -13.64 18.63
N TYR F 95 13.74 -12.98 19.57
CA TYR F 95 14.97 -13.51 20.13
C TYR F 95 14.83 -14.02 21.56
N CYS F 96 15.34 -15.21 21.74
CA CYS F 96 15.54 -15.86 23.02
C CYS F 96 16.81 -15.27 23.61
N VAL F 97 16.74 -14.68 24.80
CA VAL F 97 17.89 -14.02 25.39
C VAL F 97 18.11 -14.41 26.86
N ARG F 98 19.34 -14.74 27.20
CA ARG F 98 19.69 -15.01 28.60
C ARG F 98 20.10 -13.72 29.34
N LEU F 99 19.52 -13.53 30.52
CA LEU F 99 19.77 -12.38 31.38
C LEU F 99 20.70 -12.76 32.51
N ASP F 100 21.89 -12.17 32.58
CA ASP F 100 22.80 -12.37 33.72
C ASP F 100 22.64 -11.29 34.83
N PHE F 101 22.26 -11.73 36.04
CA PHE F 101 21.88 -10.91 37.21
C PHE F 101 23.09 -10.83 38.17
N ASP F 102 23.12 -9.85 39.06
CA ASP F 102 24.15 -9.80 40.14
C ASP F 102 23.84 -8.69 41.14
N VAL F 103 22.89 -8.98 42.03
CA VAL F 103 22.40 -8.03 43.03
C VAL F 103 23.50 -7.14 43.61
N TYR F 104 24.59 -7.75 44.09
CA TYR F 104 25.70 -7.01 44.76
C TYR F 104 26.25 -5.87 43.90
N ASN F 105 26.64 -6.21 42.67
CA ASN F 105 27.24 -5.22 41.76
C ASN F 105 26.24 -4.33 41.03
N HIS F 106 24.94 -4.50 41.31
CA HIS F 106 23.91 -3.68 40.68
C HIS F 106 24.05 -3.86 39.16
N TYR F 107 23.88 -5.10 38.72
CA TYR F 107 24.35 -5.54 37.42
C TYR F 107 23.38 -6.53 36.74
N TYR F 108 22.99 -6.20 35.51
CA TYR F 108 22.11 -7.00 34.69
C TYR F 108 22.61 -6.86 33.24
N VAL F 109 22.80 -7.96 32.54
CA VAL F 109 23.23 -7.87 31.16
C VAL F 109 22.57 -8.94 30.37
N LEU F 110 22.14 -8.59 29.16
CA LEU F 110 21.57 -9.54 28.20
C LEU F 110 22.75 -10.08 27.42
N ASP F 111 23.30 -11.22 27.86
CA ASP F 111 24.62 -11.62 27.38
C ASP F 111 24.63 -12.61 26.21
N TYR F 112 23.75 -13.60 26.21
CA TYR F 112 23.70 -14.54 25.11
C TYR F 112 22.37 -14.43 24.40
N TRP F 113 22.40 -14.36 23.08
CA TRP F 113 21.21 -14.16 22.30
C TRP F 113 20.98 -15.33 21.36
N GLY F 114 19.74 -15.78 21.25
CA GLY F 114 19.36 -16.66 20.17
C GLY F 114 19.44 -15.90 18.87
N GLN F 115 19.60 -16.63 17.77
CA GLN F 115 19.55 -16.02 16.46
C GLN F 115 18.14 -15.58 16.05
N GLY F 116 17.13 -16.17 16.66
CA GLY F 116 15.76 -15.68 16.50
C GLY F 116 14.94 -16.47 15.49
N THR F 117 13.63 -16.40 15.65
CA THR F 117 12.72 -17.08 14.75
C THR F 117 11.78 -16.02 14.16
N SER F 118 11.52 -16.14 12.88
CA SER F 118 10.77 -15.14 12.15
C SER F 118 9.26 -15.36 12.27
N VAL F 119 8.50 -14.27 12.44
CA VAL F 119 7.02 -14.35 12.47
C VAL F 119 6.42 -13.33 11.53
N THR F 120 5.56 -13.78 10.63
CA THR F 120 4.84 -12.88 9.77
C THR F 120 3.34 -13.07 9.97
N VAL F 121 2.63 -11.95 10.21
CA VAL F 121 1.17 -11.97 10.29
C VAL F 121 0.67 -11.42 8.98
N SER F 122 -0.03 -12.27 8.25
CA SER F 122 -0.58 -11.94 6.95
C SER F 122 -1.54 -13.06 6.54
N SER F 123 -2.64 -12.69 5.91
CA SER F 123 -3.56 -13.66 5.34
C SER F 123 -3.11 -14.07 3.93
N ALA F 124 -2.03 -13.45 3.45
CA ALA F 124 -1.40 -13.82 2.18
C ALA F 124 -0.81 -15.21 2.27
N SER F 125 -0.79 -15.93 1.14
CA SER F 125 -0.30 -17.31 1.15
C SER F 125 1.17 -17.37 0.81
N THR F 126 1.77 -18.49 1.16
CA THR F 126 3.19 -18.73 0.95
C THR F 126 3.46 -18.79 -0.53
N LYS F 127 4.63 -18.32 -0.93
CA LYS F 127 5.07 -18.46 -2.31
C LYS F 127 6.55 -18.73 -2.34
N GLY F 128 6.93 -19.79 -3.04
CA GLY F 128 8.33 -20.14 -3.22
C GLY F 128 8.97 -19.23 -4.25
N PRO F 129 10.28 -19.02 -4.14
CA PRO F 129 10.98 -18.17 -5.09
C PRO F 129 11.37 -18.88 -6.39
N SER F 130 11.49 -18.11 -7.46
CA SER F 130 12.21 -18.52 -8.61
C SER F 130 13.64 -18.06 -8.43
N VAL F 131 14.60 -18.84 -8.93
CA VAL F 131 16.03 -18.55 -8.78
C VAL F 131 16.67 -18.40 -10.14
N PHE F 132 17.20 -17.23 -10.44
CA PHE F 132 17.73 -16.96 -11.76
C PHE F 132 19.23 -16.63 -11.70
N PRO F 133 20.01 -17.19 -12.62
CA PRO F 133 21.42 -16.89 -12.63
C PRO F 133 21.70 -15.45 -13.10
N LEU F 134 22.70 -14.83 -12.49
CA LEU F 134 23.29 -13.62 -12.98
C LEU F 134 24.68 -14.01 -13.53
N ALA F 135 24.69 -14.35 -14.83
CA ALA F 135 25.88 -14.92 -15.48
C ALA F 135 27.04 -13.95 -15.62
N PRO F 136 28.26 -14.39 -15.30
CA PRO F 136 29.44 -13.55 -15.49
C PRO F 136 29.92 -13.62 -16.91
N SER F 137 30.68 -12.62 -17.30
CA SER F 137 31.35 -12.62 -18.58
C SER F 137 32.82 -12.22 -18.40
N SER F 138 33.68 -12.98 -19.04
CA SER F 138 35.10 -12.65 -19.20
C SER F 138 35.30 -11.20 -19.74
N LYS F 139 34.32 -10.74 -20.53
CA LYS F 139 34.34 -9.40 -21.13
C LYS F 139 33.75 -8.30 -20.24
N SER F 140 33.14 -8.66 -19.12
CA SER F 140 32.50 -7.66 -18.26
C SER F 140 33.19 -7.57 -16.90
N THR F 141 34.47 -7.23 -16.90
CA THR F 141 35.23 -7.15 -15.65
C THR F 141 35.43 -5.71 -15.21
N SER F 142 35.51 -5.51 -13.90
CA SER F 142 35.65 -4.19 -13.32
C SER F 142 36.47 -4.30 -12.05
N GLY F 143 37.40 -3.37 -11.88
CA GLY F 143 38.32 -3.35 -10.74
C GLY F 143 39.03 -4.68 -10.54
N GLY F 144 39.52 -5.24 -11.65
CA GLY F 144 40.22 -6.52 -11.65
C GLY F 144 39.39 -7.72 -11.24
N THR F 145 38.07 -7.60 -11.26
CA THR F 145 37.21 -8.69 -10.82
C THR F 145 36.09 -9.01 -11.81
N ALA F 146 35.60 -10.23 -11.72
CA ALA F 146 34.41 -10.68 -12.39
C ALA F 146 33.32 -10.90 -11.35
N ALA F 147 32.08 -10.55 -11.69
CA ALA F 147 30.95 -10.71 -10.79
C ALA F 147 29.96 -11.75 -11.35
N LEU F 148 29.43 -12.57 -10.46
CA LEU F 148 28.35 -13.48 -10.81
C LEU F 148 27.41 -13.62 -9.63
N GLY F 149 26.20 -14.10 -9.88
CA GLY F 149 25.19 -14.14 -8.82
C GLY F 149 23.90 -14.86 -9.12
N CYS F 150 22.97 -14.73 -8.17
CA CYS F 150 21.64 -15.30 -8.24
C CYS F 150 20.60 -14.24 -7.91
N LEU F 151 19.56 -14.19 -8.72
CA LEU F 151 18.38 -13.40 -8.39
C LEU F 151 17.37 -14.35 -7.75
N VAL F 152 17.05 -14.12 -6.47
CA VAL F 152 16.05 -14.89 -5.79
C VAL F 152 14.75 -14.09 -5.76
N LYS F 153 13.80 -14.47 -6.62
CA LYS F 153 12.70 -13.58 -6.91
C LYS F 153 11.27 -14.13 -6.64
N ASP F 154 10.43 -13.22 -6.13
CA ASP F 154 8.98 -13.42 -5.95
C ASP F 154 8.63 -14.48 -4.90
N TYR F 155 9.07 -14.25 -3.66
CA TYR F 155 8.76 -15.17 -2.56
C TYR F 155 8.03 -14.48 -1.40
N PHE F 156 7.38 -15.30 -0.59
CA PHE F 156 6.70 -14.83 0.59
C PHE F 156 6.47 -15.96 1.57
N PRO F 157 6.70 -15.73 2.86
CA PRO F 157 7.26 -14.55 3.49
C PRO F 157 8.77 -14.67 3.59
N GLU F 158 9.40 -13.71 4.26
CA GLU F 158 10.82 -13.82 4.62
C GLU F 158 10.94 -14.96 5.62
N PRO F 159 12.15 -15.52 5.80
CA PRO F 159 13.37 -15.28 5.06
C PRO F 159 13.67 -16.40 4.06
N VAL F 160 14.70 -16.15 3.24
CA VAL F 160 15.39 -17.17 2.45
C VAL F 160 16.80 -17.18 2.98
N THR F 161 17.44 -18.33 3.01
CA THR F 161 18.87 -18.38 3.26
C THR F 161 19.54 -18.68 1.92
N VAL F 162 20.67 -18.04 1.66
CA VAL F 162 21.42 -18.25 0.44
C VAL F 162 22.86 -18.57 0.81
N SER F 163 23.47 -19.52 0.13
CA SER F 163 24.90 -19.74 0.30
C SER F 163 25.49 -20.20 -1.02
N TRP F 164 26.82 -20.25 -1.10
CA TRP F 164 27.51 -20.61 -2.33
C TRP F 164 28.37 -21.84 -2.12
N ASN F 165 28.16 -22.83 -2.99
CA ASN F 165 28.87 -24.09 -2.95
C ASN F 165 28.74 -24.73 -1.57
N SER F 166 27.50 -24.88 -1.12
CA SER F 166 27.19 -25.47 0.20
C SER F 166 27.98 -24.85 1.35
N GLY F 167 28.25 -23.55 1.27
CA GLY F 167 28.92 -22.84 2.34
C GLY F 167 30.42 -22.79 2.22
N ALA F 168 30.99 -23.58 1.29
CA ALA F 168 32.43 -23.60 1.06
C ALA F 168 32.96 -22.25 0.54
N LEU F 169 32.12 -21.48 -0.15
CA LEU F 169 32.57 -20.23 -0.77
C LEU F 169 32.04 -19.03 -0.02
N THR F 170 32.92 -18.27 0.63
CA THR F 170 32.51 -17.12 1.46
C THR F 170 33.20 -15.79 1.12
N SER F 171 34.49 -15.83 0.79
CA SER F 171 35.18 -14.64 0.24
C SER F 171 34.46 -14.09 -1.00
N GLY F 172 34.29 -12.77 -1.02
CA GLY F 172 33.70 -12.09 -2.16
C GLY F 172 32.19 -12.13 -2.19
N VAL F 173 31.54 -12.81 -1.23
CA VAL F 173 30.08 -12.95 -1.25
C VAL F 173 29.37 -11.74 -0.64
N HIS F 174 28.32 -11.27 -1.30
CA HIS F 174 27.38 -10.33 -0.70
C HIS F 174 25.96 -10.77 -0.99
N THR F 175 25.23 -11.10 0.07
CA THR F 175 23.81 -11.30 -0.04
C THR F 175 23.17 -10.01 0.41
N PHE F 176 22.41 -9.39 -0.48
CA PHE F 176 21.75 -8.14 -0.21
C PHE F 176 20.50 -8.32 0.63
N PRO F 177 20.15 -7.31 1.44
CA PRO F 177 18.85 -7.29 2.09
C PRO F 177 17.69 -7.48 1.11
N ALA F 178 16.70 -8.30 1.46
CA ALA F 178 15.54 -8.47 0.60
C ALA F 178 14.80 -7.15 0.46
N VAL F 179 14.15 -6.98 -0.68
CA VAL F 179 13.35 -5.82 -0.98
C VAL F 179 11.90 -6.28 -1.16
N LEU F 180 10.95 -5.45 -0.74
CA LEU F 180 9.52 -5.75 -0.88
C LEU F 180 8.98 -5.07 -2.11
N GLN F 181 8.53 -5.85 -3.08
CA GLN F 181 8.05 -5.32 -4.35
C GLN F 181 6.62 -4.83 -4.23
N SER F 182 6.16 -4.04 -5.19
CA SER F 182 4.78 -3.53 -5.17
C SER F 182 3.74 -4.64 -5.31
N SER F 183 4.16 -5.80 -5.80
CA SER F 183 3.31 -6.98 -5.86
C SER F 183 2.99 -7.56 -4.49
N GLY F 184 3.76 -7.16 -3.47
CA GLY F 184 3.62 -7.71 -2.14
C GLY F 184 4.54 -8.88 -1.88
N LEU F 185 5.37 -9.22 -2.88
CA LEU F 185 6.33 -10.33 -2.78
C LEU F 185 7.75 -9.81 -2.64
N TYR F 186 8.60 -10.60 -2.01
CA TYR F 186 10.00 -10.21 -1.77
C TYR F 186 10.90 -10.66 -2.86
N SER F 187 12.05 -9.99 -2.94
CA SER F 187 13.07 -10.30 -3.91
C SER F 187 14.44 -9.90 -3.37
N LEU F 188 15.45 -10.70 -3.70
CA LEU F 188 16.82 -10.44 -3.22
C LEU F 188 17.85 -10.98 -4.21
N SER F 189 19.06 -10.48 -4.13
CA SER F 189 20.12 -10.99 -4.95
C SER F 189 21.31 -11.32 -4.07
N SER F 190 22.10 -12.28 -4.55
CA SER F 190 23.32 -12.67 -3.90
C SER F 190 24.38 -12.69 -4.99
N VAL F 191 25.54 -12.12 -4.70
CA VAL F 191 26.60 -12.06 -5.69
C VAL F 191 27.90 -12.55 -5.14
N VAL F 192 28.77 -12.99 -6.04
CA VAL F 192 30.14 -13.36 -5.70
C VAL F 192 31.02 -12.58 -6.66
N THR F 193 32.10 -11.99 -6.16
CA THR F 193 33.15 -11.45 -7.02
C THR F 193 34.41 -12.30 -6.90
N VAL F 194 35.08 -12.50 -8.02
CA VAL F 194 36.30 -13.27 -8.06
C VAL F 194 37.32 -12.56 -8.94
N PRO F 195 38.63 -12.74 -8.67
CA PRO F 195 39.61 -12.19 -9.59
C PRO F 195 39.37 -12.72 -11.00
N SER F 196 39.39 -11.81 -11.97
CA SER F 196 39.03 -12.09 -13.35
C SER F 196 39.64 -13.40 -13.87
N SER F 197 40.95 -13.53 -13.74
CA SER F 197 41.67 -14.67 -14.29
C SER F 197 41.26 -16.00 -13.67
N SER F 198 40.56 -15.98 -12.55
CA SER F 198 40.16 -17.23 -11.91
C SER F 198 38.81 -17.71 -12.39
N LEU F 199 38.16 -17.03 -13.34
CA LEU F 199 36.74 -17.30 -13.65
C LEU F 199 36.44 -18.76 -14.03
N GLY F 200 37.13 -19.28 -15.03
CA GLY F 200 36.91 -20.68 -15.41
C GLY F 200 37.44 -21.72 -14.43
N THR F 201 38.06 -21.26 -13.35
CA THR F 201 38.80 -22.14 -12.46
C THR F 201 37.92 -23.04 -11.61
N GLN F 202 36.68 -22.62 -11.32
CA GLN F 202 35.81 -23.41 -10.46
C GLN F 202 34.33 -23.21 -10.74
N THR F 203 33.55 -24.14 -10.19
CA THR F 203 32.12 -24.14 -10.34
C THR F 203 31.47 -23.26 -9.27
N TYR F 204 30.41 -22.55 -9.64
CA TYR F 204 29.67 -21.73 -8.69
C TYR F 204 28.20 -22.13 -8.64
N ILE F 205 27.77 -22.58 -7.49
CA ILE F 205 26.39 -22.99 -7.31
C ILE F 205 25.85 -22.22 -6.15
N CYS F 206 24.76 -21.48 -6.36
CA CYS F 206 24.07 -20.88 -5.22
C CYS F 206 22.97 -21.78 -4.72
N ASN F 207 22.96 -22.00 -3.41
CA ASN F 207 21.99 -22.86 -2.76
C ASN F 207 20.97 -21.96 -2.07
N VAL F 208 19.70 -22.13 -2.42
CA VAL F 208 18.63 -21.26 -1.93
C VAL F 208 17.57 -22.10 -1.26
N ASN F 209 17.36 -21.85 0.03
CA ASN F 209 16.33 -22.54 0.81
C ASN F 209 15.26 -21.56 1.26
N HIS F 210 13.99 -21.97 1.13
CA HIS F 210 12.88 -21.15 1.63
C HIS F 210 11.97 -22.08 2.43
N LYS F 211 12.18 -22.13 3.74
CA LYS F 211 11.47 -23.10 4.61
C LYS F 211 9.94 -23.03 4.55
N PRO F 212 9.35 -21.82 4.58
CA PRO F 212 7.88 -21.69 4.58
C PRO F 212 7.18 -22.35 3.38
N SER F 213 7.85 -22.48 2.24
CA SER F 213 7.28 -23.14 1.07
C SER F 213 8.03 -24.42 0.74
N ASN F 214 8.88 -24.88 1.65
CA ASN F 214 9.68 -26.09 1.44
C ASN F 214 10.43 -26.15 0.11
N THR F 215 10.96 -25.01 -0.32
CA THR F 215 11.71 -24.89 -1.56
C THR F 215 13.21 -25.01 -1.28
N LYS F 216 13.86 -25.99 -1.88
CA LYS F 216 15.32 -26.02 -1.94
C LYS F 216 15.76 -26.05 -3.38
N VAL F 217 16.68 -25.16 -3.75
CA VAL F 217 17.18 -25.07 -5.11
C VAL F 217 18.68 -24.88 -5.12
N ASP F 218 19.36 -25.66 -5.95
CA ASP F 218 20.77 -25.47 -6.24
C ASP F 218 20.88 -25.05 -7.71
N LYS F 219 21.34 -23.84 -7.97
CA LYS F 219 21.43 -23.30 -9.32
C LYS F 219 22.87 -23.07 -9.72
N LYS F 220 23.34 -23.77 -10.75
CA LYS F 220 24.70 -23.57 -11.27
C LYS F 220 24.74 -22.30 -12.12
N VAL F 221 25.72 -21.45 -11.86
CA VAL F 221 25.86 -20.20 -12.58
C VAL F 221 27.10 -20.31 -13.50
N GLU F 222 26.88 -20.67 -14.76
CA GLU F 222 27.96 -20.84 -15.72
C GLU F 222 28.32 -19.46 -16.30
N PRO F 223 29.61 -19.25 -16.60
CA PRO F 223 29.99 -18.16 -17.50
C PRO F 223 29.26 -18.24 -18.84
N LYS F 224 29.07 -17.08 -19.44
CA LYS F 224 28.24 -16.88 -20.62
C LYS F 224 28.33 -15.41 -21.01
N GLU G 1 -18.49 -27.32 -45.02
CA GLU G 1 -18.30 -27.67 -43.59
C GLU G 1 -18.62 -29.14 -43.46
N LEU G 2 -17.67 -29.98 -43.86
CA LEU G 2 -17.83 -31.42 -43.83
C LEU G 2 -17.70 -31.90 -42.37
N VAL G 3 -18.73 -32.56 -41.84
CA VAL G 3 -18.65 -33.09 -40.49
C VAL G 3 -18.60 -34.61 -40.55
N VAL G 4 -17.50 -35.17 -40.05
CA VAL G 4 -17.30 -36.61 -39.99
C VAL G 4 -17.69 -37.10 -38.60
N THR G 5 -18.54 -38.13 -38.54
CA THR G 5 -19.08 -38.61 -37.28
C THR G 5 -18.79 -40.07 -37.04
N GLN G 6 -18.41 -40.40 -35.81
CA GLN G 6 -18.10 -41.76 -35.40
C GLN G 6 -18.85 -42.07 -34.11
N GLU G 7 -19.02 -43.36 -33.80
CA GLU G 7 -19.54 -43.73 -32.50
C GLU G 7 -18.60 -43.18 -31.41
N SER G 8 -19.16 -42.72 -30.30
CA SER G 8 -18.38 -42.24 -29.16
C SER G 8 -17.56 -43.32 -28.52
N ALA G 9 -18.19 -44.44 -28.22
CA ALA G 9 -17.56 -45.52 -27.48
C ALA G 9 -18.14 -46.86 -27.87
N LEU G 10 -17.27 -47.88 -27.90
CA LEU G 10 -17.69 -49.26 -28.10
C LEU G 10 -16.96 -50.18 -27.10
N THR G 11 -17.64 -51.26 -26.72
CA THR G 11 -17.08 -52.27 -25.85
C THR G 11 -17.10 -53.59 -26.60
N THR G 12 -16.02 -54.36 -26.47
CA THR G 12 -15.94 -55.68 -27.08
C THR G 12 -15.11 -56.61 -26.18
N SER G 13 -15.36 -57.91 -26.26
CA SER G 13 -14.59 -58.88 -25.48
C SER G 13 -13.38 -59.32 -26.28
N PRO G 14 -12.35 -59.85 -25.61
CA PRO G 14 -11.21 -60.38 -26.37
C PRO G 14 -11.63 -61.53 -27.27
N GLY G 15 -11.07 -61.59 -28.48
CA GLY G 15 -11.44 -62.60 -29.46
C GLY G 15 -12.66 -62.26 -30.30
N GLU G 16 -13.47 -61.27 -29.88
CA GLU G 16 -14.67 -60.87 -30.61
C GLU G 16 -14.32 -59.94 -31.78
N THR G 17 -15.24 -59.82 -32.72
CA THR G 17 -15.06 -58.92 -33.86
C THR G 17 -15.81 -57.66 -33.54
N VAL G 18 -15.19 -56.52 -33.81
CA VAL G 18 -15.81 -55.23 -33.58
C VAL G 18 -15.62 -54.36 -34.81
N THR G 19 -16.62 -53.55 -35.11
CA THR G 19 -16.61 -52.70 -36.31
C THR G 19 -16.86 -51.24 -35.95
N LEU G 20 -15.90 -50.39 -36.28
CA LEU G 20 -16.03 -48.96 -36.06
C LEU G 20 -16.50 -48.34 -37.37
N THR G 21 -17.44 -47.41 -37.35
CA THR G 21 -17.86 -46.73 -38.58
C THR G 21 -17.55 -45.23 -38.57
N CYS G 22 -17.68 -44.64 -39.74
CA CYS G 22 -17.29 -43.27 -39.97
C CYS G 22 -18.21 -42.72 -41.04
N ARG G 23 -19.06 -41.76 -40.71
CA ARG G 23 -19.98 -41.22 -41.71
C ARG G 23 -19.78 -39.72 -41.97
N SER G 24 -20.37 -39.25 -43.07
CA SER G 24 -20.18 -37.91 -43.57
C SER G 24 -21.52 -37.18 -43.73
N SER G 25 -21.48 -35.86 -43.57
CA SER G 25 -22.68 -35.05 -43.70
C SER G 25 -22.88 -34.56 -45.13
N SER G 26 -21.92 -34.83 -46.01
CA SER G 26 -22.06 -34.48 -47.44
C SER G 26 -22.88 -35.52 -48.20
N GLY G 27 -23.04 -36.70 -47.60
CA GLY G 27 -23.63 -37.84 -48.28
C GLY G 27 -22.73 -39.05 -48.07
N ALA G 28 -22.87 -40.03 -48.96
CA ALA G 28 -22.15 -41.28 -48.86
C ALA G 28 -20.65 -41.09 -48.82
N VAL G 29 -19.98 -41.82 -47.94
CA VAL G 29 -18.53 -41.92 -47.99
C VAL G 29 -18.18 -42.81 -49.16
N THR G 30 -17.37 -42.29 -50.06
CA THR G 30 -16.97 -43.01 -51.25
C THR G 30 -15.44 -43.20 -51.31
N THR G 31 -15.02 -44.09 -52.20
CA THR G 31 -13.61 -44.29 -52.52
C THR G 31 -12.84 -42.99 -52.73
N SER G 32 -13.50 -41.99 -53.32
CA SER G 32 -12.88 -40.69 -53.58
C SER G 32 -12.52 -39.90 -52.30
N ASN G 33 -13.03 -40.36 -51.15
CA ASN G 33 -12.69 -39.77 -49.87
C ASN G 33 -11.42 -40.31 -49.28
N TYR G 34 -10.86 -41.37 -49.87
CA TYR G 34 -9.62 -41.96 -49.38
C TYR G 34 -9.57 -42.08 -47.85
N ALA G 35 -10.55 -42.77 -47.28
CA ALA G 35 -10.66 -42.92 -45.81
C ALA G 35 -9.38 -43.48 -45.17
N THR G 36 -8.97 -42.84 -44.09
CA THR G 36 -7.80 -43.22 -43.32
C THR G 36 -8.21 -43.43 -41.87
N TRP G 37 -7.54 -44.37 -41.22
CA TRP G 37 -7.77 -44.58 -39.81
C TRP G 37 -6.49 -44.45 -39.02
N VAL G 38 -6.56 -43.70 -37.91
CA VAL G 38 -5.43 -43.52 -37.01
C VAL G 38 -5.79 -44.08 -35.64
N GLN G 39 -4.86 -44.77 -35.00
CA GLN G 39 -5.04 -45.24 -33.64
C GLN G 39 -4.26 -44.36 -32.66
N GLU G 40 -4.89 -43.95 -31.57
CA GLU G 40 -4.25 -43.21 -30.51
C GLU G 40 -4.22 -44.00 -29.21
N LYS G 41 -3.03 -44.19 -28.68
CA LYS G 41 -2.85 -44.88 -27.39
C LYS G 41 -2.30 -43.92 -26.35
N PRO G 42 -2.47 -44.27 -25.04
CA PRO G 42 -1.96 -43.44 -23.95
C PRO G 42 -0.56 -42.89 -24.18
N ASP G 43 -0.32 -41.70 -23.65
CA ASP G 43 0.89 -40.94 -23.93
C ASP G 43 0.87 -40.33 -25.34
N HIS G 44 -0.32 -40.17 -25.92
CA HIS G 44 -0.46 -39.57 -27.27
C HIS G 44 0.43 -40.27 -28.30
N LEU G 45 0.27 -41.57 -28.43
CA LEU G 45 1.07 -42.33 -29.38
C LEU G 45 0.14 -42.69 -30.52
N PHE G 46 0.46 -42.21 -31.72
CA PHE G 46 -0.41 -42.36 -32.88
C PHE G 46 0.11 -43.40 -33.86
N THR G 47 -0.78 -44.10 -34.52
CA THR G 47 -0.37 -45.10 -35.48
C THR G 47 -1.34 -45.03 -36.62
N GLY G 48 -0.85 -44.75 -37.82
CA GLY G 48 -1.69 -44.82 -39.03
C GLY G 48 -1.97 -46.29 -39.31
N LEU G 49 -3.23 -46.66 -39.39
CA LEU G 49 -3.61 -48.05 -39.56
C LEU G 49 -4.04 -48.39 -40.99
N ILE G 50 -4.96 -47.61 -41.55
CA ILE G 50 -5.53 -47.92 -42.86
C ILE G 50 -5.48 -46.69 -43.72
N GLY G 51 -5.11 -46.84 -44.99
CA GLY G 51 -5.23 -45.78 -46.00
C GLY G 51 -6.05 -46.26 -47.20
N GLY G 52 -6.50 -45.31 -48.01
CA GLY G 52 -7.25 -45.62 -49.21
C GLY G 52 -8.42 -46.58 -48.98
N THR G 53 -9.16 -46.36 -47.90
CA THR G 53 -10.31 -47.19 -47.52
C THR G 53 -9.98 -48.59 -46.99
N ASN G 54 -9.19 -49.36 -47.73
CA ASN G 54 -8.99 -50.77 -47.41
C ASN G 54 -7.55 -51.30 -47.57
N LYS G 55 -6.60 -50.37 -47.60
CA LYS G 55 -5.18 -50.71 -47.66
C LYS G 55 -4.58 -50.61 -46.26
N ARG G 56 -4.11 -51.73 -45.75
CA ARG G 56 -3.46 -51.80 -44.44
C ARG G 56 -2.03 -51.27 -44.54
N ALA G 57 -1.61 -50.45 -43.59
CA ALA G 57 -0.25 -49.86 -43.62
C ALA G 57 0.82 -50.87 -43.21
N PRO G 58 2.05 -50.73 -43.74
CA PRO G 58 3.16 -51.60 -43.33
C PRO G 58 3.28 -51.71 -41.82
N GLY G 59 3.51 -52.92 -41.33
CA GLY G 59 3.68 -53.15 -39.93
C GLY G 59 2.41 -53.30 -39.13
N VAL G 60 1.27 -52.94 -39.71
CA VAL G 60 0.00 -53.01 -38.98
C VAL G 60 -0.53 -54.44 -38.97
N PRO G 61 -0.96 -54.94 -37.79
CA PRO G 61 -1.44 -56.32 -37.64
C PRO G 61 -2.61 -56.68 -38.57
N ALA G 62 -2.61 -57.90 -39.06
CA ALA G 62 -3.60 -58.36 -40.05
C ALA G 62 -5.03 -58.29 -39.52
N ARG G 63 -5.13 -58.51 -38.22
CA ARG G 63 -6.33 -58.32 -37.43
C ARG G 63 -7.14 -57.09 -37.82
N PHE G 64 -6.51 -56.02 -38.29
CA PHE G 64 -7.22 -54.78 -38.69
C PHE G 64 -7.52 -54.76 -40.18
N SER G 65 -8.71 -54.34 -40.56
CA SER G 65 -9.00 -54.13 -41.97
C SER G 65 -10.07 -53.04 -42.15
N GLY G 66 -10.10 -52.46 -43.34
CA GLY G 66 -11.00 -51.37 -43.66
C GLY G 66 -11.85 -51.67 -44.86
N SER G 67 -13.05 -51.10 -44.87
CA SER G 67 -13.96 -51.31 -45.96
C SER G 67 -15.05 -50.24 -45.97
N LEU G 68 -16.00 -50.36 -46.89
CA LEU G 68 -17.20 -49.55 -46.88
C LEU G 68 -18.36 -50.44 -46.47
N ILE G 69 -19.20 -49.91 -45.58
CA ILE G 69 -20.51 -50.51 -45.30
C ILE G 69 -21.57 -49.46 -45.59
N GLY G 70 -22.39 -49.72 -46.60
CA GLY G 70 -23.40 -48.77 -47.08
C GLY G 70 -22.86 -47.36 -47.26
N ASP G 71 -23.42 -46.43 -46.50
CA ASP G 71 -22.99 -45.03 -46.46
C ASP G 71 -21.58 -44.80 -45.94
N ARG G 72 -21.06 -45.71 -45.12
CA ARG G 72 -19.93 -45.38 -44.24
C ARG G 72 -18.62 -46.08 -44.55
N ALA G 73 -17.54 -45.51 -44.04
CA ALA G 73 -16.26 -46.20 -43.98
C ALA G 73 -16.23 -46.99 -42.67
N ALA G 74 -15.50 -48.10 -42.67
CA ALA G 74 -15.50 -49.00 -41.53
C ALA G 74 -14.09 -49.48 -41.23
N LEU G 75 -13.74 -49.53 -39.96
CA LEU G 75 -12.55 -50.27 -39.50
C LEU G 75 -13.04 -51.48 -38.74
N THR G 76 -12.64 -52.67 -39.15
CA THR G 76 -12.97 -53.90 -38.46
C THR G 76 -11.74 -54.41 -37.74
N ILE G 77 -11.93 -54.86 -36.51
CA ILE G 77 -10.88 -55.56 -35.79
C ILE G 77 -11.36 -56.99 -35.61
N THR G 78 -10.68 -57.95 -36.21
CA THR G 78 -11.09 -59.36 -36.12
C THR G 78 -10.28 -60.09 -35.06
N GLY G 79 -10.90 -60.33 -33.89
CA GLY G 79 -10.24 -61.02 -32.80
C GLY G 79 -9.54 -60.01 -31.94
N ALA G 80 -10.33 -59.09 -31.39
CA ALA G 80 -9.81 -57.99 -30.57
C ALA G 80 -8.91 -58.51 -29.46
N GLN G 81 -7.76 -57.85 -29.30
CA GLN G 81 -6.82 -58.11 -28.22
C GLN G 81 -6.85 -56.96 -27.21
N THR G 82 -6.41 -57.25 -25.99
CA THR G 82 -6.40 -56.24 -24.92
C THR G 82 -5.59 -55.00 -25.31
N GLU G 83 -4.54 -55.20 -26.10
CA GLU G 83 -3.74 -54.08 -26.59
C GLU G 83 -4.45 -53.20 -27.62
N ASP G 84 -5.64 -53.59 -28.08
CA ASP G 84 -6.43 -52.75 -28.99
C ASP G 84 -7.22 -51.64 -28.29
N GLU G 85 -7.12 -51.54 -26.97
CA GLU G 85 -7.72 -50.45 -26.21
C GLU G 85 -7.10 -49.14 -26.63
N ALA G 86 -7.92 -48.25 -27.16
CA ALA G 86 -7.39 -47.08 -27.81
C ALA G 86 -8.53 -46.19 -28.27
N ILE G 87 -8.18 -45.01 -28.75
CA ILE G 87 -9.12 -44.18 -29.48
C ILE G 87 -8.79 -44.30 -30.95
N TYR G 88 -9.81 -44.54 -31.76
CA TYR G 88 -9.63 -44.67 -33.21
C TYR G 88 -10.31 -43.48 -33.94
N PHE G 89 -9.55 -42.79 -34.75
CA PHE G 89 -10.05 -41.69 -35.55
C PHE G 89 -10.09 -42.11 -37.02
N CYS G 90 -11.16 -41.76 -37.73
CA CYS G 90 -11.15 -41.83 -39.19
C CYS G 90 -11.02 -40.42 -39.70
N ALA G 91 -10.48 -40.28 -40.91
CA ALA G 91 -10.31 -39.00 -41.56
C ALA G 91 -10.70 -39.15 -43.04
N LEU G 92 -11.49 -38.19 -43.54
CA LEU G 92 -11.94 -38.18 -44.94
C LEU G 92 -11.27 -37.04 -45.70
N TRP G 93 -10.92 -37.30 -46.94
CA TRP G 93 -10.35 -36.29 -47.82
C TRP G 93 -11.48 -35.68 -48.57
N ASN G 94 -11.39 -34.38 -48.79
CA ASN G 94 -12.43 -33.62 -49.40
C ASN G 94 -11.85 -32.38 -50.10
N SER G 95 -11.76 -32.44 -51.43
CA SER G 95 -11.05 -31.45 -52.24
C SER G 95 -9.66 -31.26 -51.63
N ASN G 96 -9.28 -30.01 -51.34
CA ASN G 96 -8.07 -29.75 -50.59
C ASN G 96 -8.02 -30.58 -49.27
N HIS G 97 -8.98 -30.30 -48.38
CA HIS G 97 -8.90 -30.69 -46.96
C HIS G 97 -8.74 -32.18 -46.60
N LEU G 98 -8.30 -32.42 -45.36
CA LEU G 98 -8.52 -33.69 -44.65
C LEU G 98 -9.38 -33.33 -43.46
N VAL G 99 -10.39 -34.14 -43.18
CA VAL G 99 -11.28 -33.87 -42.05
C VAL G 99 -11.39 -35.11 -41.16
N PHE G 100 -11.01 -34.94 -39.89
CA PHE G 100 -11.06 -35.99 -38.87
C PHE G 100 -12.44 -36.12 -38.27
N GLY G 101 -12.82 -37.35 -37.96
CA GLY G 101 -13.99 -37.63 -37.13
C GLY G 101 -13.65 -37.31 -35.70
N GLY G 102 -14.64 -37.39 -34.81
CA GLY G 102 -14.47 -37.05 -33.41
C GLY G 102 -13.82 -38.13 -32.57
N GLY G 103 -13.69 -39.33 -33.12
CA GLY G 103 -13.00 -40.41 -32.44
C GLY G 103 -13.92 -41.36 -31.69
N THR G 104 -13.51 -42.61 -31.59
CA THR G 104 -14.24 -43.65 -30.92
C THR G 104 -13.36 -44.33 -29.88
N LYS G 105 -13.73 -44.24 -28.60
CA LYS G 105 -13.06 -45.01 -27.56
C LYS G 105 -13.44 -46.49 -27.66
N LEU G 106 -12.45 -47.37 -27.75
CA LEU G 106 -12.70 -48.81 -27.69
C LEU G 106 -12.33 -49.37 -26.33
N GLU G 107 -13.32 -49.84 -25.60
CA GLU G 107 -13.13 -50.45 -24.29
C GLU G 107 -13.15 -51.98 -24.40
N ILE G 108 -12.13 -52.64 -23.85
CA ILE G 108 -12.11 -54.10 -23.81
C ILE G 108 -12.72 -54.61 -22.52
N LYS G 109 -13.72 -55.48 -22.67
CA LYS G 109 -14.49 -55.97 -21.55
C LYS G 109 -13.69 -56.98 -20.74
N ARG G 110 -13.97 -57.04 -19.44
CA ARG G 110 -13.38 -58.06 -18.58
C ARG G 110 -14.28 -58.28 -17.36
N THR G 111 -13.97 -59.30 -16.55
CA THR G 111 -14.78 -59.61 -15.38
C THR G 111 -14.73 -58.44 -14.39
N VAL G 112 -15.80 -58.25 -13.60
CA VAL G 112 -15.82 -57.12 -12.66
C VAL G 112 -14.68 -57.24 -11.64
N ALA G 113 -14.00 -56.13 -11.39
CA ALA G 113 -12.90 -56.08 -10.44
C ALA G 113 -13.18 -54.93 -9.49
N ALA G 114 -13.20 -55.24 -8.20
CA ALA G 114 -13.37 -54.22 -7.16
C ALA G 114 -12.09 -53.37 -7.02
N PRO G 115 -12.26 -52.09 -6.70
CA PRO G 115 -11.09 -51.28 -6.46
C PRO G 115 -10.44 -51.57 -5.13
N SER G 116 -9.11 -51.47 -5.08
CA SER G 116 -8.40 -51.26 -3.82
C SER G 116 -8.53 -49.78 -3.52
N VAL G 117 -8.79 -49.45 -2.26
CA VAL G 117 -9.01 -48.08 -1.85
C VAL G 117 -7.97 -47.65 -0.82
N PHE G 118 -7.44 -46.44 -1.00
CA PHE G 118 -6.44 -45.84 -0.11
C PHE G 118 -6.78 -44.39 0.12
N ILE G 119 -6.52 -43.91 1.32
CA ILE G 119 -6.69 -42.51 1.68
C ILE G 119 -5.35 -41.99 2.16
N PHE G 120 -5.01 -40.78 1.76
CA PHE G 120 -3.76 -40.14 2.16
C PHE G 120 -4.02 -38.81 2.87
N PRO G 121 -3.56 -38.68 4.12
CA PRO G 121 -3.68 -37.38 4.77
C PRO G 121 -2.70 -36.37 4.17
N PRO G 122 -2.98 -35.07 4.33
CA PRO G 122 -2.03 -34.08 3.82
C PRO G 122 -0.66 -34.22 4.48
N SER G 123 0.38 -33.92 3.72
CA SER G 123 1.73 -33.94 4.25
C SER G 123 1.93 -32.76 5.20
N ASP G 124 2.83 -32.92 6.16
CA ASP G 124 3.20 -31.83 7.04
C ASP G 124 3.74 -30.64 6.24
N GLU G 125 4.34 -30.92 5.10
CA GLU G 125 4.88 -29.88 4.21
C GLU G 125 3.83 -28.99 3.59
N GLN G 126 2.72 -29.59 3.16
CA GLN G 126 1.64 -28.81 2.57
C GLN G 126 1.02 -27.91 3.62
N LEU G 127 0.83 -28.48 4.81
CA LEU G 127 0.21 -27.76 5.91
C LEU G 127 0.99 -26.49 6.25
N LYS G 128 2.33 -26.54 6.11
CA LYS G 128 3.14 -25.34 6.26
C LYS G 128 2.72 -24.20 5.33
N SER G 129 2.20 -24.52 4.17
CA SER G 129 1.87 -23.52 3.17
C SER G 129 0.50 -22.87 3.40
N GLY G 130 -0.34 -23.47 4.25
CA GLY G 130 -1.67 -22.92 4.54
C GLY G 130 -2.87 -23.68 3.97
N THR G 131 -2.65 -24.70 3.15
CA THR G 131 -3.76 -25.51 2.66
C THR G 131 -3.51 -26.98 2.94
N ALA G 132 -4.57 -27.76 2.79
CA ALA G 132 -4.53 -29.19 3.08
C ALA G 132 -5.32 -29.96 2.01
N SER G 133 -4.65 -30.88 1.33
CA SER G 133 -5.29 -31.75 0.33
C SER G 133 -5.33 -33.19 0.86
N VAL G 134 -6.52 -33.80 0.84
CA VAL G 134 -6.70 -35.19 1.21
C VAL G 134 -6.99 -35.97 -0.04
N VAL G 135 -6.19 -36.99 -0.32
CA VAL G 135 -6.31 -37.74 -1.56
C VAL G 135 -6.87 -39.15 -1.32
N CYS G 136 -7.78 -39.56 -2.19
CA CYS G 136 -8.37 -40.88 -2.17
C CYS G 136 -8.07 -41.60 -3.47
N LEU G 137 -7.53 -42.80 -3.40
CA LEU G 137 -7.17 -43.55 -4.61
C LEU G 137 -8.02 -44.82 -4.74
N LEU G 138 -8.60 -44.99 -5.93
CA LEU G 138 -9.33 -46.20 -6.29
C LEU G 138 -8.52 -46.86 -7.35
N ASN G 139 -7.97 -48.05 -7.06
CA ASN G 139 -7.02 -48.67 -7.96
C ASN G 139 -7.48 -49.98 -8.59
N ASN G 140 -7.36 -50.06 -9.92
CA ASN G 140 -7.56 -51.29 -10.71
C ASN G 140 -8.94 -51.91 -10.62
N PHE G 141 -9.93 -51.17 -11.08
CA PHE G 141 -11.30 -51.62 -11.04
C PHE G 141 -11.94 -51.65 -12.44
N TYR G 142 -12.97 -52.46 -12.55
CA TYR G 142 -13.78 -52.52 -13.75
C TYR G 142 -15.15 -53.01 -13.32
N PRO G 143 -16.23 -52.43 -13.88
CA PRO G 143 -16.21 -51.38 -14.88
C PRO G 143 -15.89 -50.02 -14.30
N ARG G 144 -16.01 -49.00 -15.12
CA ARG G 144 -15.51 -47.70 -14.80
C ARG G 144 -16.36 -46.91 -13.81
N GLU G 145 -17.67 -47.15 -13.82
CA GLU G 145 -18.58 -46.37 -12.98
C GLU G 145 -18.23 -46.61 -11.50
N ALA G 146 -18.10 -45.51 -10.75
CA ALA G 146 -17.63 -45.57 -9.38
C ALA G 146 -18.06 -44.29 -8.70
N LYS G 147 -18.61 -44.39 -7.50
CA LYS G 147 -18.98 -43.21 -6.74
C LYS G 147 -17.99 -43.02 -5.62
N VAL G 148 -17.53 -41.80 -5.44
CA VAL G 148 -16.70 -41.43 -4.30
C VAL G 148 -17.42 -40.36 -3.51
N GLN G 149 -17.58 -40.58 -2.20
CA GLN G 149 -18.17 -39.59 -1.32
C GLN G 149 -17.20 -39.24 -0.20
N TRP G 150 -16.96 -37.97 -0.01
CA TRP G 150 -16.08 -37.49 1.05
C TRP G 150 -16.91 -37.11 2.26
N LYS G 151 -16.45 -37.49 3.45
CA LYS G 151 -17.10 -37.07 4.67
C LYS G 151 -16.09 -36.58 5.68
N VAL G 152 -16.44 -35.49 6.37
CA VAL G 152 -15.59 -34.90 7.40
C VAL G 152 -16.39 -34.81 8.69
N ASP G 153 -15.87 -35.47 9.74
CA ASP G 153 -16.61 -35.77 10.97
C ASP G 153 -18.03 -36.28 10.67
N ASN G 154 -18.11 -37.17 9.68
CA ASN G 154 -19.37 -37.80 9.24
C ASN G 154 -20.35 -36.90 8.45
N ALA G 155 -19.94 -35.67 8.13
CA ALA G 155 -20.75 -34.76 7.33
C ALA G 155 -20.37 -34.88 5.87
N LEU G 156 -21.36 -35.07 5.01
CA LEU G 156 -21.10 -35.28 3.59
C LEU G 156 -20.56 -33.99 2.96
N GLN G 157 -19.49 -34.14 2.19
CA GLN G 157 -18.87 -33.00 1.53
C GLN G 157 -19.44 -32.75 0.15
N SER G 158 -19.47 -31.49 -0.25
CA SER G 158 -20.08 -31.09 -1.52
C SER G 158 -19.31 -29.95 -2.19
N GLY G 159 -18.97 -30.15 -3.47
CA GLY G 159 -18.35 -29.13 -4.31
C GLY G 159 -16.99 -28.59 -3.90
N ASN G 160 -16.21 -29.38 -3.16
CA ASN G 160 -14.83 -29.01 -2.82
C ASN G 160 -13.87 -30.18 -3.06
N SER G 161 -14.23 -31.01 -4.03
CA SER G 161 -13.39 -32.13 -4.43
C SER G 161 -13.33 -32.24 -5.94
N GLN G 162 -12.22 -32.79 -6.42
CA GLN G 162 -12.06 -33.01 -7.84
C GLN G 162 -11.54 -34.40 -8.09
N GLU G 163 -11.71 -34.84 -9.32
CA GLU G 163 -11.66 -36.25 -9.64
C GLU G 163 -11.08 -36.46 -11.01
N SER G 164 -10.40 -37.58 -11.18
CA SER G 164 -9.64 -37.83 -12.39
C SER G 164 -9.50 -39.33 -12.54
N VAL G 165 -9.67 -39.82 -13.76
CA VAL G 165 -9.63 -41.25 -14.02
C VAL G 165 -8.65 -41.56 -15.16
N THR G 166 -7.94 -42.67 -15.06
CA THR G 166 -6.98 -43.05 -16.10
C THR G 166 -7.72 -43.66 -17.29
N GLU G 167 -7.00 -43.84 -18.39
CA GLU G 167 -7.55 -44.60 -19.50
C GLU G 167 -7.43 -46.08 -19.15
N GLN G 168 -8.22 -46.90 -19.83
CA GLN G 168 -8.20 -48.32 -19.55
C GLN G 168 -6.75 -48.83 -19.72
N ASP G 169 -6.26 -49.55 -18.72
CA ASP G 169 -4.93 -50.12 -18.76
C ASP G 169 -4.89 -51.17 -19.84
N SER G 170 -3.86 -51.14 -20.67
CA SER G 170 -3.82 -52.01 -21.85
C SER G 170 -3.56 -53.49 -21.55
N LYS G 171 -3.23 -53.80 -20.30
CA LYS G 171 -2.83 -55.14 -19.89
C LYS G 171 -3.86 -55.86 -19.04
N ASP G 172 -4.25 -55.25 -17.92
CA ASP G 172 -5.28 -55.84 -17.06
C ASP G 172 -6.69 -55.30 -17.35
N SER G 173 -6.79 -54.32 -18.26
CA SER G 173 -8.05 -53.73 -18.70
C SER G 173 -8.79 -52.97 -17.61
N THR G 174 -8.09 -52.52 -16.59
CA THR G 174 -8.72 -51.86 -15.44
C THR G 174 -8.57 -50.34 -15.52
N TYR G 175 -9.36 -49.64 -14.70
CA TYR G 175 -9.26 -48.21 -14.54
C TYR G 175 -8.77 -47.92 -13.13
N SER G 176 -8.24 -46.71 -12.95
CA SER G 176 -7.90 -46.18 -11.66
C SER G 176 -8.43 -44.76 -11.57
N LEU G 177 -8.71 -44.34 -10.33
CA LEU G 177 -9.31 -43.03 -10.06
C LEU G 177 -8.66 -42.38 -8.84
N SER G 178 -8.49 -41.06 -8.96
CA SER G 178 -7.88 -40.26 -7.92
C SER G 178 -8.84 -39.14 -7.61
N SER G 179 -9.09 -38.91 -6.33
CA SER G 179 -9.91 -37.79 -5.89
C SER G 179 -9.19 -36.96 -4.81
N THR G 180 -9.30 -35.63 -4.94
CA THR G 180 -8.72 -34.72 -3.97
C THR G 180 -9.80 -33.86 -3.27
N LEU G 181 -9.76 -33.85 -1.95
CA LEU G 181 -10.56 -32.93 -1.18
C LEU G 181 -9.64 -31.81 -0.71
N THR G 182 -10.00 -30.57 -1.05
CA THR G 182 -9.21 -29.41 -0.65
C THR G 182 -9.97 -28.58 0.37
N LEU G 183 -9.33 -28.34 1.50
CA LEU G 183 -9.79 -27.35 2.46
C LEU G 183 -8.59 -26.57 2.98
N SER G 184 -8.88 -25.46 3.67
CA SER G 184 -7.84 -24.64 4.25
C SER G 184 -7.28 -25.34 5.49
N LYS G 185 -6.06 -24.98 5.84
CA LYS G 185 -5.41 -25.51 7.03
C LYS G 185 -6.30 -25.28 8.25
N ALA G 186 -6.78 -24.04 8.43
CA ALA G 186 -7.62 -23.70 9.58
C ALA G 186 -8.85 -24.61 9.68
N ASP G 187 -9.51 -24.85 8.55
CA ASP G 187 -10.68 -25.75 8.51
C ASP G 187 -10.29 -27.21 8.73
N TYR G 188 -9.12 -27.61 8.22
CA TYR G 188 -8.59 -28.95 8.45
C TYR G 188 -8.32 -29.25 9.94
N GLU G 189 -7.92 -28.22 10.69
CA GLU G 189 -7.59 -28.37 12.11
C GLU G 189 -8.82 -28.47 13.00
N LYS G 190 -9.98 -28.14 12.45
CA LYS G 190 -11.21 -28.13 13.21
C LYS G 190 -11.93 -29.47 13.25
N HIS G 191 -11.46 -30.44 12.47
CA HIS G 191 -12.16 -31.71 12.35
C HIS G 191 -11.22 -32.87 12.58
N LYS G 192 -11.76 -33.98 13.08
CA LYS G 192 -10.97 -35.17 13.42
C LYS G 192 -10.96 -36.22 12.31
N VAL G 193 -12.14 -36.64 11.88
CA VAL G 193 -12.28 -37.83 11.01
C VAL G 193 -12.49 -37.47 9.55
N TYR G 194 -11.57 -37.94 8.71
CA TYR G 194 -11.63 -37.72 7.28
C TYR G 194 -11.81 -39.07 6.66
N ALA G 195 -12.91 -39.22 5.91
CA ALA G 195 -13.27 -40.50 5.27
C ALA G 195 -13.52 -40.35 3.79
N CYS G 196 -13.12 -41.39 3.06
CA CYS G 196 -13.35 -41.55 1.65
C CYS G 196 -14.26 -42.79 1.49
N GLU G 197 -15.50 -42.63 0.98
CA GLU G 197 -16.47 -43.74 0.85
C GLU G 197 -16.74 -44.09 -0.63
N VAL G 198 -16.62 -45.38 -0.95
CA VAL G 198 -16.58 -45.82 -2.34
C VAL G 198 -17.61 -46.88 -2.64
N THR G 199 -18.49 -46.61 -3.60
CA THR G 199 -19.38 -47.65 -4.12
C THR G 199 -18.93 -48.03 -5.53
N HIS G 200 -19.00 -49.33 -5.80
CA HIS G 200 -18.67 -49.89 -7.09
C HIS G 200 -19.36 -51.24 -7.20
N GLN G 201 -19.68 -51.64 -8.43
CA GLN G 201 -20.40 -52.88 -8.70
C GLN G 201 -19.72 -54.13 -8.14
N GLY G 202 -18.39 -54.09 -8.10
CA GLY G 202 -17.59 -55.19 -7.55
C GLY G 202 -17.60 -55.30 -6.05
N LEU G 203 -18.09 -54.26 -5.36
CA LEU G 203 -18.26 -54.28 -3.91
C LEU G 203 -19.71 -54.55 -3.58
N SER G 204 -19.93 -55.48 -2.66
CA SER G 204 -21.27 -55.82 -2.22
C SER G 204 -21.84 -54.82 -1.22
N SER G 205 -20.98 -53.96 -0.68
CA SER G 205 -21.43 -52.84 0.15
C SER G 205 -20.29 -51.86 0.15
N PRO G 206 -20.57 -50.56 0.33
CA PRO G 206 -19.51 -49.58 0.15
C PRO G 206 -18.32 -49.75 1.10
N VAL G 207 -17.13 -49.46 0.61
CA VAL G 207 -15.91 -49.46 1.40
C VAL G 207 -15.57 -48.02 1.83
N THR G 208 -15.26 -47.86 3.11
CA THR G 208 -14.84 -46.58 3.65
C THR G 208 -13.40 -46.70 4.11
N LYS G 209 -12.57 -45.73 3.75
CA LYS G 209 -11.24 -45.63 4.33
C LYS G 209 -11.15 -44.30 5.01
N SER G 210 -10.58 -44.27 6.20
CA SER G 210 -10.49 -43.02 6.95
C SER G 210 -9.24 -42.93 7.78
N PHE G 211 -8.99 -41.75 8.30
CA PHE G 211 -7.91 -41.56 9.23
C PHE G 211 -8.37 -40.50 10.21
N ASN G 212 -7.72 -40.46 11.37
CA ASN G 212 -7.96 -39.43 12.37
C ASN G 212 -6.83 -38.44 12.40
N ARG G 213 -7.13 -37.17 12.11
CA ARG G 213 -6.12 -36.09 12.15
C ARG G 213 -5.28 -36.21 13.43
N GLY G 214 -3.97 -36.16 13.26
CA GLY G 214 -3.03 -36.22 14.39
C GLY G 214 -3.01 -37.55 15.12
N GLU G 215 -3.16 -38.64 14.38
CA GLU G 215 -3.06 -39.99 14.93
C GLU G 215 -2.45 -40.98 13.91
N GLU H 1 15.63 -45.29 -35.80
CA GLU H 1 14.15 -45.12 -35.90
C GLU H 1 13.81 -43.82 -36.64
N VAL H 2 12.54 -43.67 -37.00
CA VAL H 2 12.10 -42.39 -37.49
C VAL H 2 12.01 -41.54 -36.23
N LYS H 3 12.38 -40.27 -36.34
CA LYS H 3 12.20 -39.35 -35.24
C LYS H 3 11.59 -38.06 -35.74
N LEU H 4 10.61 -37.56 -35.00
CA LEU H 4 10.00 -36.28 -35.30
C LEU H 4 9.94 -35.42 -34.01
N LEU H 5 10.99 -34.67 -33.72
CA LEU H 5 11.07 -33.88 -32.49
C LEU H 5 10.52 -32.47 -32.67
N GLU H 6 9.37 -32.18 -32.08
CA GLU H 6 8.82 -30.82 -32.11
C GLU H 6 9.42 -29.91 -31.00
N SER H 7 9.44 -28.61 -31.24
CA SER H 7 9.73 -27.64 -30.19
C SER H 7 9.19 -26.27 -30.55
N GLY H 8 9.28 -25.33 -29.60
CA GLY H 8 8.80 -23.97 -29.79
C GLY H 8 7.49 -23.64 -29.08
N GLY H 9 6.90 -24.61 -28.41
CA GLY H 9 5.68 -24.40 -27.66
C GLY H 9 5.90 -23.74 -26.30
N GLY H 10 4.82 -23.52 -25.58
CA GLY H 10 4.85 -22.92 -24.26
C GLY H 10 3.73 -21.92 -24.13
N LEU H 11 3.89 -20.97 -23.22
CA LEU H 11 2.90 -19.94 -22.96
C LEU H 11 3.02 -18.83 -24.01
N ALA H 12 1.89 -18.45 -24.59
CA ALA H 12 1.81 -17.27 -25.47
C ALA H 12 0.65 -16.41 -25.04
N GLN H 13 0.79 -15.10 -25.27
CA GLN H 13 -0.25 -14.16 -24.92
C GLN H 13 -1.25 -14.06 -26.07
N PRO H 14 -2.53 -13.80 -25.74
CA PRO H 14 -3.57 -13.58 -26.75
C PRO H 14 -3.19 -12.46 -27.72
N GLY H 15 -3.43 -12.68 -29.00
CA GLY H 15 -3.04 -11.73 -30.04
C GLY H 15 -1.63 -11.95 -30.57
N GLY H 16 -0.76 -12.55 -29.76
CA GLY H 16 0.63 -12.74 -30.15
C GLY H 16 0.82 -13.84 -31.17
N SER H 17 2.07 -13.97 -31.63
CA SER H 17 2.45 -15.03 -32.57
C SER H 17 3.50 -15.96 -31.98
N LEU H 18 3.73 -17.07 -32.66
CA LEU H 18 4.57 -18.18 -32.15
C LEU H 18 5.04 -19.06 -33.32
N LYS H 19 6.28 -19.54 -33.27
CA LYS H 19 6.82 -20.36 -34.35
C LYS H 19 7.19 -21.74 -33.81
N LEU H 20 6.45 -22.76 -34.24
CA LEU H 20 6.76 -24.14 -33.88
C LEU H 20 7.64 -24.68 -34.95
N SER H 21 8.50 -25.62 -34.59
CA SER H 21 9.40 -26.25 -35.53
C SER H 21 9.51 -27.70 -35.18
N CYS H 22 10.04 -28.45 -36.13
CA CYS H 22 10.07 -29.90 -36.05
C CYS H 22 11.25 -30.43 -36.82
N ALA H 23 12.10 -31.19 -36.16
CA ALA H 23 13.30 -31.73 -36.80
C ALA H 23 13.07 -33.22 -37.03
N ALA H 24 13.43 -33.70 -38.23
CA ALA H 24 13.18 -35.07 -38.62
C ALA H 24 14.49 -35.80 -38.89
N SER H 25 14.53 -37.08 -38.55
CA SER H 25 15.61 -37.97 -38.92
C SER H 25 15.08 -39.37 -39.17
N GLY H 26 15.93 -40.23 -39.74
CA GLY H 26 15.59 -41.63 -39.96
C GLY H 26 14.82 -41.94 -41.23
N PHE H 27 14.61 -40.94 -42.07
CA PHE H 27 14.03 -41.14 -43.39
C PHE H 27 14.41 -40.00 -44.35
N ASP H 28 14.19 -40.21 -45.65
CA ASP H 28 14.58 -39.21 -46.66
C ASP H 28 13.53 -38.09 -46.70
N PHE H 29 13.66 -37.18 -45.74
CA PHE H 29 12.72 -36.06 -45.52
C PHE H 29 12.39 -35.30 -46.81
N ARG H 30 13.40 -35.10 -47.65
CA ARG H 30 13.23 -34.43 -48.93
C ARG H 30 12.06 -34.93 -49.77
N ARG H 31 11.75 -36.21 -49.65
CA ARG H 31 10.82 -36.86 -50.57
C ARG H 31 9.36 -36.84 -50.10
N TYR H 32 9.14 -36.53 -48.83
CA TYR H 32 7.84 -36.75 -48.23
C TYR H 32 7.03 -35.48 -48.08
N TRP H 33 5.71 -35.64 -48.17
CA TRP H 33 4.76 -34.62 -47.75
C TRP H 33 4.75 -34.59 -46.21
N MET H 34 4.53 -33.40 -45.65
CA MET H 34 4.51 -33.26 -44.21
C MET H 34 3.23 -32.55 -43.80
N THR H 35 2.77 -32.80 -42.58
CA THR H 35 1.48 -32.30 -42.10
C THR H 35 1.61 -31.79 -40.68
N TRP H 36 0.76 -30.83 -40.31
CA TRP H 36 0.57 -30.45 -38.90
C TRP H 36 -0.85 -30.81 -38.49
N VAL H 37 -0.98 -31.32 -37.27
CA VAL H 37 -2.26 -31.66 -36.70
C VAL H 37 -2.24 -31.16 -35.27
N ARG H 38 -3.40 -30.80 -34.74
CA ARG H 38 -3.49 -30.36 -33.35
C ARG H 38 -4.63 -30.99 -32.60
N GLN H 39 -4.52 -31.01 -31.28
CA GLN H 39 -5.53 -31.57 -30.40
C GLN H 39 -5.69 -30.73 -29.16
N ALA H 40 -6.80 -29.98 -29.09
CA ALA H 40 -7.14 -29.22 -27.87
C ALA H 40 -7.40 -30.18 -26.69
N PRO H 41 -7.27 -29.68 -25.45
CA PRO H 41 -7.42 -30.55 -24.26
C PRO H 41 -8.78 -31.25 -24.18
N GLY H 42 -8.75 -32.57 -24.03
CA GLY H 42 -9.97 -33.40 -23.94
C GLY H 42 -10.80 -33.45 -25.22
N LYS H 43 -10.21 -33.09 -26.37
CA LYS H 43 -10.96 -32.99 -27.62
C LYS H 43 -10.31 -33.82 -28.72
N GLY H 44 -10.92 -33.80 -29.90
CA GLY H 44 -10.47 -34.59 -31.03
C GLY H 44 -9.38 -33.93 -31.83
N LEU H 45 -8.99 -34.59 -32.92
CA LEU H 45 -7.89 -34.11 -33.78
C LEU H 45 -8.42 -33.10 -34.78
N GLU H 46 -7.56 -32.16 -35.13
CA GLU H 46 -7.88 -31.13 -36.12
C GLU H 46 -6.68 -30.98 -37.07
N TRP H 47 -6.91 -31.35 -38.32
CA TRP H 47 -5.95 -31.12 -39.39
C TRP H 47 -5.73 -29.63 -39.64
N ILE H 48 -4.47 -29.19 -39.62
CA ILE H 48 -4.14 -27.80 -39.85
C ILE H 48 -3.74 -27.59 -41.31
N GLY H 49 -2.78 -28.38 -41.81
CA GLY H 49 -2.35 -28.29 -43.20
C GLY H 49 -1.22 -29.23 -43.57
N GLU H 50 -0.77 -29.14 -44.81
CA GLU H 50 0.24 -30.03 -45.37
C GLU H 50 1.12 -29.28 -46.37
N ILE H 51 2.35 -29.73 -46.50
CA ILE H 51 3.25 -29.16 -47.46
C ILE H 51 3.94 -30.29 -48.22
N ASN H 52 4.10 -30.10 -49.54
CA ASN H 52 4.78 -31.08 -50.37
C ASN H 52 6.30 -30.87 -50.29
N PRO H 53 7.08 -31.82 -50.82
CA PRO H 53 8.54 -31.71 -50.79
C PRO H 53 9.13 -30.36 -51.24
N ASP H 54 8.70 -29.82 -52.37
CA ASP H 54 9.32 -28.59 -52.91
C ASP H 54 8.59 -27.29 -52.53
N SER H 55 7.70 -27.37 -51.53
CA SER H 55 7.08 -26.19 -50.89
C SER H 55 6.17 -25.34 -51.81
N ARG H 56 5.62 -25.97 -52.83
CA ARG H 56 4.83 -25.27 -53.85
C ARG H 56 3.35 -25.56 -53.75
N THR H 57 3.02 -26.69 -53.14
CA THR H 57 1.66 -27.00 -52.76
C THR H 57 1.60 -26.99 -51.24
N ILE H 58 0.90 -26.01 -50.69
CA ILE H 58 0.67 -25.89 -49.27
C ILE H 58 -0.84 -25.77 -49.07
N ASN H 59 -1.48 -26.85 -48.63
CA ASN H 59 -2.92 -26.83 -48.39
C ASN H 59 -3.22 -26.65 -46.92
N TYR H 60 -4.25 -25.88 -46.62
CA TYR H 60 -4.63 -25.54 -45.27
C TYR H 60 -6.08 -25.89 -44.98
N MET H 61 -6.33 -26.03 -43.69
CA MET H 61 -7.67 -25.98 -43.14
C MET H 61 -8.39 -24.66 -43.52
N PRO H 62 -9.73 -24.65 -43.56
CA PRO H 62 -10.43 -23.36 -43.73
C PRO H 62 -10.22 -22.41 -42.54
N SER H 63 -9.75 -21.19 -42.84
CA SER H 63 -9.53 -20.16 -41.81
C SER H 63 -9.30 -18.83 -42.55
N LEU H 64 -9.01 -17.74 -41.84
CA LEU H 64 -8.69 -16.45 -42.48
C LEU H 64 -7.20 -16.42 -42.87
N LYS H 65 -6.80 -15.43 -43.69
CA LYS H 65 -5.42 -15.36 -44.24
C LYS H 65 -4.29 -15.42 -43.20
N ASP H 66 -3.21 -16.13 -43.54
CA ASP H 66 -2.00 -16.18 -42.71
C ASP H 66 -2.31 -16.31 -41.24
N LYS H 67 -3.33 -17.09 -40.91
CA LYS H 67 -3.55 -17.50 -39.53
C LYS H 67 -2.46 -18.50 -39.21
N PHE H 68 -2.31 -19.46 -40.11
CA PHE H 68 -1.21 -20.39 -40.08
C PHE H 68 -0.33 -20.16 -41.28
N ILE H 69 0.97 -20.31 -41.09
CA ILE H 69 1.87 -20.45 -42.23
C ILE H 69 2.75 -21.69 -42.02
N ILE H 70 2.65 -22.64 -42.96
CA ILE H 70 3.49 -23.82 -42.95
C ILE H 70 4.64 -23.63 -43.93
N SER H 71 5.86 -23.96 -43.49
CA SER H 71 7.02 -23.99 -44.36
C SER H 71 7.93 -25.14 -43.95
N ARG H 72 8.96 -25.39 -44.76
CA ARG H 72 9.94 -26.43 -44.50
C ARG H 72 11.28 -25.97 -45.02
N ASP H 73 12.33 -26.54 -44.45
CA ASP H 73 13.70 -26.32 -44.90
C ASP H 73 14.37 -27.68 -45.05
N ASN H 74 14.38 -28.21 -46.28
CA ASN H 74 14.83 -29.57 -46.56
C ASN H 74 16.31 -29.81 -46.22
N ALA H 75 17.10 -28.74 -46.28
CA ALA H 75 18.53 -28.82 -45.94
C ALA H 75 18.74 -29.05 -44.44
N LYS H 76 17.77 -28.64 -43.62
CA LYS H 76 17.82 -28.84 -42.16
C LYS H 76 16.86 -29.94 -41.70
N ASN H 77 16.33 -30.70 -42.66
CA ASN H 77 15.30 -31.70 -42.38
C ASN H 77 14.25 -31.22 -41.41
N SER H 78 13.75 -30.01 -41.64
CA SER H 78 12.90 -29.36 -40.66
C SER H 78 11.59 -28.85 -41.24
N LEU H 79 10.55 -28.89 -40.43
CA LEU H 79 9.23 -28.40 -40.78
C LEU H 79 8.87 -27.28 -39.80
N TYR H 80 8.13 -26.28 -40.26
CA TYR H 80 7.79 -25.12 -39.43
C TYR H 80 6.32 -24.80 -39.50
N LEU H 81 5.79 -24.30 -38.38
CA LEU H 81 4.40 -23.84 -38.32
C LEU H 81 4.37 -22.50 -37.61
N GLN H 82 3.98 -21.46 -38.33
CA GLN H 82 3.85 -20.14 -37.73
C GLN H 82 2.40 -19.82 -37.36
N LEU H 83 2.20 -19.48 -36.08
CA LEU H 83 0.87 -19.15 -35.54
C LEU H 83 0.83 -17.67 -35.28
N SER H 84 -0.26 -17.02 -35.69
CA SER H 84 -0.49 -15.63 -35.35
C SER H 84 -1.94 -15.43 -34.92
N ARG H 85 -2.25 -14.21 -34.45
CA ARG H 85 -3.59 -13.86 -33.95
C ARG H 85 -4.13 -14.91 -32.97
N LEU H 86 -3.31 -15.23 -31.97
CA LEU H 86 -3.59 -16.35 -31.07
C LEU H 86 -4.78 -16.09 -30.13
N ARG H 87 -5.66 -17.09 -30.05
CA ARG H 87 -6.77 -17.12 -29.11
C ARG H 87 -6.73 -18.42 -28.30
N SER H 88 -7.53 -18.48 -27.25
CA SER H 88 -7.55 -19.62 -26.35
C SER H 88 -7.94 -20.90 -27.09
N GLU H 89 -8.75 -20.77 -28.13
CA GLU H 89 -9.10 -21.91 -28.99
C GLU H 89 -7.89 -22.56 -29.67
N ASP H 90 -6.80 -21.81 -29.80
CA ASP H 90 -5.56 -22.34 -30.38
C ASP H 90 -4.70 -23.10 -29.35
N SER H 91 -5.09 -23.10 -28.08
CA SER H 91 -4.42 -23.92 -27.06
C SER H 91 -4.62 -25.38 -27.38
N ALA H 92 -3.52 -26.10 -27.55
CA ALA H 92 -3.55 -27.50 -27.99
C ALA H 92 -2.16 -28.15 -28.00
N LEU H 93 -2.15 -29.46 -28.20
CA LEU H 93 -0.93 -30.16 -28.57
C LEU H 93 -0.78 -30.10 -30.09
N TYR H 94 0.39 -29.73 -30.57
CA TYR H 94 0.61 -29.65 -32.01
C TYR H 94 1.53 -30.76 -32.43
N TYR H 95 1.06 -31.58 -33.38
CA TYR H 95 1.83 -32.74 -33.86
C TYR H 95 2.37 -32.53 -35.28
N CYS H 96 3.67 -32.79 -35.39
CA CYS H 96 4.41 -32.98 -36.60
C CYS H 96 4.10 -34.38 -37.13
N VAL H 97 3.63 -34.49 -38.36
CA VAL H 97 3.19 -35.80 -38.87
C VAL H 97 3.63 -36.03 -40.28
N ARG H 98 4.24 -37.18 -40.54
CA ARG H 98 4.69 -37.55 -41.89
C ARG H 98 3.53 -38.20 -42.67
N LEU H 99 3.36 -37.73 -43.91
CA LEU H 99 2.33 -38.24 -44.80
C LEU H 99 2.97 -39.11 -45.86
N ASP H 100 2.65 -40.39 -45.88
CA ASP H 100 3.14 -41.30 -46.90
C ASP H 100 2.14 -41.37 -48.08
N PHE H 101 2.54 -40.80 -49.22
CA PHE H 101 1.74 -40.69 -50.45
C PHE H 101 1.87 -42.00 -51.24
N ASP H 102 1.01 -42.20 -52.23
CA ASP H 102 1.14 -43.34 -53.15
C ASP H 102 0.03 -43.28 -54.20
N VAL H 103 0.27 -42.53 -55.26
CA VAL H 103 -0.75 -42.24 -56.27
C VAL H 103 -1.24 -43.51 -56.98
N TYR H 104 -0.34 -44.47 -57.19
CA TYR H 104 -0.69 -45.73 -57.87
C TYR H 104 -1.68 -46.56 -57.06
N ASN H 105 -1.40 -46.72 -55.76
CA ASN H 105 -2.26 -47.49 -54.85
C ASN H 105 -3.52 -46.75 -54.42
N HIS H 106 -3.61 -45.44 -54.68
CA HIS H 106 -4.72 -44.60 -54.20
C HIS H 106 -4.68 -44.54 -52.68
N TYR H 107 -3.53 -44.14 -52.14
CA TYR H 107 -3.22 -44.39 -50.74
C TYR H 107 -2.49 -43.19 -50.11
N TYR H 108 -3.04 -42.69 -49.01
CA TYR H 108 -2.49 -41.55 -48.29
C TYR H 108 -2.68 -41.81 -46.79
N VAL H 109 -1.58 -42.05 -46.07
CA VAL H 109 -1.65 -42.37 -44.65
C VAL H 109 -0.81 -41.40 -43.84
N LEU H 110 -1.32 -41.02 -42.67
CA LEU H 110 -0.54 -40.27 -41.71
C LEU H 110 0.15 -41.29 -40.85
N ASP H 111 1.38 -41.66 -41.21
CA ASP H 111 2.02 -42.83 -40.61
C ASP H 111 2.91 -42.57 -39.38
N TYR H 112 3.79 -41.59 -39.41
CA TYR H 112 4.60 -41.28 -38.22
C TYR H 112 4.24 -39.94 -37.61
N TRP H 113 4.05 -39.95 -36.30
CA TRP H 113 3.63 -38.79 -35.57
C TRP H 113 4.65 -38.43 -34.51
N GLY H 114 4.94 -37.14 -34.40
CA GLY H 114 5.76 -36.67 -33.31
C GLY H 114 5.00 -36.73 -31.99
N GLN H 115 5.71 -36.53 -30.89
CA GLN H 115 5.05 -36.53 -29.58
C GLN H 115 4.22 -35.28 -29.32
N GLY H 116 4.53 -34.20 -30.00
CA GLY H 116 3.78 -32.96 -29.91
C GLY H 116 4.41 -31.97 -28.97
N THR H 117 4.17 -30.69 -29.22
CA THR H 117 4.62 -29.64 -28.30
C THR H 117 3.37 -28.86 -27.84
N SER H 118 3.34 -28.54 -26.56
CA SER H 118 2.18 -27.91 -25.98
C SER H 118 2.23 -26.42 -26.22
N VAL H 119 1.08 -25.84 -26.59
CA VAL H 119 0.90 -24.40 -26.69
C VAL H 119 -0.29 -24.01 -25.84
N THR H 120 -0.09 -23.06 -24.94
CA THR H 120 -1.19 -22.48 -24.17
C THR H 120 -1.26 -20.97 -24.42
N VAL H 121 -2.45 -20.49 -24.79
CA VAL H 121 -2.69 -19.07 -25.00
C VAL H 121 -3.43 -18.52 -23.78
N SER H 122 -2.75 -17.64 -23.04
CA SER H 122 -3.27 -17.07 -21.79
C SER H 122 -2.42 -15.86 -21.35
N SER H 123 -3.03 -14.87 -20.72
CA SER H 123 -2.27 -13.76 -20.15
C SER H 123 -1.90 -14.00 -18.68
N ALA H 124 -2.23 -15.19 -18.18
CA ALA H 124 -1.78 -15.67 -16.88
C ALA H 124 -0.28 -15.99 -16.91
N SER H 125 0.36 -15.86 -15.76
CA SER H 125 1.79 -16.09 -15.68
C SER H 125 2.07 -17.53 -15.30
N THR H 126 3.31 -17.93 -15.55
CA THR H 126 3.78 -19.27 -15.23
C THR H 126 3.84 -19.45 -13.72
N LYS H 127 3.56 -20.66 -13.28
CA LYS H 127 3.70 -21.01 -11.89
C LYS H 127 4.21 -22.43 -11.75
N GLY H 128 5.31 -22.57 -11.04
CA GLY H 128 5.87 -23.89 -10.78
C GLY H 128 5.02 -24.62 -9.76
N PRO H 129 5.06 -25.95 -9.79
CA PRO H 129 4.30 -26.76 -8.82
C PRO H 129 5.03 -26.96 -7.51
N SER H 130 4.25 -27.17 -6.46
CA SER H 130 4.72 -27.77 -5.22
C SER H 130 4.53 -29.28 -5.36
N VAL H 131 5.48 -30.05 -4.82
CA VAL H 131 5.40 -31.49 -4.87
C VAL H 131 5.30 -32.06 -3.47
N PHE H 132 4.24 -32.78 -3.19
CA PHE H 132 4.01 -33.32 -1.84
C PHE H 132 3.93 -34.83 -1.85
N PRO H 133 4.57 -35.45 -0.86
CA PRO H 133 4.51 -36.91 -0.79
C PRO H 133 3.13 -37.41 -0.41
N LEU H 134 2.74 -38.55 -0.97
CA LEU H 134 1.61 -39.31 -0.46
C LEU H 134 2.18 -40.57 0.19
N ALA H 135 2.48 -40.47 1.47
CA ALA H 135 3.22 -41.52 2.20
C ALA H 135 2.44 -42.81 2.32
N PRO H 136 3.10 -43.95 2.09
CA PRO H 136 2.50 -45.25 2.36
C PRO H 136 2.58 -45.63 3.82
N SER H 137 1.71 -46.54 4.21
CA SER H 137 1.78 -47.15 5.53
C SER H 137 1.64 -48.67 5.42
N SER H 138 2.51 -49.36 6.14
CA SER H 138 2.42 -50.80 6.35
C SER H 138 1.04 -51.23 6.85
N LYS H 139 0.36 -50.31 7.57
CA LYS H 139 -0.97 -50.54 8.12
C LYS H 139 -2.15 -50.20 7.17
N SER H 140 -1.86 -49.57 6.03
CA SER H 140 -2.90 -49.14 5.08
C SER H 140 -2.78 -49.90 3.75
N THR H 141 -2.88 -51.22 3.82
CA THR H 141 -2.81 -52.04 2.61
C THR H 141 -4.19 -52.48 2.14
N SER H 142 -4.33 -52.64 0.84
CA SER H 142 -5.58 -53.05 0.22
C SER H 142 -5.28 -53.91 -1.01
N GLY H 143 -6.03 -55.00 -1.16
CA GLY H 143 -5.84 -55.97 -2.24
C GLY H 143 -4.40 -56.47 -2.36
N GLY H 144 -3.79 -56.76 -1.20
CA GLY H 144 -2.41 -57.23 -1.12
C GLY H 144 -1.34 -56.23 -1.53
N THR H 145 -1.70 -54.96 -1.62
CA THR H 145 -0.76 -53.95 -2.08
C THR H 145 -0.69 -52.74 -1.15
N ALA H 146 0.45 -52.05 -1.19
CA ALA H 146 0.65 -50.76 -0.55
C ALA H 146 0.72 -49.69 -1.63
N ALA H 147 0.13 -48.53 -1.37
CA ALA H 147 0.14 -47.44 -2.35
C ALA H 147 0.95 -46.25 -1.83
N LEU H 148 1.73 -45.62 -2.71
CA LEU H 148 2.42 -44.39 -2.37
C LEU H 148 2.44 -43.48 -3.58
N GLY H 149 2.71 -42.20 -3.36
CA GLY H 149 2.62 -41.26 -4.46
C GLY H 149 3.09 -39.86 -4.22
N CYS H 150 2.84 -39.02 -5.23
CA CYS H 150 3.18 -37.60 -5.23
C CYS H 150 1.99 -36.77 -5.67
N LEU H 151 1.72 -35.72 -4.89
CA LEU H 151 0.74 -34.73 -5.27
C LEU H 151 1.48 -33.57 -5.91
N VAL H 152 1.25 -33.36 -7.21
CA VAL H 152 1.91 -32.28 -7.92
C VAL H 152 0.92 -31.16 -8.07
N LYS H 153 1.08 -30.11 -7.26
CA LYS H 153 0.02 -29.15 -7.05
C LYS H 153 0.35 -27.67 -7.41
N ASP H 154 -0.67 -27.00 -7.95
CA ASP H 154 -0.71 -25.55 -8.20
C ASP H 154 0.29 -25.08 -9.25
N TYR H 155 0.17 -25.61 -10.46
CA TYR H 155 1.06 -25.22 -11.55
C TYR H 155 0.35 -24.69 -12.78
N PHE H 156 1.07 -23.92 -13.58
CA PHE H 156 0.51 -23.39 -14.79
C PHE H 156 1.63 -22.98 -15.71
N PRO H 157 1.51 -23.32 -17.02
CA PRO H 157 0.46 -24.11 -17.66
C PRO H 157 0.84 -25.56 -17.68
N GLU H 158 0.02 -26.38 -18.32
CA GLU H 158 0.39 -27.77 -18.65
C GLU H 158 1.59 -27.73 -19.61
N PRO H 159 2.35 -28.82 -19.68
CA PRO H 159 2.29 -30.03 -18.89
C PRO H 159 3.36 -30.10 -17.80
N VAL H 160 3.25 -31.10 -16.95
CA VAL H 160 4.34 -31.61 -16.11
C VAL H 160 4.61 -33.04 -16.55
N THR H 161 5.88 -33.46 -16.56
CA THR H 161 6.23 -34.85 -16.73
C THR H 161 6.58 -35.41 -15.35
N VAL H 162 6.13 -36.62 -15.07
CA VAL H 162 6.41 -37.28 -13.80
C VAL H 162 6.95 -38.65 -14.06
N SER H 163 8.00 -39.03 -13.35
CA SER H 163 8.47 -40.42 -13.41
C SER H 163 8.96 -40.86 -12.05
N TRP H 164 9.22 -42.16 -11.92
CA TRP H 164 9.65 -42.72 -10.66
C TRP H 164 11.04 -43.37 -10.74
N ASN H 165 11.94 -42.92 -9.87
CA ASN H 165 13.32 -43.41 -9.83
C ASN H 165 13.97 -43.25 -11.20
N SER H 166 13.91 -42.03 -11.72
CA SER H 166 14.49 -41.70 -13.00
C SER H 166 14.05 -42.64 -14.16
N GLY H 167 12.82 -43.12 -14.10
CA GLY H 167 12.28 -43.95 -15.17
C GLY H 167 12.51 -45.43 -14.99
N ALA H 168 13.32 -45.81 -14.00
CA ALA H 168 13.59 -47.21 -13.68
C ALA H 168 12.35 -47.94 -13.16
N LEU H 169 11.40 -47.21 -12.57
CA LEU H 169 10.21 -47.83 -11.96
C LEU H 169 8.95 -47.53 -12.77
N THR H 170 8.42 -48.55 -13.42
CA THR H 170 7.23 -48.40 -14.28
C THR H 170 6.03 -49.30 -13.92
N SER H 171 6.27 -50.55 -13.51
CA SER H 171 5.20 -51.40 -12.99
C SER H 171 4.47 -50.75 -11.81
N GLY H 172 3.15 -50.79 -11.86
CA GLY H 172 2.32 -50.28 -10.77
C GLY H 172 2.13 -48.79 -10.78
N VAL H 173 2.72 -48.08 -11.75
CA VAL H 173 2.63 -46.62 -11.80
C VAL H 173 1.37 -46.12 -12.51
N HIS H 174 0.67 -45.17 -11.91
CA HIS H 174 -0.38 -44.43 -12.57
C HIS H 174 -0.20 -42.94 -12.36
N THR H 175 0.01 -42.21 -13.45
CA THR H 175 -0.04 -40.76 -13.41
C THR H 175 -1.42 -40.32 -13.96
N PHE H 176 -2.17 -39.63 -13.11
CA PHE H 176 -3.53 -39.27 -13.41
C PHE H 176 -3.60 -38.03 -14.28
N PRO H 177 -4.64 -37.90 -15.12
CA PRO H 177 -4.85 -36.65 -15.86
C PRO H 177 -4.90 -35.45 -14.92
N ALA H 178 -4.27 -34.35 -15.32
CA ALA H 178 -4.30 -33.14 -14.53
C ALA H 178 -5.72 -32.63 -14.46
N VAL H 179 -6.04 -31.98 -13.35
CA VAL H 179 -7.33 -31.37 -13.10
C VAL H 179 -7.13 -29.84 -13.00
N LEU H 180 -8.09 -29.07 -13.51
CA LEU H 180 -8.03 -27.62 -13.43
C LEU H 180 -8.85 -27.12 -12.24
N GLN H 181 -8.17 -26.49 -11.28
CA GLN H 181 -8.81 -26.06 -10.06
C GLN H 181 -9.51 -24.72 -10.24
N SER H 182 -10.41 -24.40 -9.33
CA SER H 182 -11.16 -23.14 -9.42
C SER H 182 -10.25 -21.92 -9.29
N SER H 183 -9.05 -22.12 -8.75
CA SER H 183 -8.01 -21.08 -8.73
C SER H 183 -7.43 -20.77 -10.11
N GLY H 184 -7.72 -21.61 -11.10
CA GLY H 184 -7.13 -21.44 -12.43
C GLY H 184 -5.79 -22.17 -12.58
N LEU H 185 -5.35 -22.84 -11.52
CA LEU H 185 -4.11 -23.59 -11.56
C LEU H 185 -4.41 -25.07 -11.68
N TYR H 186 -3.47 -25.82 -12.24
CA TYR H 186 -3.61 -27.26 -12.40
C TYR H 186 -3.04 -28.05 -11.23
N SER H 187 -3.48 -29.30 -11.14
CA SER H 187 -3.05 -30.20 -10.10
C SER H 187 -3.20 -31.62 -10.57
N LEU H 188 -2.24 -32.46 -10.21
CA LEU H 188 -2.26 -33.87 -10.61
C LEU H 188 -1.58 -34.75 -9.56
N SER H 189 -1.89 -36.04 -9.57
CA SER H 189 -1.23 -36.96 -8.67
C SER H 189 -0.66 -38.12 -9.46
N SER H 190 0.42 -38.69 -8.95
CA SER H 190 1.02 -39.87 -9.51
C SER H 190 1.18 -40.88 -8.37
N VAL H 191 0.80 -42.12 -8.61
CA VAL H 191 0.88 -43.14 -7.57
C VAL H 191 1.58 -44.39 -8.04
N VAL H 192 2.14 -45.12 -7.09
CA VAL H 192 2.77 -46.42 -7.35
C VAL H 192 2.15 -47.37 -6.36
N THR H 193 1.74 -48.54 -6.83
CA THR H 193 1.35 -49.62 -5.93
C THR H 193 2.40 -50.71 -5.98
N VAL H 194 2.65 -51.31 -4.84
CA VAL H 194 3.63 -52.38 -4.71
C VAL H 194 3.04 -53.46 -3.82
N PRO H 195 3.46 -54.71 -3.99
CA PRO H 195 3.05 -55.74 -3.04
C PRO H 195 3.46 -55.33 -1.63
N SER H 196 2.55 -55.48 -0.69
CA SER H 196 2.73 -55.05 0.69
C SER H 196 4.08 -55.42 1.30
N SER H 197 4.44 -56.70 1.21
CA SER H 197 5.67 -57.18 1.80
C SER H 197 6.95 -56.63 1.20
N SER H 198 6.86 -55.94 0.06
CA SER H 198 8.03 -55.34 -0.56
C SER H 198 8.25 -53.88 -0.17
N LEU H 199 7.45 -53.35 0.74
CA LEU H 199 7.45 -51.89 0.99
C LEU H 199 8.83 -51.35 1.40
N GLY H 200 9.43 -51.89 2.45
CA GLY H 200 10.76 -51.41 2.88
C GLY H 200 11.91 -51.78 1.95
N THR H 201 11.62 -52.53 0.89
CA THR H 201 12.64 -53.14 0.05
C THR H 201 13.39 -52.16 -0.85
N GLN H 202 12.77 -51.03 -1.17
CA GLN H 202 13.44 -50.07 -2.05
C GLN H 202 12.98 -48.63 -1.86
N THR H 203 13.78 -47.73 -2.42
CA THR H 203 13.55 -46.31 -2.32
C THR H 203 12.61 -45.88 -3.44
N TYR H 204 11.72 -44.94 -3.14
CA TYR H 204 10.83 -44.39 -4.15
C TYR H 204 11.00 -42.89 -4.25
N ILE H 205 11.43 -42.43 -5.42
CA ILE H 205 11.60 -41.01 -5.66
C ILE H 205 10.78 -40.63 -6.88
N CYS H 206 9.86 -39.67 -6.75
CA CYS H 206 9.19 -39.19 -7.93
C CYS H 206 9.92 -37.96 -8.45
N ASN H 207 10.15 -37.96 -9.76
CA ASN H 207 10.85 -36.90 -10.45
C ASN H 207 9.82 -36.10 -11.19
N VAL H 208 9.77 -34.81 -10.90
CA VAL H 208 8.76 -33.92 -11.46
C VAL H 208 9.45 -32.75 -12.21
N ASN H 209 9.17 -32.63 -13.51
CA ASN H 209 9.72 -31.54 -14.30
C ASN H 209 8.58 -30.67 -14.82
N HIS H 210 8.77 -29.36 -14.76
CA HIS H 210 7.82 -28.42 -15.34
C HIS H 210 8.61 -27.39 -16.14
N LYS H 211 8.72 -27.64 -17.45
CA LYS H 211 9.58 -26.83 -18.33
C LYS H 211 9.24 -25.34 -18.34
N PRO H 212 7.96 -24.98 -18.46
CA PRO H 212 7.59 -23.55 -18.51
C PRO H 212 8.11 -22.70 -17.35
N SER H 213 8.25 -23.28 -16.17
CA SER H 213 8.78 -22.56 -14.99
C SER H 213 10.18 -23.04 -14.60
N ASN H 214 10.80 -23.86 -15.45
CA ASN H 214 12.12 -24.41 -15.17
C ASN H 214 12.24 -25.08 -13.80
N THR H 215 11.19 -25.77 -13.38
CA THR H 215 11.16 -26.47 -12.09
C THR H 215 11.53 -27.94 -12.28
N LYS H 216 12.61 -28.38 -11.64
CA LYS H 216 12.89 -29.82 -11.51
C LYS H 216 12.95 -30.21 -10.04
N VAL H 217 12.19 -31.23 -9.66
CA VAL H 217 12.15 -31.67 -8.28
C VAL H 217 12.20 -33.19 -8.21
N ASP H 218 13.07 -33.69 -7.32
CA ASP H 218 13.11 -35.10 -6.95
C ASP H 218 12.67 -35.22 -5.49
N LYS H 219 11.53 -35.87 -5.24
CA LYS H 219 10.96 -35.98 -3.89
C LYS H 219 10.96 -37.44 -3.42
N LYS H 220 11.70 -37.73 -2.35
CA LYS H 220 11.70 -39.07 -1.77
C LYS H 220 10.42 -39.28 -0.96
N VAL H 221 9.74 -40.39 -1.21
CA VAL H 221 8.49 -40.73 -0.51
C VAL H 221 8.77 -41.85 0.51
N GLU H 222 9.05 -41.45 1.77
CA GLU H 222 9.38 -42.36 2.90
C GLU H 222 8.06 -42.91 3.52
N PRO H 223 7.94 -44.25 3.62
CA PRO H 223 6.99 -44.91 4.54
C PRO H 223 6.83 -44.27 5.93
N LYS H 224 5.64 -43.73 6.19
CA LYS H 224 5.28 -43.13 7.47
C LYS H 224 3.81 -43.46 7.78
N GLU I 1 73.02 -25.36 7.87
CA GLU I 1 71.53 -25.26 7.86
C GLU I 1 71.08 -24.43 9.06
N LEU I 2 70.30 -23.39 8.80
CA LEU I 2 69.67 -22.56 9.85
C LEU I 2 68.39 -23.20 10.38
N VAL I 3 68.31 -23.39 11.69
CA VAL I 3 67.11 -23.94 12.31
C VAL I 3 66.52 -22.94 13.32
N VAL I 4 65.27 -22.56 13.10
CA VAL I 4 64.57 -21.64 13.98
C VAL I 4 63.68 -22.44 14.92
N THR I 5 63.76 -22.19 16.23
CA THR I 5 63.07 -23.01 17.22
C THR I 5 62.19 -22.18 18.12
N GLN I 6 60.99 -22.70 18.35
CA GLN I 6 60.00 -22.06 19.17
C GLN I 6 59.50 -23.05 20.21
N GLU I 7 58.97 -22.56 21.32
CA GLU I 7 58.23 -23.43 22.26
C GLU I 7 57.08 -24.12 21.51
N SER I 8 56.88 -25.42 21.80
CA SER I 8 55.79 -26.21 21.19
C SER I 8 54.40 -25.69 21.53
N ALA I 9 54.16 -25.44 22.82
CA ALA I 9 52.87 -25.07 23.33
C ALA I 9 52.97 -24.18 24.57
N LEU I 10 52.06 -23.23 24.68
CA LEU I 10 51.94 -22.42 25.88
C LEU I 10 50.47 -22.27 26.26
N THR I 11 50.23 -22.14 27.56
CA THR I 11 48.90 -21.92 28.09
C THR I 11 48.91 -20.59 28.84
N THR I 12 47.85 -19.81 28.68
CA THR I 12 47.71 -18.56 29.41
C THR I 12 46.24 -18.31 29.71
N SER I 13 45.96 -17.56 30.77
CA SER I 13 44.57 -17.20 31.10
C SER I 13 44.16 -15.92 30.42
N PRO I 14 42.86 -15.70 30.23
CA PRO I 14 42.46 -14.41 29.66
C PRO I 14 42.92 -13.24 30.54
N GLY I 15 43.37 -12.16 29.92
CA GLY I 15 43.88 -11.00 30.62
C GLY I 15 45.35 -11.07 30.99
N GLU I 16 45.94 -12.26 30.96
CA GLU I 16 47.33 -12.47 31.35
C GLU I 16 48.24 -12.09 30.21
N THR I 17 49.52 -11.84 30.52
CA THR I 17 50.52 -11.53 29.52
C THR I 17 51.27 -12.82 29.16
N VAL I 18 51.48 -13.07 27.89
CA VAL I 18 52.18 -14.26 27.46
C VAL I 18 53.21 -13.87 26.42
N THR I 19 54.38 -14.50 26.47
CA THR I 19 55.51 -14.18 25.61
C THR I 19 55.99 -15.41 24.83
N LEU I 20 55.91 -15.33 23.51
CA LEU I 20 56.39 -16.41 22.64
C LEU I 20 57.84 -16.06 22.21
N THR I 21 58.75 -17.03 22.23
CA THR I 21 60.12 -16.75 21.77
C THR I 21 60.47 -17.54 20.53
N CYS I 22 61.59 -17.11 19.93
CA CYS I 22 62.02 -17.60 18.63
C CYS I 22 63.54 -17.52 18.62
N ARG I 23 64.21 -18.66 18.58
CA ARG I 23 65.68 -18.68 18.60
C ARG I 23 66.28 -19.31 17.37
N SER I 24 67.58 -19.08 17.18
CA SER I 24 68.30 -19.47 15.98
C SER I 24 69.51 -20.30 16.35
N SER I 25 69.90 -21.20 15.45
CA SER I 25 71.05 -22.06 15.67
C SER I 25 72.35 -21.42 15.15
N SER I 26 72.22 -20.30 14.45
CA SER I 26 73.41 -19.56 13.94
C SER I 26 74.03 -18.70 15.03
N GLY I 27 73.29 -18.48 16.11
CA GLY I 27 73.70 -17.54 17.15
C GLY I 27 72.55 -16.60 17.44
N ALA I 28 72.87 -15.46 18.05
CA ALA I 28 71.85 -14.49 18.45
C ALA I 28 70.95 -14.03 17.30
N VAL I 29 69.65 -13.95 17.57
CA VAL I 29 68.74 -13.31 16.64
C VAL I 29 68.98 -11.82 16.74
N THR I 30 69.24 -11.19 15.61
CA THR I 30 69.55 -9.78 15.57
C THR I 30 68.55 -9.05 14.68
N THR I 31 68.54 -7.73 14.80
CA THR I 31 67.80 -6.83 13.90
C THR I 31 67.96 -7.16 12.42
N SER I 32 69.14 -7.63 12.02
CA SER I 32 69.41 -8.00 10.63
C SER I 32 68.62 -9.22 10.13
N ASN I 33 68.03 -9.96 11.07
CA ASN I 33 67.18 -11.09 10.74
C ASN I 33 65.75 -10.68 10.40
N TYR I 34 65.39 -9.42 10.64
CA TYR I 34 64.05 -8.92 10.31
C TYR I 34 62.93 -9.88 10.71
N ALA I 35 62.89 -10.23 12.00
CA ALA I 35 61.92 -11.21 12.52
C ALA I 35 60.48 -10.83 12.16
N THR I 36 59.75 -11.82 11.67
CA THR I 36 58.35 -11.67 11.33
C THR I 36 57.56 -12.71 12.11
N TRP I 37 56.32 -12.36 12.47
CA TRP I 37 55.43 -13.30 13.09
C TRP I 37 54.18 -13.44 12.30
N VAL I 38 53.72 -14.68 12.12
CA VAL I 38 52.47 -14.98 11.46
C VAL I 38 51.54 -15.75 12.42
N GLN I 39 50.26 -15.43 12.42
CA GLN I 39 49.28 -16.17 13.20
C GLN I 39 48.47 -17.09 12.29
N GLU I 40 48.30 -18.33 12.69
CA GLU I 40 47.44 -19.28 11.98
C GLU I 40 46.26 -19.69 12.84
N LYS I 41 45.05 -19.49 12.31
CA LYS I 41 43.79 -19.90 12.96
C LYS I 41 43.11 -20.98 12.14
N PRO I 42 42.23 -21.77 12.78
CA PRO I 42 41.51 -22.87 12.13
C PRO I 42 40.95 -22.52 10.77
N ASP I 43 40.93 -23.51 9.87
CA ASP I 43 40.64 -23.32 8.43
C ASP I 43 41.85 -22.69 7.69
N HIS I 44 43.06 -22.84 8.25
CA HIS I 44 44.27 -22.31 7.61
C HIS I 44 44.10 -20.83 7.27
N LEU I 45 43.82 -20.01 8.27
CA LEU I 45 43.64 -18.59 8.05
C LEU I 45 44.87 -17.92 8.62
N PHE I 46 45.67 -17.30 7.77
CA PHE I 46 46.94 -16.70 8.18
C PHE I 46 46.90 -15.17 8.22
N THR I 47 47.56 -14.60 9.21
CA THR I 47 47.57 -13.16 9.40
C THR I 47 48.97 -12.78 9.79
N GLY I 48 49.58 -11.89 9.00
CA GLY I 48 50.88 -11.32 9.33
C GLY I 48 50.68 -10.38 10.49
N LEU I 49 51.43 -10.56 11.57
CA LEU I 49 51.27 -9.75 12.77
C LEU I 49 52.36 -8.71 12.94
N ILE I 50 53.61 -9.13 12.87
CA ILE I 50 54.75 -8.26 13.18
C ILE I 50 55.77 -8.38 12.09
N GLY I 51 56.31 -7.23 11.66
CA GLY I 51 57.46 -7.20 10.76
C GLY I 51 58.60 -6.38 11.35
N GLY I 52 59.81 -6.59 10.83
CA GLY I 52 60.98 -5.86 11.28
C GLY I 52 61.15 -5.90 12.78
N THR I 53 61.01 -7.07 13.37
CA THR I 53 61.19 -7.30 14.80
C THR I 53 60.08 -6.71 15.66
N ASN I 54 59.78 -5.41 15.52
CA ASN I 54 58.89 -4.72 16.47
C ASN I 54 57.88 -3.76 15.85
N LYS I 55 57.65 -3.92 14.54
CA LYS I 55 56.68 -3.11 13.81
C LYS I 55 55.40 -3.94 13.64
N ARG I 56 54.34 -3.46 14.26
CA ARG I 56 53.03 -4.06 14.16
C ARG I 56 52.37 -3.75 12.80
N ALA I 57 51.80 -4.76 12.14
CA ALA I 57 51.18 -4.57 10.82
C ALA I 57 49.85 -3.84 10.91
N PRO I 58 49.49 -3.06 9.87
CA PRO I 58 48.18 -2.38 9.83
C PRO I 58 47.04 -3.32 10.17
N GLY I 59 46.09 -2.85 10.97
CA GLY I 59 44.93 -3.64 11.35
C GLY I 59 45.15 -4.60 12.52
N VAL I 60 46.40 -4.84 12.89
CA VAL I 60 46.69 -5.79 13.94
C VAL I 60 46.49 -5.13 15.33
N PRO I 61 45.78 -5.81 16.22
CA PRO I 61 45.43 -5.28 17.54
C PRO I 61 46.66 -4.88 18.36
N ALA I 62 46.55 -3.80 19.10
CA ALA I 62 47.67 -3.23 19.87
C ALA I 62 48.23 -4.21 20.90
N ARG I 63 47.34 -5.03 21.43
CA ARG I 63 47.64 -6.15 22.29
C ARG I 63 48.91 -6.93 21.90
N PHE I 64 49.20 -7.02 20.61
CA PHE I 64 50.39 -7.74 20.11
C PHE I 64 51.59 -6.81 19.92
N SER I 65 52.77 -7.23 20.35
CA SER I 65 53.97 -6.47 20.06
C SER I 65 55.15 -7.41 19.99
N GLY I 66 56.20 -6.96 19.32
CA GLY I 66 57.38 -7.77 19.10
C GLY I 66 58.62 -7.08 19.62
N SER I 67 59.62 -7.86 20.04
CA SER I 67 60.88 -7.32 20.54
C SER I 67 61.94 -8.39 20.54
N LEU I 68 63.14 -8.02 21.03
CA LEU I 68 64.21 -8.97 21.30
C LEU I 68 64.36 -9.18 22.80
N ILE I 69 64.53 -10.43 23.24
CA ILE I 69 64.91 -10.76 24.62
C ILE I 69 66.19 -11.59 24.54
N GLY I 70 67.32 -11.05 25.00
CA GLY I 70 68.62 -11.69 24.88
C GLY I 70 68.91 -12.23 23.50
N ASP I 71 69.09 -13.55 23.42
CA ASP I 71 69.33 -14.26 22.15
C ASP I 71 68.19 -14.22 21.15
N ARG I 72 66.96 -14.07 21.62
CA ARG I 72 65.76 -14.43 20.85
C ARG I 72 64.90 -13.28 20.38
N ALA I 73 64.08 -13.57 19.37
CA ALA I 73 62.95 -12.72 18.99
C ALA I 73 61.77 -13.15 19.84
N ALA I 74 60.87 -12.21 20.12
CA ALA I 74 59.77 -12.44 21.01
C ALA I 74 58.54 -11.79 20.49
N LEU I 75 57.41 -12.49 20.63
CA LEU I 75 56.07 -11.92 20.45
C LEU I 75 55.39 -11.88 21.80
N THR I 76 54.98 -10.70 22.24
CA THR I 76 54.27 -10.53 23.50
C THR I 76 52.81 -10.26 23.19
N ILE I 77 51.92 -10.93 23.91
CA ILE I 77 50.50 -10.61 23.86
C ILE I 77 50.16 -10.06 25.22
N THR I 78 49.79 -8.80 25.27
CA THR I 78 49.47 -8.16 26.55
C THR I 78 47.99 -8.20 26.75
N GLY I 79 47.55 -9.18 27.55
CA GLY I 79 46.15 -9.32 27.87
C GLY I 79 45.52 -10.25 26.87
N ALA I 80 45.96 -11.50 26.90
CA ALA I 80 45.47 -12.52 25.98
C ALA I 80 43.96 -12.64 26.04
N GLN I 81 43.33 -12.70 24.87
CA GLN I 81 41.88 -12.93 24.73
C GLN I 81 41.61 -14.34 24.19
N THR I 82 40.38 -14.82 24.33
CA THR I 82 40.05 -16.17 23.85
C THR I 82 40.29 -16.31 22.35
N GLU I 83 40.08 -15.23 21.60
CA GLU I 83 40.31 -15.25 20.16
C GLU I 83 41.78 -15.38 19.76
N ASP I 84 42.72 -15.26 20.71
CA ASP I 84 44.15 -15.44 20.46
C ASP I 84 44.61 -16.90 20.41
N GLU I 85 43.68 -17.84 20.59
CA GLU I 85 43.96 -19.26 20.39
C GLU I 85 44.33 -19.47 18.94
N ALA I 86 45.56 -19.94 18.73
CA ALA I 86 46.11 -20.02 17.41
C ALA I 86 47.47 -20.70 17.46
N ILE I 87 48.04 -20.93 16.28
CA ILE I 87 49.45 -21.28 16.16
C ILE I 87 50.19 -20.04 15.70
N TYR I 88 51.28 -19.71 16.38
CA TYR I 88 52.10 -18.57 16.02
C TYR I 88 53.46 -19.04 15.51
N PHE I 89 53.81 -18.60 14.30
CA PHE I 89 55.07 -18.91 13.67
C PHE I 89 55.91 -17.65 13.63
N CYS I 90 57.19 -17.75 13.96
CA CYS I 90 58.16 -16.70 13.65
C CYS I 90 59.01 -17.15 12.46
N ALA I 91 59.55 -16.17 11.74
CA ALA I 91 60.36 -16.45 10.57
C ALA I 91 61.52 -15.46 10.59
N LEU I 92 62.74 -15.96 10.41
CA LEU I 92 63.92 -15.12 10.39
C LEU I 92 64.41 -15.05 8.97
N TRP I 93 64.78 -13.86 8.52
CA TRP I 93 65.43 -13.66 7.22
C TRP I 93 66.91 -13.92 7.45
N ASN I 94 67.57 -14.43 6.42
CA ASN I 94 68.94 -14.85 6.57
C ASN I 94 69.55 -15.01 5.21
N SER I 95 70.40 -14.06 4.83
CA SER I 95 70.83 -13.94 3.45
C SER I 95 69.57 -13.62 2.62
N ASN I 96 69.31 -14.38 1.57
CA ASN I 96 68.14 -14.15 0.70
C ASN I 96 66.85 -14.74 1.26
N HIS I 97 67.01 -15.81 2.06
CA HIS I 97 65.96 -16.79 2.30
C HIS I 97 65.20 -16.46 3.56
N LEU I 98 63.98 -16.98 3.64
CA LEU I 98 63.18 -16.88 4.84
C LEU I 98 63.00 -18.28 5.44
N VAL I 99 63.20 -18.40 6.76
CA VAL I 99 63.14 -19.69 7.42
C VAL I 99 62.16 -19.61 8.57
N PHE I 100 61.12 -20.46 8.51
CA PHE I 100 60.08 -20.51 9.52
C PHE I 100 60.50 -21.38 10.69
N GLY I 101 60.04 -20.98 11.88
CA GLY I 101 60.13 -21.84 13.06
C GLY I 101 59.04 -22.86 12.97
N GLY I 102 59.01 -23.79 13.92
CA GLY I 102 58.07 -24.91 13.90
C GLY I 102 56.68 -24.57 14.39
N GLY I 103 56.52 -23.41 14.99
CA GLY I 103 55.23 -22.94 15.46
C GLY I 103 54.98 -23.23 16.94
N THR I 104 54.16 -22.38 17.54
CA THR I 104 53.77 -22.50 18.93
C THR I 104 52.24 -22.49 19.03
N LYS I 105 51.66 -23.57 19.53
CA LYS I 105 50.24 -23.57 19.89
C LYS I 105 49.99 -22.78 21.16
N LEU I 106 49.13 -21.76 21.09
CA LEU I 106 48.71 -21.02 22.28
C LEU I 106 47.31 -21.47 22.74
N GLU I 107 47.25 -22.09 23.91
CA GLU I 107 46.02 -22.54 24.53
C GLU I 107 45.55 -21.51 25.60
N ILE I 108 44.28 -21.12 25.52
CA ILE I 108 43.70 -20.24 26.52
C ILE I 108 43.03 -21.08 27.59
N LYS I 109 43.43 -20.82 28.82
CA LYS I 109 42.96 -21.59 29.95
C LYS I 109 41.55 -21.20 30.34
N ARG I 110 40.83 -22.19 30.84
CA ARG I 110 39.48 -21.99 31.35
C ARG I 110 39.21 -23.05 32.41
N THR I 111 38.06 -22.96 33.05
CA THR I 111 37.70 -23.88 34.11
C THR I 111 37.50 -25.28 33.51
N VAL I 112 37.79 -26.33 34.28
CA VAL I 112 37.63 -27.66 33.74
C VAL I 112 36.16 -27.89 33.32
N ALA I 113 35.97 -28.52 32.18
CA ALA I 113 34.64 -28.86 31.70
C ALA I 113 34.66 -30.35 31.33
N ALA I 114 33.72 -31.10 31.86
CA ALA I 114 33.57 -32.51 31.54
C ALA I 114 32.97 -32.66 30.13
N PRO I 115 33.37 -33.72 29.41
CA PRO I 115 32.76 -33.98 28.13
C PRO I 115 31.36 -34.55 28.25
N SER I 116 30.50 -34.18 27.30
CA SER I 116 29.31 -34.93 27.00
C SER I 116 29.79 -36.09 26.14
N VAL I 117 29.23 -37.26 26.38
CA VAL I 117 29.63 -38.45 25.67
C VAL I 117 28.43 -39.07 24.95
N PHE I 118 28.69 -39.49 23.70
CA PHE I 118 27.70 -40.13 22.85
C PHE I 118 28.33 -41.31 22.16
N ILE I 119 27.56 -42.36 21.95
CA ILE I 119 28.00 -43.51 21.15
C ILE I 119 27.02 -43.70 19.97
N PHE I 120 27.55 -43.98 18.78
CA PHE I 120 26.70 -44.23 17.62
C PHE I 120 26.94 -45.64 17.08
N PRO I 121 25.85 -46.44 16.94
CA PRO I 121 26.01 -47.74 16.30
C PRO I 121 26.14 -47.56 14.81
N PRO I 122 26.73 -48.56 14.12
CA PRO I 122 26.84 -48.44 12.67
C PRO I 122 25.49 -48.36 12.02
N SER I 123 25.40 -47.65 10.91
CA SER I 123 24.16 -47.53 10.18
C SER I 123 23.86 -48.85 9.43
N ASP I 124 22.58 -49.10 9.21
CA ASP I 124 22.18 -50.25 8.42
C ASP I 124 22.81 -50.20 7.01
N GLU I 125 23.04 -48.99 6.51
CA GLU I 125 23.67 -48.80 5.19
C GLU I 125 25.13 -49.26 5.12
N GLN I 126 25.91 -48.96 6.16
CA GLN I 126 27.30 -49.40 6.19
C GLN I 126 27.38 -50.93 6.30
N LEU I 127 26.51 -51.52 7.11
CA LEU I 127 26.48 -52.96 7.30
C LEU I 127 26.25 -53.69 5.97
N LYS I 128 25.42 -53.12 5.09
CA LYS I 128 25.26 -53.66 3.73
C LYS I 128 26.58 -53.83 2.98
N SER I 129 27.55 -52.95 3.25
CA SER I 129 28.83 -52.95 2.54
C SER I 129 29.84 -53.95 3.09
N GLY I 130 29.58 -54.55 4.25
CA GLY I 130 30.48 -55.57 4.83
C GLY I 130 31.33 -55.13 6.03
N THR I 131 31.30 -53.85 6.38
CA THR I 131 32.03 -53.40 7.56
C THR I 131 31.13 -52.63 8.51
N ALA I 132 31.65 -52.40 9.70
CA ALA I 132 30.87 -51.76 10.76
C ALA I 132 31.78 -50.81 11.53
N SER I 133 31.42 -49.53 11.56
CA SER I 133 32.13 -48.52 12.35
C SER I 133 31.26 -48.06 13.49
N VAL I 134 31.82 -48.09 14.70
CA VAL I 134 31.14 -47.59 15.89
C VAL I 134 31.86 -46.28 16.25
N VAL I 135 31.10 -45.19 16.42
CA VAL I 135 31.71 -43.89 16.70
C VAL I 135 31.37 -43.42 18.12
N CYS I 136 32.39 -42.90 18.80
CA CYS I 136 32.23 -42.33 20.12
C CYS I 136 32.58 -40.83 20.06
N LEU I 137 31.75 -39.97 20.62
CA LEU I 137 32.02 -38.54 20.60
C LEU I 137 32.16 -38.01 22.03
N LEU I 138 33.21 -37.21 22.21
CA LEU I 138 33.47 -36.47 23.45
C LEU I 138 33.38 -35.01 23.08
N ASN I 139 32.40 -34.32 23.62
CA ASN I 139 32.11 -32.98 23.16
C ASN I 139 32.33 -31.92 24.24
N ASN I 140 33.04 -30.87 23.86
CA ASN I 140 33.23 -29.65 24.65
C ASN I 140 33.83 -29.81 26.03
N PHE I 141 35.05 -30.34 26.05
CA PHE I 141 35.77 -30.55 27.31
C PHE I 141 37.11 -29.78 27.44
N TYR I 142 37.50 -29.54 28.67
CA TYR I 142 38.77 -28.92 28.98
C TYR I 142 39.16 -29.40 30.35
N PRO I 143 40.44 -29.75 30.53
CA PRO I 143 41.50 -29.68 29.58
C PRO I 143 41.48 -30.81 28.58
N ARG I 144 42.49 -30.86 27.75
CA ARG I 144 42.49 -31.73 26.60
C ARG I 144 42.71 -33.22 26.89
N GLU I 145 43.44 -33.53 27.95
CA GLU I 145 43.77 -34.92 28.24
C GLU I 145 42.50 -35.71 28.52
N ALA I 146 42.34 -36.84 27.86
CA ALA I 146 41.11 -37.62 27.91
C ALA I 146 41.43 -39.02 27.48
N LYS I 147 40.98 -40.02 28.23
CA LYS I 147 41.16 -41.41 27.85
C LYS I 147 39.84 -41.96 27.31
N VAL I 148 39.92 -42.68 26.20
CA VAL I 148 38.79 -43.40 25.65
C VAL I 148 39.17 -44.86 25.59
N GLN I 149 38.33 -45.72 26.14
CA GLN I 149 38.52 -47.16 26.08
C GLN I 149 37.28 -47.79 25.48
N TRP I 150 37.52 -48.64 24.48
CA TRP I 150 36.46 -49.37 23.81
C TRP I 150 36.35 -50.76 24.41
N LYS I 151 35.11 -51.20 24.64
CA LYS I 151 34.86 -52.56 25.09
C LYS I 151 33.76 -53.19 24.30
N VAL I 152 34.00 -54.44 23.91
CA VAL I 152 33.03 -55.25 23.22
C VAL I 152 32.73 -56.47 24.10
N ASP I 153 31.46 -56.63 24.47
CA ASP I 153 31.04 -57.67 25.43
C ASP I 153 31.99 -57.72 26.62
N ASN I 154 32.34 -56.53 27.12
CA ASN I 154 33.22 -56.34 28.29
C ASN I 154 34.72 -56.61 28.07
N ALA I 155 35.13 -56.92 26.83
CA ALA I 155 36.53 -57.17 26.51
C ALA I 155 37.16 -55.86 26.03
N LEU I 156 38.27 -55.50 26.64
CA LEU I 156 38.98 -54.29 26.29
C LEU I 156 39.50 -54.41 24.87
N GLN I 157 39.24 -53.42 24.03
CA GLN I 157 39.69 -53.46 22.65
C GLN I 157 41.07 -52.86 22.53
N SER I 158 41.84 -53.32 21.55
CA SER I 158 43.21 -52.85 21.34
C SER I 158 43.57 -52.76 19.86
N GLY I 159 44.13 -51.63 19.46
CA GLY I 159 44.66 -51.41 18.11
C GLY I 159 43.72 -51.54 16.92
N ASN I 160 42.43 -51.31 17.13
CA ASN I 160 41.46 -51.28 16.02
C ASN I 160 40.53 -50.07 16.16
N SER I 161 41.07 -48.99 16.73
CA SER I 161 40.35 -47.73 16.85
C SER I 161 41.26 -46.56 16.49
N GLN I 162 40.66 -45.49 16.01
CA GLN I 162 41.39 -44.28 15.71
C GLN I 162 40.66 -43.12 16.28
N GLU I 163 41.39 -42.02 16.40
CA GLU I 163 41.01 -40.95 17.25
C GLU I 163 41.43 -39.64 16.59
N SER I 164 40.70 -38.57 16.91
CA SER I 164 40.90 -37.28 16.27
C SER I 164 40.33 -36.21 17.19
N VAL I 165 41.05 -35.11 17.34
CA VAL I 165 40.64 -34.05 18.26
C VAL I 165 40.64 -32.70 17.55
N THR I 166 39.67 -31.86 17.86
CA THR I 166 39.57 -30.55 17.22
C THR I 166 40.59 -29.58 17.84
N GLU I 167 40.80 -28.43 17.20
CA GLU I 167 41.56 -27.38 17.82
C GLU I 167 40.72 -26.69 18.87
N GLN I 168 41.36 -25.96 19.78
CA GLN I 168 40.58 -25.33 20.85
C GLN I 168 39.57 -24.37 20.23
N ASP I 169 38.33 -24.45 20.67
CA ASP I 169 37.26 -23.63 20.13
C ASP I 169 37.52 -22.20 20.56
N SER I 170 37.38 -21.26 19.64
CA SER I 170 37.80 -19.89 19.94
C SER I 170 36.86 -19.14 20.87
N LYS I 171 35.72 -19.74 21.17
CA LYS I 171 34.67 -19.08 21.92
C LYS I 171 34.53 -19.64 23.33
N ASP I 172 34.28 -20.94 23.46
CA ASP I 172 34.15 -21.55 24.77
C ASP I 172 35.45 -22.18 25.27
N SER I 173 36.49 -22.13 24.44
CA SER I 173 37.84 -22.64 24.77
C SER I 173 37.92 -24.15 25.01
N THR I 174 36.97 -24.90 24.48
CA THR I 174 36.89 -26.33 24.72
C THR I 174 37.44 -27.15 23.54
N TYR I 175 37.67 -28.43 23.81
CA TYR I 175 38.08 -29.40 22.78
C TYR I 175 36.96 -30.40 22.57
N SER I 176 36.95 -31.03 21.40
CA SER I 176 36.08 -32.17 21.13
C SER I 176 36.87 -33.29 20.52
N LEU I 177 36.42 -34.52 20.73
CA LEU I 177 37.16 -35.70 20.30
C LEU I 177 36.22 -36.75 19.70
N SER I 178 36.69 -37.39 18.66
CA SER I 178 35.93 -38.40 17.97
C SER I 178 36.78 -39.65 17.90
N SER I 179 36.18 -40.78 18.21
CA SER I 179 36.86 -42.05 18.12
C SER I 179 36.01 -43.10 17.35
N THR I 180 36.67 -43.84 16.47
CA THR I 180 36.01 -44.86 15.68
C THR I 180 36.59 -46.21 15.91
N LEU I 181 35.72 -47.16 16.20
CA LEU I 181 36.09 -48.56 16.32
C LEU I 181 35.62 -49.22 15.03
N THR I 182 36.55 -49.88 14.34
CA THR I 182 36.23 -50.57 13.12
C THR I 182 36.37 -52.07 13.31
N LEU I 183 35.30 -52.81 13.01
CA LEU I 183 35.35 -54.26 12.86
C LEU I 183 34.53 -54.71 11.64
N SER I 184 34.74 -55.93 11.21
CA SER I 184 33.97 -56.47 10.10
C SER I 184 32.53 -56.72 10.51
N LYS I 185 31.64 -56.75 9.52
CA LYS I 185 30.24 -57.06 9.77
C LYS I 185 30.08 -58.40 10.49
N ALA I 186 30.77 -59.42 10.01
CA ALA I 186 30.70 -60.73 10.63
C ALA I 186 31.09 -60.65 12.11
N ASP I 187 32.17 -59.95 12.44
CA ASP I 187 32.60 -59.84 13.83
C ASP I 187 31.61 -58.99 14.65
N TYR I 188 31.05 -57.96 14.02
CA TYR I 188 30.05 -57.11 14.68
C TYR I 188 28.80 -57.90 15.07
N GLU I 189 28.44 -58.91 14.28
CA GLU I 189 27.22 -59.71 14.55
C GLU I 189 27.41 -60.73 15.65
N LYS I 190 28.65 -60.94 16.08
CA LYS I 190 28.98 -61.96 17.07
C LYS I 190 28.88 -61.43 18.49
N HIS I 191 28.72 -60.11 18.65
CA HIS I 191 28.78 -59.49 19.96
C HIS I 191 27.57 -58.62 20.21
N LYS I 192 27.16 -58.54 21.47
CA LYS I 192 25.98 -57.78 21.87
C LYS I 192 26.28 -56.33 22.31
N VAL I 193 27.18 -56.18 23.27
CA VAL I 193 27.36 -54.93 23.98
C VAL I 193 28.57 -54.16 23.46
N TYR I 194 28.34 -52.94 22.99
CA TYR I 194 29.41 -52.08 22.52
C TYR I 194 29.44 -50.86 23.43
N ALA I 195 30.58 -50.67 24.07
CA ALA I 195 30.74 -49.59 25.02
C ALA I 195 31.93 -48.67 24.73
N CYS I 196 31.73 -47.43 25.07
CA CYS I 196 32.76 -46.40 24.97
C CYS I 196 32.97 -45.92 26.40
N GLU I 197 34.17 -46.05 26.95
CA GLU I 197 34.44 -45.62 28.36
C GLU I 197 35.43 -44.47 28.45
N VAL I 198 35.06 -43.40 29.14
CA VAL I 198 35.78 -42.13 29.08
C VAL I 198 36.24 -41.62 30.45
N THR I 199 37.55 -41.43 30.61
CA THR I 199 38.05 -40.76 31.79
C THR I 199 38.56 -39.35 31.42
N HIS I 200 38.25 -38.40 32.29
CA HIS I 200 38.66 -37.03 32.13
C HIS I 200 38.66 -36.40 33.50
N GLN I 201 39.51 -35.41 33.69
CA GLN I 201 39.69 -34.72 34.97
C GLN I 201 38.39 -34.15 35.50
N GLY I 202 37.51 -33.73 34.59
CA GLY I 202 36.22 -33.15 34.96
C GLY I 202 35.19 -34.15 35.42
N LEU I 203 35.48 -35.45 35.22
CA LEU I 203 34.63 -36.54 35.71
C LEU I 203 35.26 -37.14 36.96
N SER I 204 34.46 -37.30 38.00
CA SER I 204 34.91 -37.89 39.25
C SER I 204 34.97 -39.42 39.20
N SER I 205 34.44 -39.99 38.14
CA SER I 205 34.62 -41.41 37.87
C SER I 205 34.25 -41.59 36.42
N PRO I 206 34.81 -42.61 35.74
CA PRO I 206 34.61 -42.68 34.30
C PRO I 206 33.14 -42.82 33.89
N VAL I 207 32.81 -42.25 32.76
CA VAL I 207 31.50 -42.39 32.15
C VAL I 207 31.57 -43.45 31.04
N THR I 208 30.60 -44.34 31.02
CA THR I 208 30.47 -45.33 29.97
C THR I 208 29.18 -45.07 29.21
N LYS I 209 29.25 -45.09 27.89
CA LYS I 209 28.04 -45.10 27.08
C LYS I 209 28.08 -46.38 26.28
N SER I 210 26.94 -47.02 26.12
CA SER I 210 26.89 -48.24 25.40
C SER I 210 25.55 -48.45 24.70
N PHE I 211 25.52 -49.40 23.80
CA PHE I 211 24.28 -49.81 23.21
C PHE I 211 24.35 -51.32 23.02
N ASN I 212 23.19 -51.93 22.88
CA ASN I 212 23.07 -53.35 22.55
C ASN I 212 22.70 -53.54 21.06
N ARG I 213 23.55 -54.24 20.33
CA ARG I 213 23.27 -54.58 18.94
C ARG I 213 21.85 -55.12 18.79
N GLY I 214 21.12 -54.59 17.84
CA GLY I 214 19.76 -55.02 17.55
C GLY I 214 18.77 -54.72 18.68
N GLU I 215 18.91 -53.58 19.33
CA GLU I 215 17.96 -53.12 20.36
C GLU I 215 17.87 -51.59 20.39
N GLU J 1 37.76 -6.42 -0.86
CA GLU J 1 38.70 -7.31 -0.12
C GLU J 1 39.90 -7.65 -0.99
N VAL J 2 41.00 -8.00 -0.35
CA VAL J 2 42.11 -8.66 -1.01
C VAL J 2 41.69 -10.13 -1.23
N LYS J 3 41.84 -10.67 -2.43
CA LYS J 3 41.55 -12.08 -2.69
C LYS J 3 42.76 -12.73 -3.35
N LEU J 4 43.07 -13.93 -2.92
CA LEU J 4 44.16 -14.72 -3.49
C LEU J 4 43.66 -16.15 -3.73
N LEU J 5 43.08 -16.41 -4.90
CA LEU J 5 42.52 -17.72 -5.22
C LEU J 5 43.51 -18.63 -5.92
N GLU J 6 43.95 -19.68 -5.22
CA GLU J 6 44.87 -20.66 -5.80
C GLU J 6 44.07 -21.71 -6.56
N SER J 7 44.71 -22.34 -7.55
CA SER J 7 44.20 -23.56 -8.19
C SER J 7 45.30 -24.36 -8.88
N GLY J 8 44.96 -25.55 -9.36
CA GLY J 8 45.90 -26.42 -10.04
C GLY J 8 46.37 -27.63 -9.25
N GLY J 9 45.95 -27.74 -7.99
CA GLY J 9 46.35 -28.86 -7.16
C GLY J 9 45.58 -30.13 -7.46
N GLY J 10 45.87 -31.18 -6.69
CA GLY J 10 45.17 -32.45 -6.82
C GLY J 10 46.18 -33.57 -6.73
N LEU J 11 45.82 -34.72 -7.31
CA LEU J 11 46.69 -35.89 -7.33
C LEU J 11 47.73 -35.78 -8.46
N ALA J 12 48.98 -36.02 -8.12
CA ALA J 12 50.05 -36.12 -9.11
C ALA J 12 50.83 -37.39 -8.84
N GLN J 13 51.41 -37.96 -9.91
CA GLN J 13 52.22 -39.16 -9.81
C GLN J 13 53.67 -38.81 -9.50
N PRO J 14 54.38 -39.68 -8.77
CA PRO J 14 55.80 -39.48 -8.50
C PRO J 14 56.63 -39.33 -9.75
N GLY J 15 57.55 -38.36 -9.75
CA GLY J 15 58.34 -38.05 -10.94
C GLY J 15 57.70 -37.00 -11.82
N GLY J 16 56.36 -36.88 -11.78
CA GLY J 16 55.65 -35.97 -12.66
C GLY J 16 55.73 -34.52 -12.24
N SER J 17 55.24 -33.65 -13.11
CA SER J 17 55.20 -32.21 -12.85
C SER J 17 53.76 -31.66 -12.71
N LEU J 18 53.66 -30.41 -12.26
CA LEU J 18 52.39 -29.81 -11.93
C LEU J 18 52.53 -28.29 -11.87
N LYS J 19 51.51 -27.57 -12.34
CA LYS J 19 51.57 -26.11 -12.38
C LYS J 19 50.46 -25.52 -11.52
N LEU J 20 50.83 -24.90 -10.41
CA LEU J 20 49.89 -24.19 -9.58
C LEU J 20 49.79 -22.76 -10.10
N SER J 21 48.63 -22.16 -9.88
CA SER J 21 48.43 -20.78 -10.25
C SER J 21 47.57 -20.09 -9.20
N CYS J 22 47.61 -18.76 -9.24
CA CYS J 22 47.03 -17.95 -8.20
C CYS J 22 46.59 -16.62 -8.77
N ALA J 23 45.31 -16.31 -8.66
CA ALA J 23 44.75 -15.11 -9.24
C ALA J 23 44.45 -14.14 -8.12
N ALA J 24 44.83 -12.87 -8.31
CA ALA J 24 44.76 -11.86 -7.26
C ALA J 24 43.83 -10.74 -7.64
N SER J 25 43.14 -10.20 -6.66
CA SER J 25 42.32 -9.01 -6.85
C SER J 25 42.26 -8.20 -5.56
N GLY J 26 41.80 -6.95 -5.69
CA GLY J 26 41.63 -6.08 -4.54
C GLY J 26 42.83 -5.27 -4.11
N PHE J 27 43.93 -5.37 -4.87
CA PHE J 27 45.11 -4.52 -4.64
C PHE J 27 45.93 -4.39 -5.93
N ASP J 28 46.85 -3.45 -5.95
CA ASP J 28 47.66 -3.19 -7.17
C ASP J 28 48.79 -4.22 -7.30
N PHE J 29 48.42 -5.40 -7.78
CA PHE J 29 49.29 -6.58 -7.90
C PHE J 29 50.65 -6.26 -8.54
N ARG J 30 50.62 -5.41 -9.56
CA ARG J 30 51.83 -4.95 -10.21
C ARG J 30 52.95 -4.50 -9.29
N ARG J 31 52.59 -3.95 -8.14
CA ARG J 31 53.53 -3.27 -7.27
C ARG J 31 54.14 -4.18 -6.20
N TYR J 32 53.58 -5.37 -6.01
CA TYR J 32 53.91 -6.14 -4.83
C TYR J 32 54.81 -7.37 -5.11
N TRP J 33 55.69 -7.67 -4.17
CA TRP J 33 56.45 -8.93 -4.18
C TRP J 33 55.49 -10.02 -3.80
N MET J 34 55.67 -11.19 -4.38
CA MET J 34 54.80 -12.33 -4.12
C MET J 34 55.61 -13.53 -3.66
N THR J 35 54.99 -14.40 -2.87
CA THR J 35 55.68 -15.51 -2.23
C THR J 35 54.83 -16.78 -2.30
N TRP J 36 55.49 -17.93 -2.40
CA TRP J 36 54.86 -19.23 -2.21
C TRP J 36 55.35 -19.88 -0.91
N VAL J 37 54.41 -20.43 -0.14
CA VAL J 37 54.71 -21.13 1.09
C VAL J 37 53.92 -22.42 1.11
N ARG J 38 54.48 -23.46 1.71
CA ARG J 38 53.80 -24.74 1.78
C ARG J 38 53.79 -25.34 3.18
N GLN J 39 52.83 -26.22 3.42
CA GLN J 39 52.70 -26.90 4.72
C GLN J 39 52.32 -28.37 4.52
N ALA J 40 53.26 -29.27 4.77
CA ALA J 40 52.97 -30.71 4.76
C ALA J 40 51.98 -31.07 5.89
N PRO J 41 51.26 -32.19 5.74
CA PRO J 41 50.24 -32.57 6.75
C PRO J 41 50.78 -32.71 8.17
N GLY J 42 50.15 -32.02 9.12
CA GLY J 42 50.58 -32.02 10.51
C GLY J 42 51.95 -31.40 10.80
N LYS J 43 52.47 -30.59 9.87
CA LYS J 43 53.82 -30.06 10.01
C LYS J 43 53.83 -28.55 9.91
N GLY J 44 55.02 -27.96 10.00
CA GLY J 44 55.18 -26.52 9.98
C GLY J 44 55.24 -25.94 8.59
N LEU J 45 55.45 -24.62 8.53
CA LEU J 45 55.49 -23.88 7.27
C LEU J 45 56.88 -24.00 6.66
N GLU J 46 56.92 -23.98 5.34
CA GLU J 46 58.16 -24.01 4.61
C GLU J 46 58.09 -22.98 3.47
N TRP J 47 58.96 -21.98 3.55
CA TRP J 47 59.12 -20.98 2.51
C TRP J 47 59.71 -21.62 1.25
N ILE J 48 59.04 -21.39 0.11
CA ILE J 48 59.52 -21.92 -1.16
C ILE J 48 60.32 -20.87 -1.91
N GLY J 49 59.74 -19.69 -2.10
CA GLY J 49 60.40 -18.60 -2.80
C GLY J 49 59.54 -17.35 -2.98
N GLU J 50 60.12 -16.35 -3.64
CA GLU J 50 59.48 -15.04 -3.81
C GLU J 50 59.87 -14.47 -5.16
N ILE J 51 58.98 -13.65 -5.72
CA ILE J 51 59.27 -12.96 -6.95
C ILE J 51 58.95 -11.48 -6.78
N ASN J 52 59.78 -10.61 -7.35
CA ASN J 52 59.54 -9.16 -7.31
C ASN J 52 58.63 -8.77 -8.48
N PRO J 53 58.08 -7.54 -8.47
CA PRO J 53 57.15 -7.07 -9.50
C PRO J 53 57.55 -7.35 -10.94
N ASP J 54 58.79 -7.03 -11.31
CA ASP J 54 59.22 -7.16 -12.72
C ASP J 54 59.91 -8.49 -13.08
N SER J 55 59.77 -9.49 -12.20
CA SER J 55 60.23 -10.87 -12.45
C SER J 55 61.74 -11.00 -12.72
N ARG J 56 62.52 -10.14 -12.09
CA ARG J 56 63.96 -10.13 -12.28
C ARG J 56 64.74 -10.60 -11.06
N THR J 57 64.10 -10.47 -9.90
CA THR J 57 64.62 -11.08 -8.69
C THR J 57 63.65 -12.17 -8.31
N ILE J 58 64.12 -13.41 -8.42
CA ILE J 58 63.37 -14.58 -7.98
C ILE J 58 64.28 -15.35 -7.02
N ASN J 59 63.97 -15.27 -5.74
CA ASN J 59 64.75 -16.00 -4.73
C ASN J 59 64.04 -17.29 -4.30
N TYR J 60 64.82 -18.35 -4.09
CA TYR J 60 64.31 -19.66 -3.75
C TYR J 60 64.92 -20.18 -2.46
N MET J 61 64.22 -21.10 -1.82
CA MET J 61 64.82 -21.99 -0.81
C MET J 61 65.81 -22.87 -1.59
N PRO J 62 67.07 -22.97 -1.11
CA PRO J 62 68.04 -23.87 -1.78
C PRO J 62 67.56 -25.32 -1.91
N SER J 63 66.70 -25.57 -2.90
CA SER J 63 66.22 -26.91 -3.25
C SER J 63 67.11 -27.46 -4.39
N LEU J 64 66.62 -28.46 -5.13
CA LEU J 64 67.36 -28.96 -6.32
C LEU J 64 66.97 -28.09 -7.52
N LYS J 65 67.89 -27.98 -8.49
CA LYS J 65 67.71 -27.05 -9.59
C LYS J 65 66.39 -27.28 -10.32
N ASP J 66 65.66 -26.18 -10.54
CA ASP J 66 64.42 -26.17 -11.29
C ASP J 66 63.37 -27.17 -10.79
N LYS J 67 63.55 -27.66 -9.57
CA LYS J 67 62.46 -28.37 -8.93
C LYS J 67 61.27 -27.39 -8.95
N PHE J 68 61.46 -26.24 -8.33
CA PHE J 68 60.48 -25.14 -8.38
C PHE J 68 60.87 -24.10 -9.41
N ILE J 69 59.88 -23.63 -10.16
CA ILE J 69 60.01 -22.40 -10.95
C ILE J 69 58.84 -21.48 -10.57
N ILE J 70 59.17 -20.28 -10.10
CA ILE J 70 58.17 -19.26 -9.80
C ILE J 70 58.16 -18.24 -10.93
N SER J 71 56.98 -17.87 -11.38
CA SER J 71 56.81 -16.79 -12.35
C SER J 71 55.53 -16.02 -12.03
N ARG J 72 55.32 -14.93 -12.75
CA ARG J 72 54.13 -14.13 -12.60
C ARG J 72 53.76 -13.50 -13.91
N ASP J 73 52.48 -13.17 -14.06
CA ASP J 73 51.98 -12.45 -15.21
C ASP J 73 51.16 -11.26 -14.72
N ASN J 74 51.79 -10.09 -14.67
CA ASN J 74 51.16 -8.90 -14.09
C ASN J 74 49.91 -8.41 -14.81
N ALA J 75 49.80 -8.72 -16.11
CA ALA J 75 48.62 -8.36 -16.89
C ALA J 75 47.40 -9.21 -16.52
N LYS J 76 47.63 -10.40 -15.98
CA LYS J 76 46.57 -11.28 -15.51
C LYS J 76 46.50 -11.31 -13.98
N ASN J 77 47.19 -10.39 -13.32
CA ASN J 77 47.30 -10.37 -11.87
C ASN J 77 47.50 -11.78 -11.28
N SER J 78 48.43 -12.54 -11.86
CA SER J 78 48.55 -13.94 -11.52
C SER J 78 49.98 -14.34 -11.19
N LEU J 79 50.09 -15.27 -10.25
CA LEU J 79 51.36 -15.82 -9.81
C LEU J 79 51.37 -17.32 -10.11
N TYR J 80 52.53 -17.87 -10.48
CA TYR J 80 52.60 -19.29 -10.88
C TYR J 80 53.71 -20.01 -10.16
N LEU J 81 53.49 -21.28 -9.89
CA LEU J 81 54.50 -22.15 -9.28
C LEU J 81 54.54 -23.46 -10.04
N GLN J 82 55.66 -23.73 -10.70
CA GLN J 82 55.83 -24.98 -11.41
C GLN J 82 56.61 -26.01 -10.59
N LEU J 83 56.01 -27.17 -10.39
CA LEU J 83 56.63 -28.25 -9.62
C LEU J 83 57.06 -29.34 -10.60
N SER J 84 58.27 -29.87 -10.42
CA SER J 84 58.74 -31.02 -11.18
C SER J 84 59.45 -32.02 -10.27
N ARG J 85 59.79 -33.19 -10.81
CA ARG J 85 60.44 -34.27 -10.06
C ARG J 85 59.74 -34.52 -8.71
N LEU J 86 58.42 -34.73 -8.79
CA LEU J 86 57.60 -34.80 -7.58
C LEU J 86 57.82 -36.05 -6.75
N ARG J 87 57.97 -35.86 -5.45
CA ARG J 87 58.05 -36.94 -4.47
C ARG J 87 57.00 -36.72 -3.37
N SER J 88 56.78 -37.75 -2.57
CA SER J 88 55.78 -37.71 -1.50
C SER J 88 56.03 -36.56 -0.49
N GLU J 89 57.30 -36.23 -0.30
CA GLU J 89 57.67 -35.08 0.55
C GLU J 89 57.10 -33.77 0.04
N ASP J 90 56.78 -33.70 -1.26
CA ASP J 90 56.17 -32.49 -1.83
C ASP J 90 54.66 -32.38 -1.59
N SER J 91 54.06 -33.45 -1.05
CA SER J 91 52.63 -33.43 -0.67
C SER J 91 52.42 -32.40 0.42
N ALA J 92 51.57 -31.43 0.15
CA ALA J 92 51.36 -30.31 1.07
C ALA J 92 50.22 -29.41 0.63
N LEU J 93 49.87 -28.46 1.50
CA LEU J 93 49.08 -27.30 1.11
C LEU J 93 50.01 -26.21 0.64
N TYR J 94 49.74 -25.64 -0.53
CA TYR J 94 50.58 -24.59 -1.10
C TYR J 94 49.86 -23.27 -1.04
N TYR J 95 50.48 -22.29 -0.39
CA TYR J 95 49.85 -20.98 -0.19
C TYR J 95 50.51 -19.89 -1.01
N CYS J 96 49.63 -19.16 -1.70
CA CYS J 96 49.90 -17.90 -2.36
C CYS J 96 49.95 -16.79 -1.31
N VAL J 97 51.07 -16.10 -1.20
CA VAL J 97 51.22 -15.10 -0.13
C VAL J 97 51.79 -13.76 -0.63
N ARG J 98 51.13 -12.67 -0.24
CA ARG J 98 51.61 -11.34 -0.57
C ARG J 98 52.66 -10.84 0.47
N LEU J 99 53.76 -10.33 -0.03
CA LEU J 99 54.82 -9.80 0.80
C LEU J 99 54.76 -8.27 0.73
N ASP J 100 54.47 -7.61 1.86
CA ASP J 100 54.53 -6.15 1.91
C ASP J 100 55.91 -5.66 2.38
N PHE J 101 56.58 -4.96 1.47
CA PHE J 101 57.93 -4.46 1.61
C PHE J 101 57.86 -3.07 2.25
N ASP J 102 58.98 -2.60 2.76
CA ASP J 102 59.08 -1.22 3.24
C ASP J 102 60.50 -0.93 3.70
N VAL J 103 61.34 -0.55 2.75
CA VAL J 103 62.76 -0.39 2.99
C VAL J 103 63.07 0.71 4.02
N TYR J 104 62.27 1.78 4.03
CA TYR J 104 62.45 2.90 4.98
C TYR J 104 62.21 2.46 6.43
N ASN J 105 61.11 1.73 6.66
CA ASN J 105 60.74 1.22 7.99
C ASN J 105 61.54 0.00 8.44
N HIS J 106 62.28 -0.63 7.52
CA HIS J 106 63.01 -1.88 7.79
C HIS J 106 62.00 -2.97 8.08
N TYR J 107 61.16 -3.24 7.09
CA TYR J 107 59.92 -3.96 7.35
C TYR J 107 59.50 -4.86 6.18
N TYR J 108 59.33 -6.15 6.48
CA TYR J 108 58.93 -7.14 5.47
C TYR J 108 57.95 -8.13 6.12
N VAL J 109 56.69 -8.06 5.73
CA VAL J 109 55.65 -8.89 6.34
C VAL J 109 54.90 -9.69 5.28
N LEU J 110 54.59 -10.94 5.61
CA LEU J 110 53.73 -11.78 4.78
C LEU J 110 52.31 -11.53 5.23
N ASP J 111 51.63 -10.58 4.58
CA ASP J 111 50.39 -10.07 5.17
C ASP J 111 49.12 -10.72 4.71
N TYR J 112 48.95 -10.98 3.41
CA TYR J 112 47.72 -11.68 2.95
C TYR J 112 48.08 -13.03 2.43
N TRP J 113 47.31 -14.03 2.84
CA TRP J 113 47.55 -15.40 2.45
C TRP J 113 46.33 -15.92 1.74
N GLY J 114 46.53 -16.70 0.69
CA GLY J 114 45.45 -17.45 0.08
C GLY J 114 45.07 -18.63 0.94
N GLN J 115 43.97 -19.29 0.61
CA GLN J 115 43.51 -20.45 1.37
C GLN J 115 44.35 -21.71 1.09
N GLY J 116 44.99 -21.75 -0.07
CA GLY J 116 45.88 -22.85 -0.42
C GLY J 116 45.20 -23.88 -1.31
N THR J 117 46.01 -24.58 -2.08
CA THR J 117 45.54 -25.65 -2.91
C THR J 117 46.33 -26.90 -2.50
N SER J 118 45.61 -28.01 -2.39
CA SER J 118 46.20 -29.26 -1.94
C SER J 118 46.89 -29.99 -3.08
N VAL J 119 48.10 -30.48 -2.82
CA VAL J 119 48.84 -31.34 -3.73
C VAL J 119 49.17 -32.64 -3.00
N THR J 120 48.80 -33.77 -3.59
CA THR J 120 49.22 -35.08 -3.08
C THR J 120 50.02 -35.80 -4.16
N VAL J 121 51.19 -36.30 -3.80
CA VAL J 121 52.03 -37.09 -4.69
C VAL J 121 51.88 -38.55 -4.27
N SER J 122 51.29 -39.35 -5.16
CA SER J 122 51.01 -40.77 -4.92
C SER J 122 50.63 -41.47 -6.22
N SER J 123 50.98 -42.75 -6.36
CA SER J 123 50.54 -43.53 -7.53
C SER J 123 49.24 -44.28 -7.26
N ALA J 124 48.74 -44.17 -6.05
CA ALA J 124 47.41 -44.69 -5.69
C ALA J 124 46.32 -43.93 -6.46
N SER J 125 45.19 -44.60 -6.70
CA SER J 125 44.13 -43.98 -7.47
C SER J 125 43.14 -43.28 -6.55
N THR J 126 42.35 -42.40 -7.15
CA THR J 126 41.33 -41.66 -6.45
C THR J 126 40.24 -42.60 -5.99
N LYS J 127 39.66 -42.30 -4.84
CA LYS J 127 38.52 -43.02 -4.34
C LYS J 127 37.53 -42.09 -3.64
N GLY J 128 36.29 -42.11 -4.11
CA GLY J 128 35.24 -41.33 -3.50
C GLY J 128 34.84 -41.93 -2.17
N PRO J 129 34.35 -41.10 -1.25
CA PRO J 129 33.88 -41.59 0.04
C PRO J 129 32.47 -42.18 0.03
N SER J 130 32.22 -43.06 0.97
CA SER J 130 30.87 -43.42 1.38
C SER J 130 30.50 -42.51 2.54
N VAL J 131 29.24 -42.09 2.61
CA VAL J 131 28.77 -41.19 3.66
C VAL J 131 27.70 -41.90 4.47
N PHE J 132 27.94 -42.04 5.76
CA PHE J 132 27.02 -42.77 6.62
C PHE J 132 26.50 -41.88 7.72
N PRO J 133 25.19 -41.96 8.00
CA PRO J 133 24.63 -41.18 9.09
C PRO J 133 25.08 -41.69 10.47
N LEU J 134 25.28 -40.74 11.37
CA LEU J 134 25.39 -41.03 12.80
C LEU J 134 24.08 -40.55 13.45
N ALA J 135 23.10 -41.41 13.51
CA ALA J 135 21.75 -41.05 13.93
C ALA J 135 21.66 -40.65 15.41
N PRO J 136 20.92 -39.56 15.70
CA PRO J 136 20.68 -39.17 17.08
C PRO J 136 19.52 -39.93 17.63
N SER J 137 19.47 -39.99 18.96
CA SER J 137 18.35 -40.55 19.68
C SER J 137 17.95 -39.63 20.83
N SER J 138 16.65 -39.38 20.91
CA SER J 138 16.02 -38.71 22.03
C SER J 138 16.48 -39.32 23.37
N LYS J 139 16.76 -40.63 23.36
CA LYS J 139 17.17 -41.39 24.56
C LYS J 139 18.67 -41.34 24.86
N SER J 140 19.47 -40.79 23.95
CA SER J 140 20.93 -40.75 24.11
C SER J 140 21.45 -39.32 24.24
N THR J 141 20.96 -38.61 25.26
CA THR J 141 21.38 -37.22 25.45
C THR J 141 22.43 -37.12 26.57
N SER J 142 23.29 -36.13 26.45
CA SER J 142 24.35 -35.90 27.41
C SER J 142 24.64 -34.40 27.50
N GLY J 143 24.80 -33.91 28.72
CA GLY J 143 25.02 -32.50 28.99
C GLY J 143 23.96 -31.62 28.37
N GLY J 144 22.71 -32.04 28.46
CA GLY J 144 21.59 -31.31 27.89
C GLY J 144 21.57 -31.22 26.39
N THR J 145 22.34 -32.06 25.71
CA THR J 145 22.40 -31.99 24.26
C THR J 145 22.20 -33.37 23.60
N ALA J 146 21.77 -33.31 22.33
CA ALA J 146 21.67 -34.45 21.47
C ALA J 146 22.72 -34.30 20.38
N ALA J 147 23.40 -35.39 20.03
CA ALA J 147 24.44 -35.34 19.01
C ALA J 147 24.01 -36.11 17.77
N LEU J 148 24.35 -35.60 16.60
CA LEU J 148 24.15 -36.33 15.34
C LEU J 148 25.28 -35.98 14.38
N GLY J 149 25.46 -36.79 13.36
CA GLY J 149 26.60 -36.60 12.48
C GLY J 149 26.64 -37.46 11.23
N CYS J 150 27.78 -37.35 10.54
CA CYS J 150 28.09 -38.09 9.33
C CYS J 150 29.49 -38.67 9.45
N LEU J 151 29.60 -39.94 9.08
CA LEU J 151 30.87 -40.64 8.95
C LEU J 151 31.22 -40.58 7.46
N VAL J 152 32.31 -39.88 7.12
CA VAL J 152 32.76 -39.79 5.73
C VAL J 152 33.93 -40.75 5.63
N LYS J 153 33.69 -41.87 4.97
CA LYS J 153 34.63 -42.96 5.06
C LYS J 153 35.19 -43.46 3.72
N ASP J 154 36.48 -43.83 3.76
CA ASP J 154 37.22 -44.55 2.70
C ASP J 154 37.42 -43.72 1.43
N TYR J 155 38.10 -42.59 1.57
CA TYR J 155 38.39 -41.72 0.44
C TYR J 155 39.87 -41.45 0.25
N PHE J 156 40.23 -41.07 -0.98
CA PHE J 156 41.59 -40.71 -1.30
C PHE J 156 41.62 -39.86 -2.55
N PRO J 157 42.42 -38.78 -2.56
CA PRO J 157 43.22 -38.23 -1.46
C PRO J 157 42.42 -37.20 -0.69
N GLU J 158 43.07 -36.54 0.26
CA GLU J 158 42.50 -35.35 0.92
C GLU J 158 42.34 -34.28 -0.14
N PRO J 159 41.48 -33.27 0.11
CA PRO J 159 40.54 -33.13 1.18
C PRO J 159 39.10 -33.42 0.77
N VAL J 160 38.23 -33.48 1.77
CA VAL J 160 36.79 -33.40 1.59
C VAL J 160 36.36 -32.12 2.27
N THR J 161 35.36 -31.43 1.75
CA THR J 161 34.70 -30.37 2.49
C THR J 161 33.36 -30.92 2.97
N VAL J 162 32.99 -30.57 4.20
CA VAL J 162 31.73 -31.00 4.79
C VAL J 162 31.03 -29.76 5.30
N SER J 163 29.73 -29.67 5.09
CA SER J 163 28.93 -28.62 5.75
C SER J 163 27.55 -29.16 6.07
N TRP J 164 26.78 -28.39 6.83
CA TRP J 164 25.47 -28.81 7.26
C TRP J 164 24.38 -27.85 6.80
N ASN J 165 23.37 -28.40 6.11
CA ASN J 165 22.29 -27.62 5.53
C ASN J 165 22.82 -26.50 4.65
N SER J 166 23.65 -26.90 3.68
CA SER J 166 24.26 -25.97 2.73
C SER J 166 24.94 -24.75 3.38
N GLY J 167 25.51 -24.96 4.57
CA GLY J 167 26.23 -23.88 5.25
C GLY J 167 25.38 -23.04 6.19
N ALA J 168 24.07 -23.24 6.16
CA ALA J 168 23.15 -22.54 7.06
C ALA J 168 23.35 -22.93 8.54
N LEU J 169 23.85 -24.13 8.80
CA LEU J 169 24.00 -24.60 10.16
C LEU J 169 25.48 -24.62 10.57
N THR J 170 25.86 -23.76 11.50
CA THR J 170 27.25 -23.68 11.97
C THR J 170 27.45 -23.86 13.49
N SER J 171 26.55 -23.28 14.31
CA SER J 171 26.57 -23.53 15.77
C SER J 171 26.50 -25.01 16.11
N GLY J 172 27.39 -25.45 16.99
CA GLY J 172 27.42 -26.83 17.43
C GLY J 172 28.17 -27.77 16.51
N VAL J 173 28.69 -27.28 15.39
CA VAL J 173 29.34 -28.16 14.39
C VAL J 173 30.84 -28.42 14.72
N HIS J 174 31.24 -29.67 14.63
CA HIS J 174 32.65 -30.04 14.67
C HIS J 174 32.98 -31.03 13.58
N THR J 175 33.81 -30.60 12.65
CA THR J 175 34.36 -31.50 11.66
C THR J 175 35.74 -31.90 12.13
N PHE J 176 35.97 -33.19 12.29
CA PHE J 176 37.21 -33.66 12.89
C PHE J 176 38.30 -33.80 11.86
N PRO J 177 39.57 -33.61 12.25
CA PRO J 177 40.67 -33.91 11.33
C PRO J 177 40.52 -35.31 10.75
N ALA J 178 40.81 -35.49 9.46
CA ALA J 178 40.77 -36.81 8.83
C ALA J 178 41.86 -37.68 9.44
N VAL J 179 41.59 -38.98 9.46
CA VAL J 179 42.52 -39.96 9.97
C VAL J 179 42.90 -40.86 8.82
N LEU J 180 44.16 -41.31 8.77
CA LEU J 180 44.62 -42.24 7.74
C LEU J 180 44.57 -43.69 8.24
N GLN J 181 43.74 -44.50 7.60
CA GLN J 181 43.53 -45.87 8.03
C GLN J 181 44.62 -46.78 7.51
N SER J 182 44.73 -47.97 8.08
CA SER J 182 45.75 -48.93 7.68
C SER J 182 45.55 -49.42 6.24
N SER J 183 44.34 -49.25 5.72
CA SER J 183 44.05 -49.53 4.32
C SER J 183 44.68 -48.51 3.37
N GLY J 184 45.18 -47.40 3.89
CA GLY J 184 45.75 -46.35 3.05
C GLY J 184 44.73 -45.32 2.62
N LEU J 185 43.49 -45.48 3.09
CA LEU J 185 42.39 -44.57 2.79
C LEU J 185 42.05 -43.69 4.00
N TYR J 186 41.51 -42.51 3.73
CA TYR J 186 41.18 -41.58 4.79
C TYR J 186 39.76 -41.74 5.26
N SER J 187 39.52 -41.24 6.48
CA SER J 187 38.22 -41.27 7.10
C SER J 187 38.06 -40.11 8.10
N LEU J 188 36.87 -39.53 8.14
CA LEU J 188 36.62 -38.40 9.01
C LEU J 188 35.16 -38.35 9.42
N SER J 189 34.88 -37.69 10.54
CA SER J 189 33.51 -37.54 10.98
C SER J 189 33.19 -36.08 11.24
N SER J 190 31.94 -35.75 11.05
CA SER J 190 31.44 -34.41 11.30
C SER J 190 30.22 -34.55 12.17
N VAL J 191 30.14 -33.75 13.23
CA VAL J 191 29.02 -33.88 14.15
C VAL J 191 28.39 -32.55 14.43
N VAL J 192 27.11 -32.59 14.79
CA VAL J 192 26.36 -31.44 15.26
C VAL J 192 25.77 -31.79 16.62
N THR J 193 25.90 -30.89 17.59
CA THR J 193 25.17 -31.02 18.84
C THR J 193 24.09 -29.94 18.91
N VAL J 194 22.93 -30.30 19.45
CA VAL J 194 21.81 -29.41 19.57
C VAL J 194 21.22 -29.62 20.96
N PRO J 195 20.58 -28.59 21.54
CA PRO J 195 19.81 -28.82 22.75
C PRO J 195 18.76 -29.92 22.54
N SER J 196 18.71 -30.84 23.49
CA SER J 196 17.86 -32.01 23.39
C SER J 196 16.44 -31.75 22.89
N SER J 197 15.75 -30.79 23.50
CA SER J 197 14.37 -30.48 23.18
C SER J 197 14.16 -29.92 21.76
N SER J 198 15.23 -29.54 21.08
CA SER J 198 15.11 -29.02 19.73
C SER J 198 15.30 -30.10 18.67
N LEU J 199 15.42 -31.36 19.06
CA LEU J 199 15.79 -32.40 18.08
C LEU J 199 14.81 -32.52 16.87
N GLY J 200 13.53 -32.76 17.11
CA GLY J 200 12.58 -32.84 16.00
C GLY J 200 12.30 -31.53 15.27
N THR J 201 12.90 -30.45 15.74
CA THR J 201 12.55 -29.10 15.29
C THR J 201 12.99 -28.77 13.88
N GLN J 202 14.03 -29.43 13.39
CA GLN J 202 14.55 -29.15 12.07
C GLN J 202 15.27 -30.33 11.40
N THR J 203 15.45 -30.19 10.09
CA THR J 203 16.11 -31.18 9.27
C THR J 203 17.61 -30.98 9.30
N TYR J 204 18.37 -32.08 9.33
CA TYR J 204 19.82 -32.00 9.28
C TYR J 204 20.37 -32.77 8.08
N ILE J 205 21.05 -32.07 7.19
CA ILE J 205 21.61 -32.69 6.01
C ILE J 205 23.06 -32.34 5.95
N CYS J 206 23.94 -33.34 5.93
CA CYS J 206 25.36 -33.04 5.74
C CYS J 206 25.68 -33.09 4.24
N ASN J 207 26.37 -32.06 3.78
CA ASN J 207 26.79 -31.95 2.40
C ASN J 207 28.27 -32.27 2.34
N VAL J 208 28.63 -33.28 1.55
CA VAL J 208 30.00 -33.77 1.47
C VAL J 208 30.47 -33.71 0.02
N ASN J 209 31.54 -32.95 -0.21
CA ASN J 209 32.12 -32.84 -1.56
C ASN J 209 33.53 -33.40 -1.53
N HIS J 210 33.90 -34.14 -2.59
CA HIS J 210 35.26 -34.65 -2.75
C HIS J 210 35.70 -34.41 -4.18
N LYS J 211 36.35 -33.26 -4.41
CA LYS J 211 36.65 -32.82 -5.77
C LYS J 211 37.46 -33.81 -6.60
N PRO J 212 38.51 -34.41 -6.02
CA PRO J 212 39.33 -35.35 -6.80
C PRO J 212 38.57 -36.52 -7.46
N SER J 213 37.46 -36.95 -6.88
CA SER J 213 36.65 -38.03 -7.44
C SER J 213 35.32 -37.53 -7.95
N ASN J 214 35.15 -36.21 -7.98
CA ASN J 214 33.88 -35.59 -8.38
C ASN J 214 32.63 -36.11 -7.66
N THR J 215 32.77 -36.41 -6.39
CA THR J 215 31.69 -36.91 -5.56
C THR J 215 31.03 -35.74 -4.85
N LYS J 216 29.72 -35.55 -5.05
CA LYS J 216 28.90 -34.70 -4.17
C LYS J 216 27.78 -35.54 -3.57
N VAL J 217 27.63 -35.45 -2.26
CA VAL J 217 26.57 -36.19 -1.55
C VAL J 217 25.88 -35.30 -0.53
N ASP J 218 24.54 -35.35 -0.53
CA ASP J 218 23.73 -34.74 0.51
C ASP J 218 23.03 -35.88 1.27
N LYS J 219 23.37 -36.06 2.54
CA LYS J 219 22.81 -37.15 3.34
C LYS J 219 21.93 -36.61 4.47
N LYS J 220 20.64 -36.95 4.46
CA LYS J 220 19.74 -36.57 5.54
C LYS J 220 19.97 -37.48 6.75
N VAL J 221 20.15 -36.88 7.92
CA VAL J 221 20.36 -37.61 9.15
C VAL J 221 19.08 -37.54 10.00
N GLU J 222 18.26 -38.58 9.88
CA GLU J 222 16.98 -38.69 10.58
C GLU J 222 17.19 -39.26 12.01
N PRO J 223 16.53 -38.66 13.03
CA PRO J 223 16.44 -39.31 14.34
C PRO J 223 15.90 -40.69 14.19
N LYS J 224 16.42 -41.63 14.97
CA LYS J 224 16.12 -43.05 14.81
C LYS J 224 16.51 -43.81 16.08
N GLU K 1 -70.85 14.34 2.83
CA GLU K 1 -69.74 13.35 2.88
C GLU K 1 -69.72 12.42 1.66
N LEU K 2 -69.58 12.99 0.46
CA LEU K 2 -69.12 12.17 -0.64
C LEU K 2 -67.70 11.80 -0.25
N VAL K 3 -67.44 10.50 -0.13
CA VAL K 3 -66.12 10.01 0.25
C VAL K 3 -65.53 9.14 -0.88
N VAL K 4 -64.36 9.55 -1.37
CA VAL K 4 -63.68 8.83 -2.43
C VAL K 4 -62.61 7.95 -1.81
N THR K 5 -62.60 6.65 -2.14
CA THR K 5 -61.72 5.70 -1.50
C THR K 5 -60.84 4.99 -2.52
N GLN K 6 -59.57 4.84 -2.15
CA GLN K 6 -58.55 4.18 -2.97
C GLN K 6 -57.85 3.11 -2.13
N GLU K 7 -57.20 2.16 -2.79
CA GLU K 7 -56.30 1.26 -2.08
C GLU K 7 -55.19 2.08 -1.42
N SER K 8 -54.80 1.69 -0.21
CA SER K 8 -53.71 2.35 0.54
C SER K 8 -52.37 2.23 -0.15
N ALA K 9 -52.04 1.00 -0.55
CA ALA K 9 -50.74 0.67 -1.10
C ALA K 9 -50.83 -0.49 -2.08
N LEU K 10 -49.99 -0.44 -3.11
CA LEU K 10 -49.83 -1.54 -4.02
C LEU K 10 -48.36 -1.74 -4.37
N THR K 11 -47.99 -2.97 -4.65
CA THR K 11 -46.63 -3.31 -5.03
C THR K 11 -46.68 -3.97 -6.39
N THR K 12 -45.76 -3.60 -7.26
CA THR K 12 -45.66 -4.20 -8.59
C THR K 12 -44.19 -4.31 -9.01
N SER K 13 -43.88 -5.26 -9.90
CA SER K 13 -42.53 -5.42 -10.43
C SER K 13 -42.35 -4.58 -11.68
N PRO K 14 -41.11 -4.22 -12.02
CA PRO K 14 -40.90 -3.50 -13.28
C PRO K 14 -41.37 -4.33 -14.48
N GLY K 15 -41.99 -3.67 -15.44
CA GLY K 15 -42.57 -4.35 -16.59
C GLY K 15 -43.97 -4.92 -16.40
N GLU K 16 -44.44 -5.04 -15.16
CA GLU K 16 -45.75 -5.58 -14.85
C GLU K 16 -46.82 -4.51 -15.03
N THR K 17 -48.06 -4.95 -15.19
CA THR K 17 -49.21 -4.04 -15.29
C THR K 17 -49.82 -3.92 -13.91
N VAL K 18 -50.19 -2.71 -13.52
CA VAL K 18 -50.80 -2.46 -12.22
C VAL K 18 -51.98 -1.55 -12.42
N THR K 19 -53.05 -1.80 -11.67
CA THR K 19 -54.29 -1.02 -11.79
C THR K 19 -54.69 -0.40 -10.45
N LEU K 20 -54.76 0.93 -10.43
CA LEU K 20 -55.23 1.63 -9.25
C LEU K 20 -56.74 1.92 -9.41
N THR K 21 -57.53 1.73 -8.34
CA THR K 21 -58.97 2.05 -8.44
C THR K 21 -59.40 3.16 -7.49
N CYS K 22 -60.58 3.67 -7.77
CA CYS K 22 -61.11 4.84 -7.12
C CYS K 22 -62.63 4.68 -7.05
N ARG K 23 -63.17 4.58 -5.84
CA ARG K 23 -64.60 4.36 -5.69
C ARG K 23 -65.27 5.46 -4.88
N SER K 24 -66.61 5.49 -4.97
CA SER K 24 -67.40 6.58 -4.40
C SER K 24 -68.46 6.00 -3.50
N SER K 25 -68.83 6.76 -2.47
CA SER K 25 -69.87 6.35 -1.52
C SER K 25 -71.27 6.79 -1.96
N SER K 26 -71.35 7.58 -3.03
CA SER K 26 -72.64 8.00 -3.59
C SER K 26 -73.24 6.92 -4.48
N GLY K 27 -72.42 5.97 -4.91
CA GLY K 27 -72.81 4.97 -5.89
C GLY K 27 -71.75 4.90 -6.97
N ALA K 28 -72.12 4.36 -8.12
CA ALA K 28 -71.19 4.16 -9.22
C ALA K 28 -70.47 5.44 -9.64
N VAL K 29 -69.16 5.32 -9.89
CA VAL K 29 -68.42 6.40 -10.51
C VAL K 29 -68.78 6.40 -11.98
N THR K 30 -69.23 7.54 -12.46
CA THR K 30 -69.71 7.65 -13.83
C THR K 30 -68.91 8.71 -14.57
N THR K 31 -69.01 8.69 -15.89
CA THR K 31 -68.49 9.73 -16.77
C THR K 31 -68.77 11.17 -16.28
N SER K 32 -69.93 11.38 -15.67
CA SER K 32 -70.32 12.69 -15.14
C SER K 32 -69.44 13.16 -13.99
N ASN K 33 -68.67 12.24 -13.40
CA ASN K 33 -67.76 12.58 -12.34
C ASN K 33 -66.45 13.15 -12.85
N TYR K 34 -66.19 13.06 -14.15
CA TYR K 34 -64.96 13.57 -14.76
C TYR K 34 -63.68 13.21 -13.96
N ALA K 35 -63.48 11.92 -13.71
CA ALA K 35 -62.36 11.45 -12.89
C ALA K 35 -61.01 11.99 -13.35
N THR K 36 -60.23 12.50 -12.40
CA THR K 36 -58.89 13.00 -12.66
C THR K 36 -57.90 12.24 -11.79
N TRP K 37 -56.69 12.03 -12.31
CA TRP K 37 -55.64 11.44 -11.53
C TRP K 37 -54.45 12.36 -11.44
N VAL K 38 -53.88 12.47 -10.24
CA VAL K 38 -52.69 13.27 -10.00
C VAL K 38 -51.58 12.37 -9.43
N GLN K 39 -50.35 12.58 -9.89
CA GLN K 39 -49.22 11.86 -9.31
C GLN K 39 -48.44 12.76 -8.40
N GLU K 40 -48.10 12.27 -7.22
CA GLU K 40 -47.21 13.00 -6.31
C GLU K 40 -45.90 12.27 -6.10
N LYS K 41 -44.79 12.97 -6.34
CA LYS K 41 -43.46 12.44 -6.11
C LYS K 41 -42.76 13.20 -5.04
N PRO K 42 -41.73 12.60 -4.40
CA PRO K 42 -40.92 13.24 -3.37
C PRO K 42 -40.59 14.70 -3.66
N ASP K 43 -40.56 15.50 -2.61
CA ASP K 43 -40.44 16.96 -2.69
C ASP K 43 -41.76 17.63 -3.11
N HIS K 44 -42.89 16.94 -2.93
CA HIS K 44 -44.22 17.48 -3.27
C HIS K 44 -44.27 17.98 -4.73
N LEU K 45 -43.96 17.09 -5.66
CA LEU K 45 -43.97 17.45 -7.06
C LEU K 45 -45.20 16.77 -7.65
N PHE K 46 -46.17 17.56 -8.11
CA PHE K 46 -47.44 17.01 -8.61
C PHE K 46 -47.55 17.06 -10.13
N THR K 47 -48.14 16.04 -10.71
CA THR K 47 -48.30 15.96 -12.14
C THR K 47 -49.69 15.45 -12.41
N GLY K 48 -50.48 16.26 -13.12
CA GLY K 48 -51.81 15.83 -13.59
C GLY K 48 -51.62 14.79 -14.68
N LEU K 49 -52.21 13.61 -14.51
CA LEU K 49 -51.99 12.50 -15.43
C LEU K 49 -53.14 12.28 -16.37
N ILE K 50 -54.35 12.18 -15.82
CA ILE K 50 -55.54 11.83 -16.61
C ILE K 50 -56.66 12.81 -16.28
N GLY K 51 -57.39 13.23 -17.30
CA GLY K 51 -58.63 13.99 -17.12
C GLY K 51 -59.77 13.32 -17.85
N GLY K 52 -61.00 13.72 -17.49
CA GLY K 52 -62.21 13.19 -18.12
C GLY K 52 -62.25 11.67 -18.21
N THR K 53 -61.85 10.99 -17.12
CA THR K 53 -61.85 9.53 -17.02
C THR K 53 -60.71 8.86 -17.81
N ASN K 54 -60.61 9.14 -19.10
CA ASN K 54 -59.73 8.37 -19.99
C ASN K 54 -58.92 9.19 -21.01
N LYS K 55 -58.84 10.50 -20.79
CA LYS K 55 -58.02 11.41 -21.58
C LYS K 55 -56.68 11.61 -20.84
N ARG K 56 -55.58 11.20 -21.48
CA ARG K 56 -54.23 11.40 -21.00
C ARG K 56 -53.78 12.85 -21.27
N ALA K 57 -53.15 13.48 -20.29
CA ALA K 57 -52.72 14.88 -20.43
C ALA K 57 -51.49 15.00 -21.30
N PRO K 58 -51.33 16.13 -21.99
CA PRO K 58 -50.13 16.39 -22.79
C PRO K 58 -48.84 16.11 -22.00
N GLY K 59 -47.88 15.48 -22.65
CA GLY K 59 -46.59 15.18 -22.04
C GLY K 59 -46.57 13.92 -21.18
N VAL K 60 -47.73 13.38 -20.83
CA VAL K 60 -47.80 12.21 -19.97
C VAL K 60 -47.53 10.95 -20.77
N PRO K 61 -46.65 10.06 -20.26
CA PRO K 61 -46.23 8.84 -20.96
C PRO K 61 -47.41 7.94 -21.29
N ALA K 62 -47.35 7.29 -22.47
CA ALA K 62 -48.42 6.44 -23.01
C ALA K 62 -48.74 5.24 -22.11
N ARG K 63 -47.70 4.76 -21.44
CA ARG K 63 -47.77 3.78 -20.37
C ARG K 63 -49.00 3.97 -19.40
N PHE K 64 -49.41 5.22 -19.14
CA PHE K 64 -50.56 5.52 -18.27
C PHE K 64 -51.87 5.62 -19.04
N SER K 65 -52.94 5.03 -18.53
CA SER K 65 -54.27 5.23 -19.12
C SER K 65 -55.34 5.08 -18.08
N GLY K 66 -56.50 5.67 -18.33
CA GLY K 66 -57.60 5.70 -17.38
C GLY K 66 -58.86 5.10 -17.98
N SER K 67 -59.70 4.51 -17.13
CA SER K 67 -60.94 3.91 -17.60
C SER K 67 -61.89 3.70 -16.45
N LEU K 68 -63.03 3.10 -16.73
CA LEU K 68 -63.95 2.65 -15.69
C LEU K 68 -63.90 1.13 -15.60
N ILE K 69 -63.87 0.60 -14.38
CA ILE K 69 -64.05 -0.83 -14.15
C ILE K 69 -65.23 -1.01 -13.19
N GLY K 70 -66.34 -1.56 -13.70
CA GLY K 70 -67.59 -1.69 -12.95
C GLY K 70 -68.00 -0.39 -12.27
N ASP K 71 -68.02 -0.42 -10.94
CA ASP K 71 -68.31 0.75 -10.11
C ASP K 71 -67.30 1.88 -10.19
N ARG K 72 -66.05 1.55 -10.48
CA ARG K 72 -64.93 2.45 -10.15
C ARG K 72 -64.25 3.12 -11.34
N ALA K 73 -63.53 4.18 -11.05
CA ALA K 73 -62.55 4.76 -11.97
C ALA K 73 -61.20 4.07 -11.71
N ALA K 74 -60.41 3.93 -12.78
CA ALA K 74 -59.19 3.15 -12.74
C ALA K 74 -58.07 3.90 -13.46
N LEU K 75 -56.89 3.86 -12.86
CA LEU K 75 -55.65 4.21 -13.54
C LEU K 75 -54.84 2.95 -13.74
N THR K 76 -54.49 2.67 -14.99
CA THR K 76 -53.66 1.52 -15.33
C THR K 76 -52.30 2.00 -15.73
N ILE K 77 -51.26 1.35 -15.21
CA ILE K 77 -49.89 1.59 -15.65
C ILE K 77 -49.45 0.30 -16.33
N THR K 78 -49.19 0.38 -17.63
CA THR K 78 -48.79 -0.78 -18.41
C THR K 78 -47.27 -0.87 -18.57
N GLY K 79 -46.62 -1.73 -17.80
CA GLY K 79 -45.17 -1.89 -17.86
C GLY K 79 -44.54 -0.92 -16.91
N ALA K 80 -44.89 -1.03 -15.63
CA ALA K 80 -44.46 -0.08 -14.63
C ALA K 80 -42.92 0.02 -14.59
N GLN K 81 -42.45 1.26 -14.50
CA GLN K 81 -41.03 1.58 -14.40
C GLN K 81 -40.70 2.08 -12.99
N THR K 82 -39.43 2.00 -12.60
CA THR K 82 -38.99 2.42 -11.27
C THR K 82 -39.36 3.88 -10.98
N GLU K 83 -39.35 4.72 -12.00
CA GLU K 83 -39.73 6.11 -11.82
C GLU K 83 -41.21 6.32 -11.50
N ASP K 84 -42.02 5.25 -11.60
CA ASP K 84 -43.45 5.34 -11.26
C ASP K 84 -43.75 5.27 -9.75
N GLU K 85 -42.72 5.08 -8.94
CA GLU K 85 -42.85 5.14 -7.47
C GLU K 85 -43.36 6.49 -7.09
N ALA K 86 -44.53 6.52 -6.45
CA ALA K 86 -45.23 7.77 -6.21
C ALA K 86 -46.50 7.50 -5.44
N ILE K 87 -47.16 8.58 -5.04
CA ILE K 87 -48.53 8.50 -4.54
C ILE K 87 -49.47 8.99 -5.63
N TYR K 88 -50.50 8.20 -5.89
CA TYR K 88 -51.48 8.51 -6.92
C TYR K 88 -52.83 8.82 -6.26
N PHE K 89 -53.35 10.01 -6.55
CA PHE K 89 -54.62 10.48 -6.06
C PHE K 89 -55.58 10.50 -7.22
N CYS K 90 -56.82 10.02 -7.01
CA CYS K 90 -57.94 10.27 -7.91
C CYS K 90 -58.80 11.32 -7.28
N ALA K 91 -59.54 12.04 -8.13
CA ALA K 91 -60.44 13.08 -7.69
C ALA K 91 -61.70 13.01 -8.53
N LEU K 92 -62.85 13.22 -7.90
CA LEU K 92 -64.12 13.16 -8.57
C LEU K 92 -64.88 14.48 -8.45
N TRP K 93 -65.43 14.97 -9.55
CA TRP K 93 -66.31 16.14 -9.52
C TRP K 93 -67.69 15.77 -9.01
N ASN K 94 -68.21 16.56 -8.09
CA ASN K 94 -69.53 16.32 -7.54
C ASN K 94 -70.32 17.63 -7.46
N SER K 95 -71.15 17.87 -8.49
CA SER K 95 -71.91 19.11 -8.68
C SER K 95 -71.02 20.38 -8.55
N ASN K 96 -71.01 21.05 -7.40
CA ASN K 96 -70.11 22.21 -7.21
C ASN K 96 -68.61 21.87 -7.05
N HIS K 97 -68.28 20.76 -6.39
CA HIS K 97 -66.93 20.58 -5.81
C HIS K 97 -66.15 19.34 -6.23
N LEU K 98 -64.83 19.45 -6.24
CA LEU K 98 -63.91 18.33 -6.50
C LEU K 98 -63.54 17.65 -5.18
N VAL K 99 -63.56 16.32 -5.15
CA VAL K 99 -63.25 15.58 -3.92
C VAL K 99 -62.15 14.59 -4.20
N PHE K 100 -61.03 14.71 -3.48
CA PHE K 100 -59.87 13.82 -3.62
C PHE K 100 -60.06 12.54 -2.81
N GLY K 101 -59.50 11.45 -3.36
CA GLY K 101 -59.33 10.21 -2.61
C GLY K 101 -58.16 10.36 -1.66
N GLY K 102 -57.93 9.36 -0.83
CA GLY K 102 -56.88 9.41 0.18
C GLY K 102 -55.48 9.13 -0.35
N GLY K 103 -55.38 8.64 -1.59
CA GLY K 103 -54.11 8.37 -2.22
C GLY K 103 -53.69 6.91 -2.11
N THR K 104 -52.93 6.46 -3.10
CA THR K 104 -52.36 5.13 -3.13
C THR K 104 -50.84 5.21 -3.34
N LYS K 105 -50.07 4.70 -2.38
CA LYS K 105 -48.62 4.53 -2.54
C LYS K 105 -48.29 3.37 -3.47
N LEU K 106 -47.57 3.63 -4.54
CA LEU K 106 -47.13 2.58 -5.43
C LEU K 106 -45.65 2.29 -5.15
N GLU K 107 -45.38 1.07 -4.69
CA GLU K 107 -44.03 0.58 -4.43
C GLU K 107 -43.59 -0.30 -5.59
N ILE K 108 -42.40 -0.03 -6.13
CA ILE K 108 -41.79 -0.91 -7.13
C ILE K 108 -40.90 -1.95 -6.47
N LYS K 109 -41.17 -3.21 -6.78
CA LYS K 109 -40.48 -4.33 -6.18
C LYS K 109 -39.05 -4.48 -6.70
N ARG K 110 -38.18 -5.01 -5.85
CA ARG K 110 -36.81 -5.32 -6.23
C ARG K 110 -36.26 -6.44 -5.34
N THR K 111 -35.05 -6.91 -5.59
CA THR K 111 -34.47 -8.00 -4.79
C THR K 111 -34.15 -7.49 -3.40
N VAL K 112 -34.23 -8.36 -2.39
CA VAL K 112 -34.00 -7.91 -1.00
C VAL K 112 -32.60 -7.32 -0.89
N ALA K 113 -32.48 -6.20 -0.19
CA ALA K 113 -31.20 -5.54 0.06
C ALA K 113 -31.10 -5.27 1.55
N ALA K 114 -30.02 -5.76 2.15
CA ALA K 114 -29.74 -5.50 3.57
C ALA K 114 -29.31 -4.05 3.78
N PRO K 115 -29.68 -3.47 4.91
CA PRO K 115 -29.18 -2.13 5.20
C PRO K 115 -27.71 -2.11 5.59
N SER K 116 -27.00 -1.07 5.18
CA SER K 116 -25.80 -0.65 5.88
C SER K 116 -26.24 0.10 7.14
N VAL K 117 -25.57 -0.17 8.25
CA VAL K 117 -25.94 0.42 9.53
C VAL K 117 -24.77 1.24 10.09
N PHE K 118 -25.10 2.40 10.64
CA PHE K 118 -24.13 3.32 11.24
C PHE K 118 -24.72 3.89 12.51
N ILE K 119 -23.86 4.12 13.50
CA ILE K 119 -24.26 4.76 14.75
C ILE K 119 -23.41 6.03 14.93
N PHE K 120 -24.01 7.11 15.37
CA PHE K 120 -23.30 8.35 15.62
C PHE K 120 -23.44 8.80 17.06
N PRO K 121 -22.33 8.95 17.78
CA PRO K 121 -22.41 9.47 19.14
C PRO K 121 -22.78 10.96 19.09
N PRO K 122 -23.28 11.53 20.19
CA PRO K 122 -23.55 12.94 20.21
C PRO K 122 -22.30 13.77 20.05
N SER K 123 -22.44 14.92 19.41
CA SER K 123 -21.31 15.81 19.22
C SER K 123 -20.95 16.48 20.55
N ASP K 124 -19.69 16.84 20.69
CA ASP K 124 -19.28 17.60 21.85
C ASP K 124 -20.05 18.91 21.96
N GLU K 125 -20.48 19.46 20.83
CA GLU K 125 -21.28 20.70 20.81
C GLU K 125 -22.66 20.57 21.41
N GLN K 126 -23.31 19.43 21.17
CA GLN K 126 -24.63 19.19 21.74
C GLN K 126 -24.55 19.00 23.24
N LEU K 127 -23.53 18.26 23.66
CA LEU K 127 -23.32 17.99 25.08
C LEU K 127 -23.15 19.30 25.87
N LYS K 128 -22.52 20.30 25.29
CA LYS K 128 -22.46 21.64 25.90
C LYS K 128 -23.83 22.20 26.26
N SER K 129 -24.85 21.87 25.48
CA SER K 129 -26.19 22.42 25.67
C SER K 129 -27.01 21.71 26.75
N GLY K 130 -26.58 20.53 27.19
CA GLY K 130 -27.28 19.78 28.25
C GLY K 130 -28.04 18.54 27.80
N THR K 131 -28.09 18.27 26.51
CA THR K 131 -28.73 17.03 26.05
C THR K 131 -27.80 16.24 25.13
N ALA K 132 -28.19 15.01 24.86
CA ALA K 132 -27.40 14.09 24.05
C ALA K 132 -28.32 13.32 23.13
N SER K 133 -28.08 13.39 21.83
CA SER K 133 -28.82 12.60 20.85
C SER K 133 -27.86 11.58 20.22
N VAL K 134 -28.27 10.32 20.20
CA VAL K 134 -27.55 9.27 19.52
C VAL K 134 -28.35 8.92 18.25
N VAL K 135 -27.72 8.90 17.09
CA VAL K 135 -28.43 8.63 15.87
C VAL K 135 -27.97 7.31 15.27
N CYS K 136 -28.93 6.55 14.78
CA CYS K 136 -28.66 5.29 14.08
C CYS K 136 -29.19 5.38 12.67
N LEU K 137 -28.39 5.02 11.68
CA LEU K 137 -28.82 5.11 10.29
C LEU K 137 -28.84 3.74 9.65
N LEU K 138 -29.95 3.45 8.98
CA LEU K 138 -30.14 2.24 8.15
C LEU K 138 -30.27 2.70 6.72
N ASN K 139 -29.30 2.34 5.90
CA ASN K 139 -29.23 2.90 4.56
C ASN K 139 -29.42 1.88 3.44
N ASN K 140 -30.31 2.22 2.51
CA ASN K 140 -30.50 1.51 1.27
C ASN K 140 -30.89 0.04 1.41
N PHE K 141 -32.05 -0.18 2.03
CA PHE K 141 -32.57 -1.52 2.20
C PHE K 141 -33.93 -1.68 1.52
N TYR K 142 -34.26 -2.95 1.26
CA TYR K 142 -35.57 -3.37 0.76
C TYR K 142 -35.78 -4.81 1.19
N PRO K 143 -36.98 -5.16 1.64
CA PRO K 143 -38.16 -4.33 1.74
C PRO K 143 -38.09 -3.39 2.93
N ARG K 144 -39.19 -2.71 3.18
CA ARG K 144 -39.21 -1.62 4.11
C ARG K 144 -39.25 -2.03 5.56
N GLU K 145 -39.81 -3.19 5.86
CA GLU K 145 -39.94 -3.62 7.24
C GLU K 145 -38.56 -3.83 7.89
N ALA K 146 -38.37 -3.24 9.06
CA ALA K 146 -37.09 -3.21 9.71
C ALA K 146 -37.36 -2.92 11.19
N LYS K 147 -36.67 -3.65 12.06
CA LYS K 147 -36.73 -3.38 13.49
C LYS K 147 -35.43 -2.73 13.95
N VAL K 148 -35.56 -1.68 14.75
CA VAL K 148 -34.42 -1.05 15.41
C VAL K 148 -34.64 -1.14 16.90
N GLN K 149 -33.63 -1.63 17.62
CA GLN K 149 -33.68 -1.71 19.06
C GLN K 149 -32.47 -0.98 19.60
N TRP K 150 -32.72 -0.07 20.53
CA TRP K 150 -31.66 0.63 21.22
C TRP K 150 -31.34 -0.07 22.54
N LYS K 151 -30.05 -0.19 22.86
CA LYS K 151 -29.64 -0.71 24.14
C LYS K 151 -28.57 0.15 24.73
N VAL K 152 -28.69 0.42 26.02
CA VAL K 152 -27.73 1.22 26.73
C VAL K 152 -27.23 0.40 27.91
N ASP K 153 -25.91 0.21 27.93
CA ASP K 153 -25.24 -0.77 28.79
C ASP K 153 -26.00 -2.10 28.79
N ASN K 154 -26.42 -2.52 27.60
CA ASN K 154 -27.13 -3.79 27.39
C ASN K 154 -28.60 -3.83 27.85
N ALA K 155 -29.14 -2.71 28.33
CA ALA K 155 -30.56 -2.62 28.74
C ALA K 155 -31.42 -2.11 27.58
N LEU K 156 -32.52 -2.80 27.31
CA LEU K 156 -33.35 -2.47 26.15
C LEU K 156 -34.10 -1.14 26.40
N GLN K 157 -33.93 -0.18 25.49
CA GLN K 157 -34.55 1.14 25.67
C GLN K 157 -35.98 1.14 25.18
N SER K 158 -36.81 1.96 25.82
CA SER K 158 -38.23 2.01 25.52
C SER K 158 -38.77 3.43 25.61
N GLY K 159 -39.50 3.84 24.56
CA GLY K 159 -40.22 5.12 24.50
C GLY K 159 -39.41 6.40 24.64
N ASN K 160 -38.13 6.38 24.28
CA ASN K 160 -37.31 7.59 24.25
C ASN K 160 -36.52 7.67 22.97
N SER K 161 -37.10 7.12 21.89
CA SER K 161 -36.52 7.19 20.58
C SER K 161 -37.58 7.51 19.55
N GLN K 162 -37.18 8.15 18.46
CA GLN K 162 -38.06 8.43 17.34
C GLN K 162 -37.39 8.06 16.03
N GLU K 163 -38.23 7.90 15.02
CA GLU K 163 -37.86 7.15 13.83
C GLU K 163 -38.48 7.83 12.63
N SER K 164 -37.84 7.70 11.49
CA SER K 164 -38.27 8.38 10.29
C SER K 164 -37.70 7.61 9.10
N VAL K 165 -38.51 7.44 8.06
CA VAL K 165 -38.12 6.64 6.91
C VAL K 165 -38.35 7.46 5.65
N THR K 166 -37.47 7.28 4.65
CA THR K 166 -37.60 8.03 3.39
C THR K 166 -38.63 7.36 2.49
N GLU K 167 -39.04 8.05 1.44
CA GLU K 167 -39.87 7.42 0.42
C GLU K 167 -38.96 6.55 -0.42
N GLN K 168 -39.54 5.62 -1.16
CA GLN K 168 -38.73 4.70 -1.96
C GLN K 168 -37.92 5.53 -2.92
N ASP K 169 -36.62 5.24 -2.99
CA ASP K 169 -35.72 5.94 -3.91
C ASP K 169 -36.13 5.61 -5.33
N SER K 170 -36.21 6.60 -6.21
CA SER K 170 -36.73 6.35 -7.55
C SER K 170 -35.78 5.57 -8.48
N LYS K 171 -34.52 5.38 -8.02
CA LYS K 171 -33.46 4.82 -8.84
C LYS K 171 -33.10 3.40 -8.44
N ASP K 172 -32.68 3.23 -7.18
CA ASP K 172 -32.33 1.91 -6.69
C ASP K 172 -33.50 1.22 -5.99
N SER K 173 -34.63 1.91 -5.84
CA SER K 173 -35.85 1.36 -5.23
C SER K 173 -35.72 0.99 -3.72
N THR K 174 -34.77 1.62 -3.04
CA THR K 174 -34.50 1.30 -1.65
C THR K 174 -35.07 2.34 -0.70
N TYR K 175 -35.15 1.97 0.57
CA TYR K 175 -35.56 2.86 1.62
C TYR K 175 -34.36 3.13 2.50
N SER K 176 -34.43 4.22 3.25
CA SER K 176 -33.47 4.53 4.31
C SER K 176 -34.24 4.96 5.55
N LEU K 177 -33.65 4.71 6.71
CA LEU K 177 -34.29 4.98 8.00
C LEU K 177 -33.32 5.63 8.99
N SER K 178 -33.82 6.56 9.76
CA SER K 178 -33.02 7.26 10.74
C SER K 178 -33.72 7.15 12.06
N SER K 179 -33.00 6.79 13.11
CA SER K 179 -33.57 6.73 14.45
C SER K 179 -32.72 7.55 15.42
N THR K 180 -33.38 8.30 16.30
CA THR K 180 -32.71 9.09 17.33
C THR K 180 -33.09 8.65 18.74
N LEU K 181 -32.09 8.43 19.57
CA LEU K 181 -32.29 8.18 20.98
C LEU K 181 -31.90 9.45 21.68
N THR K 182 -32.83 10.00 22.48
CA THR K 182 -32.57 11.21 23.24
C THR K 182 -32.52 10.90 24.72
N LEU K 183 -31.42 11.28 25.36
CA LEU K 183 -31.33 11.32 26.82
C LEU K 183 -30.62 12.58 27.27
N SER K 184 -30.73 12.91 28.55
CA SER K 184 -30.07 14.09 29.10
C SER K 184 -28.57 13.83 29.17
N LYS K 185 -27.81 14.91 29.20
CA LYS K 185 -26.37 14.82 29.33
C LYS K 185 -26.01 14.01 30.58
N ALA K 186 -26.61 14.35 31.72
CA ALA K 186 -26.31 13.66 32.97
C ALA K 186 -26.54 12.15 32.83
N ASP K 187 -27.63 11.75 32.17
CA ASP K 187 -27.91 10.31 31.99
C ASP K 187 -26.94 9.69 31.00
N TYR K 188 -26.57 10.45 29.96
CA TYR K 188 -25.59 10.01 28.98
C TYR K 188 -24.21 9.74 29.62
N GLU K 189 -23.84 10.50 30.63
CA GLU K 189 -22.54 10.34 31.30
C GLU K 189 -22.48 9.15 32.24
N LYS K 190 -23.63 8.55 32.54
CA LYS K 190 -23.69 7.44 33.48
C LYS K 190 -23.50 6.07 32.84
N HIS K 191 -23.45 6.01 31.52
CA HIS K 191 -23.41 4.74 30.82
C HIS K 191 -22.33 4.73 29.79
N LYS K 192 -21.77 3.54 29.54
CA LYS K 192 -20.63 3.39 28.65
C LYS K 192 -21.05 3.01 27.23
N VAL K 193 -21.81 1.92 27.09
CA VAL K 193 -22.03 1.28 25.79
C VAL K 193 -23.38 1.67 25.19
N TYR K 194 -23.35 2.26 24.01
CA TYR K 194 -24.56 2.67 23.30
C TYR K 194 -24.64 1.84 22.02
N ALA K 195 -25.71 1.06 21.89
CA ALA K 195 -25.85 0.18 20.74
C ALA K 195 -27.19 0.40 20.00
N CYS K 196 -27.09 0.24 18.69
CA CYS K 196 -28.19 0.25 17.79
C CYS K 196 -28.29 -1.16 17.19
N GLU K 197 -29.38 -1.89 17.41
CA GLU K 197 -29.51 -3.30 16.91
C GLU K 197 -30.60 -3.42 15.86
N VAL K 198 -30.30 -4.05 14.73
CA VAL K 198 -31.16 -3.97 13.52
C VAL K 198 -31.50 -5.34 12.96
N THR K 199 -32.79 -5.63 12.86
CA THR K 199 -33.22 -6.84 12.18
C THR K 199 -33.91 -6.45 10.89
N HIS K 200 -33.63 -7.23 9.84
CA HIS K 200 -34.19 -7.00 8.52
C HIS K 200 -34.09 -8.31 7.78
N GLN K 201 -35.01 -8.52 6.85
CA GLN K 201 -35.11 -9.77 6.08
C GLN K 201 -33.82 -10.11 5.33
N GLY K 202 -33.11 -9.08 4.90
CA GLY K 202 -31.85 -9.25 4.18
C GLY K 202 -30.67 -9.68 5.05
N LEU K 203 -30.83 -9.58 6.38
CA LEU K 203 -29.82 -10.00 7.32
C LEU K 203 -30.21 -11.34 7.89
N SER K 204 -29.26 -12.27 7.90
CA SER K 204 -29.50 -13.62 8.42
C SER K 204 -29.41 -13.68 9.94
N SER K 205 -28.93 -12.61 10.56
CA SER K 205 -29.01 -12.45 12.00
C SER K 205 -28.80 -10.99 12.27
N PRO K 206 -29.32 -10.47 13.39
CA PRO K 206 -29.29 -9.01 13.54
C PRO K 206 -27.88 -8.40 13.58
N VAL K 207 -27.74 -7.20 13.06
CA VAL K 207 -26.50 -6.46 13.11
C VAL K 207 -26.61 -5.44 14.24
N THR K 208 -25.55 -5.34 15.03
CA THR K 208 -25.45 -4.36 16.10
C THR K 208 -24.29 -3.44 15.80
N LYS K 209 -24.50 -2.15 15.92
CA LYS K 209 -23.43 -1.18 15.85
C LYS K 209 -23.42 -0.46 17.17
N SER K 210 -22.23 -0.21 17.71
CA SER K 210 -22.13 0.41 19.01
C SER K 210 -20.90 1.24 19.11
N PHE K 211 -20.85 2.08 20.14
CA PHE K 211 -19.66 2.80 20.48
C PHE K 211 -19.58 2.87 22.00
N ASN K 212 -18.37 3.11 22.51
CA ASN K 212 -18.15 3.36 23.92
C ASN K 212 -17.94 4.84 24.18
N ARG K 213 -18.77 5.42 25.03
CA ARG K 213 -18.64 6.82 25.44
C ARG K 213 -17.22 7.14 25.86
N GLY K 214 -16.67 8.21 25.31
CA GLY K 214 -15.31 8.62 25.63
C GLY K 214 -14.23 7.66 25.15
N GLU K 215 -14.44 7.06 23.97
CA GLU K 215 -13.42 6.22 23.34
C GLU K 215 -13.46 6.33 21.82
N GLU L 1 -40.38 27.85 -18.92
CA GLU L 1 -40.94 26.96 -17.89
C GLU L 1 -42.18 27.69 -17.41
N VAL L 2 -43.17 26.93 -16.99
CA VAL L 2 -44.30 27.44 -16.30
C VAL L 2 -43.79 27.61 -14.87
N LYS L 3 -44.15 28.69 -14.22
CA LYS L 3 -43.76 28.91 -12.84
C LYS L 3 -44.96 29.34 -12.04
N LEU L 4 -45.08 28.77 -10.83
CA LEU L 4 -46.13 29.13 -9.90
C LEU L 4 -45.49 29.34 -8.52
N LEU L 5 -45.03 30.55 -8.23
CA LEU L 5 -44.37 30.84 -6.95
C LEU L 5 -45.35 31.31 -5.89
N GLU L 6 -45.58 30.49 -4.86
CA GLU L 6 -46.41 30.86 -3.70
C GLU L 6 -45.62 31.63 -2.64
N SER L 7 -46.29 32.49 -1.89
CA SER L 7 -45.72 33.11 -0.71
C SER L 7 -46.78 33.61 0.23
N GLY L 8 -46.36 34.04 1.43
CA GLY L 8 -47.25 34.55 2.45
C GLY L 8 -47.49 33.61 3.64
N GLY L 9 -46.90 32.42 3.60
CA GLY L 9 -47.06 31.45 4.68
C GLY L 9 -46.15 31.73 5.82
N GLY L 10 -46.22 30.87 6.84
CA GLY L 10 -45.42 30.99 8.05
C GLY L 10 -46.29 30.74 9.28
N LEU L 11 -45.86 31.26 10.42
CA LEU L 11 -46.57 31.08 11.69
C LEU L 11 -47.73 32.06 11.76
N ALA L 12 -48.92 31.55 12.10
CA ALA L 12 -50.09 32.37 12.43
C ALA L 12 -50.68 31.90 13.75
N GLN L 13 -51.28 32.84 14.48
CA GLN L 13 -51.91 32.56 15.76
C GLN L 13 -53.33 32.08 15.53
N PRO L 14 -53.84 31.20 16.42
CA PRO L 14 -55.23 30.74 16.33
C PRO L 14 -56.21 31.90 16.36
N GLY L 15 -57.23 31.84 15.51
CA GLY L 15 -58.20 32.93 15.41
C GLY L 15 -57.80 33.99 14.37
N GLY L 16 -56.50 34.12 14.12
CA GLY L 16 -56.00 35.15 13.22
C GLY L 16 -56.18 34.81 11.73
N SER L 17 -55.93 35.82 10.89
CA SER L 17 -56.05 35.66 9.44
C SER L 17 -54.70 35.77 8.75
N LEU L 18 -54.69 35.43 7.47
CA LEU L 18 -53.45 35.29 6.69
C LEU L 18 -53.77 35.34 5.19
N LYS L 19 -52.91 35.99 4.42
CA LYS L 19 -53.15 36.13 2.98
C LYS L 19 -52.03 35.49 2.19
N LEU L 20 -52.35 34.38 1.53
CA LEU L 20 -51.38 33.72 0.65
C LEU L 20 -51.51 34.34 -0.72
N SER L 21 -50.42 34.31 -1.47
CA SER L 21 -50.46 34.81 -2.83
C SER L 21 -49.57 33.95 -3.70
N CYS L 22 -49.77 34.07 -5.00
CA CYS L 22 -49.16 33.18 -5.97
C CYS L 22 -48.96 33.91 -7.27
N ALA L 23 -47.72 33.97 -7.73
CA ALA L 23 -47.38 34.70 -8.95
C ALA L 23 -47.07 33.67 -10.05
N ALA L 24 -47.62 33.91 -11.23
CA ALA L 24 -47.57 32.97 -12.33
C ALA L 24 -46.80 33.58 -13.48
N SER L 25 -46.04 32.75 -14.20
CA SER L 25 -45.42 33.12 -15.44
C SER L 25 -45.34 31.92 -16.37
N GLY L 26 -45.01 32.18 -17.63
CA GLY L 26 -44.81 31.13 -18.62
C GLY L 26 -46.05 30.62 -19.31
N PHE L 27 -47.20 31.23 -19.05
CA PHE L 27 -48.43 30.91 -19.77
C PHE L 27 -49.40 32.08 -19.68
N ASP L 28 -50.42 32.08 -20.53
CA ASP L 28 -51.41 33.16 -20.59
C ASP L 28 -52.41 33.05 -19.44
N PHE L 29 -51.96 33.48 -18.26
CA PHE L 29 -52.69 33.41 -16.99
C PHE L 29 -54.16 33.88 -17.10
N ARG L 30 -54.37 34.96 -17.84
CA ARG L 30 -55.70 35.49 -18.10
C ARG L 30 -56.74 34.48 -18.54
N ARG L 31 -56.30 33.42 -19.22
CA ARG L 31 -57.21 32.49 -19.86
C ARG L 31 -57.54 31.28 -18.99
N TYR L 32 -56.77 31.08 -17.92
CA TYR L 32 -56.85 29.83 -17.18
C TYR L 32 -57.67 29.93 -15.89
N TRP L 33 -58.39 28.86 -15.58
CA TRP L 33 -58.98 28.67 -14.27
C TRP L 33 -57.86 28.37 -13.31
N MET L 34 -58.02 28.80 -12.08
CA MET L 34 -56.98 28.58 -11.08
C MET L 34 -57.59 27.91 -9.88
N THR L 35 -56.79 27.15 -9.14
CA THR L 35 -57.26 26.36 -8.00
C THR L 35 -56.31 26.52 -6.83
N TRP L 36 -56.83 26.39 -5.61
CA TRP L 36 -56.00 26.17 -4.42
C TRP L 36 -56.25 24.78 -3.85
N VAL L 37 -55.18 24.12 -3.42
CA VAL L 37 -55.26 22.80 -2.81
C VAL L 37 -54.35 22.80 -1.59
N ARG L 38 -54.70 22.02 -0.58
CA ARG L 38 -53.83 21.92 0.59
C ARG L 38 -53.61 20.49 1.08
N GLN L 39 -52.51 20.33 1.80
CA GLN L 39 -52.11 19.04 2.34
C GLN L 39 -51.56 19.15 3.76
N ALA L 40 -52.36 18.73 4.73
CA ALA L 40 -51.92 18.67 6.13
C ALA L 40 -50.78 17.65 6.27
N PRO L 41 -49.94 17.81 7.32
CA PRO L 41 -48.77 16.93 7.48
C PRO L 41 -49.13 15.45 7.57
N GLY L 42 -48.49 14.64 6.71
CA GLY L 42 -48.72 13.19 6.64
C GLY L 42 -50.09 12.76 6.13
N LYS L 43 -50.83 13.67 5.49
CA LYS L 43 -52.21 13.41 5.11
C LYS L 43 -52.40 13.67 3.65
N GLY L 44 -53.63 13.46 3.18
CA GLY L 44 -53.99 13.56 1.77
C GLY L 44 -54.33 14.97 1.32
N LEU L 45 -54.67 15.08 0.04
CA LEU L 45 -54.95 16.37 -0.58
C LEU L 45 -56.37 16.80 -0.29
N GLU L 46 -56.56 18.10 -0.16
CA GLU L 46 -57.88 18.67 0.09
C GLU L 46 -58.10 19.85 -0.82
N TRP L 47 -59.05 19.72 -1.73
CA TRP L 47 -59.43 20.82 -2.62
C TRP L 47 -60.10 21.94 -1.84
N ILE L 48 -59.59 23.15 -2.00
CA ILE L 48 -60.13 24.32 -1.34
C ILE L 48 -61.13 25.05 -2.24
N GLY L 49 -60.70 25.39 -3.45
CA GLY L 49 -61.60 26.07 -4.38
C GLY L 49 -60.97 26.44 -5.71
N GLU L 50 -61.73 27.12 -6.56
CA GLU L 50 -61.27 27.47 -7.90
C GLU L 50 -61.88 28.79 -8.29
N ILE L 51 -61.19 29.51 -9.15
CA ILE L 51 -61.70 30.76 -9.70
C ILE L 51 -61.51 30.74 -11.22
N ASN L 52 -62.48 31.27 -11.94
CA ASN L 52 -62.39 31.36 -13.40
C ASN L 52 -61.62 32.64 -13.78
N PRO L 53 -61.28 32.81 -15.07
CA PRO L 53 -60.57 34.00 -15.54
C PRO L 53 -61.13 35.37 -15.08
N ASP L 54 -62.43 35.59 -15.22
CA ASP L 54 -63.02 36.90 -14.93
C ASP L 54 -63.64 37.04 -13.53
N SER L 55 -63.49 36.02 -12.68
CA SER L 55 -63.93 36.06 -11.27
C SER L 55 -65.45 35.97 -10.99
N ARG L 56 -66.21 35.20 -11.79
CA ARG L 56 -67.68 35.04 -11.63
C ARG L 56 -68.10 33.68 -11.15
N THR L 57 -67.25 32.68 -11.39
CA THR L 57 -67.41 31.37 -10.80
C THR L 57 -66.27 31.25 -9.83
N ILE L 58 -66.61 31.18 -8.55
CA ILE L 58 -65.66 30.89 -7.49
C ILE L 58 -66.25 29.75 -6.69
N ASN L 59 -65.67 28.55 -6.85
CA ASN L 59 -66.10 27.38 -6.08
C ASN L 59 -65.17 27.13 -4.93
N TYR L 60 -65.74 26.68 -3.81
CA TYR L 60 -65.03 26.44 -2.57
C TYR L 60 -65.38 25.03 -2.15
N MET L 61 -64.61 24.37 -1.32
CA MET L 61 -65.17 23.18 -0.68
C MET L 61 -66.31 23.68 0.24
N PRO L 62 -67.53 23.11 0.13
CA PRO L 62 -68.63 23.62 0.96
C PRO L 62 -68.24 23.89 2.42
N SER L 63 -67.52 22.94 3.02
CA SER L 63 -66.99 23.06 4.39
C SER L 63 -66.26 24.39 4.65
N LEU L 64 -65.44 24.81 3.69
CA LEU L 64 -64.54 25.96 3.84
C LEU L 64 -65.07 27.28 3.26
N LYS L 65 -66.32 27.30 2.83
CA LYS L 65 -66.87 28.43 2.08
C LYS L 65 -66.66 29.79 2.78
N ASP L 66 -66.90 29.85 4.10
CA ASP L 66 -67.08 31.13 4.81
C ASP L 66 -65.93 31.44 5.77
N LYS L 67 -64.72 31.25 5.28
CA LYS L 67 -63.49 31.57 6.03
C LYS L 67 -62.26 31.72 5.08
N PHE L 68 -62.34 31.10 3.91
CA PHE L 68 -61.43 31.30 2.82
C PHE L 68 -62.04 32.20 1.72
N ILE L 69 -61.29 33.19 1.23
CA ILE L 69 -61.66 34.00 0.08
C ILE L 69 -60.58 33.85 -1.02
N ILE L 70 -60.99 33.41 -2.20
CA ILE L 70 -60.11 33.36 -3.35
C ILE L 70 -60.35 34.57 -4.25
N SER L 71 -59.26 35.17 -4.71
CA SER L 71 -59.33 36.22 -5.72
C SER L 71 -58.11 36.11 -6.62
N ARG L 72 -58.10 36.92 -7.68
CA ARG L 72 -57.00 36.95 -8.62
C ARG L 72 -56.87 38.34 -9.19
N ASP L 73 -55.67 38.68 -9.65
CA ASP L 73 -55.41 39.96 -10.31
C ASP L 73 -54.67 39.65 -11.61
N ASN L 74 -55.41 39.59 -12.71
CA ASN L 74 -54.86 39.18 -14.01
C ASN L 74 -53.78 40.09 -14.55
N ALA L 75 -53.79 41.36 -14.14
CA ALA L 75 -52.75 42.31 -14.56
C ALA L 75 -51.41 42.03 -13.86
N LYS L 76 -51.45 41.37 -12.70
CA LYS L 76 -50.25 40.97 -12.00
C LYS L 76 -49.96 39.47 -12.11
N ASN L 77 -50.69 38.79 -12.99
CA ASN L 77 -50.64 37.34 -13.12
C ASN L 77 -50.62 36.65 -11.78
N SER L 78 -51.51 37.06 -10.89
CA SER L 78 -51.45 36.60 -9.52
C SER L 78 -52.75 36.09 -8.99
N LEU L 79 -52.65 35.05 -8.16
CA LEU L 79 -53.79 34.41 -7.50
C LEU L 79 -53.64 34.60 -5.99
N TYR L 80 -54.74 34.80 -5.27
CA TYR L 80 -54.71 35.08 -3.83
C TYR L 80 -55.62 34.14 -3.06
N LEU L 81 -55.26 33.85 -1.82
CA LEU L 81 -56.10 33.07 -0.91
C LEU L 81 -56.07 33.71 0.45
N GLN L 82 -57.21 34.21 0.89
CA GLN L 82 -57.28 34.82 2.21
C GLN L 82 -57.85 33.86 3.24
N LEU L 83 -57.10 33.62 4.32
CA LEU L 83 -57.52 32.71 5.39
C LEU L 83 -57.94 33.53 6.60
N SER L 84 -59.05 33.18 7.23
CA SER L 84 -59.45 33.82 8.49
C SER L 84 -59.93 32.76 9.49
N ARG L 85 -60.20 33.18 10.72
CA ARG L 85 -60.63 32.26 11.78
C ARG L 85 -59.76 31.00 11.82
N LEU L 86 -58.44 31.20 11.90
CA LEU L 86 -57.47 30.10 11.79
C LEU L 86 -57.46 29.17 12.99
N ARG L 87 -57.50 27.87 12.71
CA ARG L 87 -57.34 26.82 13.70
C ARG L 87 -56.21 25.87 13.27
N SER L 88 -55.78 25.03 14.20
CA SER L 88 -54.67 24.11 13.97
C SER L 88 -54.96 23.16 12.81
N GLU L 89 -56.23 22.83 12.59
CA GLU L 89 -56.63 22.04 11.41
C GLU L 89 -56.29 22.69 10.08
N ASP L 90 -56.13 24.02 10.07
CA ASP L 90 -55.72 24.76 8.86
C ASP L 90 -54.20 24.70 8.60
N SER L 91 -53.43 24.14 9.53
CA SER L 91 -52.00 23.97 9.32
C SER L 91 -51.78 22.98 8.19
N ALA L 92 -51.07 23.41 7.14
CA ALA L 92 -50.90 22.61 5.96
C ALA L 92 -49.94 23.26 4.96
N LEU L 93 -49.59 22.51 3.92
CA LEU L 93 -48.98 23.07 2.72
C LEU L 93 -50.07 23.50 1.76
N TYR L 94 -50.01 24.73 1.28
CA TYR L 94 -51.02 25.26 0.38
C TYR L 94 -50.45 25.37 -1.01
N TYR L 95 -51.10 24.72 -1.97
CA TYR L 95 -50.62 24.70 -3.35
C TYR L 95 -51.47 25.52 -4.28
N CYS L 96 -50.78 26.33 -5.05
CA CYS L 96 -51.26 27.05 -6.20
C CYS L 96 -51.30 26.08 -7.38
N VAL L 97 -52.45 25.89 -7.99
CA VAL L 97 -52.59 24.91 -9.05
C VAL L 97 -53.35 25.48 -10.24
N ARG L 98 -52.83 25.23 -11.43
CA ARG L 98 -53.51 25.59 -12.67
C ARG L 98 -54.44 24.46 -13.16
N LEU L 99 -55.67 24.84 -13.48
CA LEU L 99 -56.71 23.93 -13.96
C LEU L 99 -56.86 24.11 -15.43
N ASP L 100 -56.59 23.05 -16.20
CA ASP L 100 -56.81 23.03 -17.64
C ASP L 100 -58.20 22.46 -18.02
N PHE L 101 -59.03 23.31 -18.62
CA PHE L 101 -60.46 23.07 -18.92
C PHE L 101 -60.58 22.66 -20.39
N ASP L 102 -61.66 21.98 -20.74
CA ASP L 102 -61.96 21.69 -22.16
C ASP L 102 -63.35 21.08 -22.31
N VAL L 103 -64.34 21.94 -22.50
CA VAL L 103 -65.74 21.51 -22.59
C VAL L 103 -65.95 20.39 -23.60
N TYR L 104 -65.37 20.54 -24.79
CA TYR L 104 -65.58 19.60 -25.91
C TYR L 104 -65.23 18.13 -25.68
N ASN L 105 -64.15 17.89 -24.94
CA ASN L 105 -63.70 16.53 -24.66
C ASN L 105 -64.05 16.08 -23.24
N HIS L 106 -64.82 16.89 -22.52
CA HIS L 106 -65.16 16.60 -21.13
C HIS L 106 -63.90 16.42 -20.25
N TYR L 107 -62.99 17.38 -20.33
CA TYR L 107 -61.62 17.23 -19.82
C TYR L 107 -61.29 18.40 -18.90
N TYR L 108 -60.92 18.06 -17.66
CA TYR L 108 -60.51 19.03 -16.63
C TYR L 108 -59.34 18.38 -15.86
N VAL L 109 -58.14 18.95 -15.99
CA VAL L 109 -56.96 18.40 -15.30
C VAL L 109 -56.27 19.46 -14.52
N LEU L 110 -55.80 19.09 -13.33
CA LEU L 110 -54.94 19.96 -12.50
C LEU L 110 -53.52 19.71 -12.94
N ASP L 111 -53.02 20.50 -13.89
CA ASP L 111 -51.80 20.13 -14.60
C ASP L 111 -50.49 20.72 -14.05
N TYR L 112 -50.45 21.99 -13.69
CA TYR L 112 -49.24 22.54 -13.08
C TYR L 112 -49.48 22.93 -11.64
N TRP L 113 -48.58 22.51 -10.76
CA TRP L 113 -48.70 22.77 -9.35
C TRP L 113 -47.50 23.58 -8.88
N GLY L 114 -47.76 24.55 -8.02
CA GLY L 114 -46.68 25.25 -7.33
C GLY L 114 -46.05 24.35 -6.25
N GLN L 115 -44.93 24.77 -5.70
CA GLN L 115 -44.28 23.98 -4.69
C GLN L 115 -44.97 24.05 -3.35
N GLY L 116 -45.75 25.11 -3.13
CA GLY L 116 -46.56 25.27 -1.91
C GLY L 116 -45.90 26.17 -0.88
N THR L 117 -46.70 26.81 -0.06
CA THR L 117 -46.19 27.60 1.06
C THR L 117 -46.77 27.03 2.36
N SER L 118 -45.93 26.92 3.37
CA SER L 118 -46.31 26.30 4.61
C SER L 118 -47.05 27.28 5.51
N VAL L 119 -48.16 26.83 6.10
CA VAL L 119 -48.89 27.60 7.11
C VAL L 119 -48.99 26.75 8.38
N THR L 120 -48.56 27.30 9.50
CA THR L 120 -48.76 26.66 10.79
C THR L 120 -49.57 27.58 11.69
N VAL L 121 -50.64 27.02 12.28
CA VAL L 121 -51.49 27.75 13.22
C VAL L 121 -51.13 27.27 14.63
N SER L 122 -50.58 28.17 15.43
CA SER L 122 -50.10 27.85 16.77
C SER L 122 -49.80 29.16 17.53
N SER L 123 -50.02 29.15 18.84
CA SER L 123 -49.63 30.29 19.67
C SER L 123 -48.23 30.13 20.25
N ALA L 124 -47.59 29.01 19.88
CA ALA L 124 -46.18 28.76 20.20
C ALA L 124 -45.31 29.73 19.42
N SER L 125 -44.14 30.05 19.97
CA SER L 125 -43.24 30.99 19.30
C SER L 125 -42.22 30.25 18.44
N THR L 126 -41.62 31.01 17.53
CA THR L 126 -40.63 30.49 16.62
C THR L 126 -39.39 30.07 17.40
N LYS L 127 -38.72 29.04 16.92
CA LYS L 127 -37.44 28.64 17.50
C LYS L 127 -36.50 28.13 16.42
N GLY L 128 -35.32 28.72 16.36
CA GLY L 128 -34.31 28.32 15.40
C GLY L 128 -33.71 27.02 15.84
N PRO L 129 -33.22 26.24 14.89
CA PRO L 129 -32.57 24.97 15.21
C PRO L 129 -31.11 25.11 15.64
N SER L 130 -30.65 24.13 16.40
CA SER L 130 -29.24 23.88 16.58
C SER L 130 -28.86 22.85 15.53
N VAL L 131 -27.64 22.96 14.99
CA VAL L 131 -27.15 22.04 13.96
C VAL L 131 -25.93 21.32 14.49
N PHE L 132 -26.00 20.00 14.53
CA PHE L 132 -24.91 19.23 15.09
C PHE L 132 -24.34 18.26 14.06
N PRO L 133 -23.01 18.17 13.98
CA PRO L 133 -22.41 17.22 13.04
C PRO L 133 -22.64 15.77 13.47
N LEU L 134 -22.83 14.91 12.49
CA LEU L 134 -22.75 13.47 12.68
C LEU L 134 -21.48 13.01 11.99
N ALA L 135 -20.37 13.03 12.74
CA ALA L 135 -19.03 12.79 12.20
C ALA L 135 -18.83 11.38 11.68
N PRO L 136 -18.20 11.25 10.49
CA PRO L 136 -17.82 9.93 9.97
C PRO L 136 -16.53 9.45 10.55
N SER L 137 -16.34 8.15 10.49
CA SER L 137 -15.06 7.54 10.87
C SER L 137 -14.63 6.54 9.81
N SER L 138 -13.36 6.64 9.44
CA SER L 138 -12.69 5.66 8.62
C SER L 138 -12.86 4.22 9.16
N LYS L 139 -13.05 4.10 10.47
CA LYS L 139 -13.25 2.82 11.16
C LYS L 139 -14.71 2.37 11.24
N SER L 140 -15.65 3.20 10.85
CA SER L 140 -17.06 2.86 10.95
C SER L 140 -17.74 2.75 9.58
N THR L 141 -17.22 1.87 8.74
CA THR L 141 -17.78 1.70 7.40
C THR L 141 -18.67 0.48 7.29
N SER L 142 -19.66 0.57 6.41
CA SER L 142 -20.63 -0.49 6.23
C SER L 142 -21.04 -0.50 4.75
N GLY L 143 -21.12 -1.71 4.20
CA GLY L 143 -21.49 -1.91 2.79
C GLY L 143 -20.64 -1.08 1.85
N GLY L 144 -19.32 -1.08 2.11
CA GLY L 144 -18.36 -0.32 1.34
C GLY L 144 -18.51 1.20 1.39
N THR L 145 -19.25 1.73 2.36
CA THR L 145 -19.47 3.15 2.43
C THR L 145 -19.16 3.73 3.79
N ALA L 146 -18.91 5.03 3.82
CA ALA L 146 -18.82 5.82 5.03
C ALA L 146 -20.03 6.75 5.07
N ALA L 147 -20.59 6.97 6.25
CA ALA L 147 -21.75 7.84 6.41
C ALA L 147 -21.39 9.07 7.24
N LEU L 148 -21.92 10.22 6.86
CA LEU L 148 -21.79 11.43 7.66
C LEU L 148 -23.05 12.24 7.53
N GLY L 149 -23.26 13.18 8.45
CA GLY L 149 -24.52 13.92 8.46
C GLY L 149 -24.61 15.08 9.44
N CYS L 150 -25.83 15.64 9.50
CA CYS L 150 -26.17 16.76 10.36
C CYS L 150 -27.45 16.44 11.09
N LEU L 151 -27.44 16.70 12.39
CA LEU L 151 -28.66 16.64 13.18
C LEU L 151 -29.20 18.08 13.26
N VAL L 152 -30.38 18.30 12.70
CA VAL L 152 -31.01 19.60 12.79
C VAL L 152 -32.08 19.53 13.87
N LYS L 153 -31.76 20.09 15.03
CA LYS L 153 -32.55 19.82 16.21
C LYS L 153 -33.22 21.03 16.89
N ASP L 154 -34.44 20.78 17.39
CA ASP L 154 -35.21 21.69 18.25
C ASP L 154 -35.63 22.97 17.55
N TYR L 155 -36.42 22.83 16.49
CA TYR L 155 -36.93 24.02 15.77
C TYR L 155 -38.44 24.06 15.69
N PHE L 156 -38.97 25.26 15.44
CA PHE L 156 -40.40 25.42 15.24
C PHE L 156 -40.68 26.73 14.52
N PRO L 157 -41.60 26.72 13.54
CA PRO L 157 -42.31 25.58 12.98
C PRO L 157 -41.55 24.99 11.79
N GLU L 158 -42.16 24.00 11.13
CA GLU L 158 -41.64 23.51 9.85
C GLU L 158 -41.74 24.64 8.83
N PRO L 159 -41.00 24.60 7.74
CA PRO L 159 -39.95 23.64 7.41
C PRO L 159 -38.55 24.21 7.59
N VAL L 160 -37.55 23.35 7.47
CA VAL L 160 -36.16 23.72 7.27
C VAL L 160 -35.82 23.18 5.92
N THR L 161 -34.95 23.85 5.17
CA THR L 161 -34.34 23.27 3.96
C THR L 161 -32.91 22.90 4.32
N VAL L 162 -32.45 21.75 3.82
CA VAL L 162 -31.10 21.30 4.05
C VAL L 162 -30.47 20.98 2.72
N SER L 163 -29.22 21.37 2.53
CA SER L 163 -28.48 20.90 1.35
C SER L 163 -27.03 20.69 1.72
N TRP L 164 -26.28 20.08 0.81
CA TRP L 164 -24.88 19.79 1.04
C TRP L 164 -23.96 20.46 0.00
N ASN L 165 -22.99 21.23 0.51
CA ASN L 165 -22.07 21.99 -0.32
C ASN L 165 -22.82 22.87 -1.28
N SER L 166 -23.70 23.71 -0.72
CA SER L 166 -24.52 24.65 -1.51
C SER L 166 -25.22 24.00 -2.71
N GLY L 167 -25.64 22.75 -2.55
CA GLY L 167 -26.40 22.07 -3.59
C GLY L 167 -25.57 21.28 -4.57
N ALA L 168 -24.25 21.45 -4.51
CA ALA L 168 -23.33 20.74 -5.39
C ALA L 168 -23.30 19.22 -5.12
N LEU L 169 -23.63 18.82 -3.90
CA LEU L 169 -23.56 17.41 -3.54
C LEU L 169 -24.93 16.81 -3.38
N THR L 170 -25.30 15.90 -4.28
CA THR L 170 -26.65 15.29 -4.25
C THR L 170 -26.68 13.76 -4.22
N SER L 171 -25.75 13.10 -4.92
CA SER L 171 -25.58 11.64 -4.79
C SER L 171 -25.32 11.22 -3.33
N GLY L 172 -26.01 10.16 -2.92
CA GLY L 172 -25.84 9.62 -1.58
C GLY L 172 -26.59 10.37 -0.49
N VAL L 173 -27.28 11.47 -0.83
CA VAL L 173 -27.95 12.31 0.20
C VAL L 173 -29.35 11.77 0.57
N HIS L 174 -29.63 11.69 1.87
CA HIS L 174 -30.97 11.47 2.36
C HIS L 174 -31.30 12.45 3.48
N THR L 175 -32.26 13.32 3.22
CA THR L 175 -32.82 14.16 4.24
C THR L 175 -34.10 13.49 4.70
N PHE L 176 -34.14 13.09 5.95
CA PHE L 176 -35.25 12.38 6.52
C PHE L 176 -36.39 13.32 6.82
N PRO L 177 -37.63 12.80 6.81
CA PRO L 177 -38.80 13.54 7.33
C PRO L 177 -38.58 14.03 8.77
N ALA L 178 -38.98 15.27 9.05
CA ALA L 178 -38.89 15.80 10.40
C ALA L 178 -39.77 14.99 11.32
N VAL L 179 -39.36 14.88 12.58
CA VAL L 179 -40.11 14.21 13.61
C VAL L 179 -40.51 15.27 14.66
N LEU L 180 -41.71 15.11 15.25
CA LEU L 180 -42.20 16.02 16.29
C LEU L 180 -41.94 15.46 17.67
N GLN L 181 -41.10 16.11 18.44
CA GLN L 181 -40.68 15.60 19.74
C GLN L 181 -41.73 15.90 20.80
N SER L 182 -41.65 15.23 21.94
CA SER L 182 -42.61 15.44 23.02
C SER L 182 -42.51 16.85 23.60
N SER L 183 -41.39 17.53 23.38
CA SER L 183 -41.24 18.94 23.75
C SER L 183 -42.10 19.88 22.92
N GLY L 184 -42.64 19.40 21.81
CA GLY L 184 -43.40 20.22 20.87
C GLY L 184 -42.55 20.82 19.76
N LEU L 185 -41.24 20.51 19.80
CA LEU L 185 -40.30 21.01 18.79
C LEU L 185 -39.93 19.91 17.78
N TYR L 186 -39.57 20.34 16.57
CA TYR L 186 -39.22 19.40 15.52
C TYR L 186 -37.74 19.09 15.50
N SER L 187 -37.41 17.96 14.89
CA SER L 187 -36.05 17.53 14.73
C SER L 187 -35.92 16.66 13.48
N LEU L 188 -34.79 16.80 12.79
CA LEU L 188 -34.55 16.03 11.57
C LEU L 188 -33.06 15.77 11.35
N SER L 189 -32.73 14.76 10.56
CA SER L 189 -31.36 14.51 10.25
C SER L 189 -31.21 14.44 8.73
N SER L 190 -30.03 14.78 8.24
CA SER L 190 -29.67 14.66 6.85
C SER L 190 -28.34 13.95 6.80
N VAL L 191 -28.23 12.96 5.93
CA VAL L 191 -27.00 12.17 5.85
C VAL L 191 -26.48 12.06 4.44
N VAL L 192 -25.18 11.85 4.33
CA VAL L 192 -24.52 11.58 3.04
C VAL L 192 -23.74 10.29 3.23
N THR L 193 -23.85 9.37 2.27
CA THR L 193 -22.96 8.22 2.20
C THR L 193 -21.99 8.38 1.02
N VAL L 194 -20.75 7.98 1.23
CA VAL L 194 -19.73 8.06 0.22
C VAL L 194 -18.92 6.79 0.27
N PRO L 195 -18.36 6.36 -0.88
CA PRO L 195 -17.43 5.22 -0.86
C PRO L 195 -16.31 5.46 0.12
N SER L 196 -16.05 4.47 0.96
CA SER L 196 -15.11 4.57 2.07
C SER L 196 -13.81 5.27 1.67
N SER L 197 -13.16 4.77 0.63
CA SER L 197 -11.86 5.29 0.23
C SER L 197 -11.87 6.76 -0.21
N SER L 198 -13.05 7.34 -0.44
CA SER L 198 -13.12 8.73 -0.86
C SER L 198 -13.28 9.69 0.30
N LEU L 199 -13.25 9.20 1.55
CA LEU L 199 -13.62 10.03 2.70
C LEU L 199 -12.82 11.34 2.83
N GLY L 200 -11.49 11.23 2.89
CA GLY L 200 -10.67 12.44 2.99
C GLY L 200 -10.62 13.30 1.73
N THR L 201 -11.28 12.85 0.67
CA THR L 201 -11.12 13.44 -0.65
C THR L 201 -11.76 14.82 -0.78
N GLN L 202 -12.80 15.10 0.01
CA GLN L 202 -13.48 16.37 -0.12
C GLN L 202 -14.13 16.86 1.16
N THR L 203 -14.49 18.13 1.14
CA THR L 203 -15.10 18.80 2.25
C THR L 203 -16.63 18.61 2.21
N TYR L 204 -17.24 18.41 3.37
CA TYR L 204 -18.68 18.28 3.47
C TYR L 204 -19.27 19.33 4.39
N ILE L 205 -20.10 20.19 3.83
CA ILE L 205 -20.74 21.23 4.60
C ILE L 205 -22.23 21.07 4.40
N CYS L 206 -22.99 20.94 5.47
CA CYS L 206 -24.43 20.98 5.32
C CYS L 206 -24.94 22.39 5.58
N ASN L 207 -25.78 22.86 4.66
CA ASN L 207 -26.36 24.18 4.73
C ASN L 207 -27.81 24.05 5.22
N VAL L 208 -28.12 24.74 6.31
CA VAL L 208 -29.40 24.62 6.95
C VAL L 208 -30.04 26.00 7.05
N ASN L 209 -31.20 26.17 6.41
CA ASN L 209 -31.96 27.43 6.48
C ASN L 209 -33.28 27.18 7.18
N HIS L 210 -33.66 28.10 8.06
CA HIS L 210 -34.97 28.06 8.70
C HIS L 210 -35.58 29.47 8.64
N LYS L 211 -36.38 29.71 7.60
CA LYS L 211 -36.91 31.03 7.30
C LYS L 211 -37.68 31.70 8.45
N PRO L 212 -38.57 30.96 9.12
CA PRO L 212 -39.38 31.56 10.20
C PRO L 212 -38.58 32.20 11.34
N SER L 213 -37.36 31.73 11.59
CA SER L 213 -36.49 32.30 12.63
C SER L 213 -35.26 32.96 12.03
N ASN L 214 -35.26 33.15 10.72
CA ASN L 214 -34.14 33.76 10.00
C ASN L 214 -32.77 33.15 10.34
N THR L 215 -32.73 31.83 10.49
CA THR L 215 -31.50 31.12 10.82
C THR L 215 -30.89 30.57 9.53
N LYS L 216 -29.66 30.96 9.25
CA LYS L 216 -28.85 30.27 8.24
C LYS L 216 -27.58 29.75 8.89
N VAL L 217 -27.27 28.48 8.67
CA VAL L 217 -26.09 27.86 9.23
C VAL L 217 -25.39 26.98 8.21
N ASP L 218 -24.07 27.13 8.13
CA ASP L 218 -23.22 26.24 7.34
C ASP L 218 -22.30 25.51 8.32
N LYS L 219 -22.45 24.19 8.43
CA LYS L 219 -21.71 23.39 9.40
C LYS L 219 -20.81 22.41 8.70
N LYS L 220 -19.49 22.56 8.89
CA LYS L 220 -18.53 21.63 8.30
C LYS L 220 -18.52 20.35 9.12
N VAL L 221 -18.60 19.20 8.44
CA VAL L 221 -18.59 17.91 9.10
C VAL L 221 -17.23 17.22 8.85
N GLU L 222 -16.27 17.43 9.76
CA GLU L 222 -14.91 16.91 9.64
C GLU L 222 -14.96 15.42 10.10
N PRO L 223 -14.23 14.55 9.41
CA PRO L 223 -13.95 13.21 9.95
C PRO L 223 -13.37 13.31 11.34
N LYS L 224 -13.61 12.27 12.13
CA LYS L 224 -13.25 12.24 13.55
C LYS L 224 -13.55 10.86 14.10
N GLU M 1 13.03 75.88 0.54
CA GLU M 1 12.93 74.46 0.98
C GLU M 1 13.56 74.32 2.38
N LEU M 2 12.80 74.66 3.42
CA LEU M 2 13.27 74.49 4.80
C LEU M 2 13.33 73.01 5.17
N VAL M 3 14.36 72.61 5.93
CA VAL M 3 14.49 71.23 6.39
C VAL M 3 14.58 71.14 7.93
N VAL M 4 13.64 70.42 8.52
CA VAL M 4 13.61 70.22 9.97
C VAL M 4 14.22 68.87 10.28
N THR M 5 15.16 68.81 11.21
CA THR M 5 15.91 67.59 11.48
C THR M 5 15.84 67.20 12.94
N GLN M 6 15.64 65.91 13.18
CA GLN M 6 15.52 65.34 14.51
C GLN M 6 16.47 64.17 14.62
N GLU M 7 16.83 63.77 15.83
CA GLU M 7 17.56 62.52 16.03
C GLU M 7 16.70 61.35 15.51
N SER M 8 17.34 60.37 14.87
CA SER M 8 16.67 59.19 14.34
C SER M 8 16.06 58.30 15.40
N ALA M 9 16.82 58.05 16.46
CA ALA M 9 16.40 57.12 17.51
C ALA M 9 17.06 57.47 18.85
N LEU M 10 16.33 57.29 19.94
CA LEU M 10 16.87 57.44 21.26
C LEU M 10 16.38 56.28 22.13
N THR M 11 17.22 55.91 23.10
CA THR M 11 16.88 54.89 24.09
C THR M 11 16.95 55.50 25.49
N THR M 12 15.97 55.19 26.32
CA THR M 12 15.93 55.68 27.70
C THR M 12 15.30 54.61 28.61
N SER M 13 15.68 54.60 29.89
CA SER M 13 15.14 53.63 30.83
C SER M 13 13.91 54.22 31.48
N PRO M 14 13.02 53.36 32.02
CA PRO M 14 11.87 53.90 32.74
C PRO M 14 12.32 54.76 33.92
N GLY M 15 11.62 55.88 34.12
CA GLY M 15 11.96 56.80 35.19
C GLY M 15 13.02 57.83 34.84
N GLU M 16 13.79 57.62 33.77
CA GLU M 16 14.84 58.53 33.33
C GLU M 16 14.25 59.71 32.55
N THR M 17 15.02 60.77 32.42
CA THR M 17 14.59 61.95 31.67
C THR M 17 15.23 61.86 30.30
N VAL M 18 14.46 62.13 29.26
CA VAL M 18 14.95 62.09 27.90
C VAL M 18 14.49 63.35 27.17
N THR M 19 15.36 63.87 26.32
CA THR M 19 15.13 65.13 25.61
C THR M 19 15.24 64.92 24.09
N LEU M 20 14.17 65.19 23.37
CA LEU M 20 14.16 65.11 21.91
C LEU M 20 14.40 66.54 21.37
N THR M 21 15.24 66.69 20.36
CA THR M 21 15.44 68.01 19.76
C THR M 21 15.01 68.12 18.28
N CYS M 22 14.88 69.36 17.86
CA CYS M 22 14.31 69.67 16.57
C CYS M 22 15.01 70.90 16.05
N ARG M 23 15.78 70.76 14.97
CA ARG M 23 16.52 71.90 14.44
C ARG M 23 16.16 72.24 13.00
N SER M 24 16.54 73.45 12.59
CA SER M 24 16.14 74.02 11.31
C SER M 24 17.35 74.43 10.50
N SER M 25 17.20 74.38 9.18
CA SER M 25 18.29 74.75 8.26
C SER M 25 18.27 76.24 7.92
N SER M 26 17.22 76.95 8.32
CA SER M 26 17.12 78.40 8.12
C SER M 26 17.93 79.17 9.15
N GLY M 27 18.29 78.51 10.26
CA GLY M 27 18.91 79.16 11.40
C GLY M 27 18.20 78.75 12.66
N ALA M 28 18.35 79.55 13.71
CA ALA M 28 17.78 79.23 15.03
C ALA M 28 16.28 79.03 14.97
N VAL M 29 15.80 78.01 15.67
CA VAL M 29 14.37 77.84 15.90
C VAL M 29 13.97 78.86 16.94
N THR M 30 12.97 79.65 16.59
CA THR M 30 12.54 80.75 17.46
C THR M 30 11.07 80.59 17.81
N THR M 31 10.64 81.33 18.81
CA THR M 31 9.23 81.44 19.19
C THR M 31 8.29 81.65 18.00
N SER M 32 8.77 82.40 16.99
CA SER M 32 7.97 82.67 15.79
C SER M 32 7.68 81.45 14.93
N ASN M 33 8.39 80.34 15.21
CA ASN M 33 8.17 79.09 14.52
C ASN M 33 7.04 78.29 15.12
N TYR M 34 6.54 78.70 16.28
CA TYR M 34 5.42 77.99 16.93
C TYR M 34 5.57 76.46 16.93
N ALA M 35 6.68 75.97 17.44
CA ALA M 35 6.99 74.54 17.43
C ALA M 35 5.86 73.69 18.03
N THR M 36 5.50 72.63 17.32
CA THR M 36 4.49 71.69 17.77
C THR M 36 5.10 70.32 17.82
N TRP M 37 4.65 69.49 18.73
CA TRP M 37 5.08 68.09 18.72
C TRP M 37 3.89 67.18 18.60
N VAL M 38 4.04 66.12 17.82
CA VAL M 38 3.01 65.09 17.66
C VAL M 38 3.59 63.71 18.02
N GLN M 39 2.81 62.89 18.71
CA GLN M 39 3.23 61.53 19.03
C GLN M 39 2.49 60.56 18.14
N GLU M 40 3.21 59.59 17.58
CA GLU M 40 2.61 58.53 16.79
C GLU M 40 2.85 57.18 17.44
N LYS M 41 1.77 56.45 17.68
CA LYS M 41 1.84 55.13 18.26
C LYS M 41 1.32 54.12 17.26
N PRO M 42 1.68 52.85 17.43
CA PRO M 42 1.22 51.77 16.57
C PRO M 42 -0.26 51.87 16.20
N ASP M 43 -0.59 51.38 15.01
CA ASP M 43 -1.91 51.56 14.39
C ASP M 43 -2.16 53.02 13.92
N HIS M 44 -1.07 53.78 13.71
CA HIS M 44 -1.16 55.18 13.26
C HIS M 44 -2.11 55.99 14.16
N LEU M 45 -1.81 56.02 15.44
CA LEU M 45 -2.61 56.78 16.38
C LEU M 45 -1.82 58.01 16.77
N PHE M 46 -2.35 59.17 16.42
CA PHE M 46 -1.65 60.43 16.60
C PHE M 46 -2.21 61.27 17.72
N THR M 47 -1.31 61.93 18.43
CA THR M 47 -1.68 62.79 19.56
C THR M 47 -0.85 64.05 19.50
N GLY M 48 -1.52 65.20 19.43
CA GLY M 48 -0.84 66.47 19.52
C GLY M 48 -0.41 66.63 20.97
N LEU M 49 0.89 66.88 21.18
CA LEU M 49 1.41 66.98 22.55
C LEU M 49 1.64 68.42 22.99
N ILE M 50 2.35 69.19 22.18
CA ILE M 50 2.80 70.53 22.57
C ILE M 50 2.50 71.50 21.46
N GLY M 51 2.02 72.68 21.80
CA GLY M 51 1.87 73.77 20.84
C GLY M 51 2.56 75.02 21.35
N GLY M 52 2.83 75.95 20.44
CA GLY M 52 3.46 77.21 20.79
C GLY M 52 4.75 77.07 21.58
N THR M 53 5.59 76.12 21.17
CA THR M 53 6.89 75.84 21.81
C THR M 53 6.75 75.10 23.16
N ASN M 54 5.97 75.65 24.11
CA ASN M 54 6.00 75.19 25.50
C ASN M 54 4.64 75.16 26.20
N LYS M 55 3.58 75.14 25.40
CA LYS M 55 2.21 74.97 25.89
C LYS M 55 1.80 73.51 25.69
N ARG M 56 1.54 72.82 26.79
CA ARG M 56 1.08 71.43 26.76
C ARG M 56 -0.43 71.39 26.42
N ALA M 57 -0.84 70.47 25.55
CA ALA M 57 -2.24 70.38 25.11
C ALA M 57 -3.09 69.74 26.20
N PRO M 58 -4.39 70.09 26.26
CA PRO M 58 -5.33 69.48 27.18
C PRO M 58 -5.28 67.95 27.15
N GLY M 59 -5.28 67.33 28.32
CA GLY M 59 -5.26 65.89 28.43
C GLY M 59 -3.87 65.29 28.38
N VAL M 60 -2.88 66.06 27.96
CA VAL M 60 -1.53 65.51 27.81
C VAL M 60 -0.83 65.44 29.16
N PRO M 61 -0.19 64.29 29.48
CA PRO M 61 0.46 64.08 30.79
C PRO M 61 1.51 65.12 31.10
N ALA M 62 1.62 65.52 32.36
CA ALA M 62 2.53 66.58 32.82
C ALA M 62 4.00 66.25 32.57
N ARG M 63 4.29 64.95 32.62
CA ARG M 63 5.54 64.34 32.21
C ARG M 63 6.19 64.94 30.92
N PHE M 64 5.36 65.39 29.98
CA PHE M 64 5.84 66.02 28.73
C PHE M 64 5.91 67.53 28.84
N SER M 65 6.99 68.13 28.37
CA SER M 65 7.07 69.60 28.25
C SER M 65 7.97 70.00 27.10
N GLY M 66 7.76 71.22 26.63
CA GLY M 66 8.48 71.74 25.47
C GLY M 66 9.23 73.01 25.78
N SER M 67 10.35 73.22 25.11
CA SER M 67 11.16 74.43 25.34
C SER M 67 12.11 74.70 24.18
N LEU M 68 12.94 75.72 24.34
CA LEU M 68 14.04 75.94 23.40
C LEU M 68 15.38 75.64 24.08
N ILE M 69 16.28 75.00 23.35
CA ILE M 69 17.64 74.76 23.85
C ILE M 69 18.59 75.25 22.79
N GLY M 70 19.20 76.40 23.05
CA GLY M 70 20.02 77.09 22.07
C GLY M 70 19.29 77.27 20.74
N ASP M 71 19.84 76.65 19.69
CA ASP M 71 19.27 76.67 18.34
C ASP M 71 17.93 75.96 18.18
N ARG M 72 17.67 74.99 19.03
CA ARG M 72 16.63 74.01 18.76
C ARG M 72 15.39 74.11 19.62
N ALA M 73 14.32 73.48 19.12
CA ALA M 73 13.14 73.18 19.91
C ALA M 73 13.36 71.83 20.57
N ALA M 74 12.77 71.64 21.73
CA ALA M 74 13.01 70.45 22.53
C ALA M 74 11.73 69.90 23.12
N LEU M 75 11.58 68.57 23.10
CA LEU M 75 10.56 67.89 23.87
C LEU M 75 11.24 67.12 24.99
N THR M 76 10.90 67.42 26.23
CA THR M 76 11.45 66.70 27.37
C THR M 76 10.40 65.76 27.95
N ILE M 77 10.80 64.51 28.18
CA ILE M 77 9.97 63.56 28.93
C ILE M 77 10.60 63.32 30.29
N THR M 78 9.94 63.77 31.34
CA THR M 78 10.50 63.63 32.68
C THR M 78 9.94 62.39 33.36
N GLY M 79 10.71 61.32 33.36
CA GLY M 79 10.32 60.09 34.00
C GLY M 79 9.59 59.28 32.98
N ALA M 80 10.29 58.92 31.90
CA ALA M 80 9.70 58.15 30.80
C ALA M 80 9.03 56.86 31.29
N GLN M 81 7.85 56.61 30.76
CA GLN M 81 7.11 55.38 31.03
C GLN M 81 7.11 54.49 29.79
N THR M 82 6.95 53.18 29.98
CA THR M 82 6.97 52.21 28.87
C THR M 82 5.98 52.57 27.76
N GLU M 83 4.87 53.20 28.12
CA GLU M 83 3.88 53.64 27.16
C GLU M 83 4.34 54.83 26.29
N ASP M 84 5.50 55.41 26.60
CA ASP M 84 6.07 56.51 25.80
C ASP M 84 6.85 56.04 24.57
N GLU M 85 6.94 54.72 24.37
CA GLU M 85 7.49 54.14 23.14
C GLU M 85 6.66 54.57 21.96
N ALA M 86 7.27 55.30 21.05
CA ALA M 86 6.54 55.95 19.99
C ALA M 86 7.50 56.61 19.07
N ILE M 87 6.98 57.14 17.97
CA ILE M 87 7.72 58.09 17.13
C ILE M 87 7.24 59.50 17.44
N TYR M 88 8.16 60.41 17.69
CA TYR M 88 7.83 61.81 17.96
C TYR M 88 8.27 62.71 16.79
N PHE M 89 7.31 63.47 16.26
CA PHE M 89 7.57 64.42 15.18
C PHE M 89 7.45 65.82 15.71
N CYS M 90 8.39 66.70 15.35
CA CYS M 90 8.20 68.14 15.59
C CYS M 90 7.84 68.73 14.22
N ALA M 91 7.16 69.87 14.26
CA ALA M 91 6.79 70.60 13.06
C ALA M 91 6.95 72.09 13.35
N LEU M 92 7.46 72.85 12.39
CA LEU M 92 7.71 74.29 12.56
C LEU M 92 6.91 75.09 11.57
N TRP M 93 6.35 76.20 12.00
CA TRP M 93 5.70 77.14 11.07
C TRP M 93 6.74 78.07 10.50
N ASN M 94 6.98 77.94 9.19
CA ASN M 94 7.87 78.82 8.43
C ASN M 94 6.99 79.56 7.44
N SER M 95 6.69 80.82 7.77
CA SER M 95 5.89 81.71 6.90
C SER M 95 4.50 81.16 6.59
N ASN M 96 4.29 80.67 5.36
CA ASN M 96 2.97 80.20 4.94
C ASN M 96 2.71 78.70 5.19
N HIS M 97 3.73 77.95 5.60
CA HIS M 97 3.61 76.50 5.65
C HIS M 97 4.15 75.88 6.94
N LEU M 98 3.69 74.67 7.21
CA LEU M 98 4.16 73.89 8.33
C LEU M 98 5.06 72.80 7.75
N VAL M 99 6.19 72.56 8.42
CA VAL M 99 7.20 71.61 7.95
C VAL M 99 7.55 70.64 9.07
N PHE M 100 7.34 69.35 8.81
CA PHE M 100 7.63 68.29 9.77
C PHE M 100 9.08 67.90 9.75
N GLY M 101 9.60 67.52 10.91
CA GLY M 101 10.89 66.85 11.02
C GLY M 101 10.69 65.40 10.64
N GLY M 102 11.80 64.66 10.55
CA GLY M 102 11.79 63.27 10.07
C GLY M 102 11.34 62.28 11.11
N GLY M 103 11.26 62.71 12.36
CA GLY M 103 10.76 61.85 13.43
C GLY M 103 11.85 61.18 14.22
N THR M 104 11.55 60.93 15.50
CA THR M 104 12.45 60.25 16.42
C THR M 104 11.78 59.05 17.07
N LYS M 105 12.31 57.86 16.82
CA LYS M 105 11.86 56.65 17.52
C LYS M 105 12.37 56.63 18.98
N LEU M 106 11.46 56.55 19.93
CA LEU M 106 11.85 56.46 21.34
C LEU M 106 11.70 55.00 21.79
N GLU M 107 12.82 54.37 22.13
CA GLU M 107 12.85 53.00 22.62
C GLU M 107 12.96 53.00 24.15
N ILE M 108 12.10 52.24 24.83
CA ILE M 108 12.22 52.08 26.27
C ILE M 108 13.05 50.85 26.60
N LYS M 109 14.08 51.06 27.40
CA LYS M 109 15.02 50.00 27.73
C LYS M 109 14.42 49.03 28.74
N ARG M 110 14.90 47.79 28.74
CA ARG M 110 14.50 46.79 29.73
C ARG M 110 15.53 45.67 29.78
N THR M 111 15.37 44.75 30.74
CA THR M 111 16.34 43.68 30.94
C THR M 111 16.34 42.80 29.69
N VAL M 112 17.49 42.22 29.36
CA VAL M 112 17.57 41.40 28.15
C VAL M 112 16.60 40.22 28.25
N ALA M 113 15.91 39.95 27.14
CA ALA M 113 14.96 38.85 27.06
C ALA M 113 15.30 38.05 25.82
N ALA M 114 15.50 36.74 25.99
CA ALA M 114 15.73 35.84 24.88
C ALA M 114 14.42 35.60 24.10
N PRO M 115 14.54 35.42 22.78
CA PRO M 115 13.36 35.07 22.01
C PRO M 115 12.96 33.63 22.21
N SER M 116 11.66 33.39 22.19
CA SER M 116 11.10 32.08 21.88
C SER M 116 11.18 31.93 20.37
N VAL M 117 11.56 30.74 19.92
CA VAL M 117 11.74 30.50 18.50
C VAL M 117 10.84 29.37 18.01
N PHE M 118 10.20 29.60 16.87
CA PHE M 118 9.31 28.61 16.26
C PHE M 118 9.58 28.55 14.77
N ILE M 119 9.48 27.35 14.20
CA ILE M 119 9.60 27.16 12.76
C ILE M 119 8.28 26.56 12.27
N PHE M 120 7.79 27.04 11.13
CA PHE M 120 6.57 26.51 10.52
C PHE M 120 6.90 25.95 9.13
N PRO M 121 6.58 24.66 8.88
CA PRO M 121 6.71 24.16 7.52
C PRO M 121 5.60 24.73 6.65
N PRO M 122 5.76 24.70 5.31
CA PRO M 122 4.70 25.15 4.44
C PRO M 122 3.46 24.28 4.59
N SER M 123 2.29 24.90 4.41
CA SER M 123 1.05 24.17 4.46
C SER M 123 0.89 23.31 3.22
N ASP M 124 0.15 22.21 3.35
CA ASP M 124 -0.17 21.38 2.19
C ASP M 124 -0.91 22.20 1.11
N GLU M 125 -1.66 23.22 1.54
CA GLU M 125 -2.39 24.09 0.62
C GLU M 125 -1.50 24.96 -0.26
N GLN M 126 -0.43 25.49 0.31
CA GLN M 126 0.51 26.28 -0.48
C GLN M 126 1.24 25.43 -1.50
N LEU M 127 1.62 24.22 -1.09
CA LEU M 127 2.35 23.30 -1.94
C LEU M 127 1.53 22.95 -3.18
N LYS M 128 0.21 22.86 -3.05
CA LYS M 128 -0.67 22.71 -4.21
C LYS M 128 -0.45 23.78 -5.28
N SER M 129 -0.13 25.00 -4.86
CA SER M 129 0.02 26.14 -5.77
C SER M 129 1.37 26.19 -6.49
N GLY M 130 2.35 25.41 -6.05
CA GLY M 130 3.66 25.37 -6.70
C GLY M 130 4.83 26.02 -5.95
N THR M 131 4.53 26.71 -4.85
CA THR M 131 5.62 27.29 -4.04
C THR M 131 5.52 26.85 -2.58
N ALA M 132 6.59 27.11 -1.86
CA ALA M 132 6.74 26.67 -0.48
C ALA M 132 7.42 27.78 0.34
N SER M 133 6.72 28.27 1.36
CA SER M 133 7.26 29.26 2.27
C SER M 133 7.48 28.61 3.64
N VAL M 134 8.69 28.77 4.17
CA VAL M 134 9.01 28.31 5.52
C VAL M 134 9.16 29.54 6.40
N VAL M 135 8.41 29.60 7.51
CA VAL M 135 8.41 30.78 8.36
C VAL M 135 9.08 30.48 9.69
N CYS M 136 9.90 31.43 10.13
CA CYS M 136 10.56 31.37 11.42
C CYS M 136 10.12 32.53 12.27
N LEU M 137 9.69 32.29 13.51
CA LEU M 137 9.23 33.36 14.39
C LEU M 137 10.13 33.48 15.58
N LEU M 138 10.54 34.73 15.87
CA LEU M 138 11.29 35.10 17.06
C LEU M 138 10.39 35.99 17.88
N ASN M 139 9.98 35.51 19.04
CA ASN M 139 8.96 36.20 19.79
C ASN M 139 9.43 36.78 21.13
N ASN M 140 9.12 38.05 21.34
CA ASN M 140 9.29 38.76 22.63
C ASN M 140 10.72 38.80 23.15
N PHE M 141 11.61 39.38 22.34
CA PHE M 141 13.01 39.54 22.71
C PHE M 141 13.40 41.01 22.90
N TYR M 142 14.49 41.22 23.62
CA TYR M 142 15.11 42.53 23.78
C TYR M 142 16.57 42.26 24.14
N PRO M 143 17.52 43.02 23.57
CA PRO M 143 17.29 44.11 22.63
C PRO M 143 16.98 43.62 21.25
N ARG M 144 16.91 44.55 20.32
CA ARG M 144 16.38 44.26 19.01
C ARG M 144 17.30 43.47 18.09
N GLU M 145 18.61 43.65 18.25
CA GLU M 145 19.58 43.02 17.36
C GLU M 145 19.51 41.48 17.46
N ALA M 146 19.35 40.85 16.31
CA ALA M 146 19.08 39.42 16.24
C ALA M 146 19.52 38.93 14.89
N LYS M 147 20.22 37.80 14.85
CA LYS M 147 20.61 37.20 13.58
C LYS M 147 19.76 35.95 13.34
N VAL M 148 19.26 35.83 12.12
CA VAL M 148 18.57 34.63 11.69
C VAL M 148 19.30 34.07 10.52
N GLN M 149 19.68 32.79 10.61
CA GLN M 149 20.31 32.08 9.51
C GLN M 149 19.47 30.87 9.11
N TRP M 150 19.18 30.75 7.83
CA TRP M 150 18.45 29.63 7.31
C TRP M 150 19.44 28.59 6.79
N LYS M 151 19.16 27.32 7.07
CA LYS M 151 19.93 26.24 6.47
C LYS M 151 19.02 25.15 5.93
N VAL M 152 19.35 24.64 4.76
CA VAL M 152 18.63 23.55 4.11
C VAL M 152 19.63 22.41 3.89
N ASP M 153 19.33 21.24 4.47
CA ASP M 153 20.27 20.10 4.56
C ASP M 153 21.66 20.55 5.01
N ASN M 154 21.68 21.43 6.00
CA ASN M 154 22.91 21.97 6.60
C ASN M 154 23.68 23.01 5.75
N ALA M 155 23.13 23.40 4.61
CA ALA M 155 23.74 24.42 3.74
C ALA M 155 23.15 25.79 4.08
N LEU M 156 24.03 26.78 4.24
CA LEU M 156 23.63 28.14 4.56
C LEU M 156 22.87 28.78 3.39
N GLN M 157 21.71 29.33 3.66
CA GLN M 157 20.91 29.97 2.61
C GLN M 157 21.27 31.45 2.48
N SER M 158 21.16 31.95 1.26
CA SER M 158 21.53 33.34 0.97
C SER M 158 20.58 33.99 -0.05
N GLY M 159 20.09 35.18 0.30
CA GLY M 159 19.28 36.00 -0.60
C GLY M 159 17.95 35.43 -1.11
N ASN M 160 17.34 34.52 -0.37
CA ASN M 160 16.00 34.03 -0.69
C ASN M 160 15.11 34.02 0.54
N SER M 161 15.38 34.96 1.46
CA SER M 161 14.59 35.13 2.66
C SER M 161 14.33 36.61 2.91
N GLN M 162 13.20 36.87 3.56
CA GLN M 162 12.83 38.21 3.95
C GLN M 162 12.37 38.24 5.39
N GLU M 163 12.39 39.44 5.94
CA GLU M 163 12.40 39.63 7.38
C GLU M 163 11.61 40.87 7.74
N SER M 164 11.02 40.83 8.92
CA SER M 164 10.12 41.89 9.34
C SER M 164 10.06 41.90 10.85
N VAL M 165 10.09 43.07 11.44
CA VAL M 165 10.13 43.19 12.89
C VAL M 165 9.01 44.15 13.37
N THR M 166 8.41 43.86 14.51
CA THR M 166 7.34 44.70 15.03
C THR M 166 7.94 45.91 15.75
N GLU M 167 7.09 46.89 16.06
CA GLU M 167 7.54 48.00 16.88
C GLU M 167 7.62 47.51 18.30
N GLN M 168 8.33 48.23 19.14
CA GLN M 168 8.45 47.80 20.53
C GLN M 168 7.06 47.72 21.15
N ASP M 169 6.76 46.61 21.80
CA ASP M 169 5.48 46.40 22.45
C ASP M 169 5.34 47.37 23.60
N SER M 170 4.21 48.05 23.70
CA SER M 170 4.09 49.13 24.68
C SER M 170 3.97 48.66 26.15
N LYS M 171 3.85 47.35 26.35
CA LYS M 171 3.60 46.75 27.66
C LYS M 171 4.80 46.00 28.21
N ASP M 172 5.28 45.02 27.47
CA ASP M 172 6.45 44.25 27.91
C ASP M 172 7.76 44.81 27.33
N SER M 173 7.66 45.80 26.46
CA SER M 173 8.80 46.47 25.85
C SER M 173 9.66 45.55 24.98
N THR M 174 9.06 44.50 24.43
CA THR M 174 9.80 43.54 23.61
C THR M 174 9.55 43.75 22.11
N TYR M 175 10.39 43.12 21.30
CA TYR M 175 10.21 43.04 19.85
C TYR M 175 9.88 41.60 19.46
N SER M 176 9.29 41.45 18.28
CA SER M 176 9.12 40.16 17.65
C SER M 176 9.55 40.26 16.20
N LEU M 177 9.95 39.11 15.64
CA LEU M 177 10.50 39.07 14.29
C LEU M 177 10.02 37.86 13.53
N SER M 178 9.73 38.08 12.26
CA SER M 178 9.22 37.04 11.41
C SER M 178 10.11 36.96 10.19
N SER M 179 10.53 35.76 9.84
CA SER M 179 11.36 35.54 8.64
C SER M 179 10.80 34.42 7.74
N THR M 180 10.76 34.70 6.44
CA THR M 180 10.25 33.73 5.47
C THR M 180 11.34 33.30 4.50
N LEU M 181 11.47 32.01 4.35
CA LEU M 181 12.30 31.43 3.32
C LEU M 181 11.38 30.95 2.20
N THR M 182 11.59 31.46 0.99
CA THR M 182 10.79 31.04 -0.17
C THR M 182 11.63 30.22 -1.14
N LEU M 183 11.16 29.01 -1.45
CA LEU M 183 11.67 28.23 -2.56
C LEU M 183 10.52 27.58 -3.30
N SER M 184 10.82 27.07 -4.50
CA SER M 184 9.81 26.43 -5.31
C SER M 184 9.47 25.07 -4.70
N LYS M 185 8.28 24.58 -5.03
CA LYS M 185 7.86 23.26 -4.59
C LYS M 185 8.87 22.20 -5.00
N ALA M 186 9.29 22.21 -6.26
CA ALA M 186 10.26 21.24 -6.75
C ALA M 186 11.54 21.26 -5.91
N ASP M 187 12.05 22.46 -5.61
CA ASP M 187 13.27 22.57 -4.80
C ASP M 187 13.03 22.14 -3.35
N TYR M 188 11.85 22.45 -2.83
CA TYR M 188 11.45 22.02 -1.48
C TYR M 188 11.41 20.48 -1.32
N GLU M 189 11.04 19.77 -2.38
CA GLU M 189 10.93 18.31 -2.36
C GLU M 189 12.28 17.59 -2.45
N LYS M 190 13.33 18.33 -2.78
CA LYS M 190 14.67 17.77 -2.94
C LYS M 190 15.46 17.72 -1.64
N HIS M 191 14.96 18.34 -0.58
CA HIS M 191 15.73 18.46 0.66
C HIS M 191 14.90 18.02 1.85
N LYS M 192 15.59 17.48 2.86
CA LYS M 192 14.95 16.93 4.03
C LYS M 192 14.83 17.94 5.18
N VAL M 193 15.97 18.50 5.61
CA VAL M 193 16.06 19.26 6.86
C VAL M 193 16.02 20.75 6.62
N TYR M 194 15.04 21.40 7.23
CA TYR M 194 14.88 22.84 7.16
C TYR M 194 15.07 23.38 8.55
N ALA M 195 16.09 24.24 8.71
CA ALA M 195 16.44 24.79 10.00
C ALA M 195 16.48 26.32 9.99
N CYS M 196 16.04 26.87 11.11
CA CYS M 196 16.09 28.30 11.41
C CYS M 196 17.06 28.43 12.58
N GLU M 197 18.16 29.16 12.42
CA GLU M 197 19.17 29.34 13.51
C GLU M 197 19.20 30.80 13.99
N VAL M 198 19.14 30.99 15.31
CA VAL M 198 18.94 32.31 15.87
C VAL M 198 20.01 32.65 16.90
N THR M 199 20.72 33.77 16.70
CA THR M 199 21.61 34.31 17.72
C THR M 199 21.02 35.60 18.25
N HIS M 200 21.14 35.76 19.57
CA HIS M 200 20.66 36.94 20.30
C HIS M 200 21.42 37.03 21.61
N GLN M 201 21.56 38.25 22.10
CA GLN M 201 22.35 38.52 23.31
C GLN M 201 21.84 37.73 24.50
N GLY M 202 20.53 37.50 24.56
CA GLY M 202 19.90 36.77 25.66
C GLY M 202 20.14 35.27 25.62
N LEU M 203 20.65 34.76 24.49
CA LEU M 203 21.01 33.35 24.36
C LEU M 203 22.50 33.19 24.50
N SER M 204 22.90 32.23 25.31
CA SER M 204 24.34 31.97 25.55
C SER M 204 24.96 31.12 24.46
N SER M 205 24.14 30.58 23.57
CA SER M 205 24.62 29.94 22.35
C SER M 205 23.41 29.88 21.43
N PRO M 206 23.63 29.83 20.11
CA PRO M 206 22.50 29.94 19.21
C PRO M 206 21.47 28.82 19.33
N VAL M 207 20.20 29.17 19.18
CA VAL M 207 19.10 28.21 19.16
C VAL M 207 18.75 27.87 17.73
N THR M 208 18.61 26.58 17.45
CA THR M 208 18.16 26.09 16.15
C THR M 208 16.82 25.40 16.31
N LYS M 209 15.88 25.75 15.44
CA LYS M 209 14.64 25.00 15.32
C LYS M 209 14.60 24.40 13.93
N SER M 210 14.17 23.15 13.84
CA SER M 210 14.11 22.51 12.55
C SER M 210 12.99 21.50 12.47
N PHE M 211 12.70 21.09 11.24
CA PHE M 211 11.76 20.02 10.99
C PHE M 211 12.28 19.24 9.82
N ASN M 212 11.82 18.00 9.71
CA ASN M 212 12.12 17.14 8.57
C ASN M 212 10.91 17.07 7.64
N ARG M 213 11.08 17.47 6.39
CA ARG M 213 10.02 17.37 5.37
C ARG M 213 9.38 15.98 5.38
N GLY M 214 8.04 15.96 5.44
CA GLY M 214 7.29 14.70 5.45
C GLY M 214 7.48 13.86 6.71
N GLU M 215 7.58 14.54 7.86
CA GLU M 215 7.66 13.85 9.15
C GLU M 215 6.99 14.66 10.25
N GLU N 1 -17.28 61.47 21.73
CA GLU N 1 -16.01 61.30 20.94
C GLU N 1 -15.94 62.24 19.74
N VAL N 2 -14.76 62.77 19.49
CA VAL N 2 -14.43 63.39 18.23
C VAL N 2 -14.19 62.24 17.28
N LYS N 3 -14.79 62.28 16.10
CA LYS N 3 -14.55 61.27 15.06
C LYS N 3 -14.16 61.99 13.77
N LEU N 4 -13.18 61.44 13.06
CA LEU N 4 -12.75 61.96 11.78
C LEU N 4 -12.59 60.79 10.84
N LEU N 5 -13.68 60.43 10.14
CA LEU N 5 -13.67 59.29 9.21
C LEU N 5 -13.30 59.69 7.79
N GLU N 6 -12.12 59.27 7.32
CA GLU N 6 -11.71 59.49 5.92
C GLU N 6 -12.25 58.41 4.98
N SER N 7 -12.40 58.76 3.71
CA SER N 7 -12.67 57.76 2.67
C SER N 7 -12.33 58.31 1.29
N GLY N 8 -12.38 57.44 0.28
CA GLY N 8 -12.08 57.81 -1.10
C GLY N 8 -10.75 57.32 -1.63
N GLY N 9 -9.96 56.67 -0.77
CA GLY N 9 -8.67 56.13 -1.19
C GLY N 9 -8.79 54.83 -1.96
N GLY N 10 -7.64 54.28 -2.32
CA GLY N 10 -7.54 53.03 -3.05
C GLY N 10 -6.51 53.12 -4.14
N LEU N 11 -6.69 52.32 -5.19
CA LEU N 11 -5.78 52.31 -6.33
C LEU N 11 -6.16 53.42 -7.31
N ALA N 12 -5.17 54.19 -7.74
CA ALA N 12 -5.33 55.17 -8.79
C ALA N 12 -4.21 54.99 -9.81
N GLN N 13 -4.51 55.33 -11.06
CA GLN N 13 -3.54 55.23 -12.15
C GLN N 13 -2.72 56.51 -12.24
N PRO N 14 -1.44 56.39 -12.65
CA PRO N 14 -0.59 57.56 -12.82
C PRO N 14 -1.19 58.57 -13.79
N GLY N 15 -1.11 59.85 -13.45
CA GLY N 15 -1.73 60.90 -14.26
C GLY N 15 -3.15 61.20 -13.85
N GLY N 16 -3.84 60.22 -13.26
CA GLY N 16 -5.25 60.38 -12.92
C GLY N 16 -5.48 61.26 -11.72
N SER N 17 -6.75 61.53 -11.41
CA SER N 17 -7.14 62.30 -10.24
C SER N 17 -7.98 61.47 -9.27
N LEU N 18 -8.20 62.02 -8.08
CA LEU N 18 -8.84 61.32 -6.99
C LEU N 18 -9.34 62.33 -5.96
N LYS N 19 -10.49 62.05 -5.35
CA LYS N 19 -11.10 62.95 -4.36
C LYS N 19 -11.24 62.23 -3.02
N LEU N 20 -10.46 62.66 -2.05
CA LEU N 20 -10.60 62.16 -0.68
C LEU N 20 -11.61 63.02 0.04
N SER N 21 -12.29 62.44 1.01
CA SER N 21 -13.23 63.17 1.82
C SER N 21 -13.14 62.68 3.24
N CYS N 22 -13.69 63.49 4.13
CA CYS N 22 -13.55 63.27 5.56
C CYS N 22 -14.75 63.84 6.29
N ALA N 23 -15.45 62.99 7.03
CA ALA N 23 -16.66 63.40 7.73
C ALA N 23 -16.30 63.53 9.20
N ALA N 24 -16.76 64.60 9.85
CA ALA N 24 -16.42 64.91 11.24
C ALA N 24 -17.67 64.93 12.11
N SER N 25 -17.52 64.48 13.34
CA SER N 25 -18.55 64.58 14.36
C SER N 25 -17.93 64.75 15.75
N GLY N 26 -18.76 65.13 16.71
CA GLY N 26 -18.33 65.26 18.09
C GLY N 26 -17.72 66.58 18.47
N PHE N 27 -17.72 67.55 17.55
CA PHE N 27 -17.29 68.92 17.83
C PHE N 27 -17.90 69.91 16.83
N ASP N 28 -17.85 71.20 17.16
CA ASP N 28 -18.46 72.23 16.31
C ASP N 28 -17.55 72.53 15.11
N PHE N 29 -17.63 71.64 14.12
CA PHE N 29 -16.81 71.66 12.90
C PHE N 29 -16.72 73.04 12.23
N ARG N 30 -17.85 73.74 12.20
CA ARG N 30 -17.92 75.10 11.69
C ARG N 30 -16.84 76.05 12.19
N ARG N 31 -16.36 75.84 13.40
CA ARG N 31 -15.48 76.79 14.06
C ARG N 31 -14.00 76.49 13.91
N TYR N 32 -13.63 75.31 13.44
CA TYR N 32 -12.22 74.88 13.45
C TYR N 32 -11.54 74.98 12.09
N TRP N 33 -10.24 75.26 12.11
CA TRP N 33 -9.39 75.10 10.96
C TRP N 33 -9.16 73.62 10.76
N MET N 34 -9.03 73.20 9.51
CA MET N 34 -8.83 71.80 9.19
C MET N 34 -7.60 71.62 8.32
N THR N 35 -6.92 70.48 8.46
CA THR N 35 -5.64 70.22 7.78
C THR N 35 -5.63 68.84 7.12
N TRP N 36 -4.86 68.71 6.04
CA TRP N 36 -4.53 67.39 5.50
C TRP N 36 -3.04 67.15 5.68
N VAL N 37 -2.68 65.93 6.10
CA VAL N 37 -1.30 65.50 6.23
C VAL N 37 -1.18 64.14 5.58
N ARG N 38 0.01 63.82 5.06
CA ARG N 38 0.23 62.50 4.47
C ARG N 38 1.55 61.87 4.89
N GLN N 39 1.61 60.55 4.79
CA GLN N 39 2.78 59.78 5.17
C GLN N 39 3.02 58.63 4.17
N ALA N 40 4.04 58.78 3.32
CA ALA N 40 4.44 57.71 2.42
C ALA N 40 4.95 56.52 3.24
N PRO N 41 4.94 55.30 2.64
CA PRO N 41 5.33 54.07 3.36
C PRO N 41 6.76 54.11 3.94
N GLY N 42 6.88 53.85 5.24
CA GLY N 42 8.17 53.89 5.93
C GLY N 42 8.82 55.26 6.05
N LYS N 43 8.07 56.34 5.84
CA LYS N 43 8.65 57.68 5.80
C LYS N 43 7.97 58.59 6.79
N GLY N 44 8.39 59.85 6.82
CA GLY N 44 7.86 60.84 7.76
C GLY N 44 6.59 61.52 7.30
N LEU N 45 6.12 62.47 8.10
CA LEU N 45 4.90 63.21 7.83
C LEU N 45 5.17 64.36 6.87
N GLU N 46 4.18 64.68 6.05
CA GLU N 46 4.28 65.78 5.12
C GLU N 46 2.97 66.57 5.14
N TRP N 47 3.07 67.80 5.59
CA TRP N 47 1.95 68.72 5.59
C TRP N 47 1.55 69.02 4.14
N ILE N 48 0.26 68.90 3.85
CA ILE N 48 -0.29 69.23 2.53
C ILE N 48 -0.89 70.63 2.52
N GLY N 49 -1.80 70.89 3.45
CA GLY N 49 -2.43 72.21 3.55
C GLY N 49 -3.50 72.32 4.62
N GLU N 50 -4.12 73.50 4.71
CA GLU N 50 -5.10 73.82 5.75
C GLU N 50 -6.16 74.75 5.20
N ILE N 51 -7.36 74.66 5.74
CA ILE N 51 -8.44 75.54 5.34
C ILE N 51 -9.10 76.09 6.59
N ASN N 52 -9.44 77.38 6.57
CA ASN N 52 -10.12 78.01 7.71
C ASN N 52 -11.62 77.74 7.63
N PRO N 53 -12.38 78.07 8.71
CA PRO N 53 -13.83 77.85 8.73
C PRO N 53 -14.62 78.33 7.51
N ASP N 54 -14.39 79.56 7.04
CA ASP N 54 -15.19 80.08 5.93
C ASP N 54 -14.56 79.93 4.53
N SER N 55 -13.53 79.08 4.43
CA SER N 55 -12.94 78.65 3.14
C SER N 55 -12.36 79.80 2.32
N ARG N 56 -11.82 80.78 3.01
CA ARG N 56 -11.25 81.94 2.34
C ARG N 56 -9.75 82.00 2.46
N THR N 57 -9.20 81.38 3.49
CA THR N 57 -7.78 81.19 3.61
C THR N 57 -7.53 79.71 3.45
N ILE N 58 -6.89 79.36 2.34
CA ILE N 58 -6.46 77.98 2.07
C ILE N 58 -4.97 78.00 1.75
N ASN N 59 -4.15 77.58 2.71
CA ASN N 59 -2.71 77.56 2.52
C ASN N 59 -2.25 76.17 2.17
N TYR N 60 -1.27 76.08 1.28
CA TYR N 60 -0.74 74.82 0.77
C TYR N 60 0.78 74.73 0.94
N MET N 61 1.28 73.50 0.96
CA MET N 61 2.71 73.21 0.89
C MET N 61 3.21 73.61 -0.50
N PRO N 62 4.41 74.21 -0.60
CA PRO N 62 4.97 74.53 -1.92
C PRO N 62 4.83 73.35 -2.87
N SER N 63 4.19 73.60 -4.00
CA SER N 63 3.88 72.57 -4.99
C SER N 63 3.36 73.27 -6.23
N LEU N 64 2.93 72.51 -7.23
CA LEU N 64 2.52 73.09 -8.50
C LEU N 64 1.01 73.39 -8.55
N LYS N 65 0.64 74.34 -9.43
CA LYS N 65 -0.71 74.92 -9.45
C LYS N 65 -1.83 73.89 -9.57
N ASP N 66 -2.89 74.08 -8.79
CA ASP N 66 -4.11 73.25 -8.86
C ASP N 66 -3.92 71.75 -8.58
N LYS N 67 -2.72 71.30 -8.23
CA LYS N 67 -2.51 69.87 -7.99
C LYS N 67 -3.42 69.42 -6.85
N PHE N 68 -3.11 69.89 -5.64
CA PHE N 68 -3.95 69.70 -4.47
C PHE N 68 -4.98 70.80 -4.43
N ILE N 69 -6.24 70.43 -4.23
CA ILE N 69 -7.25 71.43 -3.92
C ILE N 69 -7.97 71.01 -2.65
N ILE N 70 -7.89 71.85 -1.62
CA ILE N 70 -8.61 71.61 -0.37
C ILE N 70 -9.89 72.43 -0.37
N SER N 71 -10.98 71.80 0.05
CA SER N 71 -12.24 72.49 0.29
C SER N 71 -12.96 71.86 1.48
N ARG N 72 -14.05 72.48 1.90
CA ARG N 72 -14.85 71.97 2.98
C ARG N 72 -16.30 72.33 2.74
N ASP N 73 -17.20 71.56 3.34
CA ASP N 73 -18.63 71.84 3.31
C ASP N 73 -19.12 71.77 4.75
N ASN N 74 -19.24 72.94 5.39
CA ASN N 74 -19.61 73.02 6.80
C ASN N 74 -21.00 72.47 7.13
N ALA N 75 -21.92 72.51 6.15
CA ALA N 75 -23.27 71.97 6.33
C ALA N 75 -23.26 70.41 6.41
N LYS N 76 -22.25 69.79 5.80
CA LYS N 76 -22.09 68.33 5.86
C LYS N 76 -20.98 67.91 6.83
N ASN N 77 -20.47 68.87 7.62
CA ASN N 77 -19.31 68.66 8.50
C ASN N 77 -18.20 67.89 7.79
N SER N 78 -17.85 68.30 6.59
CA SER N 78 -16.96 67.50 5.76
C SER N 78 -15.83 68.31 5.15
N LEU N 79 -14.68 67.66 5.05
CA LEU N 79 -13.47 68.24 4.48
C LEU N 79 -13.10 67.42 3.22
N TYR N 80 -12.55 68.08 2.21
CA TYR N 80 -12.24 67.42 0.95
C TYR N 80 -10.82 67.71 0.47
N LEU N 81 -10.21 66.73 -0.19
CA LEU N 81 -8.89 66.92 -0.78
C LEU N 81 -8.89 66.34 -2.16
N GLN N 82 -8.71 67.20 -3.15
CA GLN N 82 -8.64 66.76 -4.54
C GLN N 82 -7.21 66.62 -5.03
N LEU N 83 -6.87 65.42 -5.51
CA LEU N 83 -5.55 65.13 -6.01
C LEU N 83 -5.63 65.05 -7.53
N SER N 84 -4.65 65.63 -8.21
CA SER N 84 -4.54 65.47 -9.66
C SER N 84 -3.07 65.26 -10.05
N ARG N 85 -2.85 64.98 -11.34
CA ARG N 85 -1.51 64.68 -11.86
C ARG N 85 -0.76 63.68 -10.97
N LEU N 86 -1.39 62.55 -10.69
CA LEU N 86 -0.89 61.61 -9.69
C LEU N 86 0.37 60.87 -10.13
N ARG N 87 1.35 60.82 -9.23
CA ARG N 87 2.57 60.05 -9.43
C ARG N 87 2.79 59.12 -8.26
N SER N 88 3.71 58.18 -8.40
CA SER N 88 3.98 57.18 -7.36
C SER N 88 4.42 57.83 -6.05
N GLU N 89 5.07 58.99 -6.13
CA GLU N 89 5.43 59.77 -4.94
C GLU N 89 4.22 60.23 -4.11
N ASP N 90 3.04 60.28 -4.73
CA ASP N 90 1.79 60.62 -4.04
C ASP N 90 1.16 59.42 -3.31
N SER N 91 1.73 58.23 -3.49
CA SER N 91 1.29 57.04 -2.74
C SER N 91 1.60 57.23 -1.27
N ALA N 92 0.56 57.18 -0.44
CA ALA N 92 0.69 57.48 0.99
C ALA N 92 -0.60 57.24 1.75
N LEU N 93 -0.51 57.29 3.07
CA LEU N 93 -1.68 57.42 3.93
C LEU N 93 -2.01 58.92 4.08
N TYR N 94 -3.26 59.28 3.87
CA TYR N 94 -3.69 60.68 3.96
C TYR N 94 -4.55 60.88 5.18
N TYR N 95 -4.11 61.78 6.07
CA TYR N 95 -4.83 62.00 7.32
C TYR N 95 -5.57 63.33 7.32
N CYS N 96 -6.82 63.23 7.73
CA CYS N 96 -7.69 64.33 8.10
C CYS N 96 -7.31 64.77 9.50
N VAL N 97 -6.96 66.03 9.69
CA VAL N 97 -6.49 66.49 11.00
C VAL N 97 -7.11 67.82 11.42
N ARG N 98 -7.62 67.85 12.64
CA ARG N 98 -8.17 69.09 13.20
C ARG N 98 -7.05 69.95 13.80
N LEU N 99 -7.08 71.23 13.48
CA LEU N 99 -6.13 72.20 14.02
C LEU N 99 -6.82 73.08 15.08
N ASP N 100 -6.35 73.01 16.33
CA ASP N 100 -6.83 73.88 17.42
C ASP N 100 -6.03 75.20 17.45
N PHE N 101 -6.72 76.30 17.21
CA PHE N 101 -6.13 77.64 17.03
C PHE N 101 -6.23 78.37 18.37
N ASP N 102 -5.47 79.43 18.56
CA ASP N 102 -5.62 80.22 19.78
C ASP N 102 -4.65 81.40 19.76
N VAL N 103 -5.09 82.49 19.14
CA VAL N 103 -4.24 83.65 18.92
C VAL N 103 -3.77 84.33 20.23
N TYR N 104 -4.61 84.31 21.25
CA TYR N 104 -4.25 84.90 22.55
C TYR N 104 -3.09 84.15 23.22
N ASN N 105 -3.18 82.82 23.26
CA ASN N 105 -2.16 81.97 23.87
C ASN N 105 -0.90 81.79 23.01
N HIS N 106 -0.97 82.17 21.72
CA HIS N 106 0.12 81.94 20.75
C HIS N 106 0.28 80.43 20.53
N TYR N 107 -0.80 79.75 20.14
CA TYR N 107 -0.92 78.28 20.25
C TYR N 107 -1.67 77.67 19.06
N TYR N 108 -1.02 76.69 18.40
CA TYR N 108 -1.59 76.01 17.23
C TYR N 108 -1.19 74.54 17.28
N VAL N 109 -2.15 73.66 17.57
CA VAL N 109 -1.85 72.23 17.73
C VAL N 109 -2.69 71.42 16.77
N LEU N 110 -2.08 70.38 16.19
CA LEU N 110 -2.82 69.35 15.42
C LEU N 110 -3.30 68.30 16.39
N ASP N 111 -4.51 68.45 16.90
CA ASP N 111 -4.92 67.67 18.07
C ASP N 111 -5.64 66.36 17.77
N TYR N 112 -6.60 66.35 16.87
CA TYR N 112 -7.28 65.09 16.52
C TYR N 112 -6.97 64.69 15.10
N TRP N 113 -6.61 63.43 14.94
CA TRP N 113 -6.23 62.89 13.66
C TRP N 113 -7.14 61.76 13.30
N GLY N 114 -7.54 61.68 12.05
CA GLY N 114 -8.27 60.52 11.55
C GLY N 114 -7.32 59.34 11.42
N GLN N 115 -7.87 58.17 11.12
CA GLN N 115 -7.05 56.97 10.95
C GLN N 115 -6.32 56.95 9.61
N GLY N 116 -6.86 57.66 8.62
CA GLY N 116 -6.23 57.78 7.31
C GLY N 116 -6.83 56.85 6.27
N THR N 117 -6.72 57.26 5.01
CA THR N 117 -7.13 56.43 3.91
C THR N 117 -5.94 56.22 2.97
N SER N 118 -5.76 54.98 2.54
CA SER N 118 -4.59 54.60 1.76
C SER N 118 -4.80 54.95 0.31
N VAL N 119 -3.80 55.57 -0.30
CA VAL N 119 -3.76 55.83 -1.75
C VAL N 119 -2.51 55.20 -2.32
N THR N 120 -2.69 54.34 -3.33
CA THR N 120 -1.56 53.78 -4.10
C THR N 120 -1.68 54.22 -5.55
N VAL N 121 -0.60 54.76 -6.09
CA VAL N 121 -0.52 55.14 -7.50
C VAL N 121 0.30 54.08 -8.24
N SER N 122 -0.36 53.33 -9.13
CA SER N 122 0.27 52.24 -9.85
C SER N 122 -0.63 51.80 -11.00
N SER N 123 -0.03 51.37 -12.10
CA SER N 123 -0.79 50.80 -13.20
C SER N 123 -0.82 49.27 -13.07
N ALA N 124 -0.03 48.72 -12.12
CA ALA N 124 -0.13 47.31 -11.74
C ALA N 124 -1.59 47.06 -11.34
N SER N 125 -2.07 45.84 -11.57
CA SER N 125 -3.44 45.49 -11.23
C SER N 125 -3.53 44.90 -9.83
N THR N 126 -4.75 44.94 -9.29
CA THR N 126 -5.05 44.43 -7.96
C THR N 126 -4.87 42.93 -7.90
N LYS N 127 -4.41 42.43 -6.76
CA LYS N 127 -4.33 41.01 -6.54
C LYS N 127 -4.70 40.65 -5.12
N GLY N 128 -5.67 39.76 -4.98
CA GLY N 128 -6.10 39.29 -3.67
C GLY N 128 -5.07 38.33 -3.13
N PRO N 129 -4.96 38.26 -1.80
CA PRO N 129 -4.03 37.35 -1.15
C PRO N 129 -4.53 35.90 -1.05
N SER N 130 -3.57 34.98 -1.01
CA SER N 130 -3.80 33.63 -0.51
C SER N 130 -3.50 33.62 1.00
N VAL N 131 -4.29 32.90 1.77
CA VAL N 131 -4.12 32.85 3.20
C VAL N 131 -3.77 31.42 3.58
N PHE N 132 -2.62 31.24 4.21
CA PHE N 132 -2.17 29.91 4.57
C PHE N 132 -1.97 29.77 6.07
N PRO N 133 -2.41 28.66 6.66
CA PRO N 133 -2.21 28.44 8.08
C PRO N 133 -0.76 28.21 8.46
N LEU N 134 -0.37 28.76 9.59
CA LEU N 134 0.87 28.38 10.23
C LEU N 134 0.47 27.54 11.46
N ALA N 135 0.40 26.22 11.24
CA ALA N 135 -0.14 25.29 12.26
C ALA N 135 0.75 25.13 13.49
N PRO N 136 0.15 25.13 14.68
CA PRO N 136 0.90 24.87 15.89
C PRO N 136 1.05 23.40 16.13
N SER N 137 2.05 23.07 16.94
CA SER N 137 2.24 21.71 17.41
C SER N 137 2.49 21.70 18.92
N SER N 138 1.78 20.79 19.58
CA SER N 138 2.02 20.47 20.98
C SER N 138 3.50 20.16 21.26
N LYS N 139 4.19 19.66 20.23
CA LYS N 139 5.60 19.29 20.32
C LYS N 139 6.59 20.43 20.02
N SER N 140 6.08 21.57 19.52
CA SER N 140 6.93 22.70 19.14
C SER N 140 6.69 23.92 20.04
N THR N 141 6.91 23.75 21.35
CA THR N 141 6.68 24.86 22.29
C THR N 141 8.02 25.47 22.70
N SER N 142 7.98 26.77 23.00
CA SER N 142 9.16 27.54 23.37
C SER N 142 8.76 28.63 24.37
N GLY N 143 9.56 28.78 25.42
CA GLY N 143 9.28 29.73 26.50
C GLY N 143 7.88 29.57 27.10
N GLY N 144 7.47 28.32 27.30
CA GLY N 144 6.16 27.97 27.84
C GLY N 144 4.98 28.34 26.98
N THR N 145 5.22 28.57 25.70
CA THR N 145 4.15 28.96 24.79
C THR N 145 4.13 28.12 23.51
N ALA N 146 2.93 28.07 22.90
CA ALA N 146 2.72 27.52 21.57
C ALA N 146 2.39 28.68 20.63
N ALA N 147 2.89 28.62 19.40
CA ALA N 147 2.68 29.67 18.40
C ALA N 147 1.87 29.13 17.23
N LEU N 148 0.94 29.95 16.75
CA LEU N 148 0.19 29.64 15.54
C LEU N 148 -0.10 30.93 14.79
N GLY N 149 -0.43 30.82 13.51
CA GLY N 149 -0.59 32.01 12.69
C GLY N 149 -1.14 31.80 11.29
N CYS N 150 -1.09 32.90 10.53
CA CYS N 150 -1.54 32.94 9.13
C CYS N 150 -0.51 33.65 8.31
N LEU N 151 -0.15 33.05 7.18
CA LEU N 151 0.69 33.69 6.18
C LEU N 151 -0.26 34.32 5.17
N VAL N 152 -0.25 35.64 5.05
CA VAL N 152 -1.09 36.33 4.08
C VAL N 152 -0.21 36.72 2.92
N LYS N 153 -0.33 36.00 1.81
CA LYS N 153 0.67 36.06 0.78
C LYS N 153 0.19 36.48 -0.61
N ASP N 154 1.04 37.26 -1.29
CA ASP N 154 0.92 37.65 -2.70
C ASP N 154 -0.27 38.57 -3.00
N TYR N 155 -0.29 39.73 -2.35
CA TYR N 155 -1.36 40.70 -2.59
C TYR N 155 -0.86 42.06 -3.05
N PHE N 156 -1.75 42.82 -3.66
CA PHE N 156 -1.45 44.15 -4.10
C PHE N 156 -2.75 44.93 -4.32
N PRO N 157 -2.78 46.18 -3.85
CA PRO N 157 -1.77 46.89 -3.07
C PRO N 157 -2.04 46.73 -1.59
N GLU N 158 -1.25 47.43 -0.76
CA GLU N 158 -1.55 47.54 0.65
C GLU N 158 -2.89 48.30 0.78
N PRO N 159 -3.57 48.17 1.93
CA PRO N 159 -3.31 47.28 3.06
C PRO N 159 -4.24 46.08 3.11
N VAL N 160 -3.90 45.14 3.99
CA VAL N 160 -4.80 44.08 4.44
C VAL N 160 -5.04 44.37 5.89
N THR N 161 -6.24 44.09 6.40
CA THR N 161 -6.46 44.06 7.84
C THR N 161 -6.58 42.60 8.27
N VAL N 162 -5.99 42.28 9.41
CA VAL N 162 -6.01 40.93 9.93
C VAL N 162 -6.53 41.02 11.34
N SER N 163 -7.39 40.09 11.73
CA SER N 163 -7.73 39.93 13.15
C SER N 163 -7.95 38.46 13.48
N TRP N 164 -8.12 38.17 14.77
CA TRP N 164 -8.32 36.78 15.21
C TRP N 164 -9.64 36.61 15.94
N ASN N 165 -10.44 35.64 15.49
CA ASN N 165 -11.74 35.36 16.06
C ASN N 165 -12.60 36.63 16.08
N SER N 166 -12.72 37.26 14.91
CA SER N 166 -13.51 38.46 14.74
C SER N 166 -13.19 39.56 15.72
N GLY N 167 -11.93 39.65 16.15
CA GLY N 167 -11.51 40.70 17.06
C GLY N 167 -11.62 40.35 18.54
N ALA N 168 -12.21 39.20 18.85
CA ALA N 168 -12.30 38.72 20.23
C ALA N 168 -10.93 38.34 20.83
N LEU N 169 -9.97 37.96 19.99
CA LEU N 169 -8.67 37.51 20.45
C LEU N 169 -7.59 38.57 20.18
N THR N 170 -7.05 39.17 21.23
CA THR N 170 -6.01 40.21 21.08
C THR N 170 -4.69 39.93 21.85
N SER N 171 -4.78 39.39 23.06
CA SER N 171 -3.57 38.97 23.80
C SER N 171 -2.75 37.98 23.00
N GLY N 172 -1.45 38.23 22.95
CA GLY N 172 -0.53 37.35 22.26
C GLY N 172 -0.42 37.57 20.75
N VAL N 173 -1.21 38.50 20.20
CA VAL N 173 -1.25 38.70 18.75
C VAL N 173 -0.16 39.63 18.26
N HIS N 174 0.53 39.23 17.21
CA HIS N 174 1.43 40.11 16.47
C HIS N 174 1.15 40.00 14.99
N THR N 175 0.71 41.10 14.40
CA THR N 175 0.67 41.21 12.95
C THR N 175 1.89 41.98 12.50
N PHE N 176 2.71 41.34 11.68
CA PHE N 176 3.98 41.91 11.28
C PHE N 176 3.83 42.92 10.13
N PRO N 177 4.74 43.90 10.02
CA PRO N 177 4.74 44.76 8.85
C PRO N 177 4.83 43.95 7.55
N ALA N 178 4.07 44.35 6.53
CA ALA N 178 4.11 43.67 5.24
C ALA N 178 5.48 43.89 4.64
N VAL N 179 5.93 42.91 3.86
CA VAL N 179 7.20 42.96 3.15
C VAL N 179 6.89 42.93 1.64
N LEU N 180 7.69 43.66 0.86
CA LEU N 180 7.55 43.72 -0.60
C LEU N 180 8.49 42.72 -1.26
N GLN N 181 7.90 41.75 -1.96
CA GLN N 181 8.67 40.67 -2.58
C GLN N 181 9.21 41.12 -3.93
N SER N 182 10.20 40.39 -4.43
CA SER N 182 10.82 40.71 -5.70
C SER N 182 9.84 40.56 -6.87
N SER N 183 8.76 39.82 -6.64
CA SER N 183 7.67 39.72 -7.62
C SER N 183 6.87 41.02 -7.78
N GLY N 184 7.05 41.97 -6.84
CA GLY N 184 6.27 43.20 -6.82
C GLY N 184 5.01 43.10 -5.95
N LEU N 185 4.79 41.93 -5.36
CA LEU N 185 3.61 41.68 -4.53
C LEU N 185 4.01 41.69 -3.07
N TYR N 186 3.04 42.00 -2.21
CA TYR N 186 3.27 42.05 -0.77
C TYR N 186 2.95 40.74 -0.07
N SER N 187 3.54 40.60 1.10
CA SER N 187 3.34 39.44 1.94
C SER N 187 3.55 39.77 3.40
N LEU N 188 2.71 39.17 4.25
CA LEU N 188 2.76 39.47 5.71
C LEU N 188 2.32 38.24 6.51
N SER N 189 2.73 38.17 7.76
CA SER N 189 2.29 37.09 8.61
C SER N 189 1.72 37.66 9.88
N SER N 190 0.77 36.94 10.46
CA SER N 190 0.15 37.30 11.74
C SER N 190 0.20 36.07 12.61
N VAL N 191 0.65 36.24 13.85
CA VAL N 191 0.83 35.10 14.75
C VAL N 191 0.15 35.35 16.06
N VAL N 192 -0.20 34.25 16.72
CA VAL N 192 -0.71 34.27 18.09
C VAL N 192 0.15 33.32 18.90
N THR N 193 0.56 33.75 20.08
CA THR N 193 1.17 32.82 21.03
C THR N 193 0.23 32.61 22.19
N VAL N 194 0.18 31.39 22.68
CA VAL N 194 -0.66 31.01 23.80
C VAL N 194 0.14 30.13 24.74
N PRO N 195 -0.18 30.13 26.04
CA PRO N 195 0.43 29.15 26.92
C PRO N 195 0.19 27.72 26.43
N SER N 196 1.25 26.93 26.40
CA SER N 196 1.24 25.60 25.82
C SER N 196 0.02 24.78 26.20
N SER N 197 -0.23 24.65 27.50
CA SER N 197 -1.33 23.82 27.99
C SER N 197 -2.73 24.26 27.57
N SER N 198 -2.86 25.48 27.04
CA SER N 198 -4.16 25.98 26.58
C SER N 198 -4.43 25.71 25.11
N LEU N 199 -3.54 24.99 24.43
CA LEU N 199 -3.64 24.85 22.96
C LEU N 199 -4.99 24.28 22.47
N GLY N 200 -5.37 23.09 22.94
CA GLY N 200 -6.66 22.53 22.50
C GLY N 200 -7.90 23.25 23.02
N THR N 201 -7.70 24.30 23.83
CA THR N 201 -8.77 24.90 24.63
C THR N 201 -9.73 25.76 23.84
N GLN N 202 -9.27 26.27 22.70
CA GLN N 202 -10.14 27.10 21.88
C GLN N 202 -9.79 27.13 20.40
N THR N 203 -10.73 27.64 19.62
CA THR N 203 -10.61 27.71 18.18
C THR N 203 -9.90 29.01 17.78
N TYR N 204 -9.04 28.92 16.78
CA TYR N 204 -8.36 30.10 16.28
C TYR N 204 -8.67 30.32 14.80
N ILE N 205 -9.29 31.44 14.51
CA ILE N 205 -9.61 31.78 13.14
C ILE N 205 -9.04 33.15 12.84
N CYS N 206 -8.18 33.25 11.82
CA CYS N 206 -7.71 34.57 11.42
C CYS N 206 -8.61 35.09 10.29
N ASN N 207 -9.04 36.33 10.47
CA ASN N 207 -9.92 37.01 9.53
C ASN N 207 -9.07 37.98 8.72
N VAL N 208 -9.07 37.80 7.40
CA VAL N 208 -8.24 38.59 6.52
C VAL N 208 -9.10 39.32 5.49
N ASN N 209 -9.06 40.65 5.49
CA ASN N 209 -9.81 41.46 4.55
C ASN N 209 -8.84 42.25 3.67
N HIS N 210 -9.11 42.30 2.37
CA HIS N 210 -8.31 43.10 1.43
C HIS N 210 -9.25 43.87 0.55
N LYS N 211 -9.57 45.10 0.95
CA LYS N 211 -10.63 45.90 0.31
C LYS N 211 -10.44 46.15 -1.19
N PRO N 212 -9.19 46.46 -1.63
CA PRO N 212 -8.97 46.70 -3.07
C PRO N 212 -9.40 45.57 -4.01
N SER N 213 -9.33 44.33 -3.54
CA SER N 213 -9.71 43.17 -4.35
C SER N 213 -10.98 42.52 -3.83
N ASN N 214 -11.66 43.18 -2.89
CA ASN N 214 -12.87 42.63 -2.26
C ASN N 214 -12.74 41.19 -1.74
N THR N 215 -11.60 40.87 -1.15
CA THR N 215 -11.31 39.55 -0.62
C THR N 215 -11.60 39.58 0.87
N LYS N 216 -12.51 38.72 1.32
CA LYS N 216 -12.63 38.40 2.75
C LYS N 216 -12.41 36.91 2.95
N VAL N 217 -11.54 36.56 3.89
CA VAL N 217 -11.26 35.16 4.18
C VAL N 217 -11.18 34.92 5.68
N ASP N 218 -11.87 33.87 6.13
CA ASP N 218 -11.76 33.39 7.50
C ASP N 218 -11.09 32.01 7.43
N LYS N 219 -9.89 31.88 7.98
CA LYS N 219 -9.13 30.62 7.93
C LYS N 219 -8.95 30.02 9.32
N LYS N 220 -9.50 28.82 9.53
CA LYS N 220 -9.30 28.11 10.79
C LYS N 220 -7.88 27.49 10.86
N VAL N 221 -7.16 27.76 11.95
CA VAL N 221 -5.81 27.24 12.13
C VAL N 221 -5.84 26.09 13.13
N GLU N 222 -5.96 24.87 12.59
CA GLU N 222 -6.13 23.62 13.33
C GLU N 222 -4.73 23.16 13.75
N PRO N 223 -4.51 22.94 15.08
CA PRO N 223 -3.30 22.23 15.54
C PRO N 223 -3.02 20.97 14.77
N LYS N 224 -1.79 20.84 14.27
CA LYS N 224 -1.36 19.71 13.44
C LYS N 224 0.13 19.48 13.65
N GLU O 1 21.02 -83.25 -17.26
CA GLU O 1 21.39 -84.70 -17.37
C GLU O 1 20.60 -85.35 -18.52
N LEU O 2 19.58 -84.63 -18.99
CA LEU O 2 19.11 -84.70 -20.38
C LEU O 2 19.46 -83.32 -20.98
N VAL O 3 19.77 -83.28 -22.27
CA VAL O 3 20.17 -82.03 -22.93
C VAL O 3 19.17 -81.63 -24.03
N VAL O 4 18.57 -80.45 -23.86
CA VAL O 4 17.62 -79.93 -24.83
C VAL O 4 18.36 -79.00 -25.78
N THR O 5 18.20 -79.18 -27.09
CA THR O 5 18.96 -78.42 -28.08
C THR O 5 18.04 -77.72 -29.06
N GLN O 6 18.37 -76.47 -29.35
CA GLN O 6 17.62 -75.62 -30.28
C GLN O 6 18.58 -75.04 -31.29
N GLU O 7 18.08 -74.58 -32.43
CA GLU O 7 18.91 -73.80 -33.34
C GLU O 7 19.39 -72.53 -32.62
N SER O 8 20.62 -72.14 -32.89
CA SER O 8 21.21 -70.92 -32.32
C SER O 8 20.51 -69.65 -32.77
N ALA O 9 20.30 -69.52 -34.07
CA ALA O 9 19.77 -68.29 -34.66
C ALA O 9 19.01 -68.60 -35.94
N LEU O 10 17.92 -67.87 -36.16
CA LEU O 10 17.18 -67.95 -37.39
C LEU O 10 16.85 -66.55 -37.86
N THR O 11 16.76 -66.38 -39.18
CA THR O 11 16.36 -65.13 -39.80
C THR O 11 15.09 -65.37 -40.62
N THR O 12 14.14 -64.44 -40.56
CA THR O 12 12.92 -64.54 -41.35
C THR O 12 12.44 -63.13 -41.72
N SER O 13 11.71 -63.01 -42.81
CA SER O 13 11.21 -61.70 -43.26
C SER O 13 9.85 -61.50 -42.64
N PRO O 14 9.39 -60.24 -42.57
CA PRO O 14 8.02 -60.00 -42.09
C PRO O 14 7.00 -60.67 -42.99
N GLY O 15 5.97 -61.27 -42.38
CA GLY O 15 4.94 -61.97 -43.15
C GLY O 15 5.26 -63.42 -43.45
N GLU O 16 6.53 -63.83 -43.32
CA GLU O 16 6.95 -65.20 -43.59
C GLU O 16 6.67 -66.10 -42.40
N THR O 17 6.63 -67.41 -42.63
CA THR O 17 6.41 -68.40 -41.59
C THR O 17 7.77 -68.92 -41.18
N VAL O 18 7.98 -69.05 -39.88
CA VAL O 18 9.24 -69.55 -39.37
C VAL O 18 8.95 -70.57 -38.28
N THR O 19 9.77 -71.61 -38.23
CA THR O 19 9.56 -72.74 -37.32
C THR O 19 10.81 -72.97 -36.46
N LEU O 20 10.65 -72.87 -35.16
CA LEU O 20 11.73 -73.13 -34.20
C LEU O 20 11.58 -74.57 -33.69
N THR O 21 12.68 -75.31 -33.61
CA THR O 21 12.58 -76.68 -33.08
C THR O 21 13.34 -76.88 -31.76
N CYS O 22 13.03 -78.00 -31.13
CA CYS O 22 13.51 -78.30 -29.81
C CYS O 22 13.66 -79.79 -29.72
N ARG O 23 14.89 -80.27 -29.57
CA ARG O 23 15.14 -81.71 -29.53
C ARG O 23 15.83 -82.16 -28.25
N SER O 24 15.76 -83.47 -28.00
CA SER O 24 16.19 -84.07 -26.75
C SER O 24 17.21 -85.16 -26.99
N SER O 25 18.11 -85.35 -26.03
CA SER O 25 19.15 -86.39 -26.13
C SER O 25 18.70 -87.74 -25.56
N SER O 26 17.53 -87.77 -24.92
CA SER O 26 16.96 -89.02 -24.39
C SER O 26 16.26 -89.81 -25.50
N GLY O 27 15.97 -89.15 -26.61
CA GLY O 27 15.15 -89.73 -27.66
C GLY O 27 14.07 -88.76 -28.07
N ALA O 28 13.02 -89.26 -28.70
CA ALA O 28 11.94 -88.45 -29.23
C ALA O 28 11.29 -87.60 -28.14
N VAL O 29 11.02 -86.34 -28.49
CA VAL O 29 10.22 -85.49 -27.64
C VAL O 29 8.78 -85.94 -27.81
N THR O 30 8.14 -86.24 -26.70
CA THR O 30 6.78 -86.77 -26.72
C THR O 30 5.84 -85.85 -25.94
N THR O 31 4.55 -86.06 -26.12
CA THR O 31 3.51 -85.43 -25.31
C THR O 31 3.79 -85.44 -23.81
N SER O 32 4.41 -86.52 -23.34
CA SER O 32 4.73 -86.67 -21.90
C SER O 32 5.77 -85.68 -21.40
N ASN O 33 6.45 -85.01 -22.33
CA ASN O 33 7.42 -83.99 -21.99
C ASN O 33 6.81 -82.63 -21.74
N TYR O 34 5.51 -82.49 -22.04
CA TYR O 34 4.79 -81.22 -21.83
C TYR O 34 5.57 -79.98 -22.26
N ALA O 35 5.99 -79.95 -23.52
CA ALA O 35 6.84 -78.87 -24.04
C ALA O 35 6.23 -77.49 -23.79
N THR O 36 7.06 -76.58 -23.29
CA THR O 36 6.68 -75.20 -23.06
C THR O 36 7.60 -74.28 -23.83
N TRP O 37 7.08 -73.15 -24.28
CA TRP O 37 7.94 -72.15 -24.90
C TRP O 37 7.83 -70.83 -24.19
N VAL O 38 8.99 -70.21 -23.97
CA VAL O 38 9.07 -68.88 -23.36
C VAL O 38 9.73 -67.90 -24.34
N GLN O 39 9.24 -66.69 -24.39
CA GLN O 39 9.85 -65.64 -25.21
C GLN O 39 10.57 -64.65 -24.31
N GLU O 40 11.81 -64.31 -24.64
CA GLU O 40 12.56 -63.30 -23.93
C GLU O 40 12.85 -62.12 -24.82
N LYS O 41 12.44 -60.94 -24.38
CA LYS O 41 12.69 -59.69 -25.10
C LYS O 41 13.62 -58.82 -24.29
N PRO O 42 14.27 -57.85 -24.94
CA PRO O 42 15.15 -56.93 -24.24
C PRO O 42 14.61 -56.39 -22.91
N ASP O 43 15.54 -56.06 -22.02
CA ASP O 43 15.24 -55.71 -20.62
C ASP O 43 14.78 -56.96 -19.81
N HIS O 44 15.12 -58.17 -20.30
CA HIS O 44 14.76 -59.43 -19.63
C HIS O 44 13.27 -59.50 -19.37
N LEU O 45 12.47 -59.37 -20.41
CA LEU O 45 11.02 -59.44 -20.28
C LEU O 45 10.62 -60.78 -20.81
N PHE O 46 10.04 -61.61 -19.95
CA PHE O 46 9.66 -62.98 -20.32
C PHE O 46 8.16 -63.18 -20.46
N THR O 47 7.77 -64.00 -21.44
CA THR O 47 6.37 -64.30 -21.74
C THR O 47 6.23 -65.78 -22.04
N GLY O 48 5.42 -66.47 -21.26
CA GLY O 48 5.09 -67.86 -21.53
C GLY O 48 4.19 -67.89 -22.74
N LEU O 49 4.57 -68.63 -23.78
CA LEU O 49 3.81 -68.64 -25.03
C LEU O 49 2.95 -69.89 -25.19
N ILE O 50 3.57 -71.06 -25.03
CA ILE O 50 2.88 -72.33 -25.30
C ILE O 50 3.08 -73.25 -24.14
N GLY O 51 2.03 -73.98 -23.77
CA GLY O 51 2.14 -75.06 -22.80
C GLY O 51 1.58 -76.34 -23.38
N GLY O 52 1.91 -77.47 -22.76
CA GLY O 52 1.39 -78.76 -23.17
C GLY O 52 1.55 -79.05 -24.66
N THR O 53 2.71 -78.72 -25.19
CA THR O 53 3.04 -78.92 -26.61
C THR O 53 2.35 -77.93 -27.55
N ASN O 54 1.02 -77.83 -27.50
CA ASN O 54 0.26 -77.13 -28.54
C ASN O 54 -0.90 -76.29 -28.02
N LYS O 55 -0.87 -75.99 -26.73
CA LYS O 55 -1.85 -75.10 -26.09
C LYS O 55 -1.24 -73.70 -25.96
N ARG O 56 -1.83 -72.75 -26.66
CA ARG O 56 -1.42 -71.34 -26.60
C ARG O 56 -1.94 -70.68 -25.31
N ALA O 57 -1.09 -69.93 -24.62
CA ALA O 57 -1.47 -69.29 -23.34
C ALA O 57 -2.39 -68.11 -23.59
N PRO O 58 -3.27 -67.80 -22.61
CA PRO O 58 -4.14 -66.62 -22.68
C PRO O 58 -3.39 -65.36 -23.04
N GLY O 59 -3.95 -64.56 -23.94
CA GLY O 59 -3.33 -63.31 -24.33
C GLY O 59 -2.28 -63.43 -25.41
N VAL O 60 -1.81 -64.63 -25.70
CA VAL O 60 -0.76 -64.83 -26.68
C VAL O 60 -1.35 -64.78 -28.09
N PRO O 61 -0.72 -64.02 -29.00
CA PRO O 61 -1.21 -63.86 -30.37
C PRO O 61 -1.37 -65.17 -31.11
N ALA O 62 -2.41 -65.26 -31.93
CA ALA O 62 -2.79 -66.49 -32.67
C ALA O 62 -1.69 -66.96 -33.66
N ARG O 63 -0.96 -65.97 -34.18
CA ARG O 63 0.25 -66.11 -34.94
C ARG O 63 1.23 -67.19 -34.42
N PHE O 64 1.25 -67.42 -33.11
CA PHE O 64 2.11 -68.47 -32.51
C PHE O 64 1.36 -69.76 -32.33
N SER O 65 1.97 -70.88 -32.68
CA SER O 65 1.42 -72.21 -32.34
C SER O 65 2.52 -73.25 -32.13
N GLY O 66 2.19 -74.30 -31.40
CA GLY O 66 3.16 -75.33 -31.06
C GLY O 66 2.71 -76.69 -31.56
N SER O 67 3.69 -77.56 -31.84
CA SER O 67 3.38 -78.89 -32.32
C SER O 67 4.57 -79.83 -32.19
N LEU O 68 4.41 -81.07 -32.65
CA LEU O 68 5.53 -81.97 -32.80
C LEU O 68 5.86 -82.16 -34.27
N ILE O 69 7.15 -82.26 -34.59
CA ILE O 69 7.59 -82.57 -35.93
C ILE O 69 8.62 -83.66 -35.76
N GLY O 70 8.24 -84.87 -36.15
CA GLY O 70 9.05 -86.04 -35.95
C GLY O 70 9.56 -86.16 -34.51
N ASP O 71 10.87 -86.15 -34.36
CA ASP O 71 11.54 -86.20 -33.05
C ASP O 71 11.29 -84.98 -32.12
N ARG O 72 10.99 -83.84 -32.71
CA ARG O 72 11.12 -82.57 -32.00
C ARG O 72 9.81 -81.88 -31.62
N ALA O 73 9.91 -80.99 -30.66
CA ALA O 73 8.86 -79.99 -30.40
C ALA O 73 9.14 -78.80 -31.29
N ALA O 74 8.09 -78.10 -31.68
CA ALA O 74 8.22 -77.00 -32.62
C ALA O 74 7.39 -75.81 -32.17
N LEU O 75 7.93 -74.61 -32.35
CA LEU O 75 7.18 -73.39 -32.27
C LEU O 75 7.13 -72.80 -33.68
N THR O 76 5.92 -72.58 -34.19
CA THR O 76 5.73 -71.97 -35.49
C THR O 76 5.23 -70.54 -35.29
N ILE O 77 5.79 -69.60 -36.03
CA ILE O 77 5.26 -68.25 -36.11
C ILE O 77 4.72 -68.05 -37.52
N THR O 78 3.41 -67.89 -37.65
CA THR O 78 2.79 -67.72 -38.97
C THR O 78 2.61 -66.26 -39.26
N GLY O 79 3.50 -65.71 -40.06
CA GLY O 79 3.45 -64.32 -40.44
C GLY O 79 4.21 -63.50 -39.43
N ALA O 80 5.50 -63.77 -39.32
CA ALA O 80 6.36 -63.08 -38.37
C ALA O 80 6.26 -61.54 -38.50
N GLN O 81 6.15 -60.89 -37.34
CA GLN O 81 6.13 -59.45 -37.27
C GLN O 81 7.44 -58.96 -36.64
N THR O 82 7.80 -57.71 -36.91
CA THR O 82 9.07 -57.12 -36.40
C THR O 82 9.19 -57.25 -34.89
N GLU O 83 8.05 -57.17 -34.19
CA GLU O 83 8.03 -57.31 -32.74
C GLU O 83 8.36 -58.74 -32.26
N ASP O 84 8.45 -59.71 -33.17
CA ASP O 84 8.79 -61.09 -32.80
C ASP O 84 10.30 -61.32 -32.63
N GLU O 85 11.09 -60.27 -32.83
CA GLU O 85 12.53 -60.31 -32.56
C GLU O 85 12.74 -60.57 -31.09
N ALA O 86 13.38 -61.69 -30.77
CA ALA O 86 13.45 -62.15 -29.40
C ALA O 86 14.30 -63.36 -29.34
N ILE O 87 14.56 -63.84 -28.13
CA ILE O 87 15.12 -65.17 -27.92
C ILE O 87 13.98 -66.06 -27.46
N TYR O 88 13.84 -67.23 -28.09
CA TYR O 88 12.82 -68.21 -27.73
C TYR O 88 13.48 -69.43 -27.08
N PHE O 89 13.00 -69.78 -25.89
CA PHE O 89 13.49 -70.96 -25.16
C PHE O 89 12.37 -71.99 -25.13
N CYS O 90 12.70 -73.27 -25.38
CA CYS O 90 11.77 -74.35 -25.08
C CYS O 90 12.26 -75.00 -23.80
N ALA O 91 11.36 -75.66 -23.08
CA ALA O 91 11.67 -76.38 -21.86
C ALA O 91 10.86 -77.66 -21.84
N LEU O 92 11.48 -78.77 -21.42
CA LEU O 92 10.85 -80.09 -21.44
C LEU O 92 10.76 -80.68 -20.06
N TRP O 93 9.64 -81.32 -19.74
CA TRP O 93 9.51 -82.05 -18.47
C TRP O 93 10.07 -83.46 -18.61
N ASN O 94 10.86 -83.85 -17.62
CA ASN O 94 11.46 -85.17 -17.51
C ASN O 94 11.41 -85.60 -16.03
N SER O 95 10.35 -86.31 -15.66
CA SER O 95 10.16 -86.86 -14.29
C SER O 95 9.86 -85.80 -13.22
N ASN O 96 10.92 -85.24 -12.61
CA ASN O 96 10.78 -84.19 -11.61
C ASN O 96 11.39 -82.85 -12.05
N HIS O 97 11.98 -82.82 -13.25
CA HIS O 97 12.88 -81.75 -13.63
C HIS O 97 12.45 -81.09 -14.94
N LEU O 98 12.44 -79.76 -14.96
CA LEU O 98 12.20 -79.01 -16.19
C LEU O 98 13.57 -78.62 -16.74
N VAL O 99 13.82 -78.91 -18.01
CA VAL O 99 15.13 -78.67 -18.63
C VAL O 99 14.96 -77.74 -19.82
N PHE O 100 15.63 -76.59 -19.77
CA PHE O 100 15.58 -75.61 -20.83
C PHE O 100 16.54 -75.94 -21.96
N GLY O 101 16.16 -75.59 -23.19
CA GLY O 101 17.08 -75.58 -24.31
C GLY O 101 17.95 -74.34 -24.21
N GLY O 102 18.93 -74.22 -25.11
CA GLY O 102 19.88 -73.13 -25.07
C GLY O 102 19.37 -71.84 -25.66
N GLY O 103 18.22 -71.87 -26.33
CA GLY O 103 17.58 -70.67 -26.87
C GLY O 103 17.90 -70.44 -28.32
N THR O 104 16.97 -69.79 -29.01
CA THR O 104 17.10 -69.43 -30.41
C THR O 104 16.84 -67.94 -30.62
N LYS O 105 17.85 -67.20 -31.06
CA LYS O 105 17.65 -65.81 -31.47
C LYS O 105 16.87 -65.73 -32.81
N LEU O 106 15.75 -65.00 -32.79
CA LEU O 106 15.02 -64.76 -34.03
C LEU O 106 15.29 -63.34 -34.52
N GLU O 107 15.93 -63.22 -35.67
CA GLU O 107 16.22 -61.96 -36.31
C GLU O 107 15.21 -61.66 -37.40
N ILE O 108 14.62 -60.48 -37.40
CA ILE O 108 13.72 -60.07 -38.47
C ILE O 108 14.49 -59.31 -39.56
N LYS O 109 14.36 -59.80 -40.79
CA LYS O 109 15.10 -59.24 -41.91
C LYS O 109 14.51 -57.91 -42.35
N ARG O 110 15.36 -57.03 -42.90
CA ARG O 110 14.92 -55.77 -43.49
C ARG O 110 15.93 -55.34 -44.55
N THR O 111 15.61 -54.26 -45.27
CA THR O 111 16.49 -53.75 -46.32
C THR O 111 17.80 -53.29 -45.67
N VAL O 112 18.92 -53.43 -46.39
CA VAL O 112 20.21 -53.05 -45.82
C VAL O 112 20.20 -51.57 -45.47
N ALA O 113 20.76 -51.25 -44.30
CA ALA O 113 20.84 -49.89 -43.82
C ALA O 113 22.27 -49.66 -43.38
N ALA O 114 22.88 -48.59 -43.92
CA ALA O 114 24.24 -48.19 -43.56
C ALA O 114 24.25 -47.52 -42.18
N PRO O 115 25.32 -47.75 -41.41
CA PRO O 115 25.43 -47.06 -40.14
C PRO O 115 25.79 -45.61 -40.32
N SER O 116 25.24 -44.78 -39.44
CA SER O 116 25.79 -43.49 -39.13
C SER O 116 26.98 -43.76 -38.23
N VAL O 117 28.06 -43.02 -38.42
CA VAL O 117 29.27 -43.21 -37.65
C VAL O 117 29.68 -41.92 -36.93
N PHE O 118 30.04 -42.07 -35.67
CA PHE O 118 30.51 -40.95 -34.85
C PHE O 118 31.74 -41.37 -34.06
N ILE O 119 32.67 -40.44 -33.87
CA ILE O 119 33.84 -40.66 -33.03
C ILE O 119 33.81 -39.63 -31.92
N PHE O 120 34.14 -40.07 -30.71
CA PHE O 120 34.20 -39.17 -29.55
C PHE O 120 35.62 -39.16 -28.96
N PRO O 121 36.24 -37.97 -28.85
CA PRO O 121 37.51 -37.90 -28.14
C PRO O 121 37.30 -38.03 -26.65
N PRO O 122 38.35 -38.41 -25.90
CA PRO O 122 38.21 -38.50 -24.46
C PRO O 122 37.86 -37.15 -23.86
N SER O 123 37.10 -37.15 -22.78
CA SER O 123 36.78 -35.93 -22.08
C SER O 123 37.99 -35.41 -21.33
N ASP O 124 38.05 -34.09 -21.12
CA ASP O 124 39.10 -33.49 -20.32
C ASP O 124 39.10 -34.10 -18.92
N GLU O 125 37.93 -34.51 -18.43
CA GLU O 125 37.77 -35.10 -17.10
C GLU O 125 38.45 -36.46 -16.95
N GLN O 126 38.33 -37.29 -17.98
CA GLN O 126 38.99 -38.60 -17.94
C GLN O 126 40.50 -38.45 -17.98
N LEU O 127 40.98 -37.52 -18.80
CA LEU O 127 42.39 -37.27 -18.94
C LEU O 127 43.02 -36.87 -17.61
N LYS O 128 42.29 -36.13 -16.78
CA LYS O 128 42.74 -35.85 -15.41
C LYS O 128 43.11 -37.10 -14.63
N SER O 129 42.39 -38.20 -14.87
CA SER O 129 42.57 -39.43 -14.11
C SER O 129 43.74 -40.30 -14.58
N GLY O 130 44.32 -39.99 -15.75
CA GLY O 130 45.49 -40.73 -16.26
C GLY O 130 45.22 -41.68 -17.42
N THR O 131 43.96 -41.87 -17.80
CA THR O 131 43.68 -42.68 -18.98
C THR O 131 42.81 -41.93 -20.00
N ALA O 132 42.71 -42.50 -21.19
CA ALA O 132 42.00 -41.89 -22.30
C ALA O 132 41.26 -42.96 -23.09
N SER O 133 39.94 -42.81 -23.17
CA SER O 133 39.09 -43.69 -23.93
C SER O 133 38.54 -42.96 -25.14
N VAL O 134 38.71 -43.54 -26.32
CA VAL O 134 38.15 -43.00 -27.56
C VAL O 134 37.01 -43.91 -28.00
N VAL O 135 35.80 -43.35 -28.18
CA VAL O 135 34.66 -44.16 -28.47
C VAL O 135 34.22 -43.95 -29.91
N CYS O 136 33.88 -45.05 -30.57
CA CYS O 136 33.32 -45.01 -31.90
C CYS O 136 31.89 -45.60 -31.90
N LEU O 137 30.92 -44.90 -32.49
CA LEU O 137 29.54 -45.39 -32.50
C LEU O 137 29.08 -45.63 -33.92
N LEU O 138 28.54 -46.84 -34.14
CA LEU O 138 27.86 -47.24 -35.38
C LEU O 138 26.40 -47.36 -35.02
N ASN O 139 25.57 -46.50 -35.62
CA ASN O 139 24.19 -46.42 -35.26
C ASN O 139 23.23 -46.83 -36.36
N ASN O 140 22.26 -47.69 -36.00
CA ASN O 140 21.12 -48.09 -36.83
C ASN O 140 21.49 -48.70 -38.18
N PHE O 141 22.31 -49.74 -38.12
CA PHE O 141 22.69 -50.49 -39.31
C PHE O 141 21.95 -51.85 -39.42
N TYR O 142 21.94 -52.41 -40.64
CA TYR O 142 21.53 -53.81 -40.92
C TYR O 142 22.16 -54.18 -42.26
N PRO O 143 22.68 -55.41 -42.39
CA PRO O 143 22.71 -56.44 -41.37
C PRO O 143 23.79 -56.18 -40.33
N ARG O 144 23.97 -57.14 -39.44
CA ARG O 144 24.75 -56.94 -38.26
C ARG O 144 26.25 -56.93 -38.47
N GLU O 145 26.72 -57.67 -39.47
CA GLU O 145 28.15 -57.80 -39.71
C GLU O 145 28.75 -56.43 -40.04
N ALA O 146 29.82 -56.07 -39.34
CA ALA O 146 30.40 -54.75 -39.44
C ALA O 146 31.83 -54.86 -38.95
N LYS O 147 32.78 -54.24 -39.67
CA LYS O 147 34.18 -54.22 -39.22
C LYS O 147 34.52 -52.81 -38.77
N VAL O 148 35.18 -52.73 -37.61
CA VAL O 148 35.67 -51.45 -37.10
C VAL O 148 37.15 -51.58 -36.95
N GLN O 149 37.89 -50.66 -37.55
CA GLN O 149 39.34 -50.62 -37.44
C GLN O 149 39.76 -49.28 -36.88
N TRP O 150 40.58 -49.31 -35.83
CA TRP O 150 41.10 -48.12 -35.20
C TRP O 150 42.46 -47.83 -35.76
N LYS O 151 42.74 -46.56 -36.03
CA LYS O 151 44.07 -46.16 -36.44
C LYS O 151 44.49 -44.91 -35.69
N VAL O 152 45.75 -44.90 -35.27
CA VAL O 152 46.34 -43.78 -34.53
C VAL O 152 47.58 -43.33 -35.31
N ASP O 153 47.58 -42.06 -35.74
CA ASP O 153 48.54 -41.51 -36.72
C ASP O 153 48.72 -42.45 -37.92
N ASN O 154 47.60 -42.97 -38.41
CA ASN O 154 47.56 -43.86 -39.58
C ASN O 154 48.07 -45.29 -39.35
N ALA O 155 48.44 -45.65 -38.12
CA ALA O 155 48.87 -47.00 -37.78
C ALA O 155 47.68 -47.84 -37.28
N LEU O 156 47.56 -49.06 -37.79
CA LEU O 156 46.48 -49.98 -37.42
C LEU O 156 46.63 -50.38 -35.95
N GLN O 157 45.56 -50.27 -35.18
CA GLN O 157 45.57 -50.67 -33.76
C GLN O 157 45.14 -52.12 -33.61
N SER O 158 45.69 -52.79 -32.60
CA SER O 158 45.44 -54.20 -32.37
C SER O 158 45.36 -54.55 -30.88
N GLY O 159 44.31 -55.26 -30.50
CA GLY O 159 44.15 -55.78 -29.13
C GLY O 159 44.12 -54.77 -27.98
N ASN O 160 43.68 -53.54 -28.24
CA ASN O 160 43.43 -52.56 -27.18
C ASN O 160 42.12 -51.86 -27.37
N SER O 161 41.17 -52.58 -27.97
CA SER O 161 39.81 -52.06 -28.15
C SER O 161 38.79 -53.14 -27.78
N GLN O 162 37.61 -52.68 -27.36
CA GLN O 162 36.52 -53.57 -27.07
C GLN O 162 35.23 -53.05 -27.69
N GLU O 163 34.27 -53.94 -27.81
CA GLU O 163 33.18 -53.77 -28.73
C GLU O 163 31.94 -54.39 -28.14
N SER O 164 30.80 -53.82 -28.51
CA SER O 164 29.53 -54.20 -27.91
C SER O 164 28.41 -53.83 -28.87
N VAL O 165 27.47 -54.73 -29.04
CA VAL O 165 26.39 -54.51 -30.01
C VAL O 165 25.03 -54.68 -29.33
N THR O 166 24.05 -53.89 -29.73
CA THR O 166 22.70 -54.00 -29.12
C THR O 166 21.95 -55.16 -29.73
N GLU O 167 20.83 -55.53 -29.14
CA GLU O 167 19.94 -56.50 -29.75
C GLU O 167 19.18 -55.77 -30.84
N GLN O 168 18.61 -56.53 -31.77
CA GLN O 168 17.90 -55.92 -32.87
C GLN O 168 16.77 -55.05 -32.31
N ASP O 169 16.67 -53.81 -32.78
CA ASP O 169 15.65 -52.89 -32.34
C ASP O 169 14.30 -53.42 -32.78
N SER O 170 13.31 -53.42 -31.90
CA SER O 170 12.04 -54.05 -32.22
C SER O 170 11.17 -53.25 -33.20
N LYS O 171 11.59 -52.04 -33.53
CA LYS O 171 10.81 -51.12 -34.36
C LYS O 171 11.38 -50.94 -35.75
N ASP O 172 12.63 -50.48 -35.83
CA ASP O 172 13.29 -50.29 -37.14
C ASP O 172 14.13 -51.51 -37.55
N SER O 173 14.24 -52.49 -36.68
CA SER O 173 14.94 -53.76 -36.96
C SER O 173 16.45 -53.58 -37.19
N THR O 174 17.01 -52.51 -36.63
CA THR O 174 18.41 -52.22 -36.81
C THR O 174 19.27 -52.62 -35.59
N TYR O 175 20.60 -52.67 -35.81
CA TYR O 175 21.56 -52.86 -34.75
C TYR O 175 22.37 -51.58 -34.55
N SER O 176 22.96 -51.45 -33.38
CA SER O 176 23.92 -50.38 -33.11
C SER O 176 25.12 -50.99 -32.42
N LEU O 177 26.25 -50.35 -32.58
CA LEU O 177 27.54 -50.87 -32.08
C LEU O 177 28.39 -49.77 -31.49
N SER O 178 29.07 -50.11 -30.40
CA SER O 178 29.92 -49.17 -29.69
C SER O 178 31.28 -49.81 -29.57
N SER O 179 32.32 -49.05 -29.88
CA SER O 179 33.69 -49.52 -29.71
C SER O 179 34.56 -48.51 -28.94
N THR O 180 35.37 -49.02 -28.02
CA THR O 180 36.23 -48.18 -27.21
C THR O 180 37.68 -48.55 -27.42
N LEU O 181 38.48 -47.54 -27.71
CA LEU O 181 39.92 -47.69 -27.75
C LEU O 181 40.48 -47.09 -26.46
N THR O 182 41.22 -47.89 -25.70
CA THR O 182 41.81 -47.43 -24.45
C THR O 182 43.33 -47.35 -24.57
N LEU O 183 43.87 -46.17 -24.30
CA LEU O 183 45.30 -45.99 -24.12
C LEU O 183 45.52 -45.07 -22.94
N SER O 184 46.77 -45.05 -22.45
CA SER O 184 47.13 -44.21 -21.34
C SER O 184 47.18 -42.75 -21.80
N LYS O 185 47.02 -41.85 -20.84
CA LYS O 185 47.12 -40.41 -21.13
C LYS O 185 48.46 -40.10 -21.82
N ALA O 186 49.57 -40.58 -21.27
CA ALA O 186 50.88 -40.34 -21.86
C ALA O 186 50.94 -40.77 -23.31
N ASP O 187 50.42 -41.96 -23.62
CA ASP O 187 50.40 -42.45 -25.01
C ASP O 187 49.42 -41.66 -25.89
N TYR O 188 48.30 -41.22 -25.32
CA TYR O 188 47.36 -40.37 -26.02
C TYR O 188 47.94 -39.00 -26.43
N GLU O 189 48.86 -38.47 -25.62
CA GLU O 189 49.50 -37.16 -25.90
C GLU O 189 50.58 -37.21 -26.96
N LYS O 190 51.01 -38.42 -27.33
CA LYS O 190 52.07 -38.60 -28.29
C LYS O 190 51.61 -38.64 -29.74
N HIS O 191 50.30 -38.67 -29.95
CA HIS O 191 49.76 -38.87 -31.30
C HIS O 191 48.69 -37.83 -31.60
N LYS O 192 48.59 -37.46 -32.88
CA LYS O 192 47.67 -36.42 -33.32
C LYS O 192 46.32 -36.97 -33.77
N VAL O 193 46.35 -37.89 -34.75
CA VAL O 193 45.14 -38.30 -35.48
C VAL O 193 44.57 -39.60 -34.97
N TYR O 194 43.31 -39.55 -34.53
CA TYR O 194 42.60 -40.72 -34.06
C TYR O 194 41.45 -40.96 -35.02
N ALA O 195 41.45 -42.14 -35.65
CA ALA O 195 40.44 -42.49 -36.64
C ALA O 195 39.74 -43.81 -36.35
N CYS O 196 38.45 -43.80 -36.64
CA CYS O 196 37.59 -44.97 -36.55
C CYS O 196 37.19 -45.31 -38.00
N GLU O 197 37.53 -46.49 -38.50
CA GLU O 197 37.20 -46.86 -39.91
C GLU O 197 36.20 -48.00 -39.97
N VAL O 198 35.14 -47.84 -40.75
CA VAL O 198 33.99 -48.76 -40.68
C VAL O 198 33.63 -49.30 -42.03
N THR O 199 33.61 -50.64 -42.16
CA THR O 199 33.10 -51.29 -43.36
C THR O 199 31.81 -52.01 -43.02
N HIS O 200 30.86 -51.90 -43.93
CA HIS O 200 29.54 -52.51 -43.81
C HIS O 200 28.96 -52.67 -45.20
N GLN O 201 28.11 -53.66 -45.37
CA GLN O 201 27.51 -53.97 -46.66
C GLN O 201 26.77 -52.79 -47.27
N GLY O 202 26.17 -51.95 -46.42
CA GLY O 202 25.42 -50.79 -46.87
C GLY O 202 26.27 -49.62 -47.35
N LEU O 203 27.57 -49.67 -47.08
CA LEU O 203 28.53 -48.68 -47.55
C LEU O 203 29.26 -49.25 -48.75
N SER O 204 29.37 -48.43 -49.80
CA SER O 204 30.06 -48.83 -51.02
C SER O 204 31.57 -48.64 -50.93
N SER O 205 32.03 -48.00 -49.86
CA SER O 205 33.44 -47.96 -49.53
C SER O 205 33.52 -47.52 -48.09
N PRO O 206 34.59 -47.90 -47.37
CA PRO O 206 34.59 -47.66 -45.93
C PRO O 206 34.51 -46.20 -45.53
N VAL O 207 33.80 -45.93 -44.44
CA VAL O 207 33.69 -44.58 -43.86
C VAL O 207 34.69 -44.44 -42.73
N THR O 208 35.42 -43.33 -42.73
CA THR O 208 36.35 -43.01 -41.67
C THR O 208 35.88 -41.75 -40.97
N LYS O 209 35.84 -41.80 -39.65
CA LYS O 209 35.64 -40.59 -38.85
C LYS O 209 36.91 -40.38 -38.02
N SER O 210 37.34 -39.13 -37.93
CA SER O 210 38.53 -38.86 -37.16
C SER O 210 38.50 -37.51 -36.50
N PHE O 211 39.41 -37.30 -35.59
CA PHE O 211 39.60 -36.00 -34.99
C PHE O 211 41.09 -35.83 -34.76
N ASN O 212 41.51 -34.57 -34.61
CA ASN O 212 42.88 -34.24 -34.26
C ASN O 212 42.95 -33.81 -32.80
N ARG O 213 43.74 -34.52 -32.00
CA ARG O 213 43.96 -34.18 -30.60
C ARG O 213 44.29 -32.69 -30.45
N GLY O 214 43.57 -32.02 -29.55
CA GLY O 214 43.79 -30.59 -29.30
C GLY O 214 43.38 -29.69 -30.45
N GLU O 215 42.30 -30.04 -31.14
CA GLU O 215 41.75 -29.20 -32.21
C GLU O 215 40.23 -29.33 -32.29
N GLU P 1 -2.16 -54.93 -12.31
CA GLU P 1 -1.29 -55.95 -12.95
C GLU P 1 -0.82 -57.02 -11.97
N VAL P 2 -0.37 -58.14 -12.51
CA VAL P 2 0.40 -59.07 -11.73
C VAL P 2 1.78 -58.43 -11.50
N LYS P 3 2.26 -58.46 -10.27
CA LYS P 3 3.59 -57.97 -9.94
C LYS P 3 4.37 -59.04 -9.20
N LEU P 4 5.64 -59.19 -9.55
CA LEU P 4 6.52 -60.11 -8.89
C LEU P 4 7.82 -59.39 -8.62
N LEU P 5 7.92 -58.72 -7.48
CA LEU P 5 9.14 -57.98 -7.10
C LEU P 5 10.15 -58.82 -6.33
N GLU P 6 11.28 -59.14 -6.96
CA GLU P 6 12.38 -59.83 -6.28
C GLU P 6 13.27 -58.85 -5.49
N SER P 7 13.94 -59.36 -4.48
CA SER P 7 15.03 -58.62 -3.82
C SER P 7 15.94 -59.56 -3.02
N GLY P 8 17.03 -59.03 -2.50
CA GLY P 8 17.98 -59.80 -1.72
C GLY P 8 19.28 -60.13 -2.45
N GLY P 9 19.40 -59.72 -3.71
CA GLY P 9 20.62 -59.97 -4.47
C GLY P 9 21.72 -58.96 -4.18
N GLY P 10 22.83 -59.13 -4.87
CA GLY P 10 24.01 -58.28 -4.71
C GLY P 10 25.28 -59.10 -4.68
N LEU P 11 26.31 -58.55 -4.06
CA LEU P 11 27.61 -59.22 -3.93
C LEU P 11 27.61 -60.21 -2.75
N ALA P 12 28.02 -61.44 -3.02
CA ALA P 12 28.22 -62.45 -1.99
C ALA P 12 29.60 -63.05 -2.15
N GLN P 13 30.19 -63.48 -1.03
CA GLN P 13 31.51 -64.09 -1.03
C GLN P 13 31.39 -65.59 -1.29
N PRO P 14 32.41 -66.17 -1.94
CA PRO P 14 32.43 -67.63 -2.18
C PRO P 14 32.35 -68.41 -0.89
N GLY P 15 31.53 -69.47 -0.89
CA GLY P 15 31.28 -70.25 0.31
C GLY P 15 30.10 -69.75 1.13
N GLY P 16 29.78 -68.45 1.02
CA GLY P 16 28.73 -67.85 1.83
C GLY P 16 27.34 -68.21 1.37
N SER P 17 26.35 -67.78 2.15
CA SER P 17 24.94 -67.99 1.80
C SER P 17 24.20 -66.68 1.60
N LEU P 18 22.98 -66.78 1.06
CA LEU P 18 22.22 -65.62 0.63
C LEU P 18 20.74 -66.01 0.56
N LYS P 19 19.85 -65.09 0.91
CA LYS P 19 18.41 -65.36 0.87
C LYS P 19 17.71 -64.38 -0.07
N LEU P 20 17.21 -64.91 -1.20
CA LEU P 20 16.42 -64.10 -2.11
C LEU P 20 14.99 -64.21 -1.69
N SER P 21 14.22 -63.17 -1.97
CA SER P 21 12.79 -63.18 -1.68
C SER P 21 12.06 -62.51 -2.80
N CYS P 22 10.75 -62.72 -2.82
CA CYS P 22 9.90 -62.27 -3.90
C CYS P 22 8.50 -62.02 -3.42
N ALA P 23 8.01 -60.80 -3.60
CA ALA P 23 6.70 -60.41 -3.11
C ALA P 23 5.77 -60.33 -4.30
N ALA P 24 4.58 -60.90 -4.17
CA ALA P 24 3.61 -61.02 -5.25
C ALA P 24 2.34 -60.24 -4.95
N SER P 25 1.74 -59.67 -6.00
CA SER P 25 0.43 -59.04 -5.90
C SER P 25 -0.30 -59.16 -7.22
N GLY P 26 -1.60 -58.87 -7.19
CA GLY P 26 -2.42 -58.87 -8.40
C GLY P 26 -3.03 -60.20 -8.78
N PHE P 27 -2.82 -61.24 -7.97
CA PHE P 27 -3.45 -62.55 -8.18
C PHE P 27 -3.51 -63.35 -6.86
N ASP P 28 -4.32 -64.40 -6.84
CA ASP P 28 -4.52 -65.18 -5.60
C ASP P 28 -3.33 -66.13 -5.38
N PHE P 29 -2.25 -65.56 -4.86
CA PHE P 29 -0.97 -66.24 -4.64
C PHE P 29 -1.12 -67.61 -3.94
N ARG P 30 -2.01 -67.67 -2.97
CA ARG P 30 -2.33 -68.92 -2.28
C ARG P 30 -2.59 -70.12 -3.16
N ARG P 31 -3.07 -69.89 -4.38
CA ARG P 31 -3.54 -70.97 -5.23
C ARG P 31 -2.50 -71.47 -6.23
N TYR P 32 -1.40 -70.75 -6.41
CA TYR P 32 -0.49 -71.02 -7.54
C TYR P 32 0.80 -71.70 -7.14
N TRP P 33 1.31 -72.54 -8.02
CA TRP P 33 2.66 -73.07 -7.89
C TRP P 33 3.62 -71.97 -8.25
N MET P 34 4.79 -71.97 -7.60
CA MET P 34 5.77 -70.93 -7.83
C MET P 34 7.11 -71.57 -8.18
N THR P 35 7.90 -70.87 -9.00
CA THR P 35 9.16 -71.41 -9.54
C THR P 35 10.29 -70.39 -9.44
N TRP P 36 11.52 -70.86 -9.26
CA TRP P 36 12.71 -70.03 -9.41
C TRP P 36 13.48 -70.47 -10.64
N VAL P 37 13.95 -69.51 -11.44
CA VAL P 37 14.74 -69.77 -12.62
C VAL P 37 15.92 -68.80 -12.59
N ARG P 38 17.05 -69.20 -13.14
CA ARG P 38 18.22 -68.32 -13.19
C ARG P 38 18.91 -68.32 -14.56
N GLN P 39 19.63 -67.23 -14.81
CA GLN P 39 20.34 -67.03 -16.08
C GLN P 39 21.72 -66.40 -15.84
N ALA P 40 22.77 -67.22 -15.98
CA ALA P 40 24.13 -66.70 -15.91
C ALA P 40 24.37 -65.72 -17.07
N PRO P 41 25.37 -64.83 -16.93
CA PRO P 41 25.63 -63.79 -17.95
C PRO P 41 25.94 -64.38 -19.32
N GLY P 42 25.20 -63.91 -20.33
CA GLY P 42 25.36 -64.38 -21.71
C GLY P 42 24.97 -65.84 -21.97
N LYS P 43 24.23 -66.44 -21.04
CA LYS P 43 23.91 -67.87 -21.14
C LYS P 43 22.41 -68.08 -21.10
N GLY P 44 22.00 -69.35 -21.15
CA GLY P 44 20.60 -69.74 -21.21
C GLY P 44 19.94 -69.83 -19.84
N LEU P 45 18.69 -70.26 -19.85
CA LEU P 45 17.89 -70.37 -18.62
C LEU P 45 18.16 -71.70 -17.93
N GLU P 46 18.09 -71.67 -16.61
CA GLU P 46 18.29 -72.86 -15.80
C GLU P 46 17.23 -72.94 -14.71
N TRP P 47 16.37 -73.93 -14.82
CA TRP P 47 15.35 -74.19 -13.83
C TRP P 47 16.02 -74.59 -12.51
N ILE P 48 15.62 -73.93 -11.42
CA ILE P 48 16.14 -74.25 -10.09
C ILE P 48 15.17 -75.16 -9.33
N GLY P 49 13.90 -74.75 -9.24
CA GLY P 49 12.89 -75.56 -8.56
C GLY P 49 11.52 -74.91 -8.49
N GLU P 50 10.58 -75.61 -7.86
CA GLU P 50 9.17 -75.18 -7.79
C GLU P 50 8.58 -75.60 -6.44
N ILE P 51 7.61 -74.83 -5.97
CA ILE P 51 6.92 -75.16 -4.75
C ILE P 51 5.42 -75.03 -4.99
N ASN P 52 4.65 -75.98 -4.44
CA ASN P 52 3.19 -75.96 -4.57
C ASN P 52 2.59 -75.02 -3.50
N PRO P 53 1.28 -74.72 -3.60
CA PRO P 53 0.62 -73.83 -2.63
C PRO P 53 0.84 -74.15 -1.15
N ASP P 54 0.72 -75.41 -0.74
CA ASP P 54 0.84 -75.74 0.70
C ASP P 54 2.24 -76.21 1.13
N SER P 55 3.25 -75.99 0.28
CA SER P 55 4.67 -76.19 0.61
C SER P 55 5.02 -77.62 0.99
N ARG P 56 4.33 -78.57 0.37
CA ARG P 56 4.55 -79.98 0.66
C ARG P 56 5.22 -80.72 -0.47
N THR P 57 5.05 -80.20 -1.69
CA THR P 57 5.80 -80.69 -2.82
C THR P 57 6.74 -79.56 -3.23
N ILE P 58 8.04 -79.81 -3.02
CA ILE P 58 9.10 -78.90 -3.44
C ILE P 58 10.08 -79.69 -4.29
N ASN P 59 10.03 -79.50 -5.60
CA ASN P 59 10.92 -80.21 -6.51
C ASN P 59 12.08 -79.31 -6.91
N TYR P 60 13.26 -79.91 -7.04
CA TYR P 60 14.49 -79.20 -7.35
C TYR P 60 15.21 -79.79 -8.56
N MET P 61 16.05 -78.98 -9.19
CA MET P 61 17.03 -79.44 -10.18
C MET P 61 18.05 -80.29 -9.43
N PRO P 62 18.56 -81.36 -10.08
CA PRO P 62 19.66 -82.11 -9.47
C PRO P 62 20.76 -81.16 -8.95
N SER P 63 21.08 -81.32 -7.68
CA SER P 63 22.04 -80.47 -6.99
C SER P 63 22.36 -81.16 -5.68
N LEU P 64 23.26 -80.58 -4.89
CA LEU P 64 23.66 -81.20 -3.63
C LEU P 64 22.67 -80.81 -2.54
N LYS P 65 22.65 -81.61 -1.46
CA LYS P 65 21.69 -81.44 -0.36
C LYS P 65 21.71 -80.03 0.24
N ASP P 66 20.56 -79.37 0.25
CA ASP P 66 20.36 -78.04 0.86
C ASP P 66 21.08 -76.89 0.14
N LYS P 67 21.79 -77.18 -0.94
CA LYS P 67 22.35 -76.13 -1.79
C LYS P 67 21.32 -75.02 -1.91
N PHE P 68 20.24 -75.32 -2.63
CA PHE P 68 19.06 -74.46 -2.75
C PHE P 68 18.00 -74.94 -1.77
N ILE P 69 17.34 -74.02 -1.06
CA ILE P 69 16.11 -74.34 -0.31
C ILE P 69 15.04 -73.36 -0.71
N ILE P 70 13.94 -73.87 -1.27
CA ILE P 70 12.79 -73.04 -1.65
C ILE P 70 11.74 -73.12 -0.55
N SER P 71 11.17 -71.97 -0.19
CA SER P 71 10.03 -71.92 0.69
C SER P 71 9.10 -70.78 0.27
N ARG P 72 7.95 -70.70 0.92
CA ARG P 72 6.99 -69.64 0.65
C ARG P 72 6.26 -69.31 1.92
N ASP P 73 5.73 -68.10 1.98
CA ASP P 73 4.87 -67.67 3.09
C ASP P 73 3.60 -67.07 2.47
N ASN P 74 2.55 -67.85 2.40
CA ASN P 74 1.32 -67.43 1.73
C ASN P 74 0.62 -66.25 2.38
N ALA P 75 0.82 -66.06 3.69
CA ALA P 75 0.25 -64.91 4.41
C ALA P 75 0.93 -63.59 4.00
N LYS P 76 2.19 -63.66 3.55
CA LYS P 76 2.93 -62.48 3.08
C LYS P 76 3.01 -62.42 1.54
N ASN P 77 2.26 -63.30 0.87
CA ASN P 77 2.33 -63.48 -0.57
C ASN P 77 3.76 -63.52 -1.08
N SER P 78 4.62 -64.29 -0.42
CA SER P 78 6.04 -64.22 -0.69
C SER P 78 6.67 -65.58 -0.92
N LEU P 79 7.65 -65.59 -1.81
CA LEU P 79 8.41 -66.78 -2.16
C LEU P 79 9.88 -66.54 -1.79
N TYR P 80 10.57 -67.58 -1.33
CA TYR P 80 11.96 -67.44 -0.88
C TYR P 80 12.88 -68.47 -1.50
N LEU P 81 14.14 -68.09 -1.71
CA LEU P 81 15.16 -69.00 -2.22
C LEU P 81 16.42 -68.80 -1.42
N GLN P 82 16.81 -69.85 -0.71
CA GLN P 82 18.03 -69.80 0.07
C GLN P 82 19.20 -70.47 -0.67
N LEU P 83 20.29 -69.73 -0.82
CA LEU P 83 21.47 -70.22 -1.51
C LEU P 83 22.55 -70.44 -0.48
N SER P 84 23.26 -71.57 -0.57
CA SER P 84 24.42 -71.81 0.27
C SER P 84 25.56 -72.41 -0.56
N ARG P 85 26.73 -72.56 0.07
CA ARG P 85 27.93 -73.07 -0.60
C ARG P 85 28.17 -72.37 -1.95
N LEU P 86 28.17 -71.05 -1.93
CA LEU P 86 28.18 -70.26 -3.16
C LEU P 86 29.49 -70.32 -3.92
N ARG P 87 29.37 -70.57 -5.23
CA ARG P 87 30.50 -70.52 -6.16
C ARG P 87 30.22 -69.56 -7.30
N SER P 88 31.26 -69.22 -8.05
CA SER P 88 31.13 -68.26 -9.15
C SER P 88 30.12 -68.74 -10.19
N GLU P 89 29.96 -70.05 -10.35
CA GLU P 89 28.93 -70.62 -11.22
C GLU P 89 27.49 -70.24 -10.82
N ASP P 90 27.30 -69.87 -9.55
CA ASP P 90 25.99 -69.42 -9.06
C ASP P 90 25.73 -67.94 -9.38
N SER P 91 26.72 -67.23 -9.91
CA SER P 91 26.51 -65.84 -10.36
C SER P 91 25.53 -65.82 -11.52
N ALA P 92 24.42 -65.09 -11.34
CA ALA P 92 23.33 -65.08 -12.32
C ALA P 92 22.25 -64.07 -11.95
N LEU P 93 21.33 -63.87 -12.89
CA LEU P 93 20.03 -63.25 -12.58
C LEU P 93 19.08 -64.35 -12.11
N TYR P 94 18.41 -64.12 -10.99
CA TYR P 94 17.44 -65.08 -10.44
C TYR P 94 16.02 -64.57 -10.59
N TYR P 95 15.19 -65.34 -11.28
CA TYR P 95 13.83 -64.91 -11.58
C TYR P 95 12.82 -65.69 -10.77
N CYS P 96 11.92 -64.91 -10.17
CA CYS P 96 10.68 -65.35 -9.56
C CYS P 96 9.67 -65.62 -10.67
N VAL P 97 9.12 -66.82 -10.77
CA VAL P 97 8.22 -67.14 -11.88
C VAL P 97 6.98 -67.88 -11.42
N ARG P 98 5.81 -67.41 -11.87
CA ARG P 98 4.54 -68.07 -11.56
C ARG P 98 4.28 -69.19 -12.55
N LEU P 99 3.90 -70.35 -12.03
CA LEU P 99 3.58 -71.50 -12.86
C LEU P 99 2.06 -71.71 -12.90
N ASP P 100 1.49 -71.71 -14.09
CA ASP P 100 0.07 -71.96 -14.26
C ASP P 100 -0.19 -73.45 -14.55
N PHE P 101 -0.86 -74.11 -13.61
CA PHE P 101 -1.16 -75.55 -13.66
C PHE P 101 -2.52 -75.72 -14.34
N ASP P 102 -2.80 -76.92 -14.82
CA ASP P 102 -4.12 -77.24 -15.36
C ASP P 102 -4.17 -78.70 -15.78
N VAL P 103 -4.49 -79.56 -14.81
CA VAL P 103 -4.42 -81.01 -15.00
C VAL P 103 -5.41 -81.52 -16.06
N TYR P 104 -6.57 -80.88 -16.15
CA TYR P 104 -7.58 -81.27 -17.14
C TYR P 104 -7.08 -81.04 -18.58
N ASN P 105 -6.54 -79.85 -18.83
CA ASN P 105 -6.03 -79.48 -20.16
C ASN P 105 -4.68 -80.13 -20.52
N HIS P 106 -3.99 -80.69 -19.52
CA HIS P 106 -2.62 -81.22 -19.69
C HIS P 106 -1.66 -80.06 -19.97
N TYR P 107 -1.61 -79.08 -19.08
CA TYR P 107 -1.06 -77.75 -19.38
C TYR P 107 -0.30 -77.14 -18.20
N TYR P 108 0.95 -76.76 -18.42
CA TYR P 108 1.82 -76.17 -17.39
C TYR P 108 2.67 -75.10 -18.05
N VAL P 109 2.40 -73.85 -17.75
CA VAL P 109 3.12 -72.72 -18.38
C VAL P 109 3.76 -71.83 -17.33
N LEU P 110 4.98 -71.36 -17.61
CA LEU P 110 5.63 -70.34 -16.81
C LEU P 110 5.18 -69.00 -17.38
N ASP P 111 4.12 -68.43 -16.81
CA ASP P 111 3.45 -67.31 -17.47
C ASP P 111 3.91 -65.91 -17.02
N TYR P 112 4.04 -65.65 -15.73
CA TYR P 112 4.53 -64.34 -15.31
C TYR P 112 5.89 -64.46 -14.67
N TRP P 113 6.79 -63.58 -15.09
CA TRP P 113 8.16 -63.58 -14.64
C TRP P 113 8.50 -62.26 -13.99
N GLY P 114 9.20 -62.29 -12.88
CA GLY P 114 9.73 -61.07 -12.31
C GLY P 114 10.88 -60.52 -13.16
N GLN P 115 11.36 -59.33 -12.83
CA GLN P 115 12.49 -58.74 -13.55
C GLN P 115 13.82 -59.38 -13.17
N GLY P 116 13.89 -59.96 -11.98
CA GLY P 116 15.09 -60.64 -11.55
C GLY P 116 15.97 -59.80 -10.65
N THR P 117 16.71 -60.46 -9.77
CA THR P 117 17.67 -59.80 -8.91
C THR P 117 19.06 -60.40 -9.20
N SER P 118 20.06 -59.53 -9.29
CA SER P 118 21.39 -59.94 -9.68
C SER P 118 22.15 -60.46 -8.47
N VAL P 119 22.81 -61.60 -8.64
CA VAL P 119 23.74 -62.15 -7.65
C VAL P 119 25.10 -62.32 -8.29
N THR P 120 26.12 -61.75 -7.68
CA THR P 120 27.52 -61.98 -8.08
C THR P 120 28.29 -62.59 -6.91
N VAL P 121 28.97 -63.70 -7.19
CA VAL P 121 29.82 -64.37 -6.22
C VAL P 121 31.27 -64.01 -6.55
N SER P 122 31.91 -63.27 -5.65
CA SER P 122 33.28 -62.80 -5.86
C SER P 122 33.83 -62.27 -4.53
N SER P 123 35.14 -62.42 -4.35
CA SER P 123 35.79 -61.81 -3.19
C SER P 123 36.37 -60.45 -3.58
N ALA P 124 36.35 -60.14 -4.89
CA ALA P 124 36.66 -58.79 -5.37
C ALA P 124 35.73 -57.80 -4.67
N SER P 125 36.22 -56.59 -4.42
CA SER P 125 35.40 -55.58 -3.76
C SER P 125 34.63 -54.72 -4.75
N THR P 126 33.60 -54.06 -4.23
CA THR P 126 32.75 -53.19 -5.01
C THR P 126 33.52 -51.99 -5.50
N LYS P 127 33.19 -51.52 -6.70
CA LYS P 127 33.75 -50.28 -7.20
C LYS P 127 32.73 -49.47 -7.97
N GLY P 128 32.55 -48.22 -7.55
CA GLY P 128 31.63 -47.33 -8.21
C GLY P 128 32.23 -46.88 -9.53
N PRO P 129 31.37 -46.55 -10.50
CA PRO P 129 31.83 -46.08 -11.80
C PRO P 129 32.18 -44.59 -11.83
N SER P 130 33.08 -44.25 -12.75
CA SER P 130 33.24 -42.88 -13.21
C SER P 130 32.34 -42.67 -14.41
N VAL P 131 31.73 -41.50 -14.51
CA VAL P 131 30.82 -41.20 -15.60
C VAL P 131 31.40 -40.06 -16.42
N PHE P 132 31.64 -40.31 -17.70
CA PHE P 132 32.25 -39.31 -18.55
C PHE P 132 31.34 -38.95 -19.71
N PRO P 133 31.23 -37.65 -20.01
CA PRO P 133 30.42 -37.24 -21.16
C PRO P 133 31.02 -37.65 -22.51
N LEU P 134 30.16 -38.02 -23.43
CA LEU P 134 30.52 -38.14 -24.83
C LEU P 134 29.85 -36.96 -25.55
N ALA P 135 30.58 -35.85 -25.64
CA ALA P 135 30.03 -34.58 -26.14
C ALA P 135 29.69 -34.60 -27.62
N PRO P 136 28.55 -34.03 -27.98
CA PRO P 136 28.20 -33.90 -29.38
C PRO P 136 28.82 -32.67 -29.98
N SER P 137 28.90 -32.66 -31.30
CA SER P 137 29.31 -31.49 -32.03
C SER P 137 28.39 -31.26 -33.21
N SER P 138 27.97 -30.00 -33.35
CA SER P 138 27.25 -29.51 -34.52
C SER P 138 27.98 -29.89 -35.83
N LYS P 139 29.30 -30.00 -35.75
CA LYS P 139 30.15 -30.34 -36.90
C LYS P 139 30.32 -31.85 -37.14
N SER P 140 29.89 -32.69 -36.21
CA SER P 140 30.07 -34.14 -36.31
C SER P 140 28.71 -34.86 -36.46
N THR P 141 27.97 -34.53 -37.52
CA THR P 141 26.67 -35.16 -37.77
C THR P 141 26.80 -36.22 -38.84
N SER P 142 25.95 -37.24 -38.73
CA SER P 142 25.92 -38.36 -39.67
C SER P 142 24.48 -38.84 -39.83
N GLY P 143 24.08 -39.15 -41.06
CA GLY P 143 22.73 -39.58 -41.37
C GLY P 143 21.64 -38.66 -40.82
N GLY P 144 21.87 -37.35 -40.93
CA GLY P 144 20.96 -36.31 -40.43
C GLY P 144 20.78 -36.26 -38.93
N THR P 145 21.72 -36.86 -38.19
CA THR P 145 21.62 -36.89 -36.74
C THR P 145 22.91 -36.47 -36.05
N ALA P 146 22.75 -36.00 -34.81
CA ALA P 146 23.86 -35.73 -33.90
C ALA P 146 23.80 -36.78 -32.79
N ALA P 147 24.96 -37.23 -32.33
CA ALA P 147 25.05 -38.24 -31.29
C ALA P 147 25.70 -37.66 -30.04
N LEU P 148 25.19 -38.05 -28.88
CA LEU P 148 25.81 -37.70 -27.60
C LEU P 148 25.62 -38.84 -26.62
N GLY P 149 26.41 -38.88 -25.56
CA GLY P 149 26.32 -40.01 -24.65
C GLY P 149 27.11 -39.88 -23.37
N CYS P 150 27.14 -41.00 -22.63
CA CYS P 150 27.89 -41.16 -21.40
C CYS P 150 28.68 -42.44 -21.42
N LEU P 151 29.94 -42.35 -21.02
CA LEU P 151 30.79 -43.50 -20.82
C LEU P 151 30.73 -43.81 -19.33
N VAL P 152 30.20 -44.97 -18.99
CA VAL P 152 30.11 -45.39 -17.60
C VAL P 152 31.22 -46.41 -17.37
N LYS P 153 32.28 -46.00 -16.70
CA LYS P 153 33.50 -46.76 -16.73
C LYS P 153 34.07 -47.21 -15.37
N ASP P 154 34.61 -48.43 -15.36
CA ASP P 154 35.36 -49.02 -14.22
C ASP P 154 34.51 -49.29 -12.99
N TYR P 155 33.49 -50.14 -13.15
CA TYR P 155 32.65 -50.52 -12.03
C TYR P 155 32.60 -52.03 -11.78
N PHE P 156 32.20 -52.39 -10.56
CA PHE P 156 32.04 -53.76 -10.19
C PHE P 156 31.15 -53.87 -8.95
N PRO P 157 30.20 -54.83 -8.98
CA PRO P 157 29.83 -55.73 -10.06
C PRO P 157 28.72 -55.13 -10.88
N GLU P 158 28.21 -55.89 -11.85
CA GLU P 158 26.99 -55.53 -12.56
C GLU P 158 25.86 -55.51 -11.54
N PRO P 159 24.75 -54.83 -11.84
CA PRO P 159 24.51 -53.95 -12.98
C PRO P 159 24.59 -52.45 -12.62
N VAL P 160 24.58 -51.62 -13.66
CA VAL P 160 24.28 -50.20 -13.54
C VAL P 160 22.96 -49.97 -14.28
N THR P 161 22.10 -49.10 -13.79
CA THR P 161 20.97 -48.64 -14.61
C THR P 161 21.32 -47.25 -15.12
N VAL P 162 20.97 -46.97 -16.37
CA VAL P 162 21.22 -45.69 -17.00
C VAL P 162 19.90 -45.19 -17.56
N SER P 163 19.63 -43.91 -17.41
CA SER P 163 18.52 -43.29 -18.13
C SER P 163 18.85 -41.87 -18.52
N TRP P 164 18.00 -41.26 -19.34
CA TRP P 164 18.23 -39.88 -19.78
C TRP P 164 17.11 -38.95 -19.36
N ASN P 165 17.48 -37.85 -18.70
CA ASN P 165 16.54 -36.87 -18.21
C ASN P 165 15.47 -37.52 -17.34
N SER P 166 15.94 -38.27 -16.33
CA SER P 166 15.07 -38.98 -15.40
C SER P 166 14.02 -39.83 -16.06
N GLY P 167 14.34 -40.42 -17.21
CA GLY P 167 13.41 -41.31 -17.91
C GLY P 167 12.47 -40.63 -18.88
N ALA P 168 12.49 -39.30 -18.92
CA ALA P 168 11.69 -38.52 -19.88
C ALA P 168 12.17 -38.70 -21.33
N LEU P 169 13.44 -39.06 -21.52
CA LEU P 169 14.01 -39.17 -22.86
C LEU P 169 14.27 -40.63 -23.23
N THR P 170 13.49 -41.17 -24.16
CA THR P 170 13.64 -42.57 -24.59
C THR P 170 13.89 -42.78 -26.11
N SER P 171 13.22 -42.00 -26.96
CA SER P 171 13.55 -42.02 -28.40
C SER P 171 15.03 -41.77 -28.64
N GLY P 172 15.63 -42.60 -29.50
CA GLY P 172 17.02 -42.43 -29.90
C GLY P 172 18.04 -42.98 -28.93
N VAL P 173 17.59 -43.55 -27.80
CA VAL P 173 18.50 -44.02 -26.76
C VAL P 173 18.96 -45.45 -27.02
N HIS P 174 20.26 -45.70 -26.89
CA HIS P 174 20.80 -47.03 -26.85
C HIS P 174 21.77 -47.12 -25.70
N THR P 175 21.47 -48.01 -24.75
CA THR P 175 22.42 -48.39 -23.71
C THR P 175 23.03 -49.73 -24.08
N PHE P 176 24.35 -49.75 -24.19
CA PHE P 176 25.04 -50.91 -24.73
C PHE P 176 25.36 -51.98 -23.70
N PRO P 177 25.34 -53.25 -24.08
CA PRO P 177 25.74 -54.25 -23.11
C PRO P 177 27.09 -53.92 -22.48
N ALA P 178 27.22 -54.14 -21.17
CA ALA P 178 28.49 -53.88 -20.50
C ALA P 178 29.53 -54.85 -21.03
N VAL P 179 30.77 -54.39 -21.06
CA VAL P 179 31.91 -55.17 -21.48
C VAL P 179 32.87 -55.34 -20.29
N LEU P 180 33.47 -56.53 -20.17
CA LEU P 180 34.41 -56.83 -19.09
C LEU P 180 35.84 -56.58 -19.52
N GLN P 181 36.49 -55.63 -18.86
CA GLN P 181 37.84 -55.20 -19.24
C GLN P 181 38.85 -56.13 -18.63
N SER P 182 40.07 -56.11 -19.18
CA SER P 182 41.16 -56.96 -18.69
C SER P 182 41.55 -56.64 -17.24
N SER P 183 41.20 -55.44 -16.78
CA SER P 183 41.36 -55.06 -15.37
C SER P 183 40.43 -55.83 -14.42
N GLY P 184 39.44 -56.52 -14.96
CA GLY P 184 38.41 -57.19 -14.16
C GLY P 184 37.19 -56.33 -13.86
N LEU P 185 37.20 -55.07 -14.35
CA LEU P 185 36.12 -54.12 -14.10
C LEU P 185 35.27 -53.98 -15.34
N TYR P 186 34.01 -53.62 -15.15
CA TYR P 186 33.10 -53.44 -16.26
C TYR P 186 33.07 -52.02 -16.78
N SER P 187 32.59 -51.90 -18.01
CA SER P 187 32.44 -50.63 -18.67
C SER P 187 31.31 -50.69 -19.71
N LEU P 188 30.58 -49.58 -19.83
CA LEU P 188 29.47 -49.53 -20.77
C LEU P 188 29.25 -48.09 -21.25
N SER P 189 28.59 -47.93 -22.40
CA SER P 189 28.24 -46.61 -22.88
C SER P 189 26.78 -46.53 -23.19
N SER P 190 26.23 -45.34 -23.04
CA SER P 190 24.83 -45.09 -23.37
C SER P 190 24.84 -43.87 -24.29
N VAL P 191 24.07 -43.95 -25.38
CA VAL P 191 24.06 -42.86 -26.34
C VAL P 191 22.66 -42.43 -26.67
N VAL P 192 22.54 -41.18 -27.12
CA VAL P 192 21.30 -40.65 -27.66
C VAL P 192 21.61 -40.05 -28.99
N THR P 193 20.79 -40.34 -29.99
CA THR P 193 20.87 -39.63 -31.27
C THR P 193 19.65 -38.76 -31.42
N VAL P 194 19.86 -37.57 -31.97
CA VAL P 194 18.81 -36.61 -32.19
C VAL P 194 18.99 -36.02 -33.58
N PRO P 195 17.88 -35.56 -34.20
CA PRO P 195 18.03 -34.81 -35.44
C PRO P 195 18.94 -33.59 -35.25
N SER P 196 19.88 -33.44 -36.17
CA SER P 196 20.92 -32.42 -36.08
C SER P 196 20.42 -31.05 -35.64
N SER P 197 19.40 -30.54 -36.32
CA SER P 197 18.86 -29.20 -36.04
C SER P 197 18.23 -29.02 -34.68
N SER P 198 17.98 -30.12 -33.96
CA SER P 198 17.40 -30.04 -32.62
C SER P 198 18.44 -30.03 -31.52
N LEU P 199 19.72 -29.97 -31.85
CA LEU P 199 20.78 -30.14 -30.83
C LEU P 199 20.68 -29.13 -29.67
N GLY P 200 20.74 -27.84 -29.96
CA GLY P 200 20.66 -26.85 -28.88
C GLY P 200 19.29 -26.75 -28.21
N THR P 201 18.33 -27.55 -28.66
CA THR P 201 16.92 -27.38 -28.28
C THR P 201 16.58 -27.85 -26.87
N GLN P 202 17.39 -28.75 -26.32
CA GLN P 202 17.13 -29.24 -24.98
C GLN P 202 18.35 -29.76 -24.24
N THR P 203 18.18 -29.94 -22.95
CA THR P 203 19.24 -30.39 -22.07
C THR P 203 19.28 -31.92 -22.06
N TYR P 204 20.48 -32.47 -22.00
CA TYR P 204 20.64 -33.91 -21.90
C TYR P 204 21.40 -34.27 -20.63
N ILE P 205 20.78 -35.03 -19.75
CA ILE P 205 21.41 -35.49 -18.53
C ILE P 205 21.28 -36.99 -18.43
N CYS P 206 22.39 -37.70 -18.37
CA CYS P 206 22.32 -39.14 -18.15
C CYS P 206 22.41 -39.43 -16.65
N ASN P 207 21.47 -40.24 -16.18
CA ASN P 207 21.34 -40.61 -14.78
C ASN P 207 21.89 -42.02 -14.64
N VAL P 208 22.90 -42.17 -13.79
CA VAL P 208 23.60 -43.43 -13.64
C VAL P 208 23.54 -43.87 -12.19
N ASN P 209 22.92 -45.02 -11.93
CA ASN P 209 22.84 -45.59 -10.57
C ASN P 209 23.62 -46.90 -10.51
N HIS P 210 24.37 -47.10 -9.45
CA HIS P 210 25.06 -48.37 -9.21
C HIS P 210 24.83 -48.78 -7.78
N LYS P 211 23.81 -49.61 -7.56
CA LYS P 211 23.34 -49.94 -6.21
C LYS P 211 24.39 -50.59 -5.29
N PRO P 212 25.17 -51.53 -5.83
CA PRO P 212 26.20 -52.18 -4.99
C PRO P 212 27.21 -51.24 -4.33
N SER P 213 27.48 -50.09 -4.93
CA SER P 213 28.41 -49.11 -4.37
C SER P 213 27.70 -47.83 -3.93
N ASN P 214 26.38 -47.85 -3.93
CA ASN P 214 25.55 -46.68 -3.61
C ASN P 214 25.94 -45.39 -4.35
N THR P 215 26.25 -45.52 -5.64
CA THR P 215 26.64 -44.40 -6.47
C THR P 215 25.43 -43.97 -7.26
N LYS P 216 25.03 -42.71 -7.09
CA LYS P 216 24.10 -42.06 -8.03
C LYS P 216 24.77 -40.85 -8.66
N VAL P 217 24.71 -40.74 -9.97
CA VAL P 217 25.31 -39.61 -10.66
C VAL P 217 24.41 -39.10 -11.76
N ASP P 218 24.23 -37.78 -11.80
CA ASP P 218 23.55 -37.10 -12.91
C ASP P 218 24.61 -36.25 -13.63
N LYS P 219 24.89 -36.58 -14.89
CA LYS P 219 25.93 -35.89 -15.68
C LYS P 219 25.31 -35.15 -16.86
N LYS P 220 25.46 -33.83 -16.89
CA LYS P 220 24.97 -33.02 -18.02
C LYS P 220 25.95 -33.13 -19.20
N VAL P 221 25.44 -33.44 -20.38
CA VAL P 221 26.25 -33.60 -21.57
C VAL P 221 26.03 -32.41 -22.53
N GLU P 222 26.98 -31.46 -22.53
CA GLU P 222 26.87 -30.21 -23.27
C GLU P 222 27.63 -30.30 -24.60
N PRO P 223 26.98 -29.89 -25.71
CA PRO P 223 27.65 -29.68 -27.02
C PRO P 223 28.96 -28.90 -26.93
N LYS P 224 30.00 -29.44 -27.55
CA LYS P 224 31.38 -28.94 -27.40
C LYS P 224 32.22 -29.50 -28.55
#